data_8GWI
#
_entry.id   8GWI
#
_cell.length_a   1.00
_cell.length_b   1.00
_cell.length_c   1.00
_cell.angle_alpha   90.00
_cell.angle_beta   90.00
_cell.angle_gamma   90.00
#
_symmetry.space_group_name_H-M   'P 1'
#
loop_
_entity.id
_entity.type
_entity.pdbx_description
1 polymer 'RNA-directed RNA polymerase'
2 polymer 'Non-structural protein 8'
3 polymer 'Non-structural protein 7'
4 polymer primer
5 polymer 'RNA (27-MER)'
6 polymer Helicase
7 polymer 'Non-structural protein 9'
8 non-polymer 'ZINC ION'
9 non-polymer "GUANOSINE-5'-TRIPHOSPHATE"
10 non-polymer "2'-deoxy-2'-fluoro-2'-methyluridine 5'-(trihydrogen diphosphate)"
11 water water
#
loop_
_entity_poly.entity_id
_entity_poly.type
_entity_poly.pdbx_seq_one_letter_code
_entity_poly.pdbx_strand_id
1 'polypeptide(L)'
;SADAQSFLNRVCGVSAARLTPCGTGTSTDVVYRAFDIYNDKVAGFAKFLKTNCCRFQEKDEDDNLIDSYFVVKRHTFSNY
QHEETIYNLLKDCPAVAKHDFFKFRIDGDMVPHISRQRLTKYTMADLVYALRHFDEGNCDTLKEILVTYNCCDDDYFNKK
DWYDFVENPDILRVYANLGERVRQALLKTVQFCDAMRNAGIVGVLTLDNQDLNGNWYDFGDFIQTTPGSGVPVVDSYYSL
LMPILTLTRALTAESHVDTDLTKPYIKWDLLKYDFTEERLKLFDRYFKYWDQTYHPNCVNCLDDRCILHCANFNVLFSTV
FPPTSFGPLVRKIFVDGVPFVVSTGYHFRELGVVHNQDVNLHSSRLSFKELLVYAADPAMHAASGNLLLDKRTTCFSVAA
LTNNVAFQTVKPGNFNKDFYDFAVSKGFFKEGSSVELKHFFFAQDGNAAISDYDYYRYNLPTMCDIRQLLFVVEVVDKYF
DCYDGGCINANQVIVNNLDKSAGFPFNKWGKARLYYDSMSYEDQDALFAYTKRNVIPTITQMNLKYAISAKNRARTVAGV
SICSTMTNRQFHQKLLKSIAATRGATVVIGTSKFYGGWHNMLKTVYSDVENPHLMGWDYPKCDRAMPNMLRIMASLVLAR
KHTTCCSLSHRFYRLANECAQVLSEMVMCGGSLYVKPGGTSSGDATTAYANSVFNICQAVTANVNALLSTDGNKIADKYV
RNLQHRLYECLYRNRDVDTDFVNEFYAYLRKHFSMMILSDDAVVCFNSTYASQGLVASIKNFKSVLYYQNNVFMSEAKCW
TETDLTKGPHEFCSQHTMLVKQGDDYVYLPYPDPSRILGAGCFVDDIVKTDGTLMIERFVSLAIDAYPLTKHPNQEYADV
FHLYLQYIRKLHDELTGHMLDMYSVMLTNDNTSRYWEPEFYEAMYTPHTVLQ
;
A
2 'polypeptide(L)'
;AIASEFSSLPSYAAFATAQEAYEQAVANGDSEVVLKKLKKSLNVAKSEFDRDAAMQRKLEKMADQAMTQMYKQARSEDKR
AKVTSAMQTMLFTMLRKLDNDALNNIINNARDGCVPLNIIPLTTAAKLMVVIPDYNTYKNTCDGTTFTYASALWEIQQVV
DADSKIVQLSEISMDNSPNLAWPLIVTALRANSAVKLQ
;
B,D
3 'polypeptide(L)'
;SKMSDVKCTSVVLLSVLQQLRVESSSKLWAQCVQLHNDILLAKDTTEAFEKMVSLLSVLLSMQGAVDINKLCEEMLDNRA
TLQ
;
C
4 'polyribonucleotide' GCGGUAGUAGCAUGCUAGGGAGCAG I
5 'polyribonucleotide' AAUGUCUGACUGCUCCCUAGCAUGCUACUACCG J
6 'polypeptide(L)'
;AVGACVLCNSQTSLRCGACIRRPFLCCKCCYDHVISTSHKLVLSVNPYVCNAPGCDVTDVTQLYLGGMSYYCKSHKPPIS
FPLCANGQVFGLYKNTCVGSDNVTDFNAIATCDWTNAGDYILANTCTERLKLFAAETLKATEETFKLSYGIATVREVLSD
RELHLSWEVGKPRPPLNRNYVFTGYRVTKNSKVQIGEYTFEKGDYGDAVVYRGTTTYKLNVGDYFVLTSHTVMPLSAPTL
VPQEHYVRITGLYPTLNISDEFSSNVANYQKVGMQKYSTLQGPPGTGKSHFAIGLALYYPSARIVYTACSHAAVDALCEK
ALKYLPIDKCSRIIPARARVECFDKFKVNSTLEQYVFCTVNALPETTADIVVFDEISMATNYDLSVVNARLRAKHYVYIG
DPAQLPAPRTLLTKGTLEPEYFNSVCRLMKTIGPDMFLGTCRRCPAEIVDTVSALVYDNKLKAHKDKSAQCFKMFYKGVI
THDVSSAINRPQIGVVREFLTRNPAWRKAVFISPYNSQNAVASKILGLPTQTVDSSQGSEYDYVIFTQTTETAHSCNVNR
FNVAITRAKVGILCIMSDRDLYDKLQFTSLEIPRRNVATLQ
;
F,E
7 'polypeptide(L)'
;NNELSPVALRQMSCAAGTTQTACTDDNALAYYNTTKGGRFVLALLSDLQDLKWARFPKSDGTGTIYTELEPPCRFVTDTP
KGPKVKYLYFIKGLNNLNRGMVLGSLAATVRLQ
;
G
#
loop_
_chem_comp.id
_chem_comp.type
_chem_comp.name
_chem_comp.formula
6GS non-polymer '2'-deoxy-2'-fluoro-2'-methyluridine 5'-(trihydrogen diphosphate)' 'C10 H15 F N2 O11 P2'
A RNA linking ADENOSINE-5'-MONOPHOSPHATE 'C10 H14 N5 O7 P'
C RNA linking CYTIDINE-5'-MONOPHOSPHATE 'C9 H14 N3 O8 P'
G RNA linking GUANOSINE-5'-MONOPHOSPHATE 'C10 H14 N5 O8 P'
GTP non-polymer GUANOSINE-5'-TRIPHOSPHATE 'C10 H16 N5 O14 P3'
U RNA linking URIDINE-5'-MONOPHOSPHATE 'C9 H13 N2 O9 P'
ZN non-polymer 'ZINC ION' 'Zn 2'
#
# COMPACT_ATOMS: atom_id res chain seq x y z
N SER A 1 58.41 -30.99 67.45
CA SER A 1 58.26 -32.18 68.28
C SER A 1 56.80 -32.45 68.61
N ALA A 2 56.36 -33.67 68.36
CA ALA A 2 54.97 -34.07 68.54
C ALA A 2 54.04 -33.08 67.86
N ASP A 3 53.13 -32.47 68.64
CA ASP A 3 52.21 -31.43 68.20
C ASP A 3 51.76 -31.60 66.75
N ALA A 4 52.58 -31.11 65.81
CA ALA A 4 52.22 -31.12 64.39
C ALA A 4 51.94 -32.53 63.88
N GLN A 5 52.78 -33.50 64.27
CA GLN A 5 52.60 -34.88 63.83
C GLN A 5 51.65 -35.66 64.72
N SER A 6 51.22 -35.09 65.85
CA SER A 6 50.16 -35.66 66.65
C SER A 6 48.80 -35.02 66.39
N PHE A 7 48.75 -33.71 66.22
CA PHE A 7 47.54 -33.06 65.74
C PHE A 7 47.14 -33.60 64.36
N LEU A 8 48.13 -33.96 63.54
CA LEU A 8 47.84 -34.48 62.21
C LEU A 8 47.09 -35.79 62.30
N ASN A 9 47.54 -36.71 63.15
CA ASN A 9 46.84 -38.00 63.25
C ASN A 9 45.67 -37.96 64.21
N ARG A 10 45.46 -36.85 64.93
CA ARG A 10 44.19 -36.69 65.63
C ARG A 10 43.11 -36.13 64.73
N VAL A 11 43.45 -35.14 63.90
CA VAL A 11 42.52 -34.68 62.86
C VAL A 11 42.23 -35.82 61.90
N CYS A 12 43.27 -36.59 61.57
CA CYS A 12 43.09 -37.81 60.80
C CYS A 12 42.06 -38.70 61.48
N GLY A 13 40.99 -39.02 60.78
CA GLY A 13 39.86 -39.67 61.43
C GLY A 13 39.99 -41.16 61.50
N VAL A 14 38.99 -41.88 60.99
CA VAL A 14 38.98 -43.34 61.09
C VAL A 14 38.68 -43.96 59.73
N SER A 15 38.55 -43.15 58.69
CA SER A 15 38.13 -43.72 57.41
C SER A 15 39.31 -44.08 56.51
N ALA A 16 40.02 -43.09 55.98
CA ALA A 16 41.30 -43.35 55.32
C ALA A 16 42.33 -42.32 55.75
N ALA A 17 41.92 -41.05 55.77
CA ALA A 17 42.71 -39.93 56.26
C ALA A 17 44.15 -39.90 55.74
N ARG A 18 44.34 -39.78 54.44
CA ARG A 18 45.67 -39.52 53.87
C ARG A 18 45.81 -38.01 53.72
N LEU A 19 46.34 -37.36 54.74
CA LEU A 19 46.32 -35.91 54.85
C LEU A 19 47.71 -35.31 54.67
N THR A 20 47.73 -34.04 54.27
CA THR A 20 48.95 -33.24 54.14
C THR A 20 48.65 -31.80 54.54
N PRO A 21 49.47 -31.20 55.40
CA PRO A 21 49.17 -29.84 55.87
C PRO A 21 49.28 -28.82 54.76
N CYS A 22 48.53 -27.72 54.91
CA CYS A 22 48.54 -26.63 53.93
C CYS A 22 49.52 -25.56 54.41
N GLY A 23 50.80 -25.95 54.47
CA GLY A 23 51.86 -25.04 54.83
C GLY A 23 51.72 -24.42 56.21
N THR A 24 51.42 -25.25 57.21
CA THR A 24 51.24 -24.78 58.58
C THR A 24 51.87 -25.79 59.52
N GLY A 25 51.92 -25.45 60.80
CA GLY A 25 52.33 -26.38 61.84
C GLY A 25 51.14 -26.74 62.69
N THR A 26 51.03 -26.11 63.86
CA THR A 26 49.82 -26.22 64.67
C THR A 26 49.03 -24.92 64.66
N SER A 27 49.46 -23.92 63.89
CA SER A 27 48.83 -22.61 63.85
C SER A 27 47.74 -22.56 62.80
N THR A 28 47.02 -21.44 62.77
CA THR A 28 45.89 -21.26 61.89
C THR A 28 46.35 -20.85 60.48
N ASP A 29 45.40 -20.78 59.57
CA ASP A 29 45.63 -20.38 58.19
C ASP A 29 44.73 -19.18 57.86
N VAL A 30 45.28 -18.25 57.07
CA VAL A 30 44.60 -17.01 56.74
C VAL A 30 44.32 -16.98 55.24
N VAL A 31 43.07 -16.66 54.89
CA VAL A 31 42.64 -16.61 53.49
C VAL A 31 41.78 -15.38 53.29
N TYR A 32 41.42 -15.12 52.03
CA TYR A 32 40.64 -13.95 51.64
C TYR A 32 39.41 -14.43 50.90
N ARG A 33 38.25 -14.39 51.57
CA ARG A 33 37.05 -15.00 51.03
C ARG A 33 35.87 -14.07 51.23
N ALA A 34 34.74 -14.42 50.60
CA ALA A 34 33.54 -13.59 50.62
C ALA A 34 32.52 -14.12 51.62
N PHE A 35 31.88 -13.22 52.36
CA PHE A 35 30.90 -13.57 53.38
C PHE A 35 29.65 -12.71 53.22
N ASP A 36 28.61 -13.08 53.96
CA ASP A 36 27.36 -12.32 53.98
C ASP A 36 27.05 -12.03 55.45
N ILE A 37 27.25 -10.79 55.87
CA ILE A 37 27.31 -10.45 57.28
C ILE A 37 26.14 -9.57 57.67
N TYR A 38 25.63 -9.80 58.88
CA TYR A 38 24.65 -8.92 59.53
C TYR A 38 24.74 -9.12 61.04
N ASN A 39 25.46 -8.25 61.73
CA ASN A 39 25.68 -8.44 63.17
C ASN A 39 25.52 -7.17 63.98
N ASP A 40 24.54 -6.33 63.59
CA ASP A 40 24.06 -5.14 64.28
C ASP A 40 25.00 -3.94 64.20
N LYS A 41 26.22 -4.12 63.70
CA LYS A 41 27.11 -2.99 63.54
C LYS A 41 27.75 -3.00 62.14
N VAL A 42 27.78 -4.17 61.50
CA VAL A 42 28.27 -4.31 60.15
C VAL A 42 27.23 -5.07 59.33
N ALA A 43 27.21 -4.80 58.03
CA ALA A 43 26.32 -5.49 57.11
C ALA A 43 26.89 -5.35 55.71
N GLY A 44 26.51 -6.28 54.84
CA GLY A 44 26.91 -6.23 53.45
C GLY A 44 27.29 -7.60 52.94
N PHE A 45 27.78 -7.62 51.69
CA PHE A 45 28.20 -8.84 51.00
C PHE A 45 29.56 -8.53 50.36
N ALA A 46 30.63 -8.72 51.11
CA ALA A 46 31.96 -8.30 50.71
C ALA A 46 32.97 -9.41 51.01
N LYS A 47 34.24 -9.14 50.71
CA LYS A 47 35.33 -10.08 50.88
C LYS A 47 36.13 -9.70 52.11
N PHE A 48 35.94 -10.44 53.20
CA PHE A 48 36.71 -10.22 54.42
C PHE A 48 37.91 -11.15 54.46
N LEU A 49 38.57 -11.24 55.62
CA LEU A 49 39.79 -12.02 55.74
C LEU A 49 39.61 -13.04 56.87
N LYS A 50 39.54 -14.31 56.54
CA LYS A 50 39.31 -15.32 57.55
C LYS A 50 40.57 -15.46 58.33
N THR A 51 40.48 -15.92 59.57
CA THR A 51 41.64 -15.95 60.45
C THR A 51 41.84 -17.26 61.20
N ASN A 52 40.80 -17.94 61.67
CA ASN A 52 40.95 -19.07 62.59
C ASN A 52 40.53 -20.36 61.89
N CYS A 53 41.48 -20.98 61.20
CA CYS A 53 41.24 -22.25 60.51
C CYS A 53 42.57 -22.90 60.20
N CYS A 54 42.60 -24.23 60.31
CA CYS A 54 43.71 -25.04 59.85
C CYS A 54 43.18 -26.05 58.84
N ARG A 55 43.80 -26.08 57.65
CA ARG A 55 43.30 -26.86 56.54
C ARG A 55 44.29 -27.94 56.17
N PHE A 56 43.80 -29.15 55.95
CA PHE A 56 44.62 -30.30 55.54
C PHE A 56 44.03 -30.88 54.27
N GLN A 57 44.78 -30.81 53.17
CA GLN A 57 44.33 -31.44 51.94
C GLN A 57 44.50 -32.96 52.02
N GLU A 58 43.72 -33.67 51.23
CA GLU A 58 43.67 -35.12 51.27
C GLU A 58 44.25 -35.69 49.98
N LYS A 59 45.00 -36.78 50.12
CA LYS A 59 45.58 -37.48 48.98
C LYS A 59 44.82 -38.77 48.71
N ASP A 60 45.30 -39.52 47.72
CA ASP A 60 44.70 -40.82 47.38
C ASP A 60 45.80 -41.82 47.02
N GLU A 61 45.41 -42.90 46.35
CA GLU A 61 46.29 -44.04 46.09
C GLU A 61 47.62 -43.64 45.44
N ASP A 62 47.58 -42.82 44.40
CA ASP A 62 48.79 -42.51 43.64
C ASP A 62 49.48 -41.25 44.13
N ASP A 63 49.15 -40.82 45.35
CA ASP A 63 49.83 -39.71 46.03
C ASP A 63 49.80 -38.43 45.19
N ASN A 64 48.63 -38.10 44.67
CA ASN A 64 48.38 -36.82 44.01
C ASN A 64 47.20 -36.14 44.67
N LEU A 65 47.29 -34.83 44.84
CA LEU A 65 46.32 -34.10 45.64
C LEU A 65 44.93 -34.15 45.01
N ILE A 66 43.92 -34.10 45.87
CA ILE A 66 42.52 -34.19 45.44
C ILE A 66 41.75 -33.02 46.02
N ASP A 67 40.52 -32.83 45.57
CA ASP A 67 39.67 -31.71 45.99
C ASP A 67 38.88 -32.11 47.23
N SER A 68 39.61 -32.31 48.34
CA SER A 68 38.99 -32.63 49.62
C SER A 68 39.84 -32.03 50.72
N TYR A 69 39.22 -31.32 51.65
CA TYR A 69 39.94 -30.63 52.71
C TYR A 69 39.31 -30.93 54.07
N PHE A 70 40.15 -30.93 55.09
CA PHE A 70 39.73 -31.07 56.47
C PHE A 70 39.98 -29.74 57.17
N VAL A 71 38.95 -28.87 57.14
CA VAL A 71 39.05 -27.51 57.65
C VAL A 71 38.62 -27.30 59.09
N VAL A 72 39.51 -27.50 60.06
CA VAL A 72 39.21 -27.31 61.47
C VAL A 72 39.19 -25.86 61.91
N LYS A 73 38.22 -25.44 62.70
CA LYS A 73 38.09 -24.07 63.15
C LYS A 73 38.20 -24.02 64.63
N ARG A 74 38.79 -22.96 65.17
CA ARG A 74 38.92 -22.82 66.60
C ARG A 74 38.11 -21.69 67.24
N HIS A 75 37.24 -21.96 68.22
CA HIS A 75 36.36 -20.93 68.81
C HIS A 75 36.04 -20.97 70.32
N THR A 76 34.76 -20.88 70.77
CA THR A 76 34.57 -20.83 72.21
C THR A 76 34.04 -22.12 72.80
N PHE A 77 34.26 -22.35 74.09
CA PHE A 77 33.83 -23.62 74.67
C PHE A 77 32.33 -23.65 74.75
N SER A 78 31.71 -22.56 75.15
CA SER A 78 30.25 -22.55 75.06
C SER A 78 29.78 -22.85 73.65
N ASN A 79 30.42 -22.24 72.64
CA ASN A 79 30.09 -22.55 71.26
C ASN A 79 30.33 -24.03 70.95
N TYR A 80 31.33 -24.63 71.60
CA TYR A 80 31.57 -26.06 71.46
C TYR A 80 30.33 -26.86 71.81
N GLN A 81 29.78 -26.63 73.00
CA GLN A 81 28.60 -27.37 73.44
C GLN A 81 27.38 -27.05 72.59
N HIS A 82 27.20 -25.78 72.25
CA HIS A 82 26.04 -25.39 71.45
C HIS A 82 26.06 -26.07 70.09
N GLU A 83 27.19 -25.99 69.39
CA GLU A 83 27.31 -26.62 68.08
C GLU A 83 27.18 -28.13 68.19
N GLU A 84 27.74 -28.73 69.24
CA GLU A 84 27.62 -30.18 69.41
C GLU A 84 26.16 -30.59 69.58
N THR A 85 25.40 -29.84 70.38
CA THR A 85 23.98 -30.16 70.57
C THR A 85 23.20 -30.03 69.28
N ILE A 86 23.41 -28.92 68.55
CA ILE A 86 22.66 -28.71 67.32
C ILE A 86 23.01 -29.78 66.29
N TYR A 87 24.30 -30.11 66.16
CA TYR A 87 24.70 -31.15 65.23
C TYR A 87 24.13 -32.50 65.62
N ASN A 88 24.12 -32.83 66.92
CA ASN A 88 23.52 -34.08 67.36
C ASN A 88 22.05 -34.15 66.99
N LEU A 89 21.36 -33.01 67.04
CA LEU A 89 19.98 -32.98 66.59
C LEU A 89 19.87 -33.11 65.07
N LEU A 90 20.88 -32.63 64.32
CA LEU A 90 20.79 -32.54 62.87
C LEU A 90 21.71 -33.51 62.13
N LYS A 91 22.27 -34.52 62.80
CA LYS A 91 23.32 -35.30 62.18
C LYS A 91 22.81 -36.31 61.16
N ASP A 92 21.53 -36.67 61.19
CA ASP A 92 21.03 -37.72 60.31
C ASP A 92 20.64 -37.22 58.93
N CYS A 93 20.68 -35.92 58.68
CA CYS A 93 20.38 -35.42 57.35
C CYS A 93 21.49 -35.79 56.37
N PRO A 94 21.13 -36.20 55.16
CA PRO A 94 22.16 -36.55 54.17
C PRO A 94 22.75 -35.33 53.47
N ALA A 95 22.34 -34.13 53.90
CA ALA A 95 22.83 -32.89 53.31
C ALA A 95 23.66 -32.08 54.31
N VAL A 96 24.15 -32.73 55.36
CA VAL A 96 24.93 -32.07 56.40
C VAL A 96 26.31 -32.71 56.42
N ALA A 97 27.36 -31.87 56.40
CA ALA A 97 28.72 -32.37 56.44
C ALA A 97 28.98 -33.08 57.76
N LYS A 98 29.97 -33.97 57.75
CA LYS A 98 30.28 -34.83 58.89
C LYS A 98 31.22 -34.06 59.82
N HIS A 99 30.75 -33.77 61.03
CA HIS A 99 31.52 -33.05 62.02
C HIS A 99 32.25 -34.03 62.93
N ASP A 100 33.25 -33.51 63.64
CA ASP A 100 34.03 -34.32 64.58
C ASP A 100 34.54 -33.44 65.71
N PHE A 101 34.06 -33.68 66.93
CA PHE A 101 34.39 -32.86 68.08
C PHE A 101 35.41 -33.60 68.94
N PHE A 102 36.54 -32.96 69.21
CA PHE A 102 37.58 -33.54 70.05
C PHE A 102 38.26 -32.43 70.83
N LYS A 103 39.14 -32.82 71.75
CA LYS A 103 39.89 -31.88 72.56
C LYS A 103 41.37 -32.23 72.48
N PHE A 104 42.20 -31.19 72.39
CA PHE A 104 43.64 -31.37 72.23
C PHE A 104 44.34 -30.22 72.92
N ARG A 105 45.50 -30.51 73.51
CA ARG A 105 46.24 -29.50 74.26
C ARG A 105 47.33 -28.88 73.39
N ILE A 106 47.37 -27.55 73.37
CA ILE A 106 48.45 -26.80 72.73
C ILE A 106 49.47 -26.33 73.76
N ASP A 107 49.08 -26.28 75.03
CA ASP A 107 49.92 -25.85 76.13
C ASP A 107 49.49 -26.64 77.37
N GLY A 108 49.84 -26.15 78.56
CA GLY A 108 49.36 -26.79 79.77
C GLY A 108 47.84 -26.86 79.83
N ASP A 109 47.18 -25.97 79.10
CA ASP A 109 45.72 -25.99 79.01
C ASP A 109 45.26 -26.87 77.85
N MET A 110 43.97 -27.22 77.87
CA MET A 110 43.34 -28.00 76.82
C MET A 110 42.28 -27.15 76.15
N VAL A 111 42.36 -27.03 74.82
CA VAL A 111 41.41 -26.22 74.06
C VAL A 111 40.61 -27.13 73.13
N PRO A 112 39.35 -26.78 72.84
CA PRO A 112 38.53 -27.65 71.98
C PRO A 112 38.59 -27.26 70.51
N HIS A 113 38.52 -28.27 69.62
CA HIS A 113 38.49 -28.04 68.19
C HIS A 113 37.27 -28.72 67.58
N ILE A 114 36.78 -28.13 66.48
CA ILE A 114 35.71 -28.71 65.68
C ILE A 114 36.27 -28.93 64.28
N SER A 115 36.19 -30.17 63.79
CA SER A 115 36.75 -30.55 62.51
C SER A 115 35.64 -30.95 61.55
N ARG A 116 35.66 -30.37 60.35
CA ARG A 116 34.75 -30.73 59.28
C ARG A 116 35.50 -31.46 58.17
N GLN A 117 34.86 -32.47 57.60
CA GLN A 117 35.53 -33.45 56.76
C GLN A 117 35.03 -33.35 55.33
N ARG A 118 35.97 -33.40 54.38
CA ARG A 118 35.68 -33.56 52.95
C ARG A 118 34.92 -32.38 52.36
N LEU A 119 35.31 -31.16 52.73
CA LEU A 119 34.78 -29.97 52.08
C LEU A 119 35.57 -29.68 50.80
N THR A 120 35.06 -28.74 50.01
CA THR A 120 35.75 -28.26 48.82
C THR A 120 36.55 -27.01 49.17
N LYS A 121 37.28 -26.49 48.19
CA LYS A 121 38.12 -25.32 48.44
C LYS A 121 37.29 -24.04 48.51
N TYR A 122 36.26 -23.93 47.67
CA TYR A 122 35.45 -22.73 47.59
C TYR A 122 34.00 -23.04 47.91
N THR A 123 33.23 -22.01 48.26
CA THR A 123 31.85 -22.12 48.62
C THR A 123 30.99 -21.59 47.53
N MET A 124 29.75 -21.34 47.79
CA MET A 124 28.88 -20.94 46.72
C MET A 124 28.72 -19.49 46.74
N ALA A 125 29.27 -18.77 47.70
CA ALA A 125 29.21 -17.35 47.68
C ALA A 125 30.40 -17.00 46.96
N ASP A 126 31.52 -17.70 47.13
CA ASP A 126 32.67 -17.33 46.30
C ASP A 126 32.30 -17.30 44.83
N LEU A 127 31.55 -18.30 44.36
CA LEU A 127 31.14 -18.33 42.96
C LEU A 127 30.20 -17.16 42.64
N VAL A 128 29.24 -16.91 43.53
CA VAL A 128 28.30 -15.82 43.29
C VAL A 128 29.02 -14.47 43.25
N TYR A 129 29.95 -14.26 44.18
CA TYR A 129 30.71 -13.01 44.20
C TYR A 129 31.59 -12.89 42.97
N ALA A 130 32.21 -13.99 42.53
CA ALA A 130 33.06 -13.94 41.35
C ALA A 130 32.27 -13.58 40.11
N LEU A 131 31.06 -14.13 39.98
CA LEU A 131 30.25 -13.85 38.80
C LEU A 131 29.52 -12.51 38.87
N ARG A 132 29.28 -11.96 40.05
CA ARG A 132 28.55 -10.71 40.18
C ARG A 132 29.45 -9.49 40.37
N HIS A 133 30.76 -9.67 40.45
CA HIS A 133 31.70 -8.57 40.59
C HIS A 133 32.87 -8.78 39.62
N PHE A 134 32.53 -9.08 38.36
CA PHE A 134 33.53 -9.47 37.38
C PHE A 134 34.51 -8.35 37.10
N ASP A 135 35.79 -8.72 36.99
CA ASP A 135 36.85 -7.78 36.63
C ASP A 135 37.91 -8.59 35.91
N GLU A 136 38.08 -8.36 34.61
CA GLU A 136 39.02 -9.13 33.82
C GLU A 136 40.47 -8.89 34.21
N GLY A 137 40.76 -7.82 34.97
CA GLY A 137 42.11 -7.61 35.44
C GLY A 137 42.58 -8.66 36.42
N ASN A 138 41.68 -9.11 37.30
CA ASN A 138 42.02 -10.15 38.28
C ASN A 138 40.78 -11.01 38.51
N CYS A 139 40.76 -12.20 37.91
CA CYS A 139 39.66 -13.13 38.07
C CYS A 139 40.19 -14.54 38.34
N ASP A 140 41.15 -14.65 39.26
CA ASP A 140 41.80 -15.93 39.51
C ASP A 140 40.83 -16.96 40.07
N THR A 141 39.92 -16.55 40.96
CA THR A 141 38.98 -17.48 41.57
C THR A 141 38.07 -18.12 40.52
N LEU A 142 37.54 -17.31 39.60
CA LEU A 142 36.66 -17.84 38.56
C LEU A 142 37.40 -18.82 37.66
N LYS A 143 38.63 -18.49 37.27
CA LYS A 143 39.41 -19.41 36.44
C LYS A 143 39.70 -20.71 37.15
N GLU A 144 40.09 -20.63 38.43
CA GLU A 144 40.35 -21.84 39.20
C GLU A 144 39.12 -22.71 39.31
N ILE A 145 37.97 -22.10 39.61
CA ILE A 145 36.72 -22.84 39.72
C ILE A 145 36.35 -23.48 38.40
N LEU A 146 36.55 -22.77 37.29
CA LEU A 146 36.22 -23.32 35.98
C LEU A 146 37.12 -24.50 35.62
N VAL A 147 38.40 -24.44 35.98
CA VAL A 147 39.29 -25.52 35.57
C VAL A 147 39.23 -26.71 36.52
N THR A 148 38.82 -26.53 37.77
CA THR A 148 38.79 -27.65 38.70
C THR A 148 37.56 -28.54 38.52
N TYR A 149 36.60 -28.12 37.70
CA TYR A 149 35.37 -28.89 37.50
C TYR A 149 35.16 -29.28 36.04
N ASN A 150 36.21 -29.29 35.22
CA ASN A 150 36.17 -29.76 33.84
C ASN A 150 35.15 -28.99 33.00
N CYS A 151 35.07 -27.68 33.24
CA CYS A 151 34.31 -26.81 32.35
C CYS A 151 35.14 -26.42 31.13
N CYS A 152 36.43 -26.19 31.32
CA CYS A 152 37.36 -25.91 30.22
C CYS A 152 38.73 -26.39 30.64
N ASP A 153 39.77 -25.97 29.92
CA ASP A 153 41.14 -26.30 30.26
C ASP A 153 41.93 -25.02 30.44
N ASP A 154 43.12 -25.15 31.03
CA ASP A 154 43.91 -23.98 31.42
C ASP A 154 44.36 -23.15 30.23
N ASP A 155 44.41 -23.73 29.03
CA ASP A 155 44.82 -23.01 27.84
C ASP A 155 43.66 -22.31 27.15
N TYR A 156 42.44 -22.44 27.69
CA TYR A 156 41.31 -21.70 27.14
C TYR A 156 41.44 -20.21 27.40
N PHE A 157 42.13 -19.85 28.48
CA PHE A 157 42.30 -18.45 28.86
C PHE A 157 43.46 -17.77 28.15
N ASN A 158 44.27 -18.52 27.40
CA ASN A 158 45.29 -17.91 26.57
C ASN A 158 44.70 -17.09 25.43
N LYS A 159 43.46 -17.37 25.04
CA LYS A 159 42.71 -16.55 24.10
C LYS A 159 42.47 -15.17 24.70
N LYS A 160 42.26 -14.17 23.86
CA LYS A 160 41.86 -12.85 24.31
C LYS A 160 40.39 -12.64 23.94
N ASP A 161 39.70 -11.87 24.77
CA ASP A 161 38.24 -11.72 24.70
C ASP A 161 37.58 -13.07 24.93
N TRP A 162 38.17 -13.90 25.79
CA TRP A 162 37.55 -15.16 26.15
C TRP A 162 36.32 -14.97 27.02
N TYR A 163 36.22 -13.82 27.71
CA TYR A 163 35.11 -13.53 28.60
C TYR A 163 33.99 -12.76 27.94
N ASP A 164 34.23 -12.17 26.77
CA ASP A 164 33.24 -11.32 26.11
C ASP A 164 32.03 -12.15 25.69
N PHE A 165 30.88 -11.48 25.62
CA PHE A 165 29.64 -12.13 25.19
C PHE A 165 29.36 -11.94 23.71
N VAL A 166 29.69 -10.78 23.15
CA VAL A 166 29.53 -10.54 21.71
C VAL A 166 30.60 -11.23 20.90
N GLU A 167 31.87 -11.01 21.23
CA GLU A 167 32.96 -11.83 20.75
C GLU A 167 33.07 -13.08 21.62
N ASN A 168 33.41 -14.20 20.99
CA ASN A 168 33.48 -15.49 21.66
C ASN A 168 32.16 -15.83 22.36
N PRO A 169 31.11 -16.19 21.62
CA PRO A 169 29.85 -16.59 22.27
C PRO A 169 29.90 -18.01 22.80
N ASP A 170 31.09 -18.63 22.81
CA ASP A 170 31.28 -19.96 23.36
C ASP A 170 31.42 -19.96 24.87
N ILE A 171 31.64 -18.78 25.49
CA ILE A 171 31.65 -18.69 26.93
C ILE A 171 30.32 -19.05 27.54
N LEU A 172 29.22 -18.93 26.79
CA LEU A 172 27.93 -19.41 27.28
C LEU A 172 27.94 -20.91 27.45
N ARG A 173 28.45 -21.64 26.45
CA ARG A 173 28.59 -23.09 26.58
C ARG A 173 29.56 -23.45 27.69
N VAL A 174 30.61 -22.67 27.88
CA VAL A 174 31.55 -22.92 28.97
C VAL A 174 30.87 -22.75 30.33
N TYR A 175 30.07 -21.69 30.48
CA TYR A 175 29.38 -21.43 31.75
C TYR A 175 28.28 -22.45 32.01
N ALA A 176 27.66 -22.99 30.97
CA ALA A 176 26.50 -23.85 31.15
C ALA A 176 26.89 -25.24 31.68
N ASN A 177 28.12 -25.40 32.12
CA ASN A 177 28.59 -26.67 32.67
C ASN A 177 28.48 -26.76 34.19
N LEU A 178 28.04 -25.69 34.86
CA LEU A 178 27.86 -25.68 36.31
C LEU A 178 26.39 -25.83 36.72
N GLY A 179 25.49 -25.95 35.74
CA GLY A 179 24.08 -25.98 36.06
C GLY A 179 23.67 -27.17 36.90
N GLU A 180 24.24 -28.34 36.62
CA GLU A 180 23.92 -29.52 37.40
C GLU A 180 24.42 -29.41 38.84
N ARG A 181 25.60 -28.86 39.05
CA ARG A 181 26.08 -28.60 40.41
C ARG A 181 25.13 -27.66 41.14
N VAL A 182 24.68 -26.59 40.47
CA VAL A 182 23.76 -25.66 41.10
C VAL A 182 22.44 -26.34 41.44
N ARG A 183 21.93 -27.18 40.53
CA ARG A 183 20.66 -27.86 40.78
C ARG A 183 20.76 -28.83 41.96
N GLN A 184 21.86 -29.58 42.04
CA GLN A 184 22.05 -30.46 43.20
C GLN A 184 22.16 -29.67 44.48
N ALA A 185 22.83 -28.50 44.44
CA ALA A 185 22.87 -27.64 45.62
C ALA A 185 21.47 -27.20 46.04
N LEU A 186 20.63 -26.84 45.07
CA LEU A 186 19.26 -26.45 45.40
C LEU A 186 18.49 -27.58 46.05
N LEU A 187 18.61 -28.80 45.50
CA LEU A 187 17.93 -29.94 46.11
C LEU A 187 18.41 -30.20 47.53
N LYS A 188 19.72 -30.14 47.75
CA LYS A 188 20.24 -30.34 49.11
C LYS A 188 19.79 -29.23 50.06
N THR A 189 19.64 -28.01 49.55
CA THR A 189 19.11 -26.93 50.38
C THR A 189 17.67 -27.22 50.81
N VAL A 190 16.86 -27.73 49.88
CA VAL A 190 15.48 -28.08 50.25
C VAL A 190 15.47 -29.19 51.30
N GLN A 191 16.35 -30.19 51.14
CA GLN A 191 16.45 -31.25 52.14
C GLN A 191 16.83 -30.68 53.51
N PHE A 192 17.79 -29.77 53.54
CA PHE A 192 18.23 -29.17 54.80
C PHE A 192 17.10 -28.39 55.45
N CYS A 193 16.32 -27.64 54.66
CA CYS A 193 15.19 -26.91 55.22
C CYS A 193 14.15 -27.85 55.81
N ASP A 194 13.87 -28.96 55.12
CA ASP A 194 12.93 -29.94 55.67
C ASP A 194 13.44 -30.51 57.00
N ALA A 195 14.73 -30.85 57.06
CA ALA A 195 15.29 -31.38 58.29
C ALA A 195 15.21 -30.36 59.42
N MET A 196 15.51 -29.09 59.13
CA MET A 196 15.45 -28.06 60.15
C MET A 196 14.01 -27.87 60.66
N ARG A 197 13.04 -27.91 59.75
CA ARG A 197 11.65 -27.79 60.18
C ARG A 197 11.24 -28.96 61.07
N ASN A 198 11.64 -30.18 60.70
CA ASN A 198 11.26 -31.34 61.49
C ASN A 198 11.97 -31.41 62.83
N ALA A 199 13.19 -30.89 62.94
CA ALA A 199 13.94 -30.96 64.20
C ALA A 199 13.61 -29.81 65.15
N GLY A 200 12.96 -28.76 64.68
CA GLY A 200 12.61 -27.63 65.54
C GLY A 200 13.78 -26.69 65.79
N ILE A 201 14.40 -26.21 64.72
CA ILE A 201 15.57 -25.35 64.80
C ILE A 201 15.31 -24.10 63.97
N VAL A 202 15.65 -22.95 64.54
CA VAL A 202 15.44 -21.64 63.90
C VAL A 202 16.79 -21.06 63.54
N GLY A 203 16.93 -20.63 62.29
CA GLY A 203 18.18 -20.03 61.83
C GLY A 203 18.00 -19.43 60.46
N VAL A 204 19.01 -18.66 60.05
CA VAL A 204 19.02 -17.97 58.77
C VAL A 204 20.12 -18.58 57.91
N LEU A 205 19.79 -18.89 56.65
CA LEU A 205 20.68 -19.60 55.76
C LEU A 205 21.43 -18.61 54.88
N THR A 206 22.76 -18.73 54.83
CA THR A 206 23.60 -17.87 54.03
C THR A 206 24.38 -18.71 53.01
N LEU A 207 24.93 -18.02 52.01
CA LEU A 207 25.62 -18.69 50.91
C LEU A 207 27.00 -19.21 51.29
N ASP A 208 27.61 -18.67 52.35
CA ASP A 208 28.97 -19.03 52.73
C ASP A 208 29.03 -20.21 53.69
N ASN A 209 27.88 -20.78 54.04
CA ASN A 209 27.83 -21.98 54.87
C ASN A 209 27.56 -23.24 54.05
N GLN A 210 27.66 -23.14 52.72
CA GLN A 210 27.45 -24.26 51.84
C GLN A 210 28.59 -24.31 50.84
N ASP A 211 29.17 -25.49 50.64
CA ASP A 211 30.25 -25.66 49.68
C ASP A 211 29.69 -26.05 48.31
N LEU A 212 30.60 -26.22 47.36
CA LEU A 212 30.17 -26.49 45.98
C LEU A 212 29.70 -27.92 45.77
N ASN A 213 29.67 -28.77 46.80
CA ASN A 213 29.05 -30.07 46.71
C ASN A 213 27.63 -30.10 47.27
N GLY A 214 27.22 -29.07 48.00
CA GLY A 214 25.87 -28.95 48.53
C GLY A 214 25.76 -29.15 50.03
N ASN A 215 26.83 -29.59 50.66
CA ASN A 215 26.80 -29.89 52.09
C ASN A 215 26.74 -28.60 52.92
N TRP A 216 26.12 -28.71 54.09
CA TRP A 216 25.90 -27.60 55.00
C TRP A 216 26.67 -27.80 56.29
N TYR A 217 27.00 -26.69 56.95
CA TYR A 217 27.69 -26.73 58.23
C TYR A 217 27.43 -25.41 58.96
N ASP A 218 28.24 -25.15 59.99
CA ASP A 218 28.22 -23.89 60.71
C ASP A 218 26.89 -23.55 61.37
N PHE A 219 26.52 -24.28 62.41
CA PHE A 219 25.29 -24.09 63.14
C PHE A 219 25.49 -23.20 64.36
N GLY A 220 26.37 -22.21 64.24
CA GLY A 220 26.74 -21.37 65.37
C GLY A 220 25.78 -20.26 65.72
N ASP A 221 24.87 -19.91 64.82
CA ASP A 221 23.90 -18.85 65.06
C ASP A 221 22.47 -19.37 65.10
N PHE A 222 22.29 -20.66 65.32
CA PHE A 222 20.97 -21.27 65.41
C PHE A 222 20.49 -21.31 66.85
N ILE A 223 19.20 -21.55 67.02
CA ILE A 223 18.58 -21.73 68.32
C ILE A 223 17.69 -22.97 68.26
N GLN A 224 17.07 -23.29 69.39
CA GLN A 224 16.27 -24.51 69.52
C GLN A 224 14.83 -24.15 69.87
N THR A 225 13.90 -24.93 69.34
CA THR A 225 12.47 -24.75 69.61
C THR A 225 11.85 -26.14 69.72
N THR A 226 10.55 -26.22 69.96
CA THR A 226 9.86 -27.50 70.08
C THR A 226 9.85 -28.20 68.74
N PRO A 227 9.99 -29.53 68.71
CA PRO A 227 10.06 -30.24 67.43
C PRO A 227 8.81 -30.02 66.59
N GLY A 228 9.01 -29.93 65.28
CA GLY A 228 7.93 -29.68 64.35
C GLY A 228 7.59 -28.22 64.14
N SER A 229 8.22 -27.31 64.85
CA SER A 229 7.94 -25.89 64.77
C SER A 229 9.19 -25.09 64.42
N GLY A 230 10.03 -25.64 63.56
CA GLY A 230 11.20 -24.91 63.09
C GLY A 230 10.87 -24.00 61.92
N VAL A 231 11.74 -23.03 61.69
CA VAL A 231 11.51 -22.05 60.63
C VAL A 231 12.84 -21.53 60.10
N PRO A 232 13.23 -21.87 58.88
CA PRO A 232 14.41 -21.26 58.26
C PRO A 232 14.08 -19.97 57.51
N VAL A 233 15.04 -19.06 57.49
CA VAL A 233 14.92 -17.79 56.78
C VAL A 233 15.82 -17.86 55.55
N VAL A 234 15.23 -17.79 54.37
CA VAL A 234 15.95 -18.08 53.12
C VAL A 234 15.81 -16.95 52.12
N ASP A 235 15.64 -15.72 52.59
CA ASP A 235 15.47 -14.56 51.69
C ASP A 235 16.76 -14.19 50.97
N SER A 236 17.82 -13.88 51.71
CA SER A 236 19.06 -13.41 51.09
C SER A 236 19.68 -14.50 50.22
N TYR A 237 19.61 -15.75 50.66
CA TYR A 237 20.16 -16.88 49.92
C TYR A 237 19.63 -16.93 48.49
N TYR A 238 18.31 -17.14 48.36
CA TYR A 238 17.71 -17.21 47.04
C TYR A 238 17.83 -15.90 46.28
N SER A 239 17.65 -14.76 46.97
CA SER A 239 17.69 -13.48 46.28
C SER A 239 19.06 -13.21 45.66
N LEU A 240 20.15 -13.53 46.37
CA LEU A 240 21.48 -13.32 45.81
C LEU A 240 21.83 -14.39 44.78
N LEU A 241 21.34 -15.62 44.95
CA LEU A 241 21.68 -16.67 44.00
C LEU A 241 20.89 -16.59 42.69
N MET A 242 19.77 -15.86 42.67
CA MET A 242 18.90 -15.84 41.51
C MET A 242 19.58 -15.50 40.19
N PRO A 243 20.42 -14.46 40.06
CA PRO A 243 20.99 -14.14 38.74
C PRO A 243 21.87 -15.23 38.15
N ILE A 244 22.42 -16.14 38.98
CA ILE A 244 23.28 -17.19 38.48
C ILE A 244 22.50 -18.36 37.89
N LEU A 245 21.21 -18.48 38.20
CA LEU A 245 20.41 -19.61 37.74
C LEU A 245 20.18 -19.59 36.24
N THR A 246 20.21 -18.43 35.59
CA THR A 246 20.03 -18.35 34.15
C THR A 246 21.34 -18.26 33.38
N LEU A 247 22.41 -17.75 34.00
CA LEU A 247 23.71 -17.73 33.34
C LEU A 247 24.22 -19.14 33.08
N THR A 248 24.07 -20.03 34.05
CA THR A 248 24.55 -21.40 33.94
C THR A 248 23.48 -22.36 33.42
N ARG A 249 22.25 -21.88 33.21
CA ARG A 249 21.15 -22.70 32.73
C ARG A 249 20.98 -23.94 33.60
N ALA A 250 20.67 -23.74 34.88
CA ALA A 250 20.64 -24.84 35.84
C ALA A 250 19.47 -25.78 35.65
N LEU A 251 18.41 -25.36 34.97
CA LEU A 251 17.19 -26.16 34.84
C LEU A 251 17.11 -26.86 33.49
N THR A 252 18.26 -27.16 32.87
CA THR A 252 18.24 -27.84 31.58
C THR A 252 17.79 -29.29 31.71
N ALA A 253 18.06 -29.92 32.85
CA ALA A 253 17.77 -31.34 33.04
C ALA A 253 16.27 -31.61 33.14
N GLU A 254 15.47 -30.56 33.24
CA GLU A 254 14.02 -30.70 33.39
C GLU A 254 13.30 -30.90 32.06
N SER A 255 14.02 -30.82 30.94
CA SER A 255 13.43 -31.08 29.63
C SER A 255 13.66 -32.51 29.15
N HIS A 256 14.26 -33.36 29.98
CA HIS A 256 14.51 -34.74 29.62
C HIS A 256 13.45 -35.65 30.25
N VAL A 257 13.47 -36.93 29.88
CA VAL A 257 12.36 -37.83 30.18
C VAL A 257 12.20 -38.02 31.69
N ASP A 258 13.29 -38.35 32.39
CA ASP A 258 13.23 -38.66 33.81
C ASP A 258 14.13 -37.73 34.61
N THR A 259 14.22 -36.47 34.17
CA THR A 259 15.12 -35.48 34.76
C THR A 259 16.55 -36.03 34.79
N ASP A 260 16.92 -36.72 33.70
CA ASP A 260 18.22 -37.34 33.56
C ASP A 260 18.87 -36.83 32.28
N LEU A 261 20.11 -36.38 32.38
CA LEU A 261 20.80 -35.77 31.26
C LEU A 261 21.27 -36.78 30.21
N THR A 262 20.94 -38.06 30.38
CA THR A 262 21.35 -39.10 29.45
C THR A 262 20.17 -39.73 28.71
N LYS A 263 18.97 -39.18 28.87
CA LYS A 263 17.78 -39.73 28.22
C LYS A 263 17.25 -38.72 27.21
N PRO A 264 16.43 -39.14 26.24
CA PRO A 264 15.93 -38.21 25.23
C PRO A 264 14.98 -37.16 25.85
N TYR A 265 14.57 -36.22 25.01
CA TYR A 265 13.74 -35.11 25.44
C TYR A 265 12.29 -35.56 25.62
N ILE A 266 11.54 -34.74 26.37
CA ILE A 266 10.11 -34.96 26.50
C ILE A 266 9.41 -34.49 25.23
N LYS A 267 8.39 -35.25 24.81
CA LYS A 267 7.66 -34.97 23.58
C LYS A 267 6.25 -34.51 23.94
N TRP A 268 6.08 -33.21 24.17
CA TRP A 268 4.76 -32.63 24.37
C TRP A 268 4.01 -32.57 23.05
N ASP A 269 2.68 -32.69 23.13
CA ASP A 269 1.86 -32.50 21.95
C ASP A 269 1.84 -31.02 21.57
N LEU A 270 1.73 -30.77 20.27
CA LEU A 270 1.79 -29.40 19.76
C LEU A 270 0.58 -28.57 20.13
N LEU A 271 -0.50 -29.19 20.60
CA LEU A 271 -1.74 -28.49 20.89
C LEU A 271 -1.84 -28.02 22.34
N LYS A 272 -0.82 -28.26 23.16
CA LYS A 272 -0.84 -27.91 24.57
C LYS A 272 -0.23 -26.53 24.77
N TYR A 273 -0.92 -25.68 25.55
CA TYR A 273 -0.45 -24.32 25.76
C TYR A 273 -0.64 -23.81 27.18
N ASP A 274 -1.11 -24.64 28.12
CA ASP A 274 -1.43 -24.13 29.44
C ASP A 274 -0.23 -24.16 30.38
N PHE A 275 0.30 -25.36 30.66
CA PHE A 275 1.49 -25.53 31.49
C PHE A 275 1.37 -24.86 32.85
N THR A 276 0.15 -24.69 33.35
CA THR A 276 -0.08 -24.04 34.63
C THR A 276 0.26 -24.92 35.82
N GLU A 277 0.23 -26.24 35.67
CA GLU A 277 0.58 -27.17 36.74
C GLU A 277 2.07 -27.46 36.81
N GLU A 278 2.75 -27.48 35.67
CA GLU A 278 4.19 -27.71 35.67
C GLU A 278 4.91 -26.59 36.40
N ARG A 279 4.46 -25.34 36.23
CA ARG A 279 5.08 -24.22 36.93
C ARG A 279 4.94 -24.37 38.44
N LEU A 280 3.74 -24.75 38.90
CA LEU A 280 3.54 -24.98 40.33
C LEU A 280 4.40 -26.12 40.84
N LYS A 281 4.51 -27.21 40.08
CA LYS A 281 5.36 -28.32 40.49
C LYS A 281 6.82 -27.90 40.59
N LEU A 282 7.31 -27.12 39.63
CA LEU A 282 8.68 -26.62 39.68
C LEU A 282 8.90 -25.73 40.89
N PHE A 283 7.95 -24.83 41.16
CA PHE A 283 8.08 -23.95 42.32
C PHE A 283 8.10 -24.75 43.62
N ASP A 284 7.23 -25.76 43.72
CA ASP A 284 7.22 -26.58 44.93
C ASP A 284 8.45 -27.46 45.05
N ARG A 285 9.10 -27.79 43.94
CA ARG A 285 10.29 -28.63 43.98
C ARG A 285 11.55 -27.85 44.31
N TYR A 286 11.70 -26.63 43.79
CA TYR A 286 12.96 -25.91 43.96
C TYR A 286 12.88 -24.71 44.90
N PHE A 287 11.68 -24.20 45.19
CA PHE A 287 11.51 -22.99 46.00
C PHE A 287 10.44 -23.22 47.06
N LYS A 288 10.54 -24.34 47.78
CA LYS A 288 9.46 -24.75 48.68
C LYS A 288 9.27 -23.76 49.82
N TYR A 289 10.34 -23.26 50.42
CA TYR A 289 10.25 -22.44 51.62
C TYR A 289 10.30 -20.94 51.34
N TRP A 290 10.29 -20.54 50.07
CA TRP A 290 10.09 -19.14 49.74
C TRP A 290 8.64 -18.76 50.05
N ASP A 291 8.45 -17.91 51.06
CA ASP A 291 7.13 -17.63 51.62
C ASP A 291 6.61 -16.32 51.05
N GLN A 292 6.05 -16.41 49.84
CA GLN A 292 5.30 -15.32 49.23
C GLN A 292 4.49 -15.91 48.10
N THR A 293 3.20 -15.60 48.06
CA THR A 293 2.30 -16.25 47.11
C THR A 293 2.77 -16.04 45.67
N TYR A 294 2.72 -17.10 44.89
CA TYR A 294 3.19 -17.11 43.51
C TYR A 294 2.01 -17.36 42.58
N HIS A 295 1.80 -16.46 41.63
CA HIS A 295 0.72 -16.57 40.67
C HIS A 295 1.27 -16.98 39.31
N PRO A 296 1.01 -18.19 38.84
CA PRO A 296 1.49 -18.56 37.49
C PRO A 296 0.98 -17.65 36.40
N ASN A 297 -0.26 -17.16 36.53
CA ASN A 297 -0.84 -16.21 35.58
C ASN A 297 -0.90 -14.86 36.27
N CYS A 298 -0.25 -13.87 35.67
CA CYS A 298 -0.12 -12.54 36.28
C CYS A 298 -1.39 -11.72 36.21
N VAL A 299 -2.50 -12.29 35.73
CA VAL A 299 -3.79 -11.60 35.75
C VAL A 299 -4.42 -11.62 37.13
N ASN A 300 -3.93 -12.44 38.05
CA ASN A 300 -4.45 -12.52 39.40
C ASN A 300 -3.62 -11.76 40.41
N CYS A 301 -2.63 -10.99 39.97
CA CYS A 301 -1.76 -10.27 40.88
C CYS A 301 -2.49 -9.09 41.51
N LEU A 302 -1.94 -8.59 42.62
CA LEU A 302 -2.56 -7.52 43.39
C LEU A 302 -2.10 -6.14 43.01
N ASP A 303 -0.84 -5.98 42.60
CA ASP A 303 -0.32 -4.70 42.11
C ASP A 303 0.88 -4.93 41.22
N ASP A 304 1.60 -3.85 40.87
CA ASP A 304 2.76 -3.97 40.00
C ASP A 304 3.95 -4.66 40.66
N ARG A 305 4.12 -4.51 41.96
CA ARG A 305 5.18 -5.22 42.66
C ARG A 305 4.98 -6.73 42.61
N CYS A 306 3.75 -7.18 42.82
CA CYS A 306 3.44 -8.61 42.68
C CYS A 306 3.63 -9.08 41.25
N ILE A 307 3.29 -8.23 40.27
CA ILE A 307 3.49 -8.58 38.87
C ILE A 307 4.98 -8.81 38.61
N LEU A 308 5.83 -7.91 39.09
CA LEU A 308 7.28 -8.09 38.94
C LEU A 308 7.74 -9.37 39.62
N HIS A 309 7.27 -9.61 40.84
CA HIS A 309 7.70 -10.77 41.61
C HIS A 309 7.36 -12.07 40.89
N CYS A 310 6.13 -12.18 40.37
CA CYS A 310 5.73 -13.41 39.69
C CYS A 310 6.31 -13.53 38.29
N ALA A 311 6.46 -12.43 37.55
CA ALA A 311 7.11 -12.50 36.25
C ALA A 311 8.58 -12.90 36.36
N ASN A 312 9.24 -12.57 37.46
CA ASN A 312 10.61 -13.02 37.64
C ASN A 312 10.69 -14.55 37.67
N PHE A 313 9.75 -15.20 38.36
CA PHE A 313 9.73 -16.66 38.39
C PHE A 313 9.29 -17.24 37.05
N ASN A 314 8.32 -16.58 36.39
CA ASN A 314 7.87 -17.05 35.09
C ASN A 314 8.98 -17.02 34.05
N VAL A 315 9.85 -16.01 34.12
CA VAL A 315 10.98 -15.94 33.18
C VAL A 315 11.87 -17.16 33.31
N LEU A 316 12.16 -17.59 34.53
CA LEU A 316 12.99 -18.78 34.73
C LEU A 316 12.26 -20.05 34.31
N PHE A 317 10.97 -20.17 34.65
CA PHE A 317 10.27 -21.42 34.38
C PHE A 317 9.89 -21.57 32.91
N SER A 318 9.85 -20.49 32.13
CA SER A 318 9.42 -20.61 30.74
C SER A 318 10.51 -21.15 29.82
N THR A 319 11.73 -21.34 30.29
CA THR A 319 12.81 -21.84 29.45
C THR A 319 12.77 -23.36 29.28
N VAL A 320 11.86 -24.05 29.97
CA VAL A 320 11.78 -25.49 29.87
C VAL A 320 10.82 -25.94 28.77
N PHE A 321 9.71 -25.24 28.61
CA PHE A 321 8.60 -25.60 27.74
C PHE A 321 8.95 -25.32 26.28
N PRO A 322 8.32 -26.02 25.34
CA PRO A 322 8.67 -25.85 23.92
C PRO A 322 8.36 -24.45 23.42
N PRO A 323 9.14 -23.93 22.48
CA PRO A 323 8.95 -22.56 22.00
C PRO A 323 7.81 -22.37 21.02
N THR A 324 7.12 -23.43 20.61
CA THR A 324 6.01 -23.31 19.67
C THR A 324 4.66 -23.15 20.38
N SER A 325 4.66 -23.13 21.71
CA SER A 325 3.44 -22.99 22.49
C SER A 325 3.27 -21.58 23.03
N PHE A 326 4.05 -20.63 22.53
CA PHE A 326 3.99 -19.25 22.95
C PHE A 326 3.46 -18.38 21.81
N GLY A 327 2.72 -17.34 22.19
CA GLY A 327 2.20 -16.40 21.22
C GLY A 327 0.68 -16.36 21.19
N PRO A 328 0.12 -15.87 20.08
CA PRO A 328 -1.33 -15.76 19.98
C PRO A 328 -2.01 -17.12 19.99
N LEU A 329 -3.22 -17.15 20.54
CA LEU A 329 -4.09 -18.32 20.52
C LEU A 329 -5.29 -17.99 19.65
N VAL A 330 -5.52 -18.81 18.63
CA VAL A 330 -6.55 -18.53 17.64
C VAL A 330 -7.67 -19.54 17.77
N ARG A 331 -8.82 -19.21 17.19
CA ARG A 331 -9.96 -20.12 17.11
C ARG A 331 -10.83 -19.67 15.94
N LYS A 332 -11.90 -20.42 15.69
CA LYS A 332 -12.74 -20.23 14.52
C LYS A 332 -14.04 -19.56 14.92
N ILE A 333 -14.36 -18.44 14.25
CA ILE A 333 -15.61 -17.72 14.45
C ILE A 333 -16.33 -17.65 13.12
N PHE A 334 -17.63 -17.39 13.18
CA PHE A 334 -18.49 -17.37 12.01
C PHE A 334 -19.09 -15.99 11.82
N VAL A 335 -18.97 -15.45 10.61
CA VAL A 335 -19.58 -14.17 10.24
C VAL A 335 -20.45 -14.43 9.02
N ASP A 336 -21.78 -14.43 9.23
CA ASP A 336 -22.76 -14.68 8.19
C ASP A 336 -22.50 -16.03 7.49
N GLY A 337 -22.21 -17.02 8.32
CA GLY A 337 -22.06 -18.39 7.86
C GLY A 337 -20.72 -18.74 7.25
N VAL A 338 -19.78 -17.80 7.18
CA VAL A 338 -18.45 -18.10 6.64
C VAL A 338 -17.48 -18.19 7.81
N PRO A 339 -16.51 -19.09 7.78
CA PRO A 339 -15.60 -19.22 8.93
C PRO A 339 -14.37 -18.34 8.85
N PHE A 340 -14.01 -17.70 9.96
CA PHE A 340 -12.80 -16.91 10.05
C PHE A 340 -11.78 -17.58 10.97
N VAL A 341 -10.60 -16.99 11.08
CA VAL A 341 -9.61 -17.41 12.07
C VAL A 341 -9.05 -16.15 12.71
N VAL A 342 -9.35 -15.94 14.00
CA VAL A 342 -8.98 -14.72 14.71
C VAL A 342 -8.29 -15.10 16.02
N SER A 343 -7.55 -14.15 16.57
CA SER A 343 -6.82 -14.32 17.81
C SER A 343 -7.68 -13.86 18.97
N THR A 344 -7.83 -14.72 19.99
CA THR A 344 -8.68 -14.44 21.14
C THR A 344 -7.91 -14.71 22.44
N GLY A 345 -6.63 -14.35 22.45
CA GLY A 345 -5.83 -14.51 23.64
C GLY A 345 -4.36 -14.46 23.30
N TYR A 346 -3.54 -14.68 24.33
CA TYR A 346 -2.10 -14.66 24.19
C TYR A 346 -1.48 -15.51 25.29
N HIS A 347 -0.29 -16.03 25.01
CA HIS A 347 0.49 -16.82 25.97
C HIS A 347 1.88 -16.21 26.06
N PHE A 348 2.10 -15.39 27.09
CA PHE A 348 3.37 -14.70 27.27
C PHE A 348 4.36 -15.58 28.02
N ARG A 349 5.65 -15.35 27.75
CA ARG A 349 6.69 -16.02 28.52
C ARG A 349 6.76 -15.49 29.94
N GLU A 350 6.36 -14.24 30.15
CA GLU A 350 6.43 -13.59 31.46
C GLU A 350 5.09 -13.52 32.17
N LEU A 351 4.01 -13.21 31.45
CA LEU A 351 2.71 -12.92 32.05
C LEU A 351 1.77 -14.12 32.04
N GLY A 352 2.18 -15.27 31.52
CA GLY A 352 1.32 -16.43 31.52
C GLY A 352 0.25 -16.36 30.45
N VAL A 353 -0.89 -17.00 30.73
CA VAL A 353 -1.99 -17.12 29.78
C VAL A 353 -3.00 -16.00 30.02
N VAL A 354 -3.38 -15.31 28.94
CA VAL A 354 -4.33 -14.21 29.00
C VAL A 354 -5.44 -14.49 27.99
N HIS A 355 -6.69 -14.36 28.43
CA HIS A 355 -7.85 -14.59 27.57
C HIS A 355 -8.61 -13.29 27.36
N ASN A 356 -9.15 -13.12 26.15
CA ASN A 356 -9.93 -11.93 25.83
C ASN A 356 -11.27 -11.98 26.56
N GLN A 357 -11.85 -10.80 26.77
CA GLN A 357 -13.06 -10.65 27.56
C GLN A 357 -14.32 -10.45 26.73
N ASP A 358 -14.20 -9.91 25.52
CA ASP A 358 -15.35 -9.65 24.64
C ASP A 358 -15.10 -10.33 23.30
N VAL A 359 -15.50 -11.60 23.20
CA VAL A 359 -15.39 -12.37 21.96
C VAL A 359 -16.74 -12.97 21.64
N ASN A 360 -17.24 -12.72 20.44
CA ASN A 360 -18.52 -13.25 19.98
C ASN A 360 -18.28 -14.14 18.77
N LEU A 361 -18.77 -15.37 18.85
CA LEU A 361 -18.53 -16.34 17.77
C LEU A 361 -19.43 -16.08 16.57
N HIS A 362 -20.73 -16.01 16.80
CA HIS A 362 -21.69 -15.74 15.74
C HIS A 362 -22.05 -14.26 15.72
N SER A 363 -21.89 -13.63 14.56
CA SER A 363 -22.15 -12.20 14.43
C SER A 363 -22.59 -11.89 13.01
N SER A 364 -23.25 -10.75 12.85
CA SER A 364 -23.65 -10.25 11.54
C SER A 364 -22.47 -9.56 10.86
N ARG A 365 -22.73 -8.84 9.77
CA ARG A 365 -21.68 -8.13 9.07
C ARG A 365 -21.01 -7.12 9.98
N LEU A 366 -19.68 -7.08 9.92
CA LEU A 366 -18.85 -6.35 10.87
C LEU A 366 -18.68 -4.89 10.46
N SER A 367 -18.29 -4.07 11.44
CA SER A 367 -18.15 -2.64 11.25
C SER A 367 -16.73 -2.27 10.83
N PHE A 368 -16.42 -0.98 10.83
CA PHE A 368 -15.12 -0.45 10.43
C PHE A 368 -14.00 -0.80 11.40
N LYS A 369 -14.21 -0.61 12.70
CA LYS A 369 -13.16 -0.91 13.67
C LYS A 369 -12.91 -2.40 13.79
N GLU A 370 -13.94 -3.23 13.64
CA GLU A 370 -13.72 -4.67 13.57
C GLU A 370 -12.88 -5.07 12.36
N LEU A 371 -13.14 -4.44 11.22
CA LEU A 371 -12.29 -4.67 10.04
C LEU A 371 -10.85 -4.26 10.33
N LEU A 372 -10.66 -3.11 10.98
CA LEU A 372 -9.32 -2.65 11.30
C LEU A 372 -8.61 -3.62 12.24
N VAL A 373 -9.34 -4.14 13.23
CA VAL A 373 -8.74 -5.07 14.18
C VAL A 373 -8.39 -6.39 13.49
N TYR A 374 -9.29 -6.92 12.67
CA TYR A 374 -9.04 -8.19 11.99
C TYR A 374 -8.01 -8.09 10.87
N ALA A 375 -7.78 -6.91 10.33
CA ALA A 375 -6.77 -6.72 9.30
C ALA A 375 -5.37 -6.51 9.86
N ALA A 376 -5.24 -6.26 11.16
CA ALA A 376 -3.95 -6.11 11.81
C ALA A 376 -3.48 -7.37 12.52
N ASP A 377 -4.38 -8.33 12.74
CA ASP A 377 -4.01 -9.58 13.40
C ASP A 377 -3.13 -10.43 12.49
N PRO A 378 -2.03 -10.97 13.02
CA PRO A 378 -1.19 -11.86 12.19
C PRO A 378 -1.78 -13.24 11.99
N ALA A 379 -2.92 -13.55 12.61
CA ALA A 379 -3.47 -14.90 12.56
C ALA A 379 -3.84 -15.29 11.13
N MET A 380 -4.61 -14.45 10.44
CA MET A 380 -5.03 -14.79 9.09
C MET A 380 -3.85 -14.82 8.13
N HIS A 381 -2.93 -13.86 8.25
CA HIS A 381 -1.77 -13.81 7.36
C HIS A 381 -0.91 -15.05 7.54
N ALA A 382 -0.70 -15.48 8.78
CA ALA A 382 0.11 -16.67 9.02
C ALA A 382 -0.61 -17.93 8.59
N ALA A 383 -1.93 -18.00 8.79
CA ALA A 383 -2.67 -19.20 8.46
C ALA A 383 -2.94 -19.36 6.97
N SER A 384 -2.83 -18.28 6.19
CA SER A 384 -3.04 -18.35 4.75
C SER A 384 -1.73 -18.23 3.99
N GLY A 385 -0.64 -18.72 4.58
CA GLY A 385 0.67 -18.65 3.97
C GLY A 385 1.37 -20.00 3.97
N ASN A 386 2.54 -20.02 3.33
CA ASN A 386 3.33 -21.23 3.21
C ASN A 386 4.27 -21.38 4.40
N LEU A 387 4.63 -22.63 4.69
CA LEU A 387 5.64 -22.89 5.70
C LEU A 387 7.01 -22.39 5.21
N LEU A 388 7.84 -21.98 6.15
CA LEU A 388 9.15 -21.44 5.81
C LEU A 388 10.19 -21.97 6.78
N LEU A 389 11.29 -22.49 6.25
CA LEU A 389 12.43 -22.93 7.04
C LEU A 389 13.65 -22.15 6.55
N ASP A 390 14.08 -21.17 7.34
CA ASP A 390 15.16 -20.26 6.96
C ASP A 390 16.40 -20.64 7.75
N LYS A 391 17.49 -20.92 7.02
CA LYS A 391 18.75 -21.31 7.63
C LYS A 391 19.77 -20.18 7.67
N ARG A 392 19.42 -18.99 7.18
CA ARG A 392 20.32 -17.85 7.28
C ARG A 392 20.45 -17.34 8.70
N THR A 393 19.40 -17.44 9.50
CA THR A 393 19.37 -16.95 10.86
C THR A 393 19.00 -18.09 11.80
N THR A 394 19.19 -17.85 13.11
CA THR A 394 18.86 -18.84 14.13
C THR A 394 17.61 -18.48 14.91
N CYS A 395 16.88 -17.45 14.48
CA CYS A 395 15.63 -17.06 15.14
C CYS A 395 14.47 -17.88 14.60
N PHE A 396 13.43 -18.01 15.42
CA PHE A 396 12.27 -18.78 15.02
C PHE A 396 11.57 -18.13 13.84
N SER A 397 11.12 -18.97 12.90
CA SER A 397 10.46 -18.51 11.68
C SER A 397 9.05 -19.09 11.62
N VAL A 398 8.11 -18.30 11.08
CA VAL A 398 6.71 -18.68 11.10
C VAL A 398 6.21 -19.09 9.73
N ALA A 399 6.22 -18.15 8.78
CA ALA A 399 5.63 -18.39 7.48
C ALA A 399 6.17 -17.38 6.47
N ALA A 400 5.96 -17.71 5.19
CA ALA A 400 6.30 -16.83 4.08
C ALA A 400 5.01 -16.40 3.38
N LEU A 401 4.84 -15.09 3.22
CA LEU A 401 3.60 -14.54 2.69
C LEU A 401 3.50 -14.60 1.18
N THR A 402 4.61 -14.79 0.47
CA THR A 402 4.58 -14.87 -0.98
C THR A 402 5.37 -16.08 -1.47
N ASN A 403 5.55 -16.18 -2.79
CA ASN A 403 6.33 -17.27 -3.37
C ASN A 403 7.76 -16.87 -3.70
N ASN A 404 8.18 -15.66 -3.35
CA ASN A 404 9.51 -15.17 -3.64
C ASN A 404 10.09 -14.47 -2.42
N VAL A 405 11.42 -14.48 -2.33
CA VAL A 405 12.14 -13.81 -1.26
C VAL A 405 12.70 -12.50 -1.80
N ALA A 406 12.49 -11.42 -1.06
CA ALA A 406 12.87 -10.08 -1.49
C ALA A 406 14.23 -9.72 -0.92
N PHE A 407 15.14 -9.27 -1.79
CA PHE A 407 16.47 -8.81 -1.40
C PHE A 407 16.55 -7.32 -1.67
N GLN A 408 16.89 -6.55 -0.64
CA GLN A 408 16.89 -5.09 -0.72
C GLN A 408 18.31 -4.58 -0.53
N THR A 409 18.72 -3.65 -1.39
CA THR A 409 20.06 -3.08 -1.37
C THR A 409 20.02 -1.62 -0.92
N VAL A 410 21.19 -1.05 -0.72
CA VAL A 410 21.34 0.36 -0.35
C VAL A 410 22.29 1.01 -1.35
N LYS A 411 21.87 2.14 -1.90
CA LYS A 411 22.59 2.87 -2.94
C LYS A 411 23.60 3.83 -2.34
N PRO A 412 24.63 4.20 -3.10
CA PRO A 412 25.60 5.19 -2.61
C PRO A 412 25.03 6.60 -2.63
N GLY A 413 25.86 7.59 -2.26
CA GLY A 413 25.44 8.97 -2.22
C GLY A 413 25.70 9.69 -3.53
N ASN A 414 25.39 10.99 -3.52
CA ASN A 414 25.61 11.87 -4.65
C ASN A 414 26.69 12.88 -4.32
N PHE A 415 27.53 13.18 -5.31
CA PHE A 415 28.72 14.01 -5.11
C PHE A 415 28.42 15.44 -5.55
N ASN A 416 28.62 16.39 -4.63
CA ASN A 416 28.53 17.81 -4.93
C ASN A 416 29.92 18.30 -5.33
N LYS A 417 30.17 18.35 -6.63
CA LYS A 417 31.51 18.68 -7.12
C LYS A 417 31.84 20.17 -6.99
N ASP A 418 30.86 21.05 -7.13
CA ASP A 418 31.13 22.49 -7.06
C ASP A 418 31.62 22.88 -5.67
N PHE A 419 30.96 22.38 -4.62
CA PHE A 419 31.40 22.70 -3.26
C PHE A 419 32.78 22.14 -2.98
N TYR A 420 33.06 20.92 -3.46
CA TYR A 420 34.37 20.33 -3.25
C TYR A 420 35.46 21.14 -3.94
N ASP A 421 35.21 21.58 -5.18
CA ASP A 421 36.18 22.40 -5.88
C ASP A 421 36.39 23.74 -5.18
N PHE A 422 35.29 24.35 -4.71
CA PHE A 422 35.40 25.61 -3.99
C PHE A 422 36.23 25.45 -2.72
N ALA A 423 36.00 24.37 -1.98
CA ALA A 423 36.77 24.12 -0.77
C ALA A 423 38.23 23.86 -1.08
N VAL A 424 38.52 23.09 -2.13
CA VAL A 424 39.90 22.83 -2.51
C VAL A 424 40.63 24.09 -2.94
N SER A 425 39.96 24.99 -3.65
CA SER A 425 40.56 26.23 -4.10
C SER A 425 40.84 27.22 -2.97
N LYS A 426 40.56 26.84 -1.71
CA LYS A 426 40.80 27.71 -0.57
C LYS A 426 41.74 27.08 0.45
N GLY A 427 42.56 26.12 0.03
CA GLY A 427 43.55 25.54 0.92
C GLY A 427 43.04 24.46 1.85
N PHE A 428 42.02 23.72 1.43
CA PHE A 428 41.48 22.62 2.22
C PHE A 428 41.95 21.28 1.66
N PHE A 429 41.84 20.25 2.50
CA PHE A 429 42.16 18.87 2.13
C PHE A 429 43.60 18.72 1.65
N LYS A 430 44.53 19.41 2.30
CA LYS A 430 45.94 19.23 2.00
C LYS A 430 46.50 18.05 2.80
N GLU A 431 47.66 17.57 2.40
CA GLU A 431 48.29 16.45 3.08
C GLU A 431 48.77 16.87 4.47
N GLY A 432 48.55 16.00 5.45
CA GLY A 432 48.95 16.27 6.81
C GLY A 432 48.03 17.20 7.57
N SER A 433 46.88 17.56 7.01
CA SER A 433 45.96 18.45 7.68
C SER A 433 45.22 17.69 8.79
N SER A 434 44.64 18.45 9.72
CA SER A 434 43.90 17.89 10.83
C SER A 434 42.42 17.77 10.55
N VAL A 435 41.97 18.14 9.35
CA VAL A 435 40.57 18.07 8.96
C VAL A 435 40.50 17.25 7.68
N GLU A 436 39.78 16.13 7.74
CA GLU A 436 39.63 15.25 6.59
C GLU A 436 38.27 14.58 6.64
N LEU A 437 37.84 14.07 5.48
CA LEU A 437 36.53 13.46 5.36
C LEU A 437 36.55 12.04 5.90
N LYS A 438 35.65 11.75 6.85
CA LYS A 438 35.47 10.39 7.35
C LYS A 438 33.99 10.07 7.56
N HIS A 439 33.11 10.76 6.85
CA HIS A 439 31.68 10.51 6.90
C HIS A 439 31.18 10.37 5.47
N PHE A 440 30.69 9.17 5.12
CA PHE A 440 30.28 8.87 3.75
C PHE A 440 28.94 8.13 3.78
N PHE A 441 28.39 7.94 2.58
CA PHE A 441 27.24 7.07 2.38
C PHE A 441 27.75 5.69 2.00
N PHE A 442 27.56 4.71 2.87
CA PHE A 442 28.00 3.35 2.59
C PHE A 442 26.88 2.54 1.93
N ALA A 443 27.26 1.68 1.00
CA ALA A 443 26.34 0.85 0.26
C ALA A 443 26.33 -0.56 0.82
N GLN A 444 25.18 -1.23 0.67
CA GLN A 444 24.99 -2.57 1.21
C GLN A 444 24.47 -3.49 0.12
N ASP A 445 24.76 -4.78 0.24
CA ASP A 445 24.39 -5.76 -0.77
C ASP A 445 23.00 -6.32 -0.46
N GLY A 446 22.61 -7.38 -1.17
CA GLY A 446 21.23 -7.86 -1.08
C GLY A 446 20.85 -8.40 0.29
N ASN A 447 21.70 -9.24 0.87
CA ASN A 447 21.39 -9.91 2.13
C ASN A 447 21.97 -9.11 3.28
N ALA A 448 21.41 -7.92 3.50
CA ALA A 448 21.81 -7.05 4.60
C ALA A 448 20.74 -6.89 5.66
N ALA A 449 19.46 -6.83 5.25
CA ALA A 449 18.38 -6.68 6.21
C ALA A 449 18.30 -7.88 7.15
N ILE A 450 18.38 -9.09 6.60
CA ILE A 450 18.33 -10.29 7.42
C ILE A 450 19.59 -10.41 8.28
N SER A 451 20.73 -10.03 7.74
CA SER A 451 21.97 -10.07 8.51
C SER A 451 21.92 -9.12 9.70
N ASP A 452 21.31 -7.95 9.53
CA ASP A 452 21.13 -7.01 10.63
C ASP A 452 20.06 -7.47 11.61
N TYR A 453 19.00 -8.11 11.13
CA TYR A 453 17.98 -8.65 12.02
C TYR A 453 18.52 -9.79 12.86
N ASP A 454 19.50 -10.53 12.34
CA ASP A 454 20.08 -11.65 13.08
C ASP A 454 20.87 -11.22 14.32
N TYR A 455 20.94 -9.93 14.65
CA TYR A 455 21.64 -9.48 15.85
C TYR A 455 20.81 -9.61 17.12
N TYR A 456 19.56 -10.06 17.00
CA TYR A 456 18.75 -10.33 18.18
C TYR A 456 19.17 -11.60 18.91
N ARG A 457 20.17 -12.31 18.39
CA ARG A 457 20.72 -13.48 19.08
C ARG A 457 21.48 -13.11 20.34
N TYR A 458 21.75 -11.83 20.57
CA TYR A 458 22.40 -11.37 21.79
C TYR A 458 21.42 -11.16 22.93
N ASN A 459 20.12 -11.37 22.70
CA ASN A 459 19.10 -11.21 23.72
C ASN A 459 18.86 -12.57 24.37
N LEU A 460 19.20 -12.69 25.64
CA LEU A 460 19.07 -13.92 26.40
C LEU A 460 18.11 -13.74 27.57
N PRO A 461 17.43 -14.81 28.00
CA PRO A 461 16.56 -14.71 29.18
C PRO A 461 17.40 -14.48 30.43
N THR A 462 17.03 -13.46 31.20
CA THR A 462 17.80 -13.02 32.36
C THR A 462 16.89 -12.95 33.58
N MET A 463 17.29 -13.63 34.65
CA MET A 463 16.61 -13.54 35.93
C MET A 463 17.29 -12.45 36.76
N CYS A 464 16.49 -11.73 37.55
CA CYS A 464 16.96 -10.59 38.32
C CYS A 464 16.93 -10.88 39.81
N ASP A 465 17.67 -10.08 40.56
CA ASP A 465 17.61 -10.09 42.01
C ASP A 465 16.40 -9.27 42.43
N ILE A 466 15.32 -9.94 42.81
CA ILE A 466 14.03 -9.28 42.98
C ILE A 466 14.01 -8.34 44.18
N ARG A 467 14.64 -8.73 45.30
CA ARG A 467 14.62 -7.90 46.49
C ARG A 467 15.37 -6.60 46.31
N GLN A 468 16.29 -6.52 45.35
CA GLN A 468 17.00 -5.29 45.06
C GLN A 468 16.32 -4.48 43.96
N LEU A 469 15.72 -5.15 42.98
CA LEU A 469 14.94 -4.45 41.97
C LEU A 469 13.72 -3.77 42.57
N LEU A 470 13.11 -4.38 43.58
CA LEU A 470 11.93 -3.79 44.21
C LEU A 470 12.25 -2.51 44.99
N PHE A 471 13.53 -2.24 45.26
CA PHE A 471 13.97 -1.01 45.89
C PHE A 471 14.47 -0.01 44.86
N VAL A 472 15.16 -0.51 43.83
CA VAL A 472 15.60 0.35 42.74
C VAL A 472 14.40 0.97 42.04
N VAL A 473 13.30 0.22 41.91
CA VAL A 473 12.11 0.78 41.27
C VAL A 473 11.51 1.91 42.11
N GLU A 474 11.57 1.79 43.45
CA GLU A 474 11.09 2.87 44.30
C GLU A 474 11.94 4.11 44.14
N VAL A 475 13.26 3.95 44.07
CA VAL A 475 14.13 5.10 43.89
C VAL A 475 13.89 5.76 42.52
N VAL A 476 13.69 4.95 41.48
CA VAL A 476 13.42 5.50 40.16
C VAL A 476 12.10 6.26 40.15
N ASP A 477 11.08 5.71 40.82
CA ASP A 477 9.80 6.41 40.92
C ASP A 477 9.95 7.72 41.67
N LYS A 478 10.82 7.75 42.68
CA LYS A 478 11.13 9.03 43.33
C LYS A 478 11.75 10.01 42.34
N TYR A 479 12.61 9.51 41.45
CA TYR A 479 13.17 10.38 40.42
C TYR A 479 12.09 10.94 39.50
N PHE A 480 11.12 10.12 39.12
CA PHE A 480 10.03 10.56 38.22
C PHE A 480 8.81 11.04 39.01
N ASP A 481 8.94 12.16 39.73
CA ASP A 481 7.90 12.58 40.66
C ASP A 481 7.36 13.98 40.42
N CYS A 482 8.01 14.79 39.58
CA CYS A 482 7.64 16.19 39.42
C CYS A 482 6.69 16.42 38.24
N TYR A 483 6.13 15.36 37.66
CA TYR A 483 5.30 15.46 36.48
C TYR A 483 3.86 15.04 36.81
N ASP A 484 2.98 15.20 35.83
CA ASP A 484 1.60 14.75 35.93
C ASP A 484 1.20 14.07 34.64
N GLY A 485 0.25 13.14 34.75
CA GLY A 485 -0.17 12.38 33.58
C GLY A 485 -1.54 11.79 33.77
N GLY A 486 -1.97 11.04 32.77
CA GLY A 486 -3.28 10.44 32.77
C GLY A 486 -3.74 10.19 31.35
N CYS A 487 -5.03 9.89 31.22
CA CYS A 487 -5.63 9.62 29.93
C CYS A 487 -6.30 10.87 29.37
N ILE A 488 -6.31 10.96 28.04
CA ILE A 488 -6.91 12.09 27.34
C ILE A 488 -7.87 11.55 26.29
N ASN A 489 -8.79 12.41 25.86
CA ASN A 489 -9.77 12.06 24.85
C ASN A 489 -9.14 12.10 23.47
N ALA A 490 -9.86 11.60 22.47
CA ALA A 490 -9.34 11.51 21.12
C ALA A 490 -9.20 12.87 20.44
N ASN A 491 -9.85 13.92 20.97
CA ASN A 491 -9.79 15.25 20.37
C ASN A 491 -8.68 16.11 20.96
N GLN A 492 -7.92 15.58 21.93
CA GLN A 492 -6.81 16.30 22.53
C GLN A 492 -5.45 15.76 22.09
N VAL A 493 -5.43 14.85 21.13
CA VAL A 493 -4.20 14.23 20.67
C VAL A 493 -3.56 15.11 19.61
N ILE A 494 -2.27 15.37 19.76
CA ILE A 494 -1.49 16.20 18.83
C ILE A 494 -0.61 15.30 18.00
N VAL A 495 -0.75 15.38 16.67
CA VAL A 495 0.06 14.61 15.74
C VAL A 495 0.69 15.57 14.76
N ASN A 496 1.99 15.41 14.52
CA ASN A 496 2.73 16.19 13.54
C ASN A 496 3.17 15.29 12.40
N ASN A 497 3.18 15.82 11.18
CA ASN A 497 3.58 15.08 10.00
C ASN A 497 2.72 13.83 9.79
N LEU A 498 1.43 14.03 9.53
CA LEU A 498 0.51 12.94 9.26
C LEU A 498 0.74 12.28 7.91
N ASP A 499 1.86 12.57 7.25
CA ASP A 499 2.17 12.04 5.93
C ASP A 499 3.26 10.98 6.00
N LYS A 500 3.24 10.18 7.06
CA LYS A 500 4.22 9.12 7.26
C LYS A 500 3.54 7.76 7.23
N SER A 501 4.37 6.71 7.17
CA SER A 501 3.87 5.36 6.93
C SER A 501 3.00 4.88 8.10
N ALA A 502 2.12 3.93 7.78
CA ALA A 502 1.19 3.40 8.76
C ALA A 502 1.39 2.02 9.29
N GLY A 503 2.20 1.18 8.70
CA GLY A 503 2.44 -0.08 9.31
C GLY A 503 2.47 -1.26 8.41
N PHE A 504 2.11 -2.45 8.89
CA PHE A 504 2.05 -3.52 7.97
C PHE A 504 0.91 -3.60 7.05
N PRO A 505 -0.22 -4.17 7.45
CA PRO A 505 -1.17 -4.31 6.36
C PRO A 505 -1.52 -3.03 5.75
N PHE A 506 -1.46 -1.93 6.45
CA PHE A 506 -1.97 -0.66 6.02
C PHE A 506 -1.26 0.19 5.07
N ASN A 507 -0.10 -0.18 4.63
CA ASN A 507 0.65 0.66 3.77
C ASN A 507 0.36 0.39 2.31
N LYS A 508 -0.64 -0.41 2.00
CA LYS A 508 -1.11 -0.69 0.65
C LYS A 508 -2.23 0.24 0.21
N TRP A 509 -2.75 1.08 1.11
CA TRP A 509 -3.89 1.91 0.78
C TRP A 509 -3.72 3.38 1.14
N GLY A 510 -2.70 3.76 1.89
CA GLY A 510 -2.49 5.17 2.19
C GLY A 510 -1.59 5.35 3.39
N LYS A 511 -1.41 6.62 3.74
CA LYS A 511 -0.58 7.02 4.86
C LYS A 511 -1.45 7.13 6.12
N ALA A 512 -0.89 7.68 7.19
CA ALA A 512 -1.62 7.88 8.43
C ALA A 512 -2.74 8.91 8.31
N ARG A 513 -2.66 9.82 7.33
CA ARG A 513 -3.72 10.79 7.13
C ARG A 513 -5.03 10.11 6.76
N LEU A 514 -4.97 9.08 5.92
CA LEU A 514 -6.18 8.38 5.51
C LEU A 514 -6.90 7.75 6.68
N TYR A 515 -6.15 7.16 7.62
CA TYR A 515 -6.76 6.50 8.76
C TYR A 515 -7.11 7.46 9.90
N TYR A 516 -6.45 8.62 9.98
CA TYR A 516 -6.87 9.63 10.95
C TYR A 516 -8.02 10.48 10.44
N ASP A 517 -8.31 10.44 9.14
CA ASP A 517 -9.47 11.15 8.61
C ASP A 517 -10.69 10.24 8.52
N SER A 518 -10.49 9.00 8.07
CA SER A 518 -11.60 8.06 7.93
C SER A 518 -12.20 7.65 9.28
N MET A 519 -11.45 7.79 10.37
CA MET A 519 -11.95 7.46 11.69
C MET A 519 -12.38 8.73 12.43
N SER A 520 -13.64 8.76 12.83
CA SER A 520 -14.16 9.89 13.59
C SER A 520 -13.76 9.73 15.05
N TYR A 521 -14.17 10.67 15.91
CA TYR A 521 -13.69 10.74 17.27
C TYR A 521 -14.22 9.62 18.16
N GLU A 522 -15.53 9.32 18.12
CA GLU A 522 -16.02 8.25 18.97
C GLU A 522 -15.59 6.87 18.48
N ASP A 523 -15.28 6.72 17.20
CA ASP A 523 -14.65 5.49 16.73
C ASP A 523 -13.30 5.29 17.38
N GLN A 524 -12.48 6.34 17.43
CA GLN A 524 -11.19 6.24 18.10
C GLN A 524 -11.35 5.97 19.59
N ASP A 525 -12.33 6.62 20.23
CA ASP A 525 -12.56 6.38 21.65
C ASP A 525 -12.99 4.94 21.91
N ALA A 526 -13.88 4.39 21.08
CA ALA A 526 -14.31 3.00 21.24
C ALA A 526 -13.15 2.05 21.00
N LEU A 527 -12.31 2.32 20.00
CA LEU A 527 -11.13 1.48 19.78
C LEU A 527 -10.18 1.52 20.96
N PHE A 528 -9.96 2.71 21.54
CA PHE A 528 -9.08 2.81 22.70
C PHE A 528 -9.65 2.10 23.91
N ALA A 529 -10.96 2.20 24.13
CA ALA A 529 -11.61 1.50 25.22
C ALA A 529 -11.71 0.00 24.97
N TYR A 530 -11.53 -0.45 23.73
CA TYR A 530 -11.56 -1.87 23.43
C TYR A 530 -10.32 -2.59 23.95
N THR A 531 -9.20 -1.87 24.06
CA THR A 531 -7.92 -2.48 24.43
C THR A 531 -7.70 -2.51 25.94
N LYS A 532 -8.70 -2.11 26.74
CA LYS A 532 -8.64 -2.28 28.18
C LYS A 532 -9.32 -3.56 28.63
N ARG A 533 -9.84 -4.36 27.70
CA ARG A 533 -10.42 -5.65 28.03
C ARG A 533 -9.98 -6.74 27.06
N ASN A 534 -9.17 -6.41 26.05
CA ASN A 534 -8.74 -7.39 25.06
C ASN A 534 -7.29 -7.13 24.70
N VAL A 535 -6.70 -8.09 24.00
CA VAL A 535 -5.32 -8.00 23.54
C VAL A 535 -5.31 -8.05 22.02
N ILE A 536 -4.62 -7.09 21.40
CA ILE A 536 -4.55 -7.02 19.94
C ILE A 536 -3.10 -7.16 19.50
N PRO A 537 -2.65 -8.33 19.06
CA PRO A 537 -1.29 -8.45 18.51
C PRO A 537 -1.21 -7.87 17.12
N THR A 538 -0.06 -7.25 16.83
CA THR A 538 0.15 -6.59 15.55
C THR A 538 1.42 -7.07 14.86
N ILE A 539 1.77 -6.44 13.75
CA ILE A 539 2.94 -6.80 12.96
C ILE A 539 3.83 -5.57 12.79
N THR A 540 5.14 -5.78 12.93
CA THR A 540 6.11 -4.72 12.81
C THR A 540 6.96 -4.94 11.57
N GLN A 541 7.18 -3.88 10.80
CA GLN A 541 7.97 -3.93 9.58
C GLN A 541 9.34 -3.31 9.82
N MET A 542 10.37 -3.93 9.23
CA MET A 542 11.74 -3.48 9.39
C MET A 542 12.21 -2.82 8.10
N ASN A 543 12.80 -1.63 8.24
CA ASN A 543 13.27 -0.84 7.10
C ASN A 543 14.74 -0.48 7.29
N LEU A 544 15.41 -0.27 6.17
CA LEU A 544 16.81 0.13 6.16
C LEU A 544 16.92 1.64 6.01
N LYS A 545 17.91 2.23 6.68
CA LYS A 545 18.10 3.67 6.66
C LYS A 545 19.05 4.08 5.52
N TYR A 546 18.87 5.32 5.06
CA TYR A 546 19.67 5.90 3.98
C TYR A 546 20.18 7.25 4.50
N ALA A 547 21.32 7.22 5.19
CA ALA A 547 21.85 8.41 5.84
C ALA A 547 23.37 8.32 5.92
N ILE A 548 23.98 9.46 6.21
CA ILE A 548 25.44 9.56 6.35
C ILE A 548 25.83 9.00 7.71
N SER A 549 27.05 8.49 7.80
CA SER A 549 27.56 7.88 9.02
C SER A 549 29.08 7.75 8.89
N ALA A 550 29.71 7.27 9.97
CA ALA A 550 31.15 7.10 10.01
C ALA A 550 31.59 5.64 10.01
N LYS A 551 30.66 4.70 10.20
CA LYS A 551 30.98 3.28 10.19
C LYS A 551 30.09 2.58 9.16
N ASN A 552 30.55 1.41 8.71
CA ASN A 552 30.02 0.76 7.50
C ASN A 552 29.10 -0.40 7.83
N ARG A 553 28.30 -0.28 8.88
CA ARG A 553 27.30 -1.29 9.20
C ARG A 553 25.90 -0.75 8.90
N ALA A 554 25.01 -1.67 8.51
CA ALA A 554 23.66 -1.30 8.16
C ALA A 554 22.86 -0.91 9.40
N ARG A 555 22.00 0.09 9.23
CA ARG A 555 21.13 0.56 10.30
C ARG A 555 19.68 0.31 9.93
N THR A 556 18.88 -0.12 10.91
CA THR A 556 17.51 -0.53 10.66
C THR A 556 16.60 0.04 11.74
N VAL A 557 15.44 0.53 11.33
CA VAL A 557 14.41 1.02 12.25
C VAL A 557 13.18 0.15 12.07
N ALA A 558 12.26 0.25 13.04
CA ALA A 558 11.06 -0.58 13.08
C ALA A 558 9.84 0.30 12.84
N GLY A 559 8.99 -0.12 11.91
CA GLY A 559 7.75 0.57 11.64
C GLY A 559 6.55 -0.10 12.28
N VAL A 560 6.04 0.50 13.35
CA VAL A 560 4.94 -0.10 14.09
C VAL A 560 3.62 0.19 13.39
N SER A 561 2.64 -0.69 13.62
CA SER A 561 1.33 -0.54 13.00
C SER A 561 0.59 0.66 13.58
N ILE A 562 -0.39 1.14 12.83
CA ILE A 562 -1.16 2.31 13.23
C ILE A 562 -2.08 2.02 14.43
N CYS A 563 -2.63 0.81 14.52
CA CYS A 563 -3.53 0.47 15.60
C CYS A 563 -2.85 0.49 16.96
N SER A 564 -1.53 0.34 17.02
CA SER A 564 -0.80 0.40 18.28
C SER A 564 -0.45 1.84 18.65
N THR A 565 0.06 2.60 17.68
CA THR A 565 0.44 3.99 17.94
C THR A 565 -0.79 4.83 18.30
N MET A 566 -1.92 4.60 17.62
CA MET A 566 -3.10 5.41 17.84
C MET A 566 -3.58 5.33 19.29
N THR A 567 -3.47 4.17 19.91
CA THR A 567 -3.87 4.01 21.31
C THR A 567 -2.75 4.34 22.29
N ASN A 568 -1.49 4.05 21.95
CA ASN A 568 -0.39 4.40 22.82
C ASN A 568 -0.28 5.91 22.99
N ARG A 569 -0.60 6.67 21.94
CA ARG A 569 -0.62 8.13 22.08
C ARG A 569 -1.65 8.56 23.12
N GLN A 570 -2.89 8.08 23.00
CA GLN A 570 -3.92 8.43 23.96
C GLN A 570 -3.54 7.99 25.37
N PHE A 571 -2.77 6.91 25.50
CA PHE A 571 -2.40 6.45 26.84
C PHE A 571 -1.28 7.29 27.45
N HIS A 572 -0.30 7.72 26.66
CA HIS A 572 0.95 8.25 27.23
C HIS A 572 1.24 9.71 26.91
N GLN A 573 0.49 10.35 26.02
CA GLN A 573 0.90 11.64 25.49
C GLN A 573 0.91 12.74 26.55
N LYS A 574 -0.03 12.71 27.50
CA LYS A 574 -0.05 13.76 28.52
C LYS A 574 1.24 13.75 29.35
N LEU A 575 1.64 12.57 29.81
CA LEU A 575 2.89 12.48 30.58
C LEU A 575 4.10 12.82 29.71
N LEU A 576 4.09 12.37 28.45
CA LEU A 576 5.24 12.65 27.59
C LEU A 576 5.39 14.16 27.35
N LYS A 577 4.27 14.86 27.16
CA LYS A 577 4.31 16.31 26.97
C LYS A 577 4.68 17.04 28.26
N SER A 578 4.23 16.53 29.41
CA SER A 578 4.59 17.14 30.67
C SER A 578 6.08 16.98 30.98
N ILE A 579 6.68 15.87 30.57
CA ILE A 579 8.11 15.67 30.79
C ILE A 579 8.94 16.63 29.92
N ALA A 580 8.56 16.83 28.67
CA ALA A 580 9.32 17.64 27.73
C ALA A 580 9.06 19.13 27.86
N ALA A 581 8.51 19.57 29.00
CA ALA A 581 8.26 20.99 29.22
C ALA A 581 8.85 21.50 30.52
N THR A 582 9.60 20.68 31.25
CA THR A 582 10.18 21.08 32.52
C THR A 582 11.67 21.37 32.35
N ARG A 583 12.12 22.43 33.01
CA ARG A 583 13.52 22.85 32.97
C ARG A 583 14.13 22.68 34.35
N GLY A 584 15.36 22.18 34.41
CA GLY A 584 16.06 21.98 35.64
C GLY A 584 15.92 20.61 36.28
N ALA A 585 15.41 19.63 35.55
CA ALA A 585 15.23 18.28 36.06
C ALA A 585 16.39 17.39 35.61
N THR A 586 16.34 16.12 35.99
CA THR A 586 17.38 15.16 35.60
C THR A 586 17.28 14.80 34.11
N VAL A 587 16.07 14.52 33.62
CA VAL A 587 15.87 14.25 32.21
C VAL A 587 15.81 15.58 31.46
N VAL A 588 16.64 15.71 30.43
CA VAL A 588 16.77 16.98 29.73
C VAL A 588 16.16 16.89 28.33
N ILE A 589 15.18 16.01 28.16
CA ILE A 589 14.47 15.94 26.89
C ILE A 589 13.56 17.16 26.77
N GLY A 590 13.74 17.92 25.69
CA GLY A 590 12.94 19.10 25.42
C GLY A 590 13.73 20.40 25.49
N THR A 591 14.80 20.41 26.28
CA THR A 591 15.64 21.60 26.38
C THR A 591 16.48 21.76 25.12
N SER A 592 16.57 22.99 24.62
CA SER A 592 17.35 23.30 23.43
C SER A 592 18.75 23.74 23.85
N LYS A 593 19.65 23.79 22.86
CA LYS A 593 21.02 24.22 23.10
C LYS A 593 21.30 25.65 22.65
N PHE A 594 20.34 26.31 21.99
CA PHE A 594 20.51 27.69 21.56
C PHE A 594 20.06 28.65 22.66
N TYR A 595 20.48 29.90 22.52
CA TYR A 595 20.08 30.98 23.42
C TYR A 595 20.46 30.69 24.86
N GLY A 596 21.63 30.08 25.05
CA GLY A 596 22.17 29.83 26.37
C GLY A 596 21.67 28.59 27.07
N GLY A 597 21.01 27.67 26.37
CA GLY A 597 20.52 26.45 26.97
C GLY A 597 21.61 25.52 27.44
N TRP A 598 22.67 25.39 26.63
CA TRP A 598 23.78 24.50 26.98
C TRP A 598 24.46 24.93 28.28
N HIS A 599 24.70 26.23 28.43
CA HIS A 599 25.31 26.75 29.65
C HIS A 599 24.41 26.48 30.86
N ASN A 600 23.10 26.67 30.70
CA ASN A 600 22.18 26.43 31.80
C ASN A 600 22.18 24.95 32.20
N MET A 601 22.17 24.04 31.22
CA MET A 601 22.22 22.62 31.54
C MET A 601 23.51 22.25 32.25
N LEU A 602 24.64 22.77 31.77
CA LEU A 602 25.92 22.46 32.41
C LEU A 602 25.99 23.01 33.83
N LYS A 603 25.48 24.22 34.06
CA LYS A 603 25.44 24.76 35.41
C LYS A 603 24.48 24.00 36.33
N THR A 604 23.37 23.50 35.79
CA THR A 604 22.46 22.70 36.60
C THR A 604 23.09 21.37 37.00
N VAL A 605 23.79 20.71 36.07
CA VAL A 605 24.34 19.40 36.38
C VAL A 605 25.49 19.51 37.39
N TYR A 606 26.20 20.64 37.42
CA TYR A 606 27.29 20.80 38.38
C TYR A 606 26.79 20.91 39.81
N SER A 607 25.56 21.39 40.00
CA SER A 607 24.96 21.57 41.32
C SER A 607 25.92 22.17 42.33
N ASP A 608 26.13 21.46 43.44
CA ASP A 608 27.07 21.90 44.47
C ASP A 608 27.87 20.70 44.98
N VAL A 609 28.33 19.85 44.06
CA VAL A 609 29.15 18.70 44.42
C VAL A 609 30.46 19.21 45.01
N GLU A 610 31.03 18.44 45.95
CA GLU A 610 32.13 18.92 46.78
C GLU A 610 33.49 18.74 46.15
N ASN A 611 33.77 17.57 45.56
CA ASN A 611 35.03 17.29 44.87
C ASN A 611 34.70 16.81 43.47
N PRO A 612 34.29 17.71 42.58
CA PRO A 612 33.66 17.29 41.33
C PRO A 612 34.63 16.69 40.33
N HIS A 613 34.24 15.55 39.77
CA HIS A 613 34.79 15.00 38.54
C HIS A 613 33.65 14.73 37.58
N LEU A 614 33.97 14.44 36.33
CA LEU A 614 32.97 14.12 35.32
C LEU A 614 33.25 12.76 34.72
N MET A 615 32.18 12.08 34.32
CA MET A 615 32.28 10.70 33.86
C MET A 615 31.16 10.41 32.86
N GLY A 616 31.47 9.59 31.87
CA GLY A 616 30.48 9.13 30.92
C GLY A 616 30.79 7.71 30.51
N TRP A 617 29.74 6.97 30.14
CA TRP A 617 29.87 5.56 29.82
C TRP A 617 29.12 5.27 28.53
N ASP A 618 29.02 4.00 28.17
CA ASP A 618 28.43 3.60 26.89
C ASP A 618 27.78 2.24 27.04
N TYR A 619 26.68 2.04 26.32
CA TYR A 619 25.96 0.77 26.33
C TYR A 619 26.21 0.01 25.04
N PRO A 620 26.92 -1.12 25.05
CA PRO A 620 27.09 -1.90 23.82
C PRO A 620 25.83 -2.65 23.47
N LYS A 621 25.36 -2.46 22.24
CA LYS A 621 24.14 -3.09 21.73
C LYS A 621 22.97 -2.82 22.68
N CYS A 622 22.63 -1.53 22.81
CA CYS A 622 21.69 -1.10 23.83
C CYS A 622 20.30 -1.69 23.63
N ASP A 623 19.79 -1.69 22.40
CA ASP A 623 18.42 -2.11 22.15
C ASP A 623 18.29 -3.58 21.78
N ARG A 624 19.35 -4.22 21.30
CA ARG A 624 19.28 -5.64 20.98
C ARG A 624 19.47 -6.53 22.20
N ALA A 625 19.97 -5.98 23.31
CA ALA A 625 20.37 -6.79 24.45
C ALA A 625 19.69 -6.43 25.76
N MET A 626 18.78 -5.45 25.76
CA MET A 626 18.09 -5.09 27.00
C MET A 626 17.13 -6.21 27.41
N PRO A 627 17.25 -6.74 28.63
CA PRO A 627 16.36 -7.82 29.07
C PRO A 627 14.91 -7.36 29.18
N ASN A 628 14.01 -8.33 29.10
CA ASN A 628 12.57 -8.06 29.14
C ASN A 628 12.10 -7.49 30.47
N MET A 629 12.68 -7.94 31.57
CA MET A 629 12.22 -7.52 32.89
C MET A 629 12.37 -6.01 33.08
N LEU A 630 13.48 -5.43 32.61
CA LEU A 630 13.67 -3.99 32.71
C LEU A 630 12.71 -3.22 31.83
N ARG A 631 12.35 -3.74 30.66
CA ARG A 631 11.33 -3.11 29.84
C ARG A 631 9.97 -3.13 30.52
N ILE A 632 9.63 -4.27 31.15
CA ILE A 632 8.39 -4.34 31.93
C ILE A 632 8.42 -3.32 33.06
N MET A 633 9.56 -3.20 33.74
CA MET A 633 9.68 -2.23 34.82
C MET A 633 9.51 -0.80 34.32
N ALA A 634 10.10 -0.48 33.17
CA ALA A 634 9.94 0.86 32.61
C ALA A 634 8.49 1.16 32.26
N SER A 635 7.79 0.18 31.65
CA SER A 635 6.38 0.37 31.35
C SER A 635 5.56 0.57 32.63
N LEU A 636 5.83 -0.22 33.66
CA LEU A 636 5.11 -0.08 34.92
C LEU A 636 5.38 1.27 35.58
N VAL A 637 6.62 1.76 35.52
CA VAL A 637 6.95 3.06 36.09
C VAL A 637 6.23 4.17 35.34
N LEU A 638 6.20 4.09 34.00
CA LEU A 638 5.49 5.11 33.22
C LEU A 638 3.99 5.08 33.50
N ALA A 639 3.43 3.89 33.70
CA ALA A 639 1.99 3.73 33.87
C ALA A 639 1.53 3.97 35.31
N ARG A 640 2.35 4.58 36.16
CA ARG A 640 1.98 4.82 37.54
C ARG A 640 1.19 6.11 37.73
N LYS A 641 1.00 6.90 36.68
CA LYS A 641 0.24 8.14 36.77
C LYS A 641 -1.26 7.94 36.58
N HIS A 642 -1.71 6.70 36.37
CA HIS A 642 -3.11 6.40 36.07
C HIS A 642 -3.88 5.89 37.29
N THR A 643 -3.58 6.42 38.47
CA THR A 643 -4.19 5.95 39.71
C THR A 643 -5.65 6.36 39.87
N THR A 644 -6.15 7.24 39.01
CA THR A 644 -7.53 7.71 39.15
C THR A 644 -8.35 7.45 37.88
N CYS A 645 -7.69 7.47 36.72
CA CYS A 645 -8.41 7.32 35.47
C CYS A 645 -8.62 5.87 35.06
N CYS A 646 -7.89 4.94 35.67
CA CYS A 646 -7.92 3.55 35.26
C CYS A 646 -8.08 2.63 36.47
N SER A 647 -8.70 1.48 36.23
CA SER A 647 -8.84 0.46 37.26
C SER A 647 -7.59 -0.41 37.33
N LEU A 648 -7.65 -1.50 38.09
CA LEU A 648 -6.54 -2.43 38.20
C LEU A 648 -6.47 -3.43 37.05
N SER A 649 -7.60 -3.84 36.51
CA SER A 649 -7.61 -4.72 35.34
C SER A 649 -7.27 -3.97 34.06
N HIS A 650 -7.72 -2.72 33.95
CA HIS A 650 -7.42 -1.93 32.76
C HIS A 650 -5.93 -1.72 32.58
N ARG A 651 -5.22 -1.43 33.67
CA ARG A 651 -3.77 -1.26 33.60
C ARG A 651 -3.06 -2.54 33.21
N PHE A 652 -3.49 -3.68 33.74
CA PHE A 652 -2.88 -4.95 33.36
C PHE A 652 -3.10 -5.24 31.88
N TYR A 653 -4.31 -4.99 31.38
CA TYR A 653 -4.57 -5.24 29.97
C TYR A 653 -3.82 -4.28 29.07
N ARG A 654 -3.63 -3.03 29.48
CA ARG A 654 -2.78 -2.12 28.72
C ARG A 654 -1.33 -2.61 28.69
N LEU A 655 -0.83 -3.09 29.83
CA LEU A 655 0.52 -3.64 29.87
C LEU A 655 0.65 -4.85 28.95
N ALA A 656 -0.36 -5.73 28.97
CA ALA A 656 -0.35 -6.90 28.09
C ALA A 656 -0.36 -6.51 26.63
N ASN A 657 -1.16 -5.49 26.27
CA ASN A 657 -1.18 -5.02 24.90
C ASN A 657 0.18 -4.47 24.48
N GLU A 658 0.81 -3.69 25.36
CA GLU A 658 2.14 -3.15 25.05
C GLU A 658 3.16 -4.27 24.86
N CYS A 659 3.13 -5.27 25.74
CA CYS A 659 4.05 -6.39 25.62
C CYS A 659 3.82 -7.17 24.32
N ALA A 660 2.55 -7.38 23.96
CA ALA A 660 2.24 -8.14 22.76
C ALA A 660 2.51 -7.36 21.49
N GLN A 661 2.58 -6.03 21.55
CA GLN A 661 2.82 -5.25 20.33
C GLN A 661 4.26 -4.79 20.14
N VAL A 662 4.99 -4.44 21.20
CA VAL A 662 6.30 -3.83 20.99
C VAL A 662 7.41 -4.51 21.78
N LEU A 663 7.16 -5.71 22.29
CA LEU A 663 8.21 -6.40 23.04
C LEU A 663 8.51 -7.77 22.45
N SER A 664 7.48 -8.51 22.06
CA SER A 664 7.66 -9.82 21.45
C SER A 664 6.50 -10.11 20.50
N GLU A 665 6.70 -9.87 19.21
CA GLU A 665 5.64 -9.99 18.22
C GLU A 665 6.25 -10.41 16.89
N MET A 666 5.39 -10.65 15.91
CA MET A 666 5.85 -11.01 14.58
C MET A 666 6.41 -9.80 13.87
N VAL A 667 7.61 -9.95 13.29
CA VAL A 667 8.22 -8.91 12.47
C VAL A 667 8.24 -9.40 11.03
N MET A 668 8.16 -8.45 10.11
CA MET A 668 8.08 -8.75 8.67
C MET A 668 9.35 -8.24 8.01
N CYS A 669 10.34 -9.12 7.90
CA CYS A 669 11.60 -8.81 7.23
C CYS A 669 11.64 -9.47 5.87
N GLY A 670 11.97 -8.69 4.84
CA GLY A 670 11.91 -9.19 3.48
C GLY A 670 10.48 -9.42 3.05
N GLY A 671 10.08 -10.69 2.95
CA GLY A 671 8.69 -11.03 2.68
C GLY A 671 8.21 -12.17 3.55
N SER A 672 8.76 -12.27 4.76
CA SER A 672 8.49 -13.40 5.63
C SER A 672 8.22 -12.91 7.04
N LEU A 673 7.57 -13.76 7.84
CA LEU A 673 7.25 -13.46 9.22
C LEU A 673 8.21 -14.21 10.15
N TYR A 674 8.78 -13.50 11.11
CA TYR A 674 9.68 -14.06 12.10
C TYR A 674 9.16 -13.74 13.50
N VAL A 675 9.80 -14.32 14.50
CA VAL A 675 9.43 -14.13 15.91
C VAL A 675 10.54 -13.36 16.60
N LYS A 676 10.19 -12.23 17.20
CA LYS A 676 11.16 -11.42 17.93
C LYS A 676 11.35 -11.97 19.33
N PRO A 677 12.59 -12.32 19.71
CA PRO A 677 12.81 -12.88 21.05
C PRO A 677 12.53 -11.88 22.17
N GLY A 678 13.08 -10.68 22.06
CA GLY A 678 12.88 -9.67 23.08
C GLY A 678 13.56 -8.36 22.74
N GLY A 679 13.82 -7.53 23.75
CA GLY A 679 14.42 -6.23 23.53
C GLY A 679 13.41 -5.18 23.15
N THR A 680 13.93 -4.00 22.84
CA THR A 680 13.10 -2.87 22.44
C THR A 680 13.05 -2.75 20.92
N SER A 681 11.89 -2.31 20.43
CA SER A 681 11.67 -2.05 19.01
C SER A 681 11.69 -0.54 18.82
N SER A 682 12.86 0.00 18.48
CA SER A 682 13.05 1.45 18.41
C SER A 682 12.15 2.02 17.33
N GLY A 683 11.13 2.78 17.74
CA GLY A 683 10.13 3.26 16.81
C GLY A 683 8.71 3.22 17.33
N ASP A 684 8.53 2.89 18.60
CA ASP A 684 7.20 2.94 19.21
C ASP A 684 6.95 4.38 19.67
N ALA A 685 5.90 4.60 20.46
CA ALA A 685 5.50 5.93 20.89
C ALA A 685 6.20 6.37 22.17
N THR A 686 6.98 5.48 22.79
CA THR A 686 7.59 5.78 24.08
C THR A 686 9.04 5.30 24.17
N THR A 687 9.84 5.56 23.14
CA THR A 687 11.19 5.00 23.09
C THR A 687 12.16 5.72 24.02
N ALA A 688 12.35 7.02 23.80
CA ALA A 688 13.39 7.76 24.51
C ALA A 688 13.14 7.82 26.02
N TYR A 689 11.88 7.99 26.42
CA TYR A 689 11.56 8.07 27.83
C TYR A 689 11.81 6.74 28.54
N ALA A 690 11.45 5.62 27.90
CA ALA A 690 11.75 4.31 28.45
C ALA A 690 13.26 4.09 28.53
N ASN A 691 14.01 4.54 27.53
CA ASN A 691 15.46 4.45 27.59
C ASN A 691 16.02 5.24 28.76
N SER A 692 15.48 6.43 29.02
CA SER A 692 15.92 7.21 30.17
C SER A 692 15.61 6.52 31.50
N VAL A 693 14.43 5.91 31.61
CA VAL A 693 14.10 5.16 32.82
C VAL A 693 15.09 4.00 33.01
N PHE A 694 15.41 3.29 31.92
CA PHE A 694 16.35 2.18 32.02
C PHE A 694 17.74 2.66 32.44
N ASN A 695 18.19 3.79 31.90
CA ASN A 695 19.49 4.34 32.27
C ASN A 695 19.53 4.71 33.75
N ILE A 696 18.47 5.37 34.24
CA ILE A 696 18.42 5.72 35.65
C ILE A 696 18.42 4.48 36.53
N CYS A 697 17.68 3.44 36.12
CA CYS A 697 17.65 2.20 36.88
C CYS A 697 19.04 1.58 36.98
N GLN A 698 19.77 1.53 35.86
CA GLN A 698 21.12 0.98 35.89
C GLN A 698 22.05 1.79 36.77
N ALA A 699 21.97 3.12 36.71
CA ALA A 699 22.82 3.94 37.58
C ALA A 699 22.51 3.68 39.05
N VAL A 700 21.22 3.57 39.40
CA VAL A 700 20.85 3.36 40.79
C VAL A 700 21.35 2.00 41.28
N THR A 701 21.20 0.94 40.48
CA THR A 701 21.68 -0.36 40.97
C THR A 701 23.19 -0.40 41.03
N ALA A 702 23.88 0.31 40.14
CA ALA A 702 25.33 0.41 40.26
C ALA A 702 25.75 1.09 41.57
N ASN A 703 25.06 2.17 41.94
CA ASN A 703 25.36 2.82 43.22
C ASN A 703 25.08 1.88 44.40
N VAL A 704 23.97 1.15 44.34
CA VAL A 704 23.63 0.22 45.43
C VAL A 704 24.70 -0.85 45.57
N ASN A 705 25.12 -1.44 44.45
CA ASN A 705 26.16 -2.47 44.49
C ASN A 705 27.49 -1.91 44.99
N ALA A 706 27.82 -0.68 44.58
CA ALA A 706 29.05 -0.06 45.07
C ALA A 706 29.02 0.14 46.58
N LEU A 707 27.89 0.59 47.13
CA LEU A 707 27.83 0.84 48.55
C LEU A 707 27.72 -0.42 49.40
N LEU A 708 27.01 -1.45 48.93
CA LEU A 708 26.77 -2.63 49.75
C LEU A 708 27.94 -3.62 49.75
N SER A 709 28.97 -3.39 48.94
CA SER A 709 30.09 -4.32 48.82
C SER A 709 31.38 -3.71 49.34
N THR A 710 31.29 -3.00 50.46
CA THR A 710 32.43 -2.33 51.07
C THR A 710 32.56 -2.78 52.51
N ASP A 711 33.81 -3.01 52.96
CA ASP A 711 34.08 -3.40 54.33
C ASP A 711 33.61 -2.30 55.28
N GLY A 712 32.58 -2.57 56.07
CA GLY A 712 31.98 -1.56 56.91
C GLY A 712 32.79 -1.22 58.15
N ASN A 713 33.84 -2.00 58.41
CA ASN A 713 34.71 -1.75 59.55
C ASN A 713 35.74 -0.67 59.30
N LYS A 714 35.87 -0.20 58.06
CA LYS A 714 36.84 0.83 57.71
C LYS A 714 36.19 2.14 57.30
N ILE A 715 34.87 2.25 57.37
CA ILE A 715 34.21 3.51 57.05
C ILE A 715 34.34 4.45 58.24
N ALA A 716 35.07 5.55 58.04
CA ALA A 716 35.34 6.49 59.12
C ALA A 716 34.07 7.23 59.57
N ASP A 717 33.27 7.69 58.62
CA ASP A 717 32.04 8.39 58.96
C ASP A 717 30.98 7.41 59.44
N LYS A 718 30.31 7.76 60.54
CA LYS A 718 29.27 6.92 61.12
C LYS A 718 27.92 7.06 60.45
N TYR A 719 27.64 8.23 59.85
CA TYR A 719 26.40 8.41 59.11
C TYR A 719 26.32 7.46 57.93
N VAL A 720 27.42 7.34 57.17
CA VAL A 720 27.44 6.42 56.04
C VAL A 720 27.34 4.98 56.50
N ARG A 721 27.96 4.64 57.64
CA ARG A 721 27.85 3.29 58.17
C ARG A 721 26.40 2.95 58.53
N ASN A 722 25.71 3.88 59.21
CA ASN A 722 24.30 3.66 59.51
C ASN A 722 23.47 3.57 58.24
N LEU A 723 23.81 4.37 57.24
CA LEU A 723 23.10 4.32 55.96
C LEU A 723 23.25 2.95 55.31
N GLN A 724 24.46 2.40 55.33
CA GLN A 724 24.68 1.06 54.77
C GLN A 724 23.93 -0.02 55.55
N HIS A 725 23.94 0.08 56.88
CA HIS A 725 23.19 -0.87 57.69
C HIS A 725 21.70 -0.84 57.36
N ARG A 726 21.13 0.37 57.30
CA ARG A 726 19.73 0.52 56.96
C ARG A 726 19.43 0.07 55.53
N LEU A 727 20.36 0.28 54.60
CA LEU A 727 20.17 -0.18 53.23
C LEU A 727 20.07 -1.71 53.18
N TYR A 728 20.96 -2.40 53.89
CA TYR A 728 20.87 -3.86 53.93
C TYR A 728 19.55 -4.30 54.57
N GLU A 729 19.16 -3.65 55.67
CA GLU A 729 17.90 -4.02 56.31
C GLU A 729 16.70 -3.81 55.40
N CYS A 730 16.66 -2.69 54.67
CA CYS A 730 15.56 -2.42 53.77
C CYS A 730 15.56 -3.30 52.54
N LEU A 731 16.72 -3.81 52.14
CA LEU A 731 16.77 -4.71 50.99
C LEU A 731 16.35 -6.13 51.35
N TYR A 732 17.01 -6.73 52.34
CA TYR A 732 16.87 -8.16 52.57
C TYR A 732 16.13 -8.54 53.85
N ARG A 733 15.67 -7.56 54.64
CA ARG A 733 14.98 -7.88 55.88
C ARG A 733 13.66 -7.14 56.03
N ASN A 734 13.21 -6.42 55.00
CA ASN A 734 11.95 -5.69 55.05
C ASN A 734 11.11 -6.07 53.85
N ARG A 735 9.83 -6.36 54.09
CA ARG A 735 8.95 -6.84 53.04
C ARG A 735 8.18 -5.73 52.34
N ASP A 736 7.89 -4.64 53.03
CA ASP A 736 7.12 -3.54 52.47
C ASP A 736 8.01 -2.30 52.32
N VAL A 737 7.46 -1.29 51.64
CA VAL A 737 8.19 -0.06 51.35
C VAL A 737 8.41 0.74 52.64
N ASP A 738 9.55 1.42 52.72
CA ASP A 738 9.86 2.30 53.85
C ASP A 738 10.21 3.66 53.23
N THR A 739 9.23 4.56 53.22
CA THR A 739 9.36 5.83 52.50
C THR A 739 10.44 6.74 53.06
N ASP A 740 10.64 6.74 54.38
CA ASP A 740 11.63 7.64 54.97
C ASP A 740 13.04 7.31 54.48
N PHE A 741 13.41 6.03 54.45
CA PHE A 741 14.72 5.66 53.95
C PHE A 741 14.83 5.86 52.44
N VAL A 742 13.75 5.70 51.70
CA VAL A 742 13.78 6.00 50.27
C VAL A 742 14.09 7.47 50.04
N ASN A 743 13.44 8.36 50.81
CA ASN A 743 13.74 9.78 50.72
C ASN A 743 15.18 10.09 51.11
N GLU A 744 15.66 9.44 52.19
CA GLU A 744 17.03 9.67 52.63
C GLU A 744 18.04 9.25 51.56
N PHE A 745 17.85 8.06 50.99
CA PHE A 745 18.76 7.59 49.94
C PHE A 745 18.69 8.47 48.70
N TYR A 746 17.49 8.92 48.34
CA TYR A 746 17.35 9.81 47.19
C TYR A 746 18.08 11.13 47.42
N ALA A 747 17.97 11.71 48.62
CA ALA A 747 18.70 12.93 48.92
C ALA A 747 20.21 12.70 48.89
N TYR A 748 20.67 11.58 49.46
CA TYR A 748 22.09 11.26 49.44
C TYR A 748 22.61 11.14 48.01
N LEU A 749 21.86 10.43 47.16
CA LEU A 749 22.26 10.27 45.77
C LEU A 749 22.28 11.60 45.04
N ARG A 750 21.27 12.44 45.24
CA ARG A 750 21.25 13.72 44.54
C ARG A 750 22.32 14.68 45.05
N LYS A 751 22.76 14.53 46.29
CA LYS A 751 23.84 15.38 46.79
C LYS A 751 25.22 14.90 46.33
N HIS A 752 25.47 13.59 46.31
CA HIS A 752 26.80 13.09 45.99
C HIS A 752 26.91 12.48 44.60
N PHE A 753 25.82 12.39 43.85
CA PHE A 753 25.87 11.78 42.53
C PHE A 753 24.86 12.44 41.60
N SER A 754 25.29 13.44 40.84
CA SER A 754 24.41 14.25 40.01
C SER A 754 24.41 13.72 38.57
N MET A 755 23.23 13.68 37.96
CA MET A 755 23.07 13.07 36.64
C MET A 755 22.36 14.04 35.70
N MET A 756 22.57 13.81 34.41
CA MET A 756 21.81 14.47 33.36
C MET A 756 21.63 13.45 32.24
N ILE A 757 20.37 13.10 31.96
CA ILE A 757 20.04 11.93 31.15
C ILE A 757 19.25 12.36 29.93
N LEU A 758 19.66 11.87 28.75
CA LEU A 758 18.89 12.03 27.52
C LEU A 758 18.94 10.71 26.76
N SER A 759 17.98 9.83 27.04
CA SER A 759 17.76 8.61 26.27
C SER A 759 19.03 7.80 26.03
N ASP A 760 19.62 7.27 27.10
CA ASP A 760 20.79 6.39 27.11
C ASP A 760 22.09 7.15 26.91
N ASP A 761 22.03 8.48 26.91
CA ASP A 761 23.22 9.32 27.00
C ASP A 761 23.21 10.07 28.32
N ALA A 762 24.36 10.09 28.99
CA ALA A 762 24.38 10.60 30.36
C ALA A 762 25.73 11.27 30.65
N VAL A 763 25.66 12.28 31.51
CA VAL A 763 26.84 12.93 32.08
C VAL A 763 26.64 13.00 33.59
N VAL A 764 27.68 12.62 34.33
CA VAL A 764 27.60 12.53 35.79
C VAL A 764 28.70 13.37 36.41
N CYS A 765 28.32 14.20 37.38
CA CYS A 765 29.25 14.94 38.22
C CYS A 765 29.17 14.34 39.62
N PHE A 766 30.25 13.70 40.07
CA PHE A 766 30.25 12.93 41.29
C PHE A 766 31.36 13.37 42.23
N ASN A 767 31.13 13.16 43.52
CA ASN A 767 32.16 13.38 44.52
C ASN A 767 33.29 12.38 44.31
N SER A 768 34.53 12.88 44.26
CA SER A 768 35.68 12.06 43.89
C SER A 768 36.27 11.29 45.05
N THR A 769 36.37 11.89 46.24
CA THR A 769 36.93 11.16 47.38
C THR A 769 36.00 10.04 47.85
N TYR A 770 34.68 10.26 47.77
CA TYR A 770 33.73 9.20 48.09
C TYR A 770 33.87 8.03 47.14
N ALA A 771 34.03 8.33 45.84
CA ALA A 771 34.25 7.28 44.86
C ALA A 771 35.56 6.54 45.08
N SER A 772 36.61 7.26 45.48
CA SER A 772 37.87 6.60 45.78
C SER A 772 37.75 5.69 47.00
N GLN A 773 36.99 6.13 48.01
CA GLN A 773 36.79 5.31 49.20
C GLN A 773 35.74 4.22 49.00
N GLY A 774 35.00 4.25 47.90
CA GLY A 774 34.04 3.21 47.58
C GLY A 774 32.62 3.46 48.02
N LEU A 775 32.27 4.69 48.43
CA LEU A 775 30.93 5.01 48.88
C LEU A 775 30.05 5.53 47.74
N VAL A 776 30.56 5.52 46.51
CA VAL A 776 29.84 6.01 45.35
C VAL A 776 30.31 5.23 44.13
N ALA A 777 29.41 4.99 43.18
CA ALA A 777 29.69 4.12 42.05
C ALA A 777 30.82 4.65 41.18
N SER A 778 31.54 3.73 40.55
CA SER A 778 32.62 4.06 39.62
C SER A 778 32.40 3.33 38.30
N ILE A 779 33.39 3.39 37.40
CA ILE A 779 33.29 2.75 36.09
C ILE A 779 33.31 1.23 36.26
N LYS A 780 34.09 0.75 37.22
CA LYS A 780 34.16 -0.69 37.46
C LYS A 780 32.82 -1.24 37.91
N ASN A 781 32.10 -0.49 38.74
CA ASN A 781 30.77 -0.92 39.17
C ASN A 781 29.81 -1.00 37.99
N PHE A 782 29.87 -0.03 37.09
CA PHE A 782 29.04 -0.09 35.88
C PHE A 782 29.41 -1.30 35.03
N LYS A 783 30.70 -1.59 34.90
CA LYS A 783 31.12 -2.76 34.14
C LYS A 783 30.56 -4.04 34.75
N SER A 784 30.67 -4.19 36.07
CA SER A 784 30.17 -5.40 36.72
C SER A 784 28.66 -5.53 36.59
N VAL A 785 27.94 -4.42 36.79
CA VAL A 785 26.48 -4.46 36.69
C VAL A 785 26.06 -4.82 35.27
N LEU A 786 26.69 -4.22 34.27
CA LEU A 786 26.37 -4.56 32.89
C LEU A 786 26.68 -6.03 32.60
N TYR A 787 27.80 -6.54 33.10
CA TYR A 787 28.16 -7.93 32.84
C TYR A 787 27.12 -8.89 33.43
N TYR A 788 26.69 -8.64 34.66
CA TYR A 788 25.82 -9.64 35.30
C TYR A 788 24.34 -9.35 35.12
N GLN A 789 23.95 -8.21 34.54
CA GLN A 789 22.54 -7.89 34.37
C GLN A 789 22.15 -7.55 32.94
N ASN A 790 23.11 -7.44 32.02
CA ASN A 790 22.80 -7.05 30.64
C ASN A 790 23.41 -7.99 29.61
N ASN A 791 24.23 -8.96 30.03
CA ASN A 791 24.80 -9.97 29.14
C ASN A 791 25.69 -9.35 28.06
N VAL A 792 26.40 -8.27 28.42
CA VAL A 792 27.34 -7.61 27.52
C VAL A 792 28.60 -7.28 28.31
N PHE A 793 29.69 -7.06 27.59
CA PHE A 793 30.94 -6.62 28.17
C PHE A 793 31.21 -5.18 27.74
N MET A 794 31.43 -4.31 28.71
CA MET A 794 31.61 -2.87 28.49
C MET A 794 33.09 -2.55 28.59
N SER A 795 33.75 -2.39 27.44
CA SER A 795 35.15 -2.02 27.43
C SER A 795 35.31 -0.58 27.91
N GLU A 796 36.36 -0.33 28.69
CA GLU A 796 36.56 0.98 29.27
C GLU A 796 37.30 1.91 28.30
N ALA A 797 37.39 1.50 27.03
CA ALA A 797 37.97 2.33 25.99
C ALA A 797 36.94 3.23 25.32
N LYS A 798 35.66 3.09 25.70
CA LYS A 798 34.61 3.95 25.19
C LYS A 798 34.03 4.84 26.28
N CYS A 799 34.74 4.98 27.41
CA CYS A 799 34.33 5.82 28.52
C CYS A 799 35.43 6.82 28.83
N TRP A 800 35.04 7.99 29.30
CA TRP A 800 35.97 9.07 29.58
C TRP A 800 35.83 9.54 31.02
N THR A 801 36.80 10.33 31.46
CA THR A 801 36.78 10.95 32.78
C THR A 801 37.51 12.27 32.70
N GLU A 802 36.90 13.30 33.28
CA GLU A 802 37.45 14.65 33.21
C GLU A 802 37.59 15.19 34.62
N THR A 803 38.80 15.59 34.99
CA THR A 803 39.10 16.09 36.32
C THR A 803 39.19 17.60 36.39
N ASP A 804 38.95 18.30 35.28
CA ASP A 804 38.97 19.76 35.24
C ASP A 804 37.61 20.24 34.74
N LEU A 805 36.92 21.01 35.57
CA LEU A 805 35.56 21.43 35.25
C LEU A 805 35.51 22.64 34.32
N THR A 806 36.61 23.36 34.15
CA THR A 806 36.64 24.47 33.20
C THR A 806 36.47 24.01 31.76
N LYS A 807 36.76 22.75 31.48
CA LYS A 807 36.41 22.10 30.23
C LYS A 807 35.29 21.12 30.52
N GLY A 808 34.17 21.25 29.82
CA GLY A 808 32.99 20.48 30.12
C GLY A 808 33.14 19.01 29.79
N PRO A 809 32.02 18.33 29.63
CA PRO A 809 32.06 16.90 29.27
C PRO A 809 32.78 16.69 27.96
N HIS A 810 33.54 15.59 27.88
CA HIS A 810 34.29 15.28 26.67
C HIS A 810 33.37 15.03 25.48
N GLU A 811 32.18 14.48 25.71
CA GLU A 811 31.22 14.27 24.65
C GLU A 811 29.81 14.09 25.20
N PHE A 812 28.86 14.89 24.73
CA PHE A 812 27.46 14.74 25.06
C PHE A 812 26.64 15.05 23.82
N CYS A 813 25.85 14.07 23.37
CA CYS A 813 25.03 14.20 22.17
C CYS A 813 25.86 14.60 20.96
N SER A 814 27.05 14.02 20.85
CA SER A 814 28.00 14.19 19.75
C SER A 814 28.56 15.61 19.65
N GLN A 815 28.59 16.36 20.75
CA GLN A 815 29.11 17.72 20.77
C GLN A 815 30.18 17.86 21.84
N HIS A 816 31.23 18.61 21.52
CA HIS A 816 32.26 18.97 22.48
C HIS A 816 31.91 20.32 23.11
N THR A 817 32.62 20.66 24.18
CA THR A 817 32.32 21.87 24.94
C THR A 817 33.57 22.72 25.09
N MET A 818 33.41 24.03 24.90
CA MET A 818 34.49 24.99 25.08
C MET A 818 33.98 26.18 25.88
N LEU A 819 34.86 26.77 26.67
CA LEU A 819 34.51 27.90 27.53
C LEU A 819 35.09 29.17 26.90
N VAL A 820 34.23 29.96 26.27
CA VAL A 820 34.63 31.17 25.58
C VAL A 820 34.14 32.39 26.36
N LYS A 821 34.70 33.54 26.03
CA LYS A 821 34.30 34.82 26.62
C LYS A 821 33.44 35.57 25.61
N GLN A 822 32.17 35.79 25.96
CA GLN A 822 31.27 36.59 25.14
C GLN A 822 30.67 37.67 26.03
N GLY A 823 30.55 38.88 25.48
CA GLY A 823 30.11 40.01 26.27
C GLY A 823 31.12 40.37 27.34
N ASP A 824 30.79 40.06 28.59
CA ASP A 824 31.68 40.31 29.71
C ASP A 824 32.00 39.04 30.48
N ASP A 825 31.14 38.03 30.43
CA ASP A 825 31.27 36.82 31.22
C ASP A 825 31.71 35.66 30.32
N TYR A 826 31.87 34.49 30.93
CA TYR A 826 32.32 33.29 30.24
C TYR A 826 31.18 32.28 30.20
N VAL A 827 30.95 31.69 29.03
CA VAL A 827 29.85 30.75 28.84
C VAL A 827 30.38 29.50 28.13
N TYR A 828 29.58 28.44 28.19
CA TYR A 828 29.87 27.18 27.53
C TYR A 828 29.12 27.10 26.21
N LEU A 829 29.81 26.72 25.16
CA LEU A 829 29.23 26.57 23.83
C LEU A 829 29.56 25.21 23.27
N PRO A 830 28.62 24.60 22.53
CA PRO A 830 28.91 23.32 21.88
C PRO A 830 29.39 23.50 20.44
N TYR A 831 30.29 22.66 19.98
CA TYR A 831 30.72 22.67 18.59
C TYR A 831 30.79 21.24 18.08
N PRO A 832 30.47 21.01 16.81
CA PRO A 832 30.50 19.65 16.27
C PRO A 832 31.86 19.26 15.69
N ASP A 833 31.94 18.05 15.14
CA ASP A 833 33.13 17.61 14.44
C ASP A 833 33.16 18.26 13.06
N PRO A 834 34.26 18.93 12.67
CA PRO A 834 34.30 19.59 11.36
C PRO A 834 34.09 18.62 10.19
N SER A 835 34.58 17.38 10.33
CA SER A 835 34.42 16.39 9.29
C SER A 835 32.95 16.11 9.01
N ARG A 836 32.11 16.08 10.05
CA ARG A 836 30.69 15.86 9.86
C ARG A 836 30.06 16.98 9.04
N ILE A 837 30.40 18.24 9.33
CA ILE A 837 29.85 19.37 8.60
C ILE A 837 30.30 19.33 7.14
N LEU A 838 31.59 19.08 6.92
CA LEU A 838 32.08 19.02 5.54
C LEU A 838 31.46 17.86 4.77
N GLY A 839 31.31 16.70 5.41
CA GLY A 839 30.68 15.58 4.75
C GLY A 839 29.24 15.85 4.40
N ALA A 840 28.50 16.51 5.30
CA ALA A 840 27.16 16.95 4.95
C ALA A 840 27.15 17.93 3.80
N GLY A 841 28.18 18.77 3.70
CA GLY A 841 28.27 19.67 2.56
C GLY A 841 28.51 18.96 1.24
N CYS A 842 29.38 17.95 1.25
CA CYS A 842 29.86 17.36 0.00
C CYS A 842 29.07 16.15 -0.47
N PHE A 843 28.38 15.42 0.42
CA PHE A 843 27.68 14.20 0.03
C PHE A 843 26.20 14.32 0.38
N VAL A 844 25.35 14.16 -0.64
CA VAL A 844 23.92 14.40 -0.51
C VAL A 844 23.13 13.32 -1.24
N ASP A 845 21.80 13.48 -1.27
CA ASP A 845 20.91 12.75 -2.17
C ASP A 845 20.59 13.73 -3.29
N ASP A 846 20.42 13.21 -4.51
CA ASP A 846 20.29 14.05 -5.70
C ASP A 846 19.16 15.06 -5.57
N ILE A 847 19.28 16.18 -6.30
CA ILE A 847 18.36 17.31 -6.39
C ILE A 847 18.43 18.14 -5.11
N VAL A 848 18.59 17.50 -3.95
CA VAL A 848 18.76 18.23 -2.70
C VAL A 848 20.01 19.09 -2.75
N LYS A 849 21.02 18.68 -3.53
CA LYS A 849 22.21 19.48 -3.77
C LYS A 849 22.77 19.16 -5.14
N THR A 850 24.04 19.51 -5.36
CA THR A 850 24.73 19.49 -6.65
C THR A 850 24.23 20.64 -7.50
N ASP A 851 23.28 21.40 -6.96
CA ASP A 851 22.87 22.69 -7.51
C ASP A 851 22.47 23.56 -6.33
N GLY A 852 23.42 24.35 -5.83
CA GLY A 852 23.21 25.07 -4.59
C GLY A 852 22.13 26.14 -4.70
N THR A 853 21.97 26.73 -5.88
CA THR A 853 21.02 27.82 -6.04
C THR A 853 19.59 27.38 -5.76
N LEU A 854 19.27 26.11 -6.02
CA LEU A 854 17.92 25.61 -5.75
C LEU A 854 17.62 25.52 -4.26
N MET A 855 18.63 25.32 -3.41
CA MET A 855 18.42 25.25 -1.97
C MET A 855 19.57 25.95 -1.24
N ILE A 856 19.39 27.22 -0.91
CA ILE A 856 20.43 28.00 -0.25
C ILE A 856 20.22 27.90 1.26
N GLU A 857 19.02 27.50 1.67
CA GLU A 857 18.68 27.40 3.08
C GLU A 857 19.29 26.17 3.75
N ARG A 858 19.82 25.22 2.98
CA ARG A 858 20.60 24.14 3.56
C ARG A 858 21.89 24.67 4.18
N PHE A 859 22.63 25.49 3.42
CA PHE A 859 23.90 26.00 3.89
C PHE A 859 23.74 27.02 5.01
N VAL A 860 22.62 27.74 5.06
CA VAL A 860 22.37 28.62 6.20
C VAL A 860 22.27 27.84 7.49
N SER A 861 21.50 26.73 7.48
CA SER A 861 21.41 25.88 8.67
C SER A 861 22.75 25.23 8.98
N LEU A 862 23.48 24.78 7.96
CA LEU A 862 24.77 24.16 8.20
C LEU A 862 25.77 25.14 8.81
N ALA A 863 25.73 26.42 8.39
CA ALA A 863 26.57 27.44 8.99
C ALA A 863 26.09 27.85 10.37
N ILE A 864 24.80 27.75 10.65
CA ILE A 864 24.31 27.95 12.02
C ILE A 864 24.89 26.88 12.94
N ASP A 865 24.92 25.63 12.47
CA ASP A 865 25.47 24.55 13.28
C ASP A 865 26.97 24.70 13.49
N ALA A 866 27.67 25.35 12.56
CA ALA A 866 29.13 25.39 12.57
C ALA A 866 29.69 26.72 13.07
N TYR A 867 28.85 27.59 13.64
CA TYR A 867 29.33 28.89 14.09
C TYR A 867 30.38 28.82 15.20
N PRO A 868 30.16 28.04 16.30
CA PRO A 868 31.10 28.13 17.44
C PRO A 868 32.50 27.63 17.16
N LEU A 869 32.76 27.21 15.92
CA LEU A 869 34.10 26.76 15.54
C LEU A 869 35.08 27.91 15.36
N THR A 870 34.60 29.16 15.37
CA THR A 870 35.46 30.32 15.19
C THR A 870 36.21 30.71 16.46
N LYS A 871 35.83 30.17 17.62
CA LYS A 871 36.52 30.44 18.87
C LYS A 871 37.53 29.35 19.23
N HIS A 872 37.68 28.35 18.38
CA HIS A 872 38.60 27.25 18.63
C HIS A 872 40.04 27.71 18.39
N PRO A 873 40.98 27.34 19.27
CA PRO A 873 42.38 27.72 19.06
C PRO A 873 42.96 27.21 17.75
N ASN A 874 42.52 26.06 17.26
CA ASN A 874 42.97 25.58 15.95
C ASN A 874 42.38 26.44 14.85
N GLN A 875 43.12 26.55 13.74
CA GLN A 875 42.82 27.55 12.72
C GLN A 875 41.90 27.08 11.61
N GLU A 876 41.97 25.81 11.20
CA GLU A 876 41.08 25.34 10.14
C GLU A 876 39.63 25.32 10.60
N TYR A 877 39.39 25.19 11.90
CA TYR A 877 38.04 25.07 12.42
C TYR A 877 37.23 26.32 12.14
N ALA A 878 37.84 27.50 12.30
CA ALA A 878 37.17 28.74 11.92
C ALA A 878 37.08 28.89 10.41
N ASP A 879 38.08 28.39 9.69
CA ASP A 879 38.07 28.41 8.24
C ASP A 879 36.87 27.66 7.67
N VAL A 880 36.35 26.66 8.37
CA VAL A 880 35.14 25.98 7.91
C VAL A 880 33.97 26.96 7.85
N PHE A 881 33.75 27.71 8.93
CA PHE A 881 32.66 28.68 8.98
C PHE A 881 32.84 29.77 7.93
N HIS A 882 34.07 30.28 7.81
CA HIS A 882 34.31 31.32 6.81
C HIS A 882 34.07 30.81 5.40
N LEU A 883 34.49 29.57 5.11
CA LEU A 883 34.25 28.97 3.80
C LEU A 883 32.76 28.86 3.52
N TYR A 884 31.97 28.45 4.53
CA TYR A 884 30.53 28.38 4.34
C TYR A 884 29.93 29.75 4.03
N LEU A 885 30.38 30.79 4.72
CA LEU A 885 29.86 32.13 4.45
C LEU A 885 30.20 32.58 3.02
N GLN A 886 31.43 32.36 2.59
CA GLN A 886 31.80 32.73 1.23
C GLN A 886 31.02 31.94 0.19
N TYR A 887 30.78 30.65 0.44
CA TYR A 887 29.98 29.87 -0.49
C TYR A 887 28.55 30.39 -0.57
N ILE A 888 27.98 30.80 0.57
CA ILE A 888 26.63 31.35 0.54
C ILE A 888 26.58 32.62 -0.30
N ARG A 889 27.56 33.50 -0.12
CA ARG A 889 27.59 34.72 -0.93
C ARG A 889 27.75 34.40 -2.41
N LYS A 890 28.62 33.45 -2.75
CA LYS A 890 28.82 33.08 -4.14
C LYS A 890 27.53 32.51 -4.74
N LEU A 891 26.81 31.69 -3.99
CA LEU A 891 25.55 31.13 -4.48
C LEU A 891 24.53 32.22 -4.74
N HIS A 892 24.43 33.20 -3.83
CA HIS A 892 23.47 34.29 -4.05
C HIS A 892 23.83 35.09 -5.29
N ASP A 893 25.11 35.45 -5.45
CA ASP A 893 25.52 36.20 -6.63
C ASP A 893 25.25 35.41 -7.90
N GLU A 894 25.56 34.12 -7.89
CA GLU A 894 25.28 33.26 -9.02
C GLU A 894 23.80 33.28 -9.37
N LEU A 895 22.93 33.15 -8.36
CA LEU A 895 21.50 33.14 -8.64
C LEU A 895 21.06 34.44 -9.29
N THR A 896 21.45 35.59 -8.71
CA THR A 896 20.97 36.87 -9.24
C THR A 896 21.46 37.10 -10.67
N GLY A 897 22.77 36.93 -10.91
CA GLY A 897 23.28 37.15 -12.27
C GLY A 897 22.74 36.13 -13.26
N HIS A 898 22.76 34.86 -12.87
CA HIS A 898 22.31 33.74 -13.68
C HIS A 898 20.82 33.84 -14.03
N MET A 899 20.05 34.60 -13.25
CA MET A 899 18.64 34.84 -13.55
C MET A 899 18.42 36.14 -14.32
N LEU A 900 19.31 37.13 -14.13
CA LEU A 900 19.18 38.40 -14.84
C LEU A 900 19.63 38.18 -16.28
N ASP A 901 20.48 37.19 -16.57
CA ASP A 901 21.07 37.11 -17.89
C ASP A 901 20.12 36.66 -19.01
N MET A 902 19.66 35.42 -18.98
CA MET A 902 18.81 34.93 -20.07
C MET A 902 17.41 35.53 -20.01
N TYR A 903 16.81 35.54 -18.83
CA TYR A 903 15.56 36.26 -18.63
C TYR A 903 15.91 37.73 -18.44
N SER A 904 14.92 38.56 -18.10
CA SER A 904 15.20 39.97 -17.89
C SER A 904 14.73 40.42 -16.52
N VAL A 905 14.47 39.46 -15.63
CA VAL A 905 14.02 39.80 -14.28
C VAL A 905 15.20 40.34 -13.49
N MET A 906 15.02 41.49 -12.87
CA MET A 906 16.07 42.14 -12.09
C MET A 906 15.84 41.89 -10.61
N LEU A 907 16.86 41.38 -9.93
CA LEU A 907 16.77 41.03 -8.53
C LEU A 907 17.35 42.15 -7.66
N THR A 908 16.87 42.21 -6.42
CA THR A 908 17.34 43.18 -5.44
C THR A 908 18.04 42.45 -4.29
N ASN A 909 18.94 43.16 -3.62
CA ASN A 909 19.72 42.58 -2.54
C ASN A 909 19.30 43.17 -1.20
N ASP A 910 18.00 43.42 -1.03
CA ASP A 910 17.48 43.97 0.22
C ASP A 910 17.48 42.87 1.27
N ASN A 911 17.99 43.21 2.46
CA ASN A 911 18.07 42.34 3.65
C ASN A 911 18.34 40.88 3.29
N THR A 912 19.29 40.69 2.38
CA THR A 912 19.82 39.38 2.02
C THR A 912 21.28 39.24 2.44
N SER A 913 22.01 40.36 2.53
CA SER A 913 23.40 40.33 2.94
C SER A 913 23.56 39.90 4.40
N ARG A 914 22.48 39.82 5.16
CA ARG A 914 22.57 39.36 6.55
C ARG A 914 23.04 37.91 6.64
N TYR A 915 22.90 37.13 5.56
CA TYR A 915 23.22 35.71 5.59
C TYR A 915 24.71 35.42 5.41
N TRP A 916 25.50 36.40 4.97
CA TRP A 916 26.95 36.21 4.86
C TRP A 916 27.71 37.20 5.74
N GLU A 917 27.14 37.56 6.88
CA GLU A 917 27.82 38.32 7.91
C GLU A 917 27.60 37.62 9.25
N PRO A 918 28.60 37.66 10.14
CA PRO A 918 28.56 36.80 11.34
C PRO A 918 27.55 37.21 12.40
N GLU A 919 26.97 38.42 12.31
CA GLU A 919 26.05 38.88 13.34
C GLU A 919 24.71 38.16 13.34
N PHE A 920 24.28 37.63 12.19
CA PHE A 920 23.05 36.85 12.17
C PHE A 920 23.21 35.53 12.91
N TYR A 921 24.40 34.94 12.86
CA TYR A 921 24.69 33.65 13.50
C TYR A 921 25.14 33.80 14.94
N GLU A 922 25.77 34.92 15.29
CA GLU A 922 26.20 35.15 16.66
C GLU A 922 25.01 35.29 17.62
N ALA A 923 23.86 35.73 17.11
CA ALA A 923 22.70 35.98 17.95
C ALA A 923 21.96 34.72 18.36
N MET A 924 22.32 33.57 17.78
CA MET A 924 21.67 32.30 18.13
C MET A 924 22.26 31.66 19.38
N TYR A 925 23.37 32.17 19.88
CA TYR A 925 24.03 31.60 21.05
C TYR A 925 24.13 32.60 22.21
N THR A 926 23.34 33.68 22.15
CA THR A 926 23.30 34.71 23.17
C THR A 926 21.94 34.66 23.88
N PRO A 927 21.93 34.63 25.21
CA PRO A 927 20.66 34.42 25.93
C PRO A 927 19.71 35.59 25.74
N HIS A 928 18.60 35.35 25.08
CA HIS A 928 17.52 36.34 24.96
C HIS A 928 16.66 35.66 23.97
N THR A 929 16.00 34.59 24.36
CA THR A 929 15.24 33.78 23.42
C THR A 929 14.36 34.44 22.43
N VAL A 930 14.95 34.96 21.38
CA VAL A 930 14.17 35.54 20.33
C VAL A 930 13.75 34.38 19.43
N LEU A 931 12.83 33.55 19.90
CA LEU A 931 12.34 32.35 19.17
C LEU A 931 13.28 31.19 19.30
N PHE B 6 -21.31 45.00 -4.81
CA PHE B 6 -20.56 46.13 -4.29
C PHE B 6 -21.04 47.44 -4.90
N SER B 7 -21.92 47.34 -5.90
CA SER B 7 -22.46 48.50 -6.58
C SER B 7 -23.98 48.57 -6.58
N SER B 8 -24.68 47.51 -6.18
CA SER B 8 -26.13 47.47 -6.16
C SER B 8 -26.63 47.14 -4.75
N LEU B 9 -25.98 47.69 -3.74
CA LEU B 9 -26.37 47.48 -2.35
C LEU B 9 -27.66 48.25 -2.07
N PRO B 10 -28.45 47.84 -1.07
CA PRO B 10 -29.73 48.52 -0.81
C PRO B 10 -29.61 50.01 -0.53
N SER B 11 -28.53 50.41 0.16
CA SER B 11 -28.34 51.82 0.49
C SER B 11 -27.65 52.59 -0.64
N TYR B 12 -27.18 51.90 -1.68
CA TYR B 12 -26.45 52.57 -2.75
C TYR B 12 -27.33 53.57 -3.48
N ALA B 13 -28.59 53.20 -3.74
CA ALA B 13 -29.50 54.11 -4.45
C ALA B 13 -29.69 55.40 -3.67
N ALA B 14 -30.00 55.29 -2.38
CA ALA B 14 -30.22 56.47 -1.56
C ALA B 14 -28.95 57.31 -1.46
N PHE B 15 -27.80 56.66 -1.25
CA PHE B 15 -26.55 57.39 -1.11
C PHE B 15 -26.21 58.15 -2.39
N ALA B 16 -26.31 57.48 -3.54
CA ALA B 16 -25.97 58.11 -4.81
C ALA B 16 -26.94 59.23 -5.15
N THR B 17 -28.24 59.02 -4.92
CA THR B 17 -29.22 60.07 -5.21
C THR B 17 -29.00 61.28 -4.32
N ALA B 18 -28.75 61.07 -3.03
CA ALA B 18 -28.47 62.19 -2.13
C ALA B 18 -27.19 62.92 -2.54
N GLN B 19 -26.14 62.18 -2.92
CA GLN B 19 -24.91 62.81 -3.35
C GLN B 19 -25.12 63.65 -4.61
N GLU B 20 -25.86 63.12 -5.58
CA GLU B 20 -26.13 63.84 -6.81
C GLU B 20 -26.93 65.10 -6.54
N ALA B 21 -27.98 65.00 -5.73
CA ALA B 21 -28.79 66.17 -5.42
C ALA B 21 -27.99 67.23 -4.67
N TYR B 22 -27.19 66.80 -3.69
CA TYR B 22 -26.39 67.74 -2.91
C TYR B 22 -25.36 68.44 -3.79
N GLU B 23 -24.69 67.70 -4.67
CA GLU B 23 -23.69 68.32 -5.54
C GLU B 23 -24.33 69.21 -6.59
N GLN B 24 -25.54 68.88 -7.05
CA GLN B 24 -26.26 69.80 -7.92
C GLN B 24 -26.59 71.10 -7.19
N ALA B 25 -27.03 70.99 -5.94
CA ALA B 25 -27.28 72.20 -5.15
C ALA B 25 -26.01 73.01 -4.95
N VAL B 26 -24.88 72.33 -4.74
CA VAL B 26 -23.60 73.03 -4.61
C VAL B 26 -23.24 73.75 -5.91
N ALA B 27 -23.40 73.08 -7.05
CA ALA B 27 -23.15 73.66 -8.35
C ALA B 27 -24.12 74.79 -8.69
N ASN B 28 -25.25 74.85 -8.00
CA ASN B 28 -26.19 75.95 -8.16
C ASN B 28 -25.70 77.25 -7.52
N GLY B 29 -24.66 77.18 -6.71
CA GLY B 29 -24.13 78.38 -6.06
C GLY B 29 -25.09 79.02 -5.08
N ASP B 30 -25.71 78.23 -4.21
CA ASP B 30 -26.70 78.72 -3.27
C ASP B 30 -25.99 79.19 -2.01
N SER B 31 -26.68 79.49 -0.90
CA SER B 31 -26.04 80.03 0.28
C SER B 31 -25.25 78.95 1.03
N GLU B 32 -24.69 79.35 2.17
CA GLU B 32 -23.90 78.43 2.99
C GLU B 32 -24.74 77.43 3.76
N VAL B 33 -26.01 77.73 4.01
CA VAL B 33 -26.87 76.79 4.72
C VAL B 33 -27.06 75.51 3.90
N VAL B 34 -27.26 75.65 2.58
CA VAL B 34 -27.38 74.47 1.73
C VAL B 34 -26.08 73.69 1.71
N LEU B 35 -24.94 74.38 1.83
CA LEU B 35 -23.66 73.68 1.89
C LEU B 35 -23.51 72.89 3.18
N LYS B 36 -23.92 73.48 4.31
CA LYS B 36 -23.88 72.76 5.57
C LYS B 36 -24.80 71.54 5.55
N LYS B 37 -26.00 71.71 4.98
CA LYS B 37 -26.92 70.58 4.86
C LYS B 37 -26.33 69.50 3.96
N LEU B 38 -25.71 69.90 2.86
CA LEU B 38 -25.00 68.96 1.98
C LEU B 38 -23.97 68.17 2.75
N LYS B 39 -23.12 68.87 3.50
CA LYS B 39 -22.06 68.20 4.24
C LYS B 39 -22.61 67.21 5.24
N LYS B 40 -23.62 67.62 6.03
CA LYS B 40 -24.18 66.74 7.03
C LYS B 40 -24.83 65.51 6.39
N SER B 41 -25.64 65.73 5.34
CA SER B 41 -26.33 64.62 4.71
C SER B 41 -25.35 63.65 4.07
N LEU B 42 -24.33 64.16 3.38
CA LEU B 42 -23.36 63.27 2.76
C LEU B 42 -22.52 62.52 3.79
N ASN B 43 -22.17 63.19 4.90
CA ASN B 43 -21.43 62.51 5.96
C ASN B 43 -22.23 61.36 6.54
N VAL B 44 -23.50 61.60 6.88
CA VAL B 44 -24.30 60.51 7.45
C VAL B 44 -24.57 59.43 6.39
N ALA B 45 -24.70 59.80 5.13
CA ALA B 45 -24.93 58.82 4.08
C ALA B 45 -23.73 57.89 3.92
N LYS B 46 -22.53 58.46 3.88
CA LYS B 46 -21.33 57.62 3.80
C LYS B 46 -21.16 56.79 5.07
N SER B 47 -21.51 57.35 6.23
CA SER B 47 -21.40 56.60 7.47
C SER B 47 -22.32 55.37 7.46
N GLU B 48 -23.54 55.53 6.91
CA GLU B 48 -24.46 54.40 6.87
C GLU B 48 -24.08 53.42 5.77
N PHE B 49 -23.44 53.90 4.69
CA PHE B 49 -22.96 53.00 3.65
C PHE B 49 -21.78 52.17 4.14
N ASP B 50 -21.02 52.68 5.11
CA ASP B 50 -19.82 51.99 5.58
C ASP B 50 -20.10 50.58 6.11
N ARG B 51 -21.03 50.45 7.06
CA ARG B 51 -21.30 49.14 7.61
C ARG B 51 -21.98 48.22 6.60
N ASP B 52 -22.83 48.79 5.73
CA ASP B 52 -23.42 47.99 4.67
C ASP B 52 -22.39 47.47 3.68
N ALA B 53 -21.24 48.14 3.57
CA ALA B 53 -20.16 47.67 2.71
C ALA B 53 -19.18 46.76 3.44
N ALA B 54 -19.20 46.77 4.77
CA ALA B 54 -18.28 45.93 5.53
C ALA B 54 -18.88 44.57 5.92
N MET B 55 -20.11 44.59 6.44
CA MET B 55 -20.75 43.36 6.91
C MET B 55 -20.95 42.36 5.78
N GLN B 56 -21.35 42.84 4.60
CA GLN B 56 -21.53 41.94 3.47
C GLN B 56 -20.24 41.22 3.10
N ARG B 57 -19.13 41.96 3.06
CA ARG B 57 -17.83 41.36 2.78
C ARG B 57 -17.40 40.36 3.84
N LYS B 58 -17.71 40.62 5.11
CA LYS B 58 -17.45 39.60 6.13
C LYS B 58 -18.27 38.33 5.89
N LEU B 59 -19.57 38.51 5.58
CA LEU B 59 -20.45 37.36 5.41
C LEU B 59 -20.04 36.49 4.23
N GLU B 60 -19.62 37.09 3.12
CA GLU B 60 -19.23 36.29 1.96
C GLU B 60 -18.05 35.38 2.28
N LYS B 61 -17.05 35.90 2.99
CA LYS B 61 -15.90 35.09 3.36
C LYS B 61 -16.29 33.98 4.33
N MET B 62 -17.21 34.27 5.26
CA MET B 62 -17.68 33.21 6.15
C MET B 62 -18.35 32.09 5.36
N ALA B 63 -19.20 32.45 4.40
CA ALA B 63 -19.88 31.45 3.59
C ALA B 63 -18.91 30.62 2.78
N ASP B 64 -17.89 31.26 2.20
CA ASP B 64 -16.89 30.53 1.43
C ASP B 64 -16.13 29.54 2.29
N GLN B 65 -15.74 29.94 3.50
CA GLN B 65 -15.07 29.00 4.39
C GLN B 65 -15.96 27.80 4.72
N ALA B 66 -17.25 28.06 4.98
CA ALA B 66 -18.17 26.96 5.27
C ALA B 66 -18.25 25.98 4.09
N MET B 67 -18.37 26.52 2.88
CA MET B 67 -18.43 25.66 1.70
C MET B 67 -17.18 24.80 1.57
N THR B 68 -16.01 25.40 1.75
CA THR B 68 -14.77 24.63 1.62
C THR B 68 -14.70 23.51 2.64
N GLN B 69 -15.07 23.80 3.89
CA GLN B 69 -15.03 22.77 4.93
C GLN B 69 -15.98 21.62 4.62
N MET B 70 -17.20 21.93 4.16
CA MET B 70 -18.13 20.84 3.85
C MET B 70 -17.65 20.01 2.65
N TYR B 71 -17.03 20.65 1.65
CA TYR B 71 -16.49 19.90 0.52
C TYR B 71 -15.40 18.92 0.98
N LYS B 72 -14.49 19.38 1.83
CA LYS B 72 -13.43 18.48 2.27
C LYS B 72 -13.98 17.35 3.13
N GLN B 73 -15.04 17.62 3.91
CA GLN B 73 -15.68 16.55 4.65
C GLN B 73 -16.25 15.48 3.73
N ALA B 74 -16.91 15.91 2.64
CA ALA B 74 -17.44 14.94 1.68
C ALA B 74 -16.34 14.09 1.06
N ARG B 75 -15.22 14.73 0.70
CA ARG B 75 -14.10 13.97 0.14
C ARG B 75 -13.57 12.93 1.14
N SER B 76 -13.47 13.32 2.41
CA SER B 76 -13.01 12.38 3.42
C SER B 76 -13.95 11.18 3.53
N GLU B 77 -15.26 11.43 3.48
CA GLU B 77 -16.21 10.31 3.53
C GLU B 77 -16.05 9.37 2.36
N ASP B 78 -15.86 9.91 1.15
CA ASP B 78 -15.66 9.05 -0.02
C ASP B 78 -14.42 8.18 0.15
N LYS B 79 -13.33 8.78 0.62
CA LYS B 79 -12.10 8.00 0.84
C LYS B 79 -12.31 6.90 1.87
N ARG B 80 -13.05 7.18 2.95
CA ARG B 80 -13.34 6.16 3.94
C ARG B 80 -14.11 5.00 3.32
N ALA B 81 -15.12 5.29 2.50
CA ALA B 81 -15.90 4.23 1.88
C ALA B 81 -15.01 3.34 1.02
N LYS B 82 -14.14 3.95 0.21
CA LYS B 82 -13.30 3.11 -0.66
C LYS B 82 -12.28 2.28 0.13
N VAL B 83 -11.72 2.82 1.22
CA VAL B 83 -10.79 2.02 2.00
C VAL B 83 -11.51 0.86 2.68
N THR B 84 -12.75 1.07 3.12
CA THR B 84 -13.52 -0.02 3.70
C THR B 84 -13.74 -1.12 2.68
N SER B 85 -14.10 -0.75 1.45
CA SER B 85 -14.29 -1.76 0.41
C SER B 85 -13.01 -2.53 0.14
N ALA B 86 -11.88 -1.83 0.10
CA ALA B 86 -10.60 -2.51 -0.15
C ALA B 86 -10.27 -3.51 0.95
N MET B 87 -10.46 -3.12 2.22
CA MET B 87 -10.15 -4.03 3.32
C MET B 87 -11.06 -5.26 3.28
N GLN B 88 -12.36 -5.07 3.02
CA GLN B 88 -13.27 -6.20 2.92
C GLN B 88 -12.84 -7.15 1.81
N THR B 89 -12.47 -6.60 0.65
CA THR B 89 -12.05 -7.44 -0.46
C THR B 89 -10.80 -8.24 -0.10
N MET B 90 -9.83 -7.60 0.55
CA MET B 90 -8.61 -8.31 0.92
C MET B 90 -8.90 -9.46 1.86
N LEU B 91 -9.73 -9.22 2.89
CA LEU B 91 -10.04 -10.28 3.84
C LEU B 91 -10.75 -11.44 3.16
N PHE B 92 -11.78 -11.15 2.36
CA PHE B 92 -12.53 -12.23 1.74
C PHE B 92 -11.71 -12.96 0.68
N THR B 93 -10.73 -12.29 0.07
CA THR B 93 -9.84 -12.97 -0.85
C THR B 93 -8.86 -13.90 -0.14
N MET B 94 -8.25 -13.45 0.96
CA MET B 94 -7.33 -14.32 1.68
C MET B 94 -8.06 -15.44 2.45
N LEU B 95 -9.37 -15.32 2.63
CA LEU B 95 -10.12 -16.40 3.28
C LEU B 95 -10.07 -17.70 2.48
N ARG B 96 -10.03 -17.63 1.15
CA ARG B 96 -10.29 -18.76 0.28
C ARG B 96 -9.13 -19.75 0.17
N LYS B 97 -8.14 -19.68 1.07
CA LYS B 97 -7.01 -20.60 1.02
C LYS B 97 -6.75 -21.31 2.34
N LEU B 98 -7.79 -21.53 3.15
CA LEU B 98 -7.59 -22.03 4.51
C LEU B 98 -7.47 -23.54 4.60
N ASP B 99 -7.73 -24.29 3.53
CA ASP B 99 -7.62 -25.74 3.55
C ASP B 99 -8.52 -26.30 4.64
N ASN B 100 -9.84 -26.15 4.49
CA ASN B 100 -10.78 -26.25 5.59
C ASN B 100 -11.08 -27.68 6.03
N ASP B 101 -10.24 -28.66 5.66
CA ASP B 101 -10.38 -30.00 6.20
C ASP B 101 -9.29 -30.38 7.20
N ALA B 102 -8.04 -30.05 6.91
CA ALA B 102 -6.98 -30.27 7.88
C ALA B 102 -7.11 -29.31 9.05
N LEU B 103 -7.46 -28.05 8.77
CA LEU B 103 -7.67 -27.08 9.83
C LEU B 103 -8.79 -27.51 10.75
N ASN B 104 -9.90 -27.98 10.16
CA ASN B 104 -11.01 -28.50 10.96
C ASN B 104 -10.60 -29.75 11.74
N ASN B 105 -9.78 -30.61 11.13
CA ASN B 105 -9.32 -31.81 11.80
C ASN B 105 -8.47 -31.52 13.02
N ILE B 106 -7.60 -30.51 12.96
CA ILE B 106 -6.79 -30.17 14.12
C ILE B 106 -7.49 -29.25 15.10
N ILE B 107 -8.52 -28.52 14.66
CA ILE B 107 -9.28 -27.68 15.59
C ILE B 107 -10.13 -28.54 16.51
N ASN B 108 -10.79 -29.56 15.95
CA ASN B 108 -11.66 -30.41 16.75
C ASN B 108 -10.91 -31.23 17.80
N ASN B 109 -9.63 -31.50 17.58
CA ASN B 109 -8.85 -32.24 18.57
C ASN B 109 -8.54 -31.40 19.80
N ALA B 110 -8.60 -30.07 19.69
CA ALA B 110 -8.38 -29.22 20.84
C ALA B 110 -9.50 -29.38 21.86
N ARG B 111 -9.12 -29.26 23.14
CA ARG B 111 -10.06 -29.48 24.23
C ARG B 111 -11.04 -28.34 24.44
N ASP B 112 -10.75 -27.14 23.92
CA ASP B 112 -11.71 -26.05 24.01
C ASP B 112 -11.81 -25.22 22.74
N GLY B 113 -11.10 -25.57 21.67
CA GLY B 113 -11.14 -24.81 20.44
C GLY B 113 -9.98 -23.87 20.22
N CYS B 114 -9.11 -23.69 21.20
CA CYS B 114 -7.97 -22.80 21.10
C CYS B 114 -6.69 -23.57 20.81
N VAL B 115 -5.91 -23.08 19.86
CA VAL B 115 -4.64 -23.70 19.50
C VAL B 115 -3.60 -22.60 19.29
N PRO B 116 -2.32 -22.87 19.52
CA PRO B 116 -1.30 -21.86 19.22
C PRO B 116 -1.22 -21.59 17.72
N LEU B 117 -0.89 -20.34 17.40
CA LEU B 117 -0.81 -19.93 15.99
C LEU B 117 0.42 -20.48 15.30
N ASN B 118 1.48 -20.78 16.04
CA ASN B 118 2.75 -21.20 15.45
C ASN B 118 2.72 -22.62 14.90
N ILE B 119 1.67 -23.40 15.18
CA ILE B 119 1.60 -24.78 14.75
C ILE B 119 0.57 -24.99 13.65
N ILE B 120 -0.06 -23.93 13.17
CA ILE B 120 -1.03 -24.04 12.10
C ILE B 120 -0.30 -24.21 10.76
N PRO B 121 0.64 -23.34 10.38
CA PRO B 121 1.42 -23.63 9.17
C PRO B 121 2.27 -24.88 9.28
N LEU B 122 2.65 -25.26 10.50
CA LEU B 122 3.51 -26.42 10.68
C LEU B 122 2.79 -27.74 10.39
N THR B 123 1.46 -27.77 10.50
CA THR B 123 0.70 -29.00 10.33
C THR B 123 -0.36 -28.94 9.23
N THR B 124 -0.65 -27.76 8.68
CA THR B 124 -1.68 -27.68 7.65
C THR B 124 -1.21 -27.07 6.33
N ALA B 125 0.00 -26.54 6.26
CA ALA B 125 0.46 -25.93 5.02
C ALA B 125 0.72 -26.97 3.95
N ALA B 126 0.55 -26.57 2.70
CA ALA B 126 0.75 -27.44 1.55
C ALA B 126 2.10 -27.26 0.88
N LYS B 127 2.73 -26.10 1.05
CA LYS B 127 3.99 -25.79 0.40
C LYS B 127 5.04 -25.40 1.44
N LEU B 128 6.29 -25.71 1.15
CA LEU B 128 7.41 -25.40 2.02
C LEU B 128 8.51 -24.70 1.23
N MET B 129 9.09 -23.66 1.83
CA MET B 129 10.16 -22.90 1.22
C MET B 129 11.38 -22.93 2.13
N VAL B 130 12.53 -23.25 1.55
CA VAL B 130 13.79 -23.35 2.29
C VAL B 130 14.81 -22.42 1.66
N VAL B 131 15.51 -21.66 2.49
CA VAL B 131 16.58 -20.76 2.05
C VAL B 131 17.89 -21.32 2.57
N ILE B 132 18.85 -21.54 1.68
CA ILE B 132 20.08 -22.24 1.97
C ILE B 132 21.26 -21.29 1.80
N PRO B 133 22.09 -21.07 2.83
CA PRO B 133 23.25 -20.18 2.66
C PRO B 133 24.33 -20.72 1.76
N ASP B 134 24.78 -21.96 1.99
CA ASP B 134 25.91 -22.52 1.26
C ASP B 134 25.66 -24.00 1.00
N TYR B 135 26.65 -24.68 0.41
CA TYR B 135 26.52 -26.08 0.02
C TYR B 135 26.62 -27.03 1.20
N ASN B 136 27.44 -26.69 2.20
CA ASN B 136 27.57 -27.56 3.37
C ASN B 136 26.23 -27.66 4.09
N THR B 137 25.53 -26.53 4.24
CA THR B 137 24.19 -26.58 4.81
C THR B 137 23.21 -27.29 3.89
N TYR B 138 23.37 -27.14 2.57
CA TYR B 138 22.46 -27.77 1.63
C TYR B 138 22.52 -29.29 1.72
N LYS B 139 23.72 -29.86 1.79
CA LYS B 139 23.85 -31.30 1.79
C LYS B 139 23.41 -31.95 3.09
N ASN B 140 23.13 -31.15 4.12
CA ASN B 140 22.64 -31.66 5.39
C ASN B 140 21.13 -31.47 5.58
N THR B 141 20.47 -30.70 4.70
CA THR B 141 19.06 -30.41 4.90
C THR B 141 18.19 -31.00 3.80
N CYS B 142 18.47 -30.67 2.54
CA CYS B 142 17.59 -31.08 1.44
C CYS B 142 18.33 -31.87 0.38
N ASP B 143 19.23 -32.75 0.79
CA ASP B 143 19.96 -33.59 -0.16
C ASP B 143 19.03 -34.59 -0.83
N GLY B 144 19.22 -34.78 -2.13
CA GLY B 144 18.41 -35.72 -2.87
C GLY B 144 17.19 -35.08 -3.52
N THR B 145 16.10 -35.84 -3.63
CA THR B 145 14.86 -35.34 -4.21
C THR B 145 13.72 -35.28 -3.21
N THR B 146 13.76 -36.08 -2.15
CA THR B 146 12.77 -36.03 -1.08
C THR B 146 13.50 -36.01 0.26
N PHE B 147 13.02 -35.17 1.17
CA PHE B 147 13.59 -35.04 2.50
C PHE B 147 12.47 -35.00 3.53
N THR B 148 12.85 -35.11 4.80
CA THR B 148 11.90 -35.13 5.91
C THR B 148 12.14 -33.93 6.80
N TYR B 149 11.06 -33.23 7.16
CA TYR B 149 11.14 -32.10 8.07
C TYR B 149 9.79 -31.94 8.74
N ALA B 150 9.81 -31.60 10.04
CA ALA B 150 8.60 -31.42 10.83
C ALA B 150 7.73 -32.67 10.84
N SER B 151 8.36 -33.85 10.92
CA SER B 151 7.66 -35.14 10.97
C SER B 151 6.74 -35.33 9.77
N ALA B 152 7.23 -34.92 8.59
CA ALA B 152 6.49 -35.08 7.35
C ALA B 152 7.49 -35.30 6.22
N LEU B 153 6.99 -35.76 5.08
CA LEU B 153 7.81 -36.04 3.91
C LEU B 153 7.50 -35.02 2.83
N TRP B 154 8.53 -34.36 2.32
CA TRP B 154 8.42 -33.37 1.26
C TRP B 154 9.24 -33.80 0.06
N GLU B 155 8.76 -33.44 -1.13
CA GLU B 155 9.47 -33.73 -2.37
C GLU B 155 9.69 -32.44 -3.14
N ILE B 156 10.90 -32.25 -3.65
CA ILE B 156 11.32 -31.00 -4.27
C ILE B 156 10.53 -30.78 -5.57
N GLN B 157 10.26 -29.51 -5.88
CA GLN B 157 9.47 -29.16 -7.05
C GLN B 157 10.20 -28.19 -7.95
N GLN B 158 11.07 -27.36 -7.36
CA GLN B 158 11.78 -26.32 -8.10
C GLN B 158 12.87 -25.75 -7.22
N VAL B 159 13.94 -25.29 -7.87
CA VAL B 159 15.04 -24.62 -7.18
C VAL B 159 15.45 -23.39 -7.99
N VAL B 160 15.48 -22.23 -7.34
CA VAL B 160 15.92 -20.99 -7.99
C VAL B 160 17.07 -20.41 -7.17
N ASP B 161 17.67 -19.33 -7.68
CA ASP B 161 18.79 -18.69 -7.02
C ASP B 161 18.40 -17.27 -6.63
N ALA B 162 19.39 -16.50 -6.14
CA ALA B 162 19.13 -15.14 -5.70
C ALA B 162 18.65 -14.23 -6.82
N ASP B 163 18.95 -14.57 -8.07
CA ASP B 163 18.49 -13.81 -9.22
C ASP B 163 17.17 -14.32 -9.79
N SER B 164 16.55 -15.30 -9.14
CA SER B 164 15.28 -15.88 -9.57
C SER B 164 15.38 -16.53 -10.94
N LYS B 165 16.39 -17.40 -11.11
CA LYS B 165 16.55 -18.17 -12.33
C LYS B 165 16.60 -19.65 -11.96
N ILE B 166 16.04 -20.49 -12.83
CA ILE B 166 15.88 -21.92 -12.56
C ILE B 166 17.25 -22.58 -12.46
N VAL B 167 17.41 -23.46 -11.47
CA VAL B 167 18.63 -24.22 -11.25
C VAL B 167 18.28 -25.69 -11.12
N GLN B 168 18.96 -26.54 -11.90
CA GLN B 168 18.73 -27.97 -11.87
C GLN B 168 19.64 -28.63 -10.83
N LEU B 169 19.12 -29.67 -10.18
CA LEU B 169 19.83 -30.33 -9.11
C LEU B 169 21.10 -31.03 -9.58
N SER B 170 21.25 -31.28 -10.87
CA SER B 170 22.44 -31.95 -11.38
C SER B 170 23.69 -31.08 -11.30
N GLU B 171 23.54 -29.76 -11.14
CA GLU B 171 24.68 -28.86 -11.08
C GLU B 171 24.91 -28.27 -9.70
N ILE B 172 24.17 -28.70 -8.68
CA ILE B 172 24.45 -28.30 -7.31
C ILE B 172 25.43 -29.31 -6.72
N SER B 173 26.72 -29.10 -6.97
CA SER B 173 27.75 -30.00 -6.50
C SER B 173 28.82 -29.21 -5.74
N MET B 174 29.81 -29.92 -5.20
CA MET B 174 30.91 -29.28 -4.49
C MET B 174 31.84 -28.52 -5.42
N ASP B 175 32.11 -29.07 -6.61
CA ASP B 175 32.99 -28.40 -7.56
C ASP B 175 32.32 -27.18 -8.19
N ASN B 176 31.03 -27.30 -8.52
CA ASN B 176 30.31 -26.23 -9.20
C ASN B 176 29.67 -25.24 -8.24
N SER B 177 29.90 -25.39 -6.93
CA SER B 177 29.30 -24.48 -5.96
C SER B 177 29.69 -23.02 -6.18
N PRO B 178 30.96 -22.67 -6.46
CA PRO B 178 31.30 -21.23 -6.52
C PRO B 178 30.83 -20.53 -7.80
N ASN B 179 29.94 -21.17 -8.57
CA ASN B 179 29.41 -20.56 -9.78
C ASN B 179 27.92 -20.26 -9.71
N LEU B 180 27.35 -20.19 -8.50
CA LEU B 180 25.93 -19.94 -8.33
C LEU B 180 25.70 -18.78 -7.37
N ALA B 181 24.66 -17.99 -7.64
CA ALA B 181 24.19 -17.04 -6.65
C ALA B 181 23.59 -17.79 -5.48
N TRP B 182 24.34 -17.87 -4.39
CA TRP B 182 24.14 -18.95 -3.43
C TRP B 182 22.86 -18.92 -2.59
N PRO B 183 22.25 -17.76 -2.29
CA PRO B 183 21.01 -17.83 -1.50
C PRO B 183 19.91 -18.54 -2.27
N LEU B 184 20.03 -19.86 -2.36
CA LEU B 184 19.11 -20.71 -3.10
C LEU B 184 17.80 -20.86 -2.34
N ILE B 185 16.70 -20.98 -3.09
CA ILE B 185 15.37 -21.14 -2.51
C ILE B 185 14.78 -22.42 -3.08
N VAL B 186 14.42 -23.35 -2.19
CA VAL B 186 13.90 -24.65 -2.58
C VAL B 186 12.41 -24.71 -2.25
N THR B 187 11.63 -25.20 -3.21
CA THR B 187 10.17 -25.33 -3.04
C THR B 187 9.80 -26.80 -3.10
N ALA B 188 8.99 -27.24 -2.15
CA ALA B 188 8.57 -28.63 -2.04
C ALA B 188 7.08 -28.72 -1.76
N LEU B 189 6.53 -29.92 -1.94
CA LEU B 189 5.13 -30.20 -1.68
C LEU B 189 5.03 -31.31 -0.65
N ARG B 190 3.97 -31.27 0.14
CA ARG B 190 3.71 -32.30 1.13
C ARG B 190 3.35 -33.60 0.41
N ALA B 191 4.00 -34.69 0.81
CA ALA B 191 3.79 -35.98 0.16
C ALA B 191 2.69 -36.76 0.86
N ASN B 192 1.72 -37.22 0.06
CA ASN B 192 0.64 -38.11 0.51
C ASN B 192 -0.30 -37.44 1.51
N SER C 1 45.51 15.18 -0.51
CA SER C 1 44.62 15.62 -1.57
C SER C 1 44.49 14.55 -2.66
N LYS C 2 45.45 13.64 -2.70
CA LYS C 2 45.43 12.53 -3.64
C LYS C 2 44.58 11.36 -3.14
N MET C 3 44.08 11.44 -1.91
CA MET C 3 43.26 10.36 -1.34
C MET C 3 41.77 10.70 -1.38
N SER C 4 41.41 11.93 -0.99
CA SER C 4 40.04 12.38 -1.12
C SER C 4 39.59 12.37 -2.57
N ASP C 5 40.49 12.69 -3.50
CA ASP C 5 40.16 12.65 -4.92
C ASP C 5 39.76 11.23 -5.33
N VAL C 6 40.52 10.23 -4.90
CA VAL C 6 40.21 8.86 -5.28
C VAL C 6 38.93 8.38 -4.59
N LYS C 7 38.65 8.84 -3.36
CA LYS C 7 37.40 8.47 -2.72
C LYS C 7 36.19 9.05 -3.46
N CYS C 8 36.28 10.33 -3.84
CA CYS C 8 35.19 10.94 -4.60
C CYS C 8 35.01 10.25 -5.96
N THR C 9 36.12 9.93 -6.63
CA THR C 9 36.04 9.23 -7.90
C THR C 9 35.40 7.85 -7.73
N SER C 10 35.72 7.15 -6.63
CA SER C 10 35.10 5.86 -6.37
C SER C 10 33.61 5.99 -6.14
N VAL C 11 33.17 7.02 -5.41
CA VAL C 11 31.74 7.25 -5.21
C VAL C 11 31.05 7.47 -6.55
N VAL C 12 31.62 8.32 -7.40
CA VAL C 12 31.02 8.59 -8.70
C VAL C 12 30.98 7.33 -9.55
N LEU C 13 32.06 6.54 -9.52
CA LEU C 13 32.11 5.31 -10.30
C LEU C 13 31.03 4.32 -9.85
N LEU C 14 30.84 4.19 -8.53
CA LEU C 14 29.80 3.29 -8.06
C LEU C 14 28.41 3.78 -8.46
N SER C 15 28.19 5.09 -8.44
CA SER C 15 26.91 5.62 -8.91
C SER C 15 26.69 5.29 -10.39
N VAL C 16 27.73 5.47 -11.22
CA VAL C 16 27.61 5.18 -12.64
C VAL C 16 27.33 3.69 -12.85
N LEU C 17 28.02 2.83 -12.11
CA LEU C 17 27.79 1.40 -12.23
C LEU C 17 26.38 1.02 -11.82
N GLN C 18 25.86 1.63 -10.75
CA GLN C 18 24.49 1.35 -10.34
C GLN C 18 23.47 1.81 -11.38
N GLN C 19 23.77 2.90 -12.09
CA GLN C 19 22.83 3.37 -13.11
C GLN C 19 22.69 2.40 -14.26
N LEU C 20 23.67 1.52 -14.48
CA LEU C 20 23.65 0.59 -15.60
C LEU C 20 23.03 -0.76 -15.26
N ARG C 21 22.20 -0.82 -14.21
CA ARG C 21 21.51 -2.05 -13.81
C ARG C 21 22.50 -3.18 -13.55
N VAL C 22 23.47 -2.89 -12.68
CA VAL C 22 24.44 -3.90 -12.27
C VAL C 22 23.95 -4.75 -11.10
N GLU C 23 23.12 -4.18 -10.23
CA GLU C 23 22.60 -4.91 -9.07
C GLU C 23 21.60 -6.00 -9.44
N SER C 24 21.40 -6.25 -10.73
CA SER C 24 20.61 -7.38 -11.21
C SER C 24 21.45 -8.66 -11.29
N SER C 25 22.72 -8.59 -10.86
CA SER C 25 23.62 -9.73 -10.76
C SER C 25 24.24 -9.65 -9.36
N SER C 26 23.80 -10.58 -8.51
CA SER C 26 24.12 -10.48 -7.08
C SER C 26 25.61 -10.56 -6.80
N LYS C 27 26.33 -11.46 -7.48
CA LYS C 27 27.76 -11.61 -7.21
C LYS C 27 28.55 -10.36 -7.62
N LEU C 28 28.28 -9.84 -8.82
CA LEU C 28 28.99 -8.65 -9.28
C LEU C 28 28.68 -7.46 -8.38
N TRP C 29 27.41 -7.29 -8.00
CA TRP C 29 27.05 -6.18 -7.13
C TRP C 29 27.69 -6.31 -5.75
N ALA C 30 27.75 -7.52 -5.21
CA ALA C 30 28.40 -7.72 -3.93
C ALA C 30 29.89 -7.37 -4.00
N GLN C 31 30.56 -7.82 -5.06
CA GLN C 31 31.98 -7.50 -5.21
C GLN C 31 32.20 -5.99 -5.35
N CYS C 32 31.35 -5.33 -6.15
CA CYS C 32 31.48 -3.89 -6.33
C CYS C 32 31.25 -3.14 -5.02
N VAL C 33 30.24 -3.55 -4.26
CA VAL C 33 29.95 -2.90 -2.98
C VAL C 33 31.11 -3.10 -2.02
N GLN C 34 31.68 -4.30 -1.98
CA GLN C 34 32.82 -4.56 -1.10
C GLN C 34 34.00 -3.68 -1.47
N LEU C 35 34.31 -3.57 -2.76
CA LEU C 35 35.42 -2.73 -3.19
C LEU C 35 35.18 -1.27 -2.84
N HIS C 36 33.97 -0.77 -3.10
CA HIS C 36 33.66 0.63 -2.84
C HIS C 36 33.74 0.93 -1.35
N ASN C 37 33.22 0.04 -0.50
CA ASN C 37 33.29 0.25 0.93
C ASN C 37 34.72 0.13 1.46
N ASP C 38 35.55 -0.70 0.84
CA ASP C 38 36.95 -0.81 1.24
C ASP C 38 37.78 0.40 0.86
N ILE C 39 37.48 1.04 -0.28
CA ILE C 39 38.24 2.21 -0.68
C ILE C 39 38.04 3.36 0.31
N LEU C 40 36.80 3.59 0.73
CA LEU C 40 36.49 4.72 1.60
C LEU C 40 37.11 4.58 2.98
N LEU C 41 37.49 3.37 3.40
CA LEU C 41 38.09 3.15 4.70
C LEU C 41 39.61 3.07 4.65
N ALA C 42 40.21 3.30 3.48
CA ALA C 42 41.66 3.17 3.34
C ALA C 42 42.38 4.28 4.10
N LYS C 43 43.66 4.03 4.38
CA LYS C 43 44.48 4.98 5.11
C LYS C 43 45.71 5.38 4.30
N ASP C 44 46.17 4.50 3.42
CA ASP C 44 47.29 4.76 2.54
C ASP C 44 46.83 4.67 1.09
N THR C 45 47.58 5.32 0.21
CA THR C 45 47.11 5.61 -1.15
C THR C 45 47.75 4.70 -2.19
N THR C 46 47.92 3.41 -1.86
CA THR C 46 48.34 2.43 -2.86
C THR C 46 47.29 1.34 -2.97
N GLU C 47 46.82 0.86 -1.81
CA GLU C 47 45.72 -0.10 -1.79
C GLU C 47 44.46 0.50 -2.41
N ALA C 48 44.20 1.78 -2.12
CA ALA C 48 43.06 2.45 -2.73
C ALA C 48 43.18 2.46 -4.25
N PHE C 49 44.39 2.69 -4.78
CA PHE C 49 44.55 2.72 -6.23
C PHE C 49 44.40 1.35 -6.86
N GLU C 50 44.93 0.29 -6.23
CA GLU C 50 44.72 -1.03 -6.84
C GLU C 50 43.26 -1.44 -6.79
N LYS C 51 42.57 -1.14 -5.68
CA LYS C 51 41.14 -1.41 -5.62
C LYS C 51 40.38 -0.57 -6.64
N MET C 52 40.84 0.65 -6.89
CA MET C 52 40.24 1.48 -7.92
C MET C 52 40.40 0.87 -9.31
N VAL C 53 41.58 0.31 -9.60
CA VAL C 53 41.79 -0.38 -10.87
C VAL C 53 40.83 -1.56 -10.99
N SER C 54 40.72 -2.35 -9.91
CA SER C 54 39.81 -3.50 -9.92
C SER C 54 38.37 -3.08 -10.14
N LEU C 55 37.95 -1.98 -9.51
CA LEU C 55 36.57 -1.52 -9.67
C LEU C 55 36.31 -0.96 -11.06
N LEU C 56 37.27 -0.24 -11.63
CA LEU C 56 37.10 0.29 -12.98
C LEU C 56 37.09 -0.80 -14.03
N SER C 57 37.81 -1.90 -13.80
CA SER C 57 37.75 -3.04 -14.71
C SER C 57 36.34 -3.57 -14.88
N VAL C 58 35.48 -3.44 -13.86
CA VAL C 58 34.10 -3.89 -13.99
C VAL C 58 33.35 -3.07 -15.04
N LEU C 59 33.51 -1.75 -15.00
CA LEU C 59 32.87 -0.89 -16.00
C LEU C 59 33.47 -1.07 -17.38
N LEU C 60 34.79 -1.26 -17.47
CA LEU C 60 35.41 -1.41 -18.78
C LEU C 60 35.02 -2.71 -19.48
N SER C 61 34.72 -3.76 -18.74
CA SER C 61 34.39 -5.06 -19.34
C SER C 61 32.88 -5.19 -19.54
N MET C 62 32.29 -4.19 -20.17
CA MET C 62 30.89 -4.22 -20.56
C MET C 62 30.80 -3.53 -21.92
N GLN C 63 30.62 -4.32 -22.97
CA GLN C 63 30.80 -3.85 -24.34
C GLN C 63 29.85 -2.71 -24.72
N GLY C 64 28.55 -2.98 -24.69
CA GLY C 64 27.57 -1.98 -25.07
C GLY C 64 27.60 -0.77 -24.16
N ALA C 65 27.18 -0.97 -22.91
CA ALA C 65 27.20 -0.01 -21.81
C ALA C 65 27.38 1.45 -22.22
N VAL C 66 28.63 1.88 -22.32
CA VAL C 66 28.97 3.27 -22.63
C VAL C 66 29.93 3.29 -23.81
N ASP C 67 30.18 4.48 -24.32
CA ASP C 67 31.11 4.72 -25.42
C ASP C 67 32.39 5.31 -24.83
N ILE C 68 33.45 4.51 -24.78
CA ILE C 68 34.72 4.95 -24.21
C ILE C 68 35.31 6.02 -25.10
N ASN C 69 35.17 5.86 -26.41
CA ASN C 69 35.83 6.74 -27.37
C ASN C 69 35.15 8.10 -27.49
N LYS C 70 33.82 8.15 -27.49
CA LYS C 70 33.13 9.42 -27.51
C LYS C 70 33.39 10.18 -26.22
N LEU C 71 33.27 9.49 -25.08
CA LEU C 71 33.56 10.09 -23.78
C LEU C 71 35.02 10.44 -23.60
N CYS C 72 35.90 10.04 -24.53
CA CYS C 72 37.29 10.45 -24.51
C CYS C 72 37.59 11.58 -25.50
N GLU C 73 36.67 11.89 -26.39
CA GLU C 73 36.86 12.92 -27.40
C GLU C 73 36.14 14.23 -27.06
N GLU C 74 35.52 14.30 -25.88
CA GLU C 74 34.74 15.48 -25.49
C GLU C 74 35.57 16.41 -24.61
N MET C 75 36.87 16.50 -24.88
CA MET C 75 37.82 17.16 -23.98
C MET C 75 37.78 16.49 -22.62
N LEU C 76 37.67 15.16 -22.64
CA LEU C 76 37.63 14.32 -21.45
C LEU C 76 38.71 13.26 -21.56
N ASP C 77 38.60 12.19 -20.77
CA ASP C 77 39.67 11.23 -20.48
C ASP C 77 40.59 10.92 -21.65
N ASN C 78 41.88 10.82 -21.38
CA ASN C 78 42.88 10.49 -22.39
C ASN C 78 43.24 9.01 -22.31
N PHE D 6 6.71 55.89 -7.98
CA PHE D 6 5.39 55.65 -8.55
C PHE D 6 4.81 56.94 -9.13
N SER D 7 5.26 57.30 -10.33
CA SER D 7 4.82 58.52 -11.01
C SER D 7 4.10 58.23 -12.31
N SER D 8 3.37 57.10 -12.37
CA SER D 8 2.65 56.72 -13.58
C SER D 8 1.19 56.40 -13.28
N LEU D 9 0.61 57.06 -12.28
CA LEU D 9 -0.78 56.83 -11.92
C LEU D 9 -1.53 58.14 -11.88
N PRO D 10 -2.84 58.15 -12.18
CA PRO D 10 -3.61 59.39 -12.11
C PRO D 10 -3.63 60.02 -10.72
N SER D 11 -3.56 59.19 -9.69
CA SER D 11 -3.51 59.70 -8.32
C SER D 11 -2.29 60.59 -8.12
N TYR D 12 -1.14 60.17 -8.68
CA TYR D 12 0.06 61.00 -8.59
C TYR D 12 -0.15 62.34 -9.27
N ALA D 13 -0.80 62.34 -10.44
CA ALA D 13 -1.04 63.59 -11.16
C ALA D 13 -1.93 64.53 -10.34
N ALA D 14 -3.03 63.99 -9.81
CA ALA D 14 -3.93 64.82 -9.01
C ALA D 14 -3.22 65.37 -7.77
N PHE D 15 -2.46 64.51 -7.08
CA PHE D 15 -1.75 64.96 -5.88
C PHE D 15 -0.71 66.01 -6.23
N ALA D 16 -0.02 65.86 -7.35
CA ALA D 16 0.99 66.84 -7.75
C ALA D 16 0.36 68.18 -8.08
N THR D 17 -0.76 68.17 -8.81
CA THR D 17 -1.44 69.43 -9.12
C THR D 17 -1.93 70.12 -7.87
N ALA D 18 -2.53 69.34 -6.95
CA ALA D 18 -2.98 69.93 -5.69
C ALA D 18 -1.81 70.48 -4.88
N GLN D 19 -0.70 69.75 -4.84
CA GLN D 19 0.49 70.20 -4.11
C GLN D 19 0.98 71.52 -4.69
N GLU D 20 1.11 71.60 -6.02
CA GLU D 20 1.58 72.83 -6.65
C GLU D 20 0.64 73.99 -6.38
N ALA D 21 -0.67 73.78 -6.51
CA ALA D 21 -1.63 74.86 -6.31
C ALA D 21 -1.57 75.37 -4.87
N TYR D 22 -1.60 74.45 -3.90
CA TYR D 22 -1.56 74.85 -2.51
C TYR D 22 -0.26 75.56 -2.17
N GLU D 23 0.87 75.04 -2.67
CA GLU D 23 2.16 75.65 -2.38
C GLU D 23 2.24 77.06 -2.93
N GLN D 24 1.78 77.24 -4.17
CA GLN D 24 1.79 78.58 -4.78
C GLN D 24 0.90 79.54 -4.01
N ALA D 25 -0.30 79.08 -3.64
CA ALA D 25 -1.22 79.95 -2.90
C ALA D 25 -0.65 80.33 -1.54
N VAL D 26 -0.02 79.39 -0.84
CA VAL D 26 0.53 79.67 0.48
C VAL D 26 1.73 80.60 0.37
N ALA D 27 2.62 80.35 -0.60
CA ALA D 27 3.78 81.21 -0.78
C ALA D 27 3.38 82.62 -1.17
N ASN D 28 2.27 82.76 -1.91
CA ASN D 28 1.77 84.09 -2.22
C ASN D 28 1.26 84.81 -0.97
N GLY D 29 0.88 84.07 0.06
CA GLY D 29 0.35 84.65 1.28
C GLY D 29 -1.15 84.85 1.20
N ASP D 30 -1.88 84.34 2.19
CA ASP D 30 -3.34 84.40 2.16
C ASP D 30 -3.95 84.22 3.55
N SER D 31 -5.27 84.06 3.60
CA SER D 31 -6.00 83.95 4.86
C SER D 31 -6.06 82.51 5.35
N GLU D 32 -6.91 82.25 6.35
CA GLU D 32 -7.02 80.94 6.97
C GLU D 32 -7.98 80.01 6.24
N VAL D 33 -9.12 80.53 5.77
CA VAL D 33 -10.12 79.69 5.12
C VAL D 33 -9.59 79.06 3.85
N VAL D 34 -8.80 79.81 3.08
CA VAL D 34 -8.22 79.28 1.85
C VAL D 34 -7.27 78.13 2.15
N LEU D 35 -6.43 78.29 3.19
CA LEU D 35 -5.53 77.22 3.58
C LEU D 35 -6.30 75.99 4.02
N LYS D 36 -7.36 76.19 4.82
CA LYS D 36 -8.15 75.05 5.28
C LYS D 36 -8.80 74.31 4.12
N LYS D 37 -9.39 75.05 3.17
CA LYS D 37 -10.02 74.40 2.02
C LYS D 37 -8.99 73.68 1.17
N LEU D 38 -7.82 74.30 0.96
CA LEU D 38 -6.78 73.68 0.14
C LEU D 38 -6.28 72.39 0.78
N LYS D 39 -6.06 72.40 2.10
CA LYS D 39 -5.60 71.18 2.75
C LYS D 39 -6.68 70.11 2.79
N LYS D 40 -7.95 70.50 2.95
CA LYS D 40 -9.05 69.54 2.90
C LYS D 40 -9.18 68.90 1.53
N SER D 41 -8.88 69.64 0.46
CA SER D 41 -8.88 69.06 -0.88
C SER D 41 -7.56 68.38 -1.24
N LEU D 42 -6.51 68.58 -0.45
CA LEU D 42 -5.20 68.02 -0.72
C LEU D 42 -4.98 66.66 -0.03
N ASN D 43 -5.43 66.54 1.22
CA ASN D 43 -5.09 65.36 2.00
C ASN D 43 -5.72 64.09 1.45
N VAL D 44 -6.92 64.18 0.88
CA VAL D 44 -7.56 63.01 0.31
C VAL D 44 -6.75 62.50 -0.88
N ALA D 45 -6.27 63.40 -1.74
CA ALA D 45 -5.45 62.99 -2.86
C ALA D 45 -4.11 62.44 -2.39
N LYS D 46 -3.55 63.03 -1.32
CA LYS D 46 -2.30 62.51 -0.78
C LYS D 46 -2.45 61.08 -0.27
N SER D 47 -3.54 60.79 0.44
CA SER D 47 -3.80 59.43 0.90
C SER D 47 -4.03 58.49 -0.29
N GLU D 48 -4.77 58.96 -1.30
CA GLU D 48 -4.99 58.18 -2.51
C GLU D 48 -3.67 57.78 -3.15
N PHE D 49 -2.72 58.72 -3.23
CA PHE D 49 -1.41 58.40 -3.78
C PHE D 49 -0.64 57.42 -2.89
N ASP D 50 -0.61 57.70 -1.58
CA ASP D 50 0.19 56.93 -0.64
C ASP D 50 -0.25 55.49 -0.50
N ARG D 51 -1.53 55.17 -0.68
CA ARG D 51 -1.96 53.77 -0.65
C ARG D 51 -1.36 52.97 -1.81
N ASP D 52 -1.53 53.47 -3.04
CA ASP D 52 -1.02 52.77 -4.20
C ASP D 52 0.50 52.74 -4.21
N ALA D 53 1.14 53.76 -3.63
CA ALA D 53 2.60 53.80 -3.60
C ALA D 53 3.22 52.58 -2.93
N ALA D 54 2.52 51.97 -1.97
CA ALA D 54 2.97 50.74 -1.34
C ALA D 54 2.33 49.49 -1.94
N MET D 55 1.07 49.59 -2.38
CA MET D 55 0.44 48.43 -2.99
C MET D 55 1.19 47.98 -4.24
N GLN D 56 1.63 48.93 -5.07
CA GLN D 56 2.39 48.59 -6.27
C GLN D 56 3.71 47.91 -5.92
N ARG D 57 4.40 48.40 -4.89
CA ARG D 57 5.66 47.79 -4.48
C ARG D 57 5.46 46.35 -4.03
N LYS D 58 4.43 46.11 -3.21
CA LYS D 58 4.18 44.74 -2.75
C LYS D 58 3.83 43.84 -3.93
N LEU D 59 3.03 44.33 -4.88
CA LEU D 59 2.69 43.54 -6.06
C LEU D 59 3.94 43.19 -6.86
N GLU D 60 4.83 44.16 -7.08
CA GLU D 60 6.01 43.93 -7.90
C GLU D 60 6.94 42.91 -7.24
N LYS D 61 7.19 43.05 -5.94
CA LYS D 61 8.07 42.10 -5.27
C LYS D 61 7.46 40.70 -5.25
N MET D 62 6.14 40.61 -5.08
CA MET D 62 5.49 39.30 -5.09
C MET D 62 5.58 38.64 -6.46
N ALA D 63 5.41 39.43 -7.53
CA ALA D 63 5.56 38.88 -8.88
C ALA D 63 6.98 38.38 -9.11
N ASP D 64 7.98 39.15 -8.66
CA ASP D 64 9.37 38.72 -8.80
C ASP D 64 9.62 37.41 -8.08
N GLN D 65 9.11 37.27 -6.85
CA GLN D 65 9.28 36.03 -6.11
C GLN D 65 8.62 34.85 -6.83
N ALA D 66 7.42 35.06 -7.38
CA ALA D 66 6.74 33.98 -8.09
C ALA D 66 7.53 33.53 -9.32
N MET D 67 8.06 34.47 -10.10
CA MET D 67 8.88 34.10 -11.25
C MET D 67 10.13 33.35 -10.82
N THR D 68 10.73 33.78 -9.70
CA THR D 68 11.89 33.06 -9.16
C THR D 68 11.53 31.61 -8.86
N GLN D 69 10.40 31.41 -8.18
CA GLN D 69 10.01 30.05 -7.77
C GLN D 69 9.75 29.18 -8.98
N MET D 70 9.07 29.73 -10.00
CA MET D 70 8.82 28.92 -11.20
C MET D 70 10.10 28.59 -11.95
N TYR D 71 11.06 29.51 -12.02
CA TYR D 71 12.34 29.20 -12.63
C TYR D 71 13.03 28.07 -11.89
N LYS D 72 13.01 28.12 -10.55
CA LYS D 72 13.66 27.07 -9.77
C LYS D 72 13.02 25.72 -10.01
N GLN D 73 11.69 25.67 -10.05
CA GLN D 73 11.01 24.39 -10.29
C GLN D 73 11.35 23.84 -11.68
N ALA D 74 11.33 24.70 -12.70
CA ALA D 74 11.66 24.24 -14.05
C ALA D 74 13.09 23.73 -14.13
N ARG D 75 14.03 24.43 -13.50
CA ARG D 75 15.42 24.00 -13.53
C ARG D 75 15.62 22.68 -12.82
N SER D 76 14.96 22.47 -11.67
CA SER D 76 15.10 21.19 -10.98
C SER D 76 14.53 20.05 -11.82
N GLU D 77 13.36 20.27 -12.44
CA GLU D 77 12.78 19.24 -13.29
C GLU D 77 13.69 18.91 -14.47
N ASP D 78 14.33 19.92 -15.05
CA ASP D 78 15.26 19.69 -16.15
C ASP D 78 16.46 18.88 -15.64
N LYS D 79 17.04 19.30 -14.51
CA LYS D 79 18.26 18.69 -14.00
C LYS D 79 18.07 17.22 -13.67
N ARG D 80 16.91 16.85 -13.12
CA ARG D 80 16.70 15.47 -12.73
C ARG D 80 16.39 14.54 -13.91
N ALA D 81 16.64 14.99 -15.15
CA ALA D 81 16.37 14.19 -16.33
C ALA D 81 17.59 14.00 -17.24
N LYS D 82 18.79 14.38 -16.78
CA LYS D 82 20.01 14.19 -17.57
C LYS D 82 21.11 13.55 -16.74
N VAL D 83 20.73 12.80 -15.70
CA VAL D 83 21.66 12.34 -14.69
C VAL D 83 22.68 11.36 -15.24
N THR D 84 22.27 10.47 -16.15
CA THR D 84 23.18 9.46 -16.67
C THR D 84 24.35 10.12 -17.42
N SER D 85 24.03 10.98 -18.38
CA SER D 85 25.08 11.66 -19.13
C SER D 85 25.92 12.57 -18.24
N ALA D 86 25.27 13.31 -17.33
CA ALA D 86 26.03 14.18 -16.44
C ALA D 86 27.02 13.39 -15.60
N MET D 87 26.57 12.25 -15.04
CA MET D 87 27.42 11.44 -14.19
C MET D 87 28.57 10.83 -14.98
N GLN D 88 28.30 10.35 -16.19
CA GLN D 88 29.38 9.78 -17.00
C GLN D 88 30.43 10.82 -17.35
N THR D 89 29.99 12.01 -17.77
CA THR D 89 30.95 13.07 -18.11
C THR D 89 31.77 13.47 -16.88
N MET D 90 31.10 13.61 -15.73
CA MET D 90 31.82 13.96 -14.51
C MET D 90 32.83 12.89 -14.13
N LEU D 91 32.44 11.62 -14.22
CA LEU D 91 33.33 10.53 -13.86
C LEU D 91 34.57 10.53 -14.72
N PHE D 92 34.41 10.71 -16.03
CA PHE D 92 35.59 10.72 -16.88
C PHE D 92 36.43 11.97 -16.70
N THR D 93 35.83 13.10 -16.32
CA THR D 93 36.62 14.28 -15.98
C THR D 93 37.50 14.03 -14.75
N MET D 94 36.92 13.46 -13.69
CA MET D 94 37.74 13.15 -12.51
C MET D 94 38.79 12.10 -12.84
N LEU D 95 38.46 11.14 -13.71
CA LEU D 95 39.45 10.13 -14.09
C LEU D 95 40.61 10.76 -14.83
N ARG D 96 40.35 11.75 -15.70
CA ARG D 96 41.43 12.56 -16.23
C ARG D 96 42.26 13.20 -15.13
N LYS D 97 41.59 13.90 -14.21
CA LYS D 97 42.31 14.68 -13.21
C LYS D 97 43.15 13.82 -12.27
N LEU D 98 42.78 12.56 -12.07
CA LEU D 98 43.54 11.69 -11.18
C LEU D 98 44.97 11.47 -11.69
N ASP D 99 45.12 11.24 -12.99
CA ASP D 99 46.43 11.11 -13.63
C ASP D 99 47.26 9.97 -13.02
N ASN D 100 46.77 8.75 -13.18
CA ASN D 100 47.50 7.55 -12.78
C ASN D 100 47.91 6.76 -14.01
N ASP D 101 49.06 6.09 -13.91
CA ASP D 101 49.61 5.33 -15.02
C ASP D 101 48.84 4.06 -15.34
N ALA D 102 48.44 3.30 -14.31
CA ALA D 102 47.70 2.07 -14.55
C ALA D 102 46.31 2.37 -15.12
N LEU D 103 45.63 3.36 -14.53
CA LEU D 103 44.32 3.74 -15.03
C LEU D 103 44.41 4.25 -16.46
N ASN D 104 45.41 5.09 -16.76
CA ASN D 104 45.60 5.57 -18.11
C ASN D 104 45.87 4.43 -19.08
N ASN D 105 46.70 3.47 -18.65
CA ASN D 105 47.02 2.32 -19.48
C ASN D 105 45.76 1.55 -19.85
N ILE D 106 44.96 1.18 -18.85
CA ILE D 106 43.77 0.38 -19.13
C ILE D 106 42.72 1.18 -19.88
N ILE D 107 42.62 2.49 -19.65
CA ILE D 107 41.65 3.29 -20.39
C ILE D 107 42.03 3.39 -21.86
N ASN D 108 43.31 3.61 -22.15
CA ASN D 108 43.75 3.65 -23.55
C ASN D 108 43.59 2.28 -24.20
N ASN D 109 43.88 1.21 -23.47
CA ASN D 109 43.73 -0.14 -24.01
C ASN D 109 42.28 -0.42 -24.36
N ALA D 110 41.35 -0.05 -23.47
CA ALA D 110 39.94 -0.20 -23.77
C ALA D 110 39.49 0.71 -24.91
N ARG D 111 40.09 1.89 -25.03
CA ARG D 111 39.75 2.81 -26.10
C ARG D 111 40.21 2.30 -27.46
N ASP D 112 41.28 1.51 -27.51
CA ASP D 112 41.76 0.95 -28.76
C ASP D 112 41.14 -0.41 -29.08
N GLY D 113 40.56 -1.08 -28.09
CA GLY D 113 39.84 -2.32 -28.35
C GLY D 113 40.16 -3.48 -27.44
N CYS D 114 41.19 -3.36 -26.61
CA CYS D 114 41.64 -4.46 -25.76
C CYS D 114 41.00 -4.31 -24.38
N VAL D 115 39.84 -4.93 -24.21
CA VAL D 115 39.09 -4.86 -22.97
C VAL D 115 39.24 -6.17 -22.21
N PRO D 116 39.07 -6.19 -20.88
CA PRO D 116 39.12 -7.46 -20.15
C PRO D 116 37.80 -8.21 -20.21
N LEU D 117 37.76 -9.41 -19.63
CA LEU D 117 36.54 -10.20 -19.58
C LEU D 117 36.04 -10.48 -18.16
N ASN D 118 36.84 -10.20 -17.13
CA ASN D 118 36.42 -10.40 -15.74
C ASN D 118 37.08 -9.32 -14.89
N ILE D 119 36.89 -9.42 -13.59
CA ILE D 119 37.49 -8.47 -12.65
C ILE D 119 39.00 -8.73 -12.59
N ILE D 120 39.78 -7.66 -12.68
CA ILE D 120 41.23 -7.77 -12.62
C ILE D 120 41.64 -8.23 -11.22
N PRO D 121 42.32 -9.37 -11.09
CA PRO D 121 42.72 -9.85 -9.76
C PRO D 121 43.91 -9.07 -9.22
N LEU D 122 44.04 -9.13 -7.89
CA LEU D 122 45.13 -8.45 -7.20
C LEU D 122 46.15 -9.39 -6.59
N THR D 123 45.80 -10.66 -6.40
CA THR D 123 46.69 -11.62 -5.76
C THR D 123 47.81 -12.02 -6.72
N THR D 124 48.79 -12.75 -6.19
CA THR D 124 49.85 -13.32 -7.01
C THR D 124 49.37 -14.49 -7.85
N ALA D 125 48.06 -14.74 -7.89
CA ALA D 125 47.47 -15.86 -8.61
C ALA D 125 46.19 -15.40 -9.29
N ALA D 126 45.35 -16.36 -9.70
CA ALA D 126 44.05 -16.12 -10.33
C ALA D 126 44.19 -15.67 -11.78
N LYS D 127 43.21 -16.02 -12.59
CA LYS D 127 43.30 -15.89 -14.04
C LYS D 127 42.70 -14.58 -14.53
N LEU D 128 43.30 -14.03 -15.58
CA LEU D 128 42.81 -12.82 -16.25
C LEU D 128 42.67 -13.12 -17.73
N MET D 129 41.56 -12.67 -18.32
CA MET D 129 41.28 -12.92 -19.74
C MET D 129 40.99 -11.59 -20.41
N VAL D 130 41.70 -11.32 -21.51
CA VAL D 130 41.48 -10.11 -22.31
C VAL D 130 41.21 -10.52 -23.76
N VAL D 131 40.79 -9.56 -24.58
CA VAL D 131 40.55 -9.81 -26.00
C VAL D 131 41.47 -8.90 -26.81
N ILE D 132 42.21 -9.48 -27.75
CA ILE D 132 43.13 -8.74 -28.60
C ILE D 132 42.62 -8.80 -30.04
N PRO D 133 42.08 -7.71 -30.58
CA PRO D 133 41.39 -7.78 -31.88
C PRO D 133 42.26 -7.61 -33.11
N ASP D 134 43.51 -7.15 -32.99
CA ASP D 134 44.37 -6.92 -34.13
C ASP D 134 45.80 -7.31 -33.78
N TYR D 135 46.65 -7.34 -34.81
CA TYR D 135 48.04 -7.71 -34.60
C TYR D 135 48.86 -6.60 -33.96
N ASN D 136 48.48 -5.34 -34.18
CA ASN D 136 49.24 -4.23 -33.60
C ASN D 136 49.15 -4.22 -32.09
N THR D 137 47.96 -4.48 -31.52
CA THR D 137 47.83 -4.56 -30.08
C THR D 137 48.66 -5.71 -29.52
N TYR D 138 48.67 -6.85 -30.22
CA TYR D 138 49.49 -7.98 -29.80
C TYR D 138 50.97 -7.60 -29.83
N LYS D 139 51.39 -6.84 -30.85
CA LYS D 139 52.77 -6.39 -30.94
C LYS D 139 53.13 -5.48 -29.77
N ASN D 140 52.24 -4.55 -29.43
CA ASN D 140 52.52 -3.61 -28.35
C ASN D 140 52.58 -4.33 -27.00
N THR D 141 51.55 -5.10 -26.67
CA THR D 141 51.48 -5.71 -25.35
C THR D 141 52.29 -6.99 -25.24
N CYS D 142 51.98 -7.99 -26.07
CA CYS D 142 52.59 -9.30 -25.92
C CYS D 142 53.88 -9.39 -26.72
N ASP D 143 55.00 -9.51 -26.01
CA ASP D 143 56.29 -9.72 -26.65
C ASP D 143 57.04 -10.80 -25.87
N GLY D 144 57.35 -11.90 -26.54
CA GLY D 144 57.95 -13.03 -25.85
C GLY D 144 56.88 -13.93 -25.28
N THR D 145 57.00 -14.24 -23.98
CA THR D 145 56.01 -15.04 -23.29
C THR D 145 55.44 -14.30 -22.07
N THR D 146 55.70 -13.00 -21.96
CA THR D 146 55.22 -12.20 -20.86
C THR D 146 54.17 -11.21 -21.37
N PHE D 147 53.31 -10.78 -20.46
CA PHE D 147 52.19 -9.90 -20.77
C PHE D 147 52.23 -8.69 -19.85
N THR D 148 52.14 -7.50 -20.44
CA THR D 148 52.16 -6.25 -19.69
C THR D 148 50.78 -5.59 -19.79
N TYR D 149 50.09 -5.50 -18.66
CA TYR D 149 48.75 -4.95 -18.61
C TYR D 149 48.53 -4.31 -17.24
N ALA D 150 47.89 -3.15 -17.24
CA ALA D 150 47.58 -2.41 -16.02
C ALA D 150 48.82 -2.13 -15.18
N SER D 151 49.93 -1.80 -15.85
CA SER D 151 51.21 -1.51 -15.20
C SER D 151 51.66 -2.68 -14.32
N ALA D 152 51.53 -3.88 -14.87
CA ALA D 152 51.93 -5.10 -14.18
C ALA D 152 52.56 -6.04 -15.20
N LEU D 153 52.89 -7.26 -14.76
CA LEU D 153 53.50 -8.27 -15.62
C LEU D 153 52.73 -9.57 -15.46
N TRP D 154 52.39 -10.20 -16.59
CA TRP D 154 51.63 -11.44 -16.62
C TRP D 154 52.30 -12.43 -17.57
N GLU D 155 51.99 -13.70 -17.38
CA GLU D 155 52.60 -14.79 -18.15
C GLU D 155 51.54 -15.51 -18.95
N ILE D 156 51.66 -15.45 -20.28
CA ILE D 156 50.70 -16.12 -21.16
C ILE D 156 50.76 -17.63 -20.97
N GLN D 157 49.58 -18.25 -20.98
CA GLN D 157 49.51 -19.71 -20.88
C GLN D 157 48.51 -20.32 -21.87
N GLN D 158 47.75 -19.50 -22.58
CA GLN D 158 46.73 -20.03 -23.48
C GLN D 158 46.28 -18.93 -24.44
N VAL D 159 46.07 -19.34 -25.70
CA VAL D 159 45.55 -18.46 -26.74
C VAL D 159 44.40 -19.18 -27.44
N VAL D 160 43.25 -18.51 -27.53
CA VAL D 160 42.06 -19.10 -28.10
C VAL D 160 41.46 -18.12 -29.11
N ASP D 161 40.97 -18.64 -30.23
CA ASP D 161 40.51 -17.80 -31.33
C ASP D 161 38.98 -17.78 -31.31
N ALA D 162 38.38 -17.12 -32.30
CA ALA D 162 36.92 -17.08 -32.37
C ALA D 162 36.34 -18.45 -32.67
N ASP D 163 37.13 -19.36 -33.22
CA ASP D 163 36.72 -20.74 -33.47
C ASP D 163 37.08 -21.66 -32.32
N SER D 164 37.61 -21.12 -31.22
CA SER D 164 37.93 -21.83 -29.98
C SER D 164 39.03 -22.87 -30.16
N LYS D 165 39.88 -22.74 -31.18
CA LYS D 165 40.99 -23.67 -31.34
C LYS D 165 42.26 -23.06 -30.76
N ILE D 166 43.07 -23.89 -30.08
CA ILE D 166 44.28 -23.40 -29.45
C ILE D 166 45.30 -23.02 -30.51
N VAL D 167 45.92 -21.86 -30.32
CA VAL D 167 46.97 -21.37 -31.20
C VAL D 167 48.25 -21.22 -30.39
N GLN D 168 49.32 -21.85 -30.83
CA GLN D 168 50.60 -21.76 -30.15
C GLN D 168 51.24 -20.39 -30.39
N LEU D 169 52.09 -19.98 -29.45
CA LEU D 169 52.66 -18.63 -29.51
C LEU D 169 53.55 -18.45 -30.73
N SER D 170 54.26 -19.50 -31.15
CA SER D 170 55.19 -19.38 -32.27
C SER D 170 54.45 -19.08 -33.57
N GLU D 171 53.17 -19.44 -33.66
CA GLU D 171 52.41 -19.26 -34.87
C GLU D 171 52.24 -17.79 -35.24
N ILE D 172 51.99 -16.92 -34.27
CA ILE D 172 51.64 -15.53 -34.52
C ILE D 172 52.88 -14.79 -35.04
N SER D 173 52.75 -14.18 -36.21
CA SER D 173 53.82 -13.42 -36.83
C SER D 173 53.19 -12.41 -37.79
N MET D 174 54.02 -11.54 -38.35
CA MET D 174 53.53 -10.45 -39.18
C MET D 174 52.68 -10.96 -40.35
N ASP D 175 53.27 -11.72 -41.26
CA ASP D 175 52.51 -12.21 -42.41
C ASP D 175 51.84 -13.55 -42.13
N ASN D 176 52.25 -14.22 -41.05
CA ASN D 176 51.70 -15.53 -40.73
C ASN D 176 50.38 -15.43 -39.98
N SER D 177 50.03 -14.23 -39.51
CA SER D 177 48.79 -14.02 -38.77
C SER D 177 47.55 -13.88 -39.66
N PRO D 178 47.57 -13.11 -40.78
CA PRO D 178 46.32 -12.82 -41.47
C PRO D 178 45.70 -14.02 -42.19
N ASN D 179 45.60 -15.14 -41.48
CA ASN D 179 44.81 -16.28 -41.92
C ASN D 179 44.11 -16.91 -40.71
N LEU D 180 43.69 -16.07 -39.76
CA LEU D 180 43.25 -16.54 -38.46
C LEU D 180 41.99 -15.80 -38.04
N ALA D 181 41.24 -16.41 -37.13
CA ALA D 181 40.18 -15.70 -36.43
C ALA D 181 40.79 -14.80 -35.37
N TRP D 182 40.73 -13.49 -35.60
CA TRP D 182 41.57 -12.55 -34.87
C TRP D 182 41.16 -12.24 -33.43
N PRO D 183 39.86 -12.19 -33.07
CA PRO D 183 39.54 -11.84 -31.68
C PRO D 183 40.06 -12.88 -30.69
N LEU D 184 41.37 -12.88 -30.48
CA LEU D 184 42.04 -13.83 -29.60
C LEU D 184 41.67 -13.59 -28.15
N ILE D 185 41.87 -14.59 -27.29
CA ILE D 185 41.58 -14.48 -25.87
C ILE D 185 42.76 -14.99 -25.06
N VAL D 186 43.56 -14.06 -24.52
CA VAL D 186 44.72 -14.46 -23.74
C VAL D 186 44.34 -14.67 -22.27
N THR D 187 44.79 -15.78 -21.72
CA THR D 187 44.57 -16.10 -20.31
C THR D 187 45.93 -16.21 -19.65
N ALA D 188 46.22 -15.31 -18.71
CA ALA D 188 47.50 -15.22 -18.03
C ALA D 188 47.27 -15.15 -16.53
N LEU D 189 48.37 -15.28 -15.78
CA LEU D 189 48.39 -15.11 -14.34
C LEU D 189 49.40 -14.05 -13.95
N ARG D 190 49.17 -13.41 -12.80
CA ARG D 190 49.99 -12.28 -12.36
C ARG D 190 51.37 -12.75 -11.93
N ALA D 191 52.41 -12.24 -12.61
CA ALA D 191 53.78 -12.56 -12.23
C ALA D 191 54.12 -11.92 -10.88
N ASN D 192 55.01 -12.56 -10.13
CA ASN D 192 55.40 -12.06 -8.82
C ASN D 192 56.04 -10.68 -8.90
N ALA G 1 9.60 20.86 -20.54
CA ALA G 1 8.94 22.09 -20.09
C ALA G 1 9.33 23.27 -20.98
N VAL G 2 10.60 23.67 -20.90
CA VAL G 2 11.09 24.82 -21.67
C VAL G 2 11.36 24.39 -23.11
N GLY G 3 10.44 24.74 -24.01
CA GLY G 3 10.61 24.43 -25.41
C GLY G 3 11.00 25.65 -26.23
N ALA G 4 10.35 25.87 -27.37
CA ALA G 4 10.72 26.96 -28.25
C ALA G 4 9.57 27.35 -29.16
N CYS G 5 9.13 28.59 -29.06
CA CYS G 5 8.33 29.23 -30.08
C CYS G 5 9.23 30.08 -30.97
N VAL G 6 9.18 29.83 -32.27
CA VAL G 6 10.26 30.25 -33.16
C VAL G 6 9.82 31.37 -34.10
N LEU G 7 8.53 31.42 -34.44
CA LEU G 7 8.06 32.52 -35.28
C LEU G 7 8.29 33.86 -34.59
N CYS G 8 8.05 33.93 -33.29
CA CYS G 8 8.39 35.08 -32.46
C CYS G 8 9.79 34.93 -31.86
N ASN G 9 10.47 33.83 -32.21
CA ASN G 9 11.81 33.51 -31.72
C ASN G 9 11.83 33.68 -30.21
N SER G 10 11.05 32.86 -29.51
CA SER G 10 10.85 33.03 -28.06
C SER G 10 10.84 31.67 -27.40
N GLN G 11 11.83 31.42 -26.54
CA GLN G 11 11.74 30.29 -25.62
C GLN G 11 10.50 30.46 -24.74
N THR G 12 9.83 29.35 -24.46
CA THR G 12 8.55 29.44 -23.78
C THR G 12 8.43 28.27 -22.82
N SER G 13 7.53 28.42 -21.84
CA SER G 13 7.15 27.33 -20.95
C SER G 13 5.64 27.13 -21.04
N LEU G 14 4.98 27.97 -21.82
CA LEU G 14 3.53 27.91 -22.01
C LEU G 14 3.17 27.03 -23.19
N ARG G 15 1.90 26.62 -23.23
CA ARG G 15 1.37 25.83 -24.33
C ARG G 15 -0.15 25.93 -24.28
N CYS G 16 -0.78 25.84 -25.45
CA CYS G 16 -2.24 25.95 -25.54
C CYS G 16 -2.90 24.73 -24.92
N GLY G 17 -3.89 24.96 -24.06
CA GLY G 17 -4.53 23.86 -23.37
C GLY G 17 -5.34 22.95 -24.27
N ALA G 18 -6.08 23.52 -25.21
CA ALA G 18 -6.97 22.76 -26.10
C ALA G 18 -6.52 23.02 -27.54
N CYS G 19 -5.63 22.17 -28.04
CA CYS G 19 -5.13 22.32 -29.40
C CYS G 19 -4.57 20.98 -29.90
N ILE G 20 -3.83 21.01 -31.02
CA ILE G 20 -3.45 19.78 -31.72
C ILE G 20 -2.32 19.04 -31.02
N ARG G 21 -1.16 19.67 -30.89
CA ARG G 21 0.06 19.03 -30.39
C ARG G 21 0.52 19.61 -29.08
N ARG G 22 -0.35 20.25 -28.29
CA ARG G 22 0.06 21.08 -27.17
C ARG G 22 1.11 22.07 -27.70
N PRO G 23 0.74 22.91 -28.65
CA PRO G 23 1.74 23.77 -29.31
C PRO G 23 2.27 24.84 -28.38
N PHE G 24 3.48 25.29 -28.68
CA PHE G 24 4.19 26.20 -27.80
C PHE G 24 4.04 27.63 -28.31
N LEU G 25 3.49 28.49 -27.47
CA LEU G 25 3.21 29.87 -27.84
C LEU G 25 3.68 30.80 -26.74
N CYS G 26 4.43 31.83 -27.10
CA CYS G 26 4.94 32.78 -26.13
C CYS G 26 3.82 33.67 -25.61
N CYS G 27 4.17 34.56 -24.68
CA CYS G 27 3.19 35.38 -23.97
C CYS G 27 2.26 36.14 -24.92
N LYS G 28 2.82 37.04 -25.72
CA LYS G 28 2.02 37.75 -26.71
C LYS G 28 1.51 36.79 -27.77
N CYS G 29 2.30 35.75 -28.06
CA CYS G 29 1.91 34.77 -29.08
C CYS G 29 0.76 33.89 -28.61
N CYS G 30 0.80 33.46 -27.34
CA CYS G 30 -0.37 32.82 -26.76
C CYS G 30 -1.56 33.78 -26.68
N TYR G 31 -1.29 35.07 -26.46
CA TYR G 31 -2.37 36.03 -26.39
C TYR G 31 -3.13 36.12 -27.71
N ASP G 32 -2.43 36.34 -28.82
CA ASP G 32 -3.14 36.46 -30.09
C ASP G 32 -3.57 35.08 -30.60
N HIS G 33 -3.05 34.01 -29.99
CA HIS G 33 -3.68 32.70 -30.20
C HIS G 33 -4.99 32.58 -29.46
N VAL G 34 -5.18 33.31 -28.36
CA VAL G 34 -6.39 33.14 -27.55
C VAL G 34 -7.36 34.31 -27.73
N ILE G 35 -7.05 35.24 -28.62
CA ILE G 35 -8.03 36.29 -28.91
C ILE G 35 -8.48 36.21 -30.36
N SER G 36 -7.60 35.73 -31.25
CA SER G 36 -7.97 35.53 -32.65
C SER G 36 -8.86 34.31 -32.83
N THR G 37 -8.82 33.37 -31.89
CA THR G 37 -9.71 32.22 -31.85
C THR G 37 -10.16 31.97 -30.43
N SER G 38 -10.77 30.82 -30.16
CA SER G 38 -11.27 30.51 -28.82
C SER G 38 -10.48 29.35 -28.26
N HIS G 39 -9.49 29.65 -27.43
CA HIS G 39 -8.61 28.67 -26.82
C HIS G 39 -8.37 29.01 -25.35
N LYS G 40 -9.46 29.34 -24.64
CA LYS G 40 -9.36 29.94 -23.31
C LYS G 40 -8.94 28.89 -22.28
N LEU G 41 -7.73 28.36 -22.47
CA LEU G 41 -7.08 27.49 -21.49
C LEU G 41 -5.62 27.29 -21.90
N VAL G 42 -4.69 27.44 -20.96
CA VAL G 42 -3.26 27.31 -21.24
C VAL G 42 -2.63 26.39 -20.21
N LEU G 43 -1.45 25.87 -20.55
CA LEU G 43 -0.70 25.00 -19.64
C LEU G 43 0.72 25.52 -19.53
N SER G 44 1.20 25.65 -18.29
CA SER G 44 2.54 26.09 -17.96
C SER G 44 3.25 24.96 -17.21
N VAL G 45 4.41 25.26 -16.60
CA VAL G 45 5.06 24.30 -15.71
C VAL G 45 4.03 23.68 -14.77
N ASN G 46 3.12 24.49 -14.26
CA ASN G 46 1.94 24.00 -13.56
C ASN G 46 0.70 24.52 -14.29
N PRO G 47 -0.42 23.79 -14.28
CA PRO G 47 -1.61 24.27 -14.98
C PRO G 47 -2.32 25.37 -14.21
N TYR G 48 -2.85 26.36 -14.93
CA TYR G 48 -3.51 27.49 -14.29
C TYR G 48 -4.95 27.12 -13.94
N VAL G 49 -5.24 27.05 -12.64
CA VAL G 49 -6.56 26.70 -12.14
C VAL G 49 -6.63 27.10 -10.67
N CYS G 50 -7.79 27.53 -10.20
CA CYS G 50 -7.95 27.89 -8.80
C CYS G 50 -7.60 26.71 -7.90
N ASN G 51 -6.84 26.99 -6.84
CA ASN G 51 -6.29 25.95 -5.98
C ASN G 51 -7.12 25.73 -4.72
N ALA G 52 -8.23 26.44 -4.56
CA ALA G 52 -8.99 26.04 -3.37
C ALA G 52 -9.72 24.72 -3.64
N PRO G 53 -9.82 23.86 -2.65
CA PRO G 53 -10.52 22.58 -2.85
C PRO G 53 -11.97 22.79 -3.27
N GLY G 54 -12.39 22.01 -4.26
CA GLY G 54 -13.75 22.05 -4.75
C GLY G 54 -14.05 23.10 -5.78
N CYS G 55 -13.09 23.97 -6.10
CA CYS G 55 -13.34 25.03 -7.05
C CYS G 55 -13.02 24.56 -8.47
N ASP G 56 -13.66 25.20 -9.44
CA ASP G 56 -13.53 24.78 -10.84
C ASP G 56 -13.64 25.96 -11.79
N VAL G 57 -12.51 26.37 -12.38
CA VAL G 57 -12.47 27.43 -13.37
C VAL G 57 -11.52 27.00 -14.49
N THR G 58 -12.09 26.78 -15.68
CA THR G 58 -11.27 26.41 -16.83
C THR G 58 -10.58 27.63 -17.43
N ASP G 59 -11.24 28.79 -17.38
CA ASP G 59 -10.73 29.98 -18.04
C ASP G 59 -9.49 30.52 -17.34
N VAL G 60 -8.70 31.28 -18.09
CA VAL G 60 -7.46 31.87 -17.59
C VAL G 60 -7.53 33.40 -17.60
N THR G 61 -8.43 33.97 -18.40
CA THR G 61 -8.53 35.42 -18.55
C THR G 61 -8.92 36.11 -17.25
N GLN G 62 -9.46 35.38 -16.27
CA GLN G 62 -9.88 35.98 -15.01
C GLN G 62 -9.20 35.39 -13.79
N LEU G 63 -8.22 34.50 -13.95
CA LEU G 63 -7.48 34.00 -12.80
C LEU G 63 -6.50 35.05 -12.30
N TYR G 64 -6.14 34.93 -11.02
CA TYR G 64 -5.17 35.79 -10.38
C TYR G 64 -4.05 34.95 -9.79
N LEU G 65 -2.87 35.55 -9.69
CA LEU G 65 -1.70 34.92 -9.10
C LEU G 65 -1.63 35.37 -7.64
N GLY G 66 -1.99 34.48 -6.73
CA GLY G 66 -2.08 34.80 -5.32
C GLY G 66 -0.82 34.48 -4.55
N GLY G 67 -0.98 33.82 -3.41
CA GLY G 67 0.13 33.48 -2.54
C GLY G 67 0.87 32.23 -2.98
N MET G 68 1.73 32.39 -3.99
CA MET G 68 2.45 31.27 -4.61
C MET G 68 1.47 30.25 -5.19
N SER G 69 0.34 30.75 -5.70
CA SER G 69 -0.69 29.90 -6.29
C SER G 69 -1.57 30.70 -7.23
N TYR G 70 -2.69 30.11 -7.65
CA TYR G 70 -3.62 30.78 -8.55
C TYR G 70 -5.03 30.70 -7.98
N TYR G 71 -5.78 31.80 -8.08
CA TYR G 71 -7.15 31.87 -7.62
C TYR G 71 -7.99 32.53 -8.71
N CYS G 72 -9.30 32.62 -8.50
CA CYS G 72 -10.20 32.82 -9.63
C CYS G 72 -11.27 33.88 -9.43
N LYS G 73 -12.25 33.87 -10.32
CA LYS G 73 -13.28 34.92 -10.42
C LYS G 73 -14.49 34.64 -9.55
N SER G 74 -15.17 33.51 -9.80
CA SER G 74 -16.37 33.20 -9.02
C SER G 74 -16.03 33.00 -7.55
N HIS G 75 -14.92 32.33 -7.27
CA HIS G 75 -14.39 32.15 -5.92
C HIS G 75 -13.15 33.04 -5.85
N LYS G 76 -13.31 34.25 -5.32
CA LYS G 76 -12.35 35.32 -5.54
C LYS G 76 -11.71 35.79 -4.24
N PRO G 77 -10.54 35.28 -3.84
CA PRO G 77 -9.61 36.12 -3.08
C PRO G 77 -8.79 36.98 -4.04
N PRO G 78 -9.16 38.25 -4.22
CA PRO G 78 -8.45 39.08 -5.19
C PRO G 78 -7.34 39.95 -4.62
N ILE G 79 -6.44 39.40 -3.80
CA ILE G 79 -5.24 40.14 -3.44
C ILE G 79 -4.14 39.74 -4.40
N SER G 80 -4.15 40.31 -5.61
CA SER G 80 -3.25 39.87 -6.67
C SER G 80 -3.26 40.84 -7.84
N PHE G 81 -2.63 40.44 -8.94
CA PHE G 81 -2.79 41.09 -10.23
C PHE G 81 -3.26 40.05 -11.24
N PRO G 82 -4.04 40.42 -12.24
CA PRO G 82 -4.59 39.42 -13.16
C PRO G 82 -3.50 38.73 -13.97
N LEU G 83 -3.76 37.45 -14.29
CA LEU G 83 -2.82 36.67 -15.08
C LEU G 83 -2.73 37.18 -16.51
N CYS G 84 -3.88 37.41 -17.13
CA CYS G 84 -3.91 37.89 -18.51
C CYS G 84 -4.17 39.39 -18.52
N ALA G 85 -3.14 40.17 -18.85
CA ALA G 85 -3.24 41.62 -18.88
C ALA G 85 -2.07 42.20 -19.64
N ASN G 86 -2.27 43.42 -20.15
CA ASN G 86 -1.26 44.19 -20.87
C ASN G 86 -0.66 43.40 -22.04
N GLY G 87 -1.50 42.96 -22.97
CA GLY G 87 -1.03 42.33 -24.19
C GLY G 87 -0.14 41.12 -24.02
N GLN G 88 -0.26 40.43 -22.88
CA GLN G 88 0.67 39.34 -22.57
C GLN G 88 0.01 38.39 -21.59
N VAL G 89 0.61 37.20 -21.45
CA VAL G 89 0.23 36.21 -20.47
C VAL G 89 1.41 35.97 -19.56
N PHE G 90 1.15 35.86 -18.26
CA PHE G 90 2.22 35.76 -17.26
C PHE G 90 2.96 34.44 -17.41
N GLY G 91 4.28 34.52 -17.44
CA GLY G 91 5.14 33.35 -17.50
C GLY G 91 6.59 33.81 -17.58
N LEU G 92 7.49 32.83 -17.66
CA LEU G 92 8.88 33.16 -17.94
C LEU G 92 8.99 33.69 -19.37
N TYR G 93 10.11 34.36 -19.64
CA TYR G 93 10.35 35.02 -20.93
C TYR G 93 9.28 36.05 -21.23
N LYS G 94 8.74 36.67 -20.18
CA LYS G 94 7.74 37.72 -20.35
C LYS G 94 8.33 39.00 -20.91
N ASN G 95 9.66 39.14 -20.92
CA ASN G 95 10.33 40.32 -21.45
C ASN G 95 11.00 40.07 -22.78
N THR G 96 11.65 38.92 -22.95
CA THR G 96 12.33 38.58 -24.19
C THR G 96 11.36 37.86 -25.12
N CYS G 97 10.39 38.63 -25.62
CA CYS G 97 9.41 38.13 -26.57
C CYS G 97 9.27 39.14 -27.70
N VAL G 98 8.89 38.65 -28.87
CA VAL G 98 8.83 39.50 -30.07
C VAL G 98 7.39 39.66 -30.52
N GLY G 99 6.72 38.54 -30.81
CA GLY G 99 5.38 38.55 -31.34
C GLY G 99 5.35 38.04 -32.77
N SER G 100 4.17 38.10 -33.37
CA SER G 100 3.97 37.59 -34.71
C SER G 100 3.25 38.63 -35.56
N ASP G 101 3.76 38.86 -36.77
CA ASP G 101 3.09 39.73 -37.72
C ASP G 101 1.93 38.99 -38.40
N ASN G 102 2.19 37.81 -38.93
CA ASN G 102 1.14 36.94 -39.46
C ASN G 102 0.40 36.33 -38.27
N VAL G 103 -0.71 36.96 -37.89
CA VAL G 103 -1.43 36.56 -36.67
C VAL G 103 -2.14 35.23 -36.79
N THR G 104 -2.48 34.79 -38.00
CA THR G 104 -3.47 33.73 -38.18
C THR G 104 -2.86 32.49 -38.84
N ASP G 105 -1.61 32.16 -38.50
CA ASP G 105 -1.05 30.90 -38.96
C ASP G 105 -1.73 29.72 -38.27
N PHE G 106 -1.59 29.64 -36.95
CA PHE G 106 -2.37 28.68 -36.17
C PHE G 106 -3.86 28.96 -36.30
N ASN G 107 -4.24 30.23 -36.25
CA ASN G 107 -5.64 30.60 -36.31
C ASN G 107 -6.28 30.20 -37.64
N ALA G 108 -5.48 29.92 -38.65
CA ALA G 108 -5.99 29.47 -39.95
C ALA G 108 -5.91 27.96 -40.10
N ILE G 109 -4.72 27.39 -39.90
CA ILE G 109 -4.53 25.98 -40.25
C ILE G 109 -4.59 25.05 -39.06
N ALA G 110 -4.38 25.53 -37.83
CA ALA G 110 -4.56 24.71 -36.64
C ALA G 110 -5.98 24.77 -36.10
N THR G 111 -6.86 25.51 -36.75
CA THR G 111 -8.24 25.67 -36.29
C THR G 111 -9.24 24.89 -37.13
N CYS G 112 -8.85 24.37 -38.28
CA CYS G 112 -9.69 23.51 -39.08
C CYS G 112 -9.37 22.05 -38.77
N ASP G 113 -10.17 21.14 -39.33
CA ASP G 113 -10.09 19.74 -38.97
C ASP G 113 -8.99 19.00 -39.73
N TRP G 114 -8.02 19.76 -40.28
CA TRP G 114 -6.79 19.19 -40.83
C TRP G 114 -7.06 18.23 -41.99
N THR G 115 -8.07 18.56 -42.80
CA THR G 115 -8.39 17.74 -43.97
C THR G 115 -8.60 18.54 -45.25
N ASN G 116 -8.72 19.86 -45.19
CA ASN G 116 -8.90 20.67 -46.39
C ASN G 116 -7.56 20.87 -47.10
N ALA G 117 -7.65 21.21 -48.38
CA ALA G 117 -6.44 21.46 -49.17
C ALA G 117 -5.72 22.73 -48.70
N GLY G 118 -6.44 23.64 -48.05
CA GLY G 118 -5.82 24.87 -47.56
C GLY G 118 -4.71 24.61 -46.57
N ASP G 119 -4.82 23.54 -45.78
CA ASP G 119 -3.75 23.13 -44.87
C ASP G 119 -2.45 22.94 -45.62
N TYR G 120 -2.50 22.12 -46.69
CA TYR G 120 -1.29 21.84 -47.44
C TYR G 120 -0.84 23.06 -48.23
N ILE G 121 -1.79 23.86 -48.70
CA ILE G 121 -1.47 25.11 -49.41
C ILE G 121 -0.60 25.99 -48.51
N LEU G 122 -1.10 26.28 -47.31
CA LEU G 122 -0.32 27.13 -46.40
C LEU G 122 0.97 26.43 -45.98
N ALA G 123 0.94 25.11 -45.83
CA ALA G 123 2.16 24.39 -45.46
C ALA G 123 3.26 24.59 -46.49
N ASN G 124 2.91 24.59 -47.77
CA ASN G 124 3.87 24.94 -48.80
C ASN G 124 4.18 26.43 -48.85
N THR G 125 3.27 27.29 -48.42
CA THR G 125 3.60 28.70 -48.22
C THR G 125 4.08 28.96 -46.80
N CYS G 126 5.10 28.21 -46.38
CA CYS G 126 5.65 28.33 -45.04
C CYS G 126 7.17 28.44 -45.08
N THR G 127 7.80 28.41 -43.90
CA THR G 127 9.24 28.26 -43.77
C THR G 127 9.56 26.79 -43.53
N GLU G 128 10.85 26.51 -43.33
CA GLU G 128 11.27 25.13 -43.08
C GLU G 128 10.70 24.62 -41.77
N ARG G 129 10.82 25.41 -40.70
CA ARG G 129 10.32 24.98 -39.40
C ARG G 129 8.81 25.07 -39.31
N LEU G 130 8.21 26.08 -39.95
CA LEU G 130 6.75 26.17 -39.98
C LEU G 130 6.16 24.98 -40.73
N LYS G 131 6.76 24.60 -41.85
CA LYS G 131 6.32 23.42 -42.57
C LYS G 131 6.67 22.13 -41.84
N LEU G 132 7.69 22.14 -40.98
CA LEU G 132 7.91 21.01 -40.08
C LEU G 132 6.76 20.84 -39.11
N PHE G 133 6.35 21.94 -38.47
CA PHE G 133 5.16 21.94 -37.63
C PHE G 133 3.97 21.41 -38.41
N ALA G 134 3.83 21.86 -39.67
CA ALA G 134 2.76 21.40 -40.52
C ALA G 134 2.80 19.88 -40.72
N ALA G 135 3.96 19.34 -41.08
CA ALA G 135 4.07 17.91 -41.38
C ALA G 135 3.80 17.07 -40.12
N GLU G 136 4.34 17.51 -38.98
CA GLU G 136 4.08 16.78 -37.74
C GLU G 136 2.60 16.84 -37.38
N THR G 137 1.93 17.97 -37.65
CA THR G 137 0.50 18.04 -37.37
C THR G 137 -0.32 17.20 -38.34
N LEU G 138 0.13 17.07 -39.60
CA LEU G 138 -0.49 16.09 -40.49
C LEU G 138 -0.35 14.65 -40.02
N LYS G 139 0.82 14.25 -39.53
CA LYS G 139 0.93 12.91 -38.95
C LYS G 139 0.03 12.76 -37.73
N ALA G 140 -0.02 13.80 -36.88
CA ALA G 140 -0.87 13.76 -35.70
C ALA G 140 -2.33 13.64 -36.06
N THR G 141 -2.79 14.37 -37.09
CA THR G 141 -4.20 14.29 -37.45
C THR G 141 -4.51 12.97 -38.15
N GLU G 142 -3.55 12.43 -38.92
CA GLU G 142 -3.72 11.10 -39.49
C GLU G 142 -3.98 10.09 -38.39
N GLU G 143 -3.14 10.07 -37.35
CA GLU G 143 -3.33 9.08 -36.30
C GLU G 143 -4.60 9.37 -35.48
N THR G 144 -4.89 10.66 -35.24
CA THR G 144 -6.01 11.00 -34.36
C THR G 144 -7.36 10.80 -35.03
N PHE G 145 -7.40 10.78 -36.37
CA PHE G 145 -8.62 10.40 -37.07
C PHE G 145 -8.61 8.96 -37.56
N LYS G 146 -7.47 8.27 -37.48
CA LYS G 146 -7.48 6.82 -37.60
C LYS G 146 -7.98 6.15 -36.33
N LEU G 147 -7.68 6.73 -35.16
CA LEU G 147 -8.16 6.18 -33.89
C LEU G 147 -9.61 6.59 -33.60
N SER G 148 -10.48 6.48 -34.60
CA SER G 148 -11.89 6.77 -34.43
C SER G 148 -12.76 5.72 -35.13
N TYR G 149 -12.20 4.54 -35.43
CA TYR G 149 -12.91 3.46 -36.09
C TYR G 149 -12.77 2.19 -35.27
N GLY G 150 -13.31 1.10 -35.80
CA GLY G 150 -13.53 -0.11 -35.05
C GLY G 150 -12.32 -1.04 -34.98
N ILE G 151 -12.50 -2.10 -34.21
CA ILE G 151 -11.49 -3.14 -33.99
C ILE G 151 -12.14 -4.47 -34.37
N ALA G 152 -11.60 -5.11 -35.41
CA ALA G 152 -12.14 -6.40 -35.85
C ALA G 152 -11.68 -7.51 -34.91
N THR G 153 -12.52 -8.54 -34.78
CA THR G 153 -12.20 -9.66 -33.90
C THR G 153 -12.90 -10.92 -34.40
N VAL G 154 -12.22 -12.05 -34.21
CA VAL G 154 -12.75 -13.37 -34.55
C VAL G 154 -13.08 -14.09 -33.25
N ARG G 155 -14.36 -14.38 -33.03
CA ARG G 155 -14.82 -14.93 -31.76
C ARG G 155 -15.07 -16.44 -31.86
N GLU G 156 -15.76 -16.89 -32.90
CA GLU G 156 -15.70 -18.31 -33.29
C GLU G 156 -14.92 -18.42 -34.60
N VAL G 157 -14.00 -19.37 -34.65
CA VAL G 157 -13.08 -19.49 -35.77
C VAL G 157 -13.59 -20.51 -36.77
N LEU G 158 -13.25 -20.29 -38.03
CA LEU G 158 -13.54 -21.23 -39.11
C LEU G 158 -12.24 -21.63 -39.79
N SER G 159 -12.33 -22.30 -40.93
CA SER G 159 -11.12 -22.66 -41.68
C SER G 159 -10.38 -21.40 -42.11
N ASP G 160 -9.05 -21.48 -42.13
CA ASP G 160 -8.25 -20.31 -42.44
C ASP G 160 -8.55 -19.82 -43.87
N ARG G 161 -8.42 -18.51 -44.05
CA ARG G 161 -8.75 -17.80 -45.29
C ARG G 161 -10.25 -17.78 -45.57
N GLU G 162 -11.05 -18.32 -44.66
CA GLU G 162 -12.51 -18.15 -44.73
C GLU G 162 -13.10 -18.24 -43.33
N LEU G 163 -13.29 -17.10 -42.66
CA LEU G 163 -13.68 -17.05 -41.26
C LEU G 163 -14.96 -16.24 -41.11
N HIS G 164 -15.33 -15.94 -39.86
CA HIS G 164 -16.38 -14.99 -39.55
C HIS G 164 -15.81 -13.84 -38.72
N LEU G 165 -16.46 -12.68 -38.82
CA LEU G 165 -15.90 -11.47 -38.23
C LEU G 165 -17.01 -10.54 -37.79
N SER G 166 -17.11 -10.30 -36.48
CA SER G 166 -17.88 -9.19 -35.93
C SER G 166 -16.92 -8.09 -35.49
N TRP G 167 -17.44 -6.87 -35.41
CA TRP G 167 -16.58 -5.72 -35.22
C TRP G 167 -16.83 -5.00 -33.89
N GLU G 168 -17.31 -3.76 -33.96
CA GLU G 168 -17.36 -2.92 -32.75
C GLU G 168 -18.73 -2.31 -32.54
N VAL G 169 -18.82 -1.36 -31.60
CA VAL G 169 -20.07 -0.75 -31.17
C VAL G 169 -20.22 0.56 -31.93
N GLY G 170 -21.09 0.56 -32.95
CA GLY G 170 -21.57 1.79 -33.56
C GLY G 170 -20.62 2.55 -34.48
N LYS G 171 -19.32 2.29 -34.36
CA LYS G 171 -18.35 3.04 -35.15
C LYS G 171 -18.43 2.63 -36.62
N PRO G 172 -18.00 3.50 -37.52
CA PRO G 172 -17.90 3.11 -38.94
C PRO G 172 -16.63 2.32 -39.21
N ARG G 173 -16.53 1.83 -40.45
CA ARG G 173 -15.38 1.04 -40.87
C ARG G 173 -14.55 1.83 -41.88
N PRO G 174 -13.23 1.75 -41.80
CA PRO G 174 -12.37 2.48 -42.74
C PRO G 174 -12.37 1.82 -44.10
N PRO G 175 -11.57 2.32 -45.06
CA PRO G 175 -11.40 1.60 -46.33
C PRO G 175 -10.97 0.15 -46.15
N LEU G 176 -11.04 -0.62 -47.24
CA LEU G 176 -11.15 -2.07 -47.16
C LEU G 176 -9.89 -2.84 -47.51
N ASN G 177 -8.98 -2.28 -48.29
CA ASN G 177 -7.84 -3.05 -48.76
C ASN G 177 -6.80 -3.25 -47.65
N ARG G 178 -5.64 -3.79 -48.01
CA ARG G 178 -4.58 -4.08 -47.04
C ARG G 178 -3.82 -2.82 -46.61
N ASN G 179 -4.37 -1.63 -46.88
CA ASN G 179 -3.73 -0.40 -46.44
C ASN G 179 -3.64 -0.35 -44.92
N TYR G 180 -4.69 -0.77 -44.22
CA TYR G 180 -4.73 -0.80 -42.76
C TYR G 180 -4.46 -2.23 -42.31
N VAL G 181 -3.30 -2.45 -41.71
CA VAL G 181 -2.95 -3.78 -41.21
C VAL G 181 -3.68 -4.03 -39.90
N PHE G 182 -4.39 -5.16 -39.84
CA PHE G 182 -5.16 -5.53 -38.65
C PHE G 182 -4.26 -6.35 -37.74
N THR G 183 -3.38 -5.65 -37.04
CA THR G 183 -2.41 -6.27 -36.11
C THR G 183 -2.75 -5.79 -34.71
N GLY G 184 -3.62 -6.55 -34.02
CA GLY G 184 -4.08 -6.16 -32.69
C GLY G 184 -3.41 -6.93 -31.58
N TYR G 185 -4.18 -7.42 -30.63
CA TYR G 185 -3.66 -8.22 -29.53
C TYR G 185 -4.76 -9.14 -29.02
N ARG G 186 -4.36 -10.19 -28.30
CA ARG G 186 -5.31 -11.12 -27.70
C ARG G 186 -5.28 -10.99 -26.18
N VAL G 187 -6.44 -11.20 -25.57
CA VAL G 187 -6.61 -11.04 -24.12
C VAL G 187 -7.01 -12.39 -23.54
N THR G 188 -6.22 -12.88 -22.59
CA THR G 188 -6.59 -14.09 -21.87
C THR G 188 -7.56 -13.77 -20.74
N LYS G 189 -7.14 -13.00 -19.74
CA LYS G 189 -8.09 -12.41 -18.80
C LYS G 189 -7.86 -10.93 -18.51
N ASN G 190 -6.62 -10.45 -18.47
CA ASN G 190 -6.36 -9.04 -18.24
C ASN G 190 -5.21 -8.53 -19.10
N SER G 191 -4.43 -9.43 -19.67
CA SER G 191 -3.18 -9.09 -20.33
C SER G 191 -3.31 -9.20 -21.84
N LYS G 192 -2.26 -8.77 -22.53
CA LYS G 192 -2.18 -8.86 -23.99
C LYS G 192 -1.30 -10.03 -24.39
N VAL G 193 -1.72 -10.75 -25.44
CA VAL G 193 -1.12 -12.02 -25.82
C VAL G 193 -0.85 -12.04 -27.32
N GLN G 194 0.26 -12.68 -27.69
CA GLN G 194 0.70 -12.86 -29.07
C GLN G 194 -0.45 -13.14 -30.02
N ILE G 195 -0.54 -12.35 -31.10
CA ILE G 195 -1.62 -12.49 -32.06
C ILE G 195 -1.10 -12.64 -33.49
N GLY G 196 -0.16 -11.78 -33.89
CA GLY G 196 0.31 -11.76 -35.26
C GLY G 196 -0.24 -10.58 -36.05
N GLU G 197 0.01 -10.63 -37.36
CA GLU G 197 -0.38 -9.56 -38.27
C GLU G 197 -1.39 -10.10 -39.28
N TYR G 198 -2.50 -9.37 -39.43
CA TYR G 198 -3.63 -9.80 -40.26
C TYR G 198 -4.06 -8.67 -41.16
N THR G 199 -5.00 -8.97 -42.07
CA THR G 199 -5.57 -7.96 -42.97
C THR G 199 -6.90 -8.46 -43.47
N PHE G 200 -7.94 -7.63 -43.36
CA PHE G 200 -9.28 -8.01 -43.78
C PHE G 200 -9.68 -7.28 -45.05
N GLU G 201 -9.92 -8.04 -46.12
CA GLU G 201 -10.49 -7.45 -47.33
C GLU G 201 -11.80 -8.11 -47.75
N LYS G 202 -11.82 -9.44 -47.84
CA LYS G 202 -12.97 -10.13 -48.42
C LYS G 202 -13.85 -10.74 -47.33
N GLY G 203 -15.14 -10.49 -47.43
CA GLY G 203 -16.10 -11.03 -46.48
C GLY G 203 -17.39 -11.46 -47.16
N ALA G 208 -18.75 -15.72 -43.44
CA ALA G 208 -17.76 -15.88 -44.50
C ALA G 208 -16.86 -14.65 -44.59
N VAL G 209 -15.61 -14.79 -44.13
CA VAL G 209 -14.63 -13.71 -44.17
C VAL G 209 -13.30 -14.25 -44.69
N VAL G 210 -12.92 -13.83 -45.89
CA VAL G 210 -11.69 -14.31 -46.50
C VAL G 210 -10.54 -13.39 -46.08
N TYR G 211 -9.49 -13.98 -45.53
CA TYR G 211 -8.33 -13.24 -45.05
C TYR G 211 -7.09 -13.59 -45.88
N ARG G 212 -6.17 -12.63 -45.94
CA ARG G 212 -4.87 -12.83 -46.55
C ARG G 212 -3.84 -13.05 -45.45
N GLY G 213 -3.03 -14.08 -45.61
CA GLY G 213 -2.09 -14.46 -44.57
C GLY G 213 -0.71 -13.85 -44.70
N THR G 214 -0.45 -12.78 -43.97
CA THR G 214 0.94 -12.34 -43.78
C THR G 214 1.73 -13.38 -43.01
N THR G 215 1.06 -14.22 -42.24
CA THR G 215 1.67 -15.36 -41.56
C THR G 215 0.59 -16.44 -41.46
N THR G 216 1.02 -17.66 -41.15
CA THR G 216 0.09 -18.76 -40.92
C THR G 216 -0.33 -18.77 -39.46
N TYR G 217 -1.64 -18.85 -39.23
CA TYR G 217 -2.19 -18.60 -37.91
C TYR G 217 -3.10 -19.75 -37.47
N LYS G 218 -3.21 -19.89 -36.16
CA LYS G 218 -4.19 -20.78 -35.51
C LYS G 218 -5.02 -19.92 -34.57
N LEU G 219 -6.07 -19.31 -35.12
CA LEU G 219 -6.85 -18.33 -34.39
C LEU G 219 -7.69 -19.00 -33.31
N ASN G 220 -7.78 -18.35 -32.14
CA ASN G 220 -8.52 -18.82 -30.99
C ASN G 220 -9.73 -17.91 -30.75
N VAL G 221 -10.44 -18.13 -29.65
CA VAL G 221 -11.63 -17.37 -29.33
C VAL G 221 -11.27 -15.94 -28.96
N GLY G 222 -12.03 -15.00 -29.50
CA GLY G 222 -11.93 -13.60 -29.10
C GLY G 222 -10.85 -12.73 -29.71
N ASP G 223 -9.91 -13.35 -30.44
CA ASP G 223 -8.74 -12.67 -30.99
C ASP G 223 -9.09 -11.36 -31.70
N TYR G 224 -8.48 -10.26 -31.25
CA TYR G 224 -8.81 -8.92 -31.72
C TYR G 224 -7.72 -8.38 -32.62
N PHE G 225 -8.10 -7.76 -33.72
CA PHE G 225 -7.15 -7.21 -34.68
C PHE G 225 -7.48 -5.75 -34.94
N VAL G 226 -6.54 -4.86 -34.63
CA VAL G 226 -6.66 -3.45 -34.98
C VAL G 226 -5.30 -2.77 -34.84
N LEU G 227 -5.09 -1.69 -35.59
CA LEU G 227 -3.86 -0.93 -35.48
C LEU G 227 -3.91 -0.04 -34.24
N THR G 228 -3.03 -0.30 -33.28
CA THR G 228 -2.88 0.52 -32.09
C THR G 228 -1.68 1.43 -32.31
N SER G 229 -1.91 2.74 -32.30
CA SER G 229 -0.92 3.71 -32.73
C SER G 229 -0.41 4.56 -31.58
N HIS G 230 0.88 4.87 -31.63
CA HIS G 230 1.48 5.87 -30.77
C HIS G 230 1.48 7.23 -31.49
N THR G 231 2.17 8.22 -30.94
CA THR G 231 2.26 9.52 -31.59
C THR G 231 3.71 9.80 -31.94
N VAL G 232 3.93 10.26 -33.18
CA VAL G 232 5.27 10.55 -33.68
C VAL G 232 5.88 11.70 -32.88
N MET G 233 7.07 11.49 -32.36
CA MET G 233 7.73 12.48 -31.55
C MET G 233 8.16 13.66 -32.42
N PRO G 234 8.36 14.82 -31.81
CA PRO G 234 8.98 15.93 -32.55
C PRO G 234 10.37 15.55 -33.03
N LEU G 235 10.75 16.11 -34.18
CA LEU G 235 12.04 15.84 -34.80
C LEU G 235 12.95 17.06 -34.62
N SER G 236 14.25 16.83 -34.58
CA SER G 236 15.22 17.87 -34.25
C SER G 236 16.13 18.26 -35.42
N ALA G 237 15.92 17.71 -36.61
CA ALA G 237 16.79 18.06 -37.73
C ALA G 237 15.97 18.45 -38.95
N PRO G 238 16.49 19.36 -39.78
CA PRO G 238 15.72 19.82 -40.94
C PRO G 238 15.54 18.72 -41.97
N THR G 239 14.49 18.87 -42.78
CA THR G 239 14.18 17.88 -43.81
C THR G 239 15.15 18.01 -44.98
N LEU G 240 15.15 19.16 -45.65
CA LEU G 240 16.04 19.40 -46.77
C LEU G 240 17.26 20.20 -46.31
N VAL G 241 18.37 19.97 -46.99
CA VAL G 241 19.61 20.70 -46.72
C VAL G 241 19.73 21.82 -47.75
N PRO G 242 20.17 23.01 -47.35
CA PRO G 242 20.24 24.15 -48.29
C PRO G 242 21.22 23.88 -49.42
N GLN G 243 20.90 24.39 -50.61
CA GLN G 243 21.69 24.11 -51.80
C GLN G 243 23.02 24.85 -51.80
N GLU G 244 24.11 24.12 -51.59
CA GLU G 244 25.45 24.67 -51.69
C GLU G 244 26.32 23.72 -52.51
N HIS G 245 26.75 24.18 -53.68
CA HIS G 245 27.55 23.38 -54.59
C HIS G 245 29.01 23.37 -54.14
N TYR G 246 29.69 22.26 -54.40
CA TYR G 246 31.02 22.06 -53.84
C TYR G 246 32.07 22.85 -54.61
N VAL G 247 33.11 23.25 -53.89
CA VAL G 247 34.22 23.97 -54.51
C VAL G 247 34.95 23.09 -55.50
N ARG G 248 35.21 21.84 -55.12
CA ARG G 248 35.97 20.92 -55.96
C ARG G 248 35.48 19.49 -55.72
N ILE G 249 36.29 18.52 -56.13
CA ILE G 249 35.99 17.10 -55.88
C ILE G 249 36.83 16.69 -54.67
N THR G 250 37.19 17.67 -53.83
CA THR G 250 37.96 17.43 -52.63
C THR G 250 37.24 16.47 -51.70
N GLY G 251 38.02 15.57 -51.09
CA GLY G 251 37.48 14.62 -50.14
C GLY G 251 36.82 13.40 -50.74
N LEU G 252 37.08 13.10 -52.01
CA LEU G 252 36.51 11.94 -52.67
C LEU G 252 37.58 10.89 -52.91
N TYR G 253 37.15 9.64 -53.07
CA TYR G 253 38.05 8.52 -53.36
C TYR G 253 37.85 8.10 -54.81
N PRO G 254 38.54 8.72 -55.75
CA PRO G 254 38.25 8.49 -57.17
C PRO G 254 38.66 7.10 -57.62
N THR G 255 38.04 6.66 -58.71
CA THR G 255 38.32 5.37 -59.33
C THR G 255 38.89 5.61 -60.73
N LEU G 256 39.46 4.54 -61.30
CA LEU G 256 40.07 4.61 -62.62
C LEU G 256 39.15 4.15 -63.74
N ASN G 257 38.41 3.06 -63.54
CA ASN G 257 37.53 2.55 -64.58
C ASN G 257 36.26 3.42 -64.68
N ILE G 258 35.60 3.32 -65.82
CA ILE G 258 34.38 4.08 -66.11
C ILE G 258 33.30 3.11 -66.56
N SER G 259 32.10 3.27 -66.00
CA SER G 259 30.96 2.42 -66.34
C SER G 259 30.65 2.55 -67.83
N ASP G 260 30.42 1.42 -68.49
CA ASP G 260 30.14 1.40 -69.92
C ASP G 260 28.76 0.84 -70.27
N GLU G 261 28.28 -0.15 -69.51
CA GLU G 261 26.97 -0.73 -69.79
C GLU G 261 25.86 0.29 -69.59
N PHE G 262 26.09 1.30 -68.75
CA PHE G 262 25.12 2.36 -68.52
C PHE G 262 25.57 3.56 -69.34
N SER G 263 24.73 4.00 -70.28
CA SER G 263 25.13 4.99 -71.27
C SER G 263 24.88 6.44 -70.83
N SER G 264 24.35 6.65 -69.62
CA SER G 264 24.11 8.00 -69.13
C SER G 264 24.61 8.14 -67.71
N ASN G 265 25.85 7.69 -67.46
CA ASN G 265 26.36 7.60 -66.09
C ASN G 265 27.53 8.52 -65.79
N VAL G 266 28.41 8.80 -66.75
CA VAL G 266 29.67 9.48 -66.45
C VAL G 266 29.46 10.94 -66.09
N ALA G 267 28.65 11.66 -66.87
CA ALA G 267 28.37 13.06 -66.55
C ALA G 267 27.66 13.19 -65.21
N ASN G 268 26.76 12.26 -64.91
CA ASN G 268 26.06 12.29 -63.63
C ASN G 268 27.00 11.89 -62.48
N TYR G 269 27.99 11.04 -62.78
CA TYR G 269 29.05 10.76 -61.81
C TYR G 269 29.78 12.04 -61.45
N GLN G 270 30.17 12.82 -62.45
CA GLN G 270 30.80 14.11 -62.18
C GLN G 270 29.86 15.03 -61.41
N LYS G 271 28.57 14.98 -61.74
CA LYS G 271 27.58 15.77 -61.03
C LYS G 271 27.59 15.46 -59.55
N VAL G 272 27.48 14.17 -59.20
CA VAL G 272 27.64 13.74 -57.81
C VAL G 272 29.00 14.20 -57.29
N GLY G 273 29.98 14.33 -58.17
CA GLY G 273 31.24 14.94 -57.80
C GLY G 273 31.09 16.36 -57.26
N MET G 274 30.21 17.16 -57.89
CA MET G 274 29.99 18.49 -57.33
C MET G 274 28.52 18.87 -57.17
N GLN G 275 27.64 17.91 -56.88
CA GLN G 275 26.26 18.20 -56.52
C GLN G 275 25.99 17.74 -55.10
N LYS G 276 25.23 18.54 -54.35
CA LYS G 276 25.08 18.27 -52.93
C LYS G 276 23.78 17.49 -52.68
N TYR G 277 22.69 17.85 -53.37
CA TYR G 277 21.44 17.10 -53.33
C TYR G 277 20.93 16.85 -54.74
N SER G 278 20.19 15.74 -54.89
CA SER G 278 19.87 15.22 -56.22
C SER G 278 18.49 14.58 -56.19
N THR G 279 17.51 15.23 -56.84
CA THR G 279 16.21 14.62 -57.03
C THR G 279 15.80 14.74 -58.49
N LEU G 280 15.10 13.71 -58.95
CA LEU G 280 14.61 13.65 -60.32
C LEU G 280 13.19 13.13 -60.30
N GLN G 281 12.54 13.16 -61.45
CA GLN G 281 11.11 12.87 -61.58
C GLN G 281 10.96 11.78 -62.63
N GLY G 282 10.82 10.54 -62.19
CA GLY G 282 10.86 9.44 -63.13
C GLY G 282 10.01 8.25 -62.77
N PRO G 283 9.43 7.61 -63.77
CA PRO G 283 8.73 6.33 -63.56
C PRO G 283 9.73 5.20 -63.35
N PRO G 284 9.26 3.96 -63.22
CA PRO G 284 10.20 2.83 -63.23
C PRO G 284 11.06 2.84 -64.47
N GLY G 285 12.34 2.51 -64.29
CA GLY G 285 13.30 2.67 -65.36
C GLY G 285 13.75 4.10 -65.48
N THR G 286 14.41 4.62 -64.44
CA THR G 286 15.01 5.96 -64.49
C THR G 286 16.34 6.00 -63.76
N GLY G 287 17.11 4.91 -63.78
CA GLY G 287 18.32 4.82 -63.00
C GLY G 287 18.14 4.22 -61.63
N LYS G 288 16.90 4.16 -61.12
CA LYS G 288 16.64 3.52 -59.84
C LYS G 288 17.04 2.05 -59.84
N SER G 289 17.13 1.43 -61.01
CA SER G 289 17.50 0.03 -61.15
C SER G 289 19.01 -0.20 -61.22
N HIS G 290 19.74 0.69 -61.89
CA HIS G 290 21.16 0.48 -62.15
C HIS G 290 22.06 1.64 -61.76
N PHE G 291 21.55 2.86 -61.67
CA PHE G 291 22.44 3.99 -61.39
C PHE G 291 22.95 3.96 -59.96
N ALA G 292 22.15 3.45 -59.02
CA ALA G 292 22.62 3.31 -57.65
C ALA G 292 23.83 2.39 -57.59
N ILE G 293 23.77 1.27 -58.31
CA ILE G 293 24.92 0.38 -58.41
C ILE G 293 26.07 1.05 -59.15
N GLY G 294 25.74 1.89 -60.13
CA GLY G 294 26.77 2.64 -60.84
C GLY G 294 27.57 3.55 -59.92
N LEU G 295 26.89 4.28 -59.04
CA LEU G 295 27.59 5.05 -58.00
C LEU G 295 28.32 4.14 -57.03
N ALA G 296 27.72 3.00 -56.68
CA ALA G 296 28.35 2.08 -55.74
C ALA G 296 29.70 1.59 -56.24
N LEU G 297 29.78 1.23 -57.52
CA LEU G 297 31.05 0.80 -58.11
C LEU G 297 31.95 1.99 -58.44
N TYR G 298 31.36 3.14 -58.76
CA TYR G 298 32.16 4.29 -59.17
C TYR G 298 32.82 4.98 -57.99
N TYR G 299 32.18 4.96 -56.81
CA TYR G 299 32.90 5.25 -55.56
C TYR G 299 32.73 4.07 -54.60
N PRO G 300 33.78 3.28 -54.38
CA PRO G 300 33.64 2.05 -53.59
C PRO G 300 33.41 2.28 -52.10
N SER G 301 34.24 3.12 -51.47
CA SER G 301 34.25 3.22 -50.02
C SER G 301 33.36 4.33 -49.47
N ALA G 302 32.68 5.08 -50.33
CA ALA G 302 31.83 6.16 -49.86
C ALA G 302 30.66 5.60 -49.06
N ARG G 303 30.36 6.25 -47.93
CA ARG G 303 29.21 5.85 -47.13
C ARG G 303 27.94 6.27 -47.86
N ILE G 304 27.34 5.34 -48.60
CA ILE G 304 26.13 5.58 -49.38
C ILE G 304 24.99 4.78 -48.77
N VAL G 305 23.89 5.47 -48.46
CA VAL G 305 22.76 4.87 -47.77
C VAL G 305 21.60 4.82 -48.76
N TYR G 306 20.93 3.68 -48.84
CA TYR G 306 19.73 3.52 -49.65
C TYR G 306 18.54 3.22 -48.76
N THR G 307 17.35 3.57 -49.27
CA THR G 307 16.13 3.29 -48.52
C THR G 307 14.88 3.36 -49.39
N ALA G 308 13.97 2.41 -49.17
CA ALA G 308 12.62 2.45 -49.72
C ALA G 308 11.62 2.18 -48.61
N CYS G 309 10.38 2.64 -48.82
CA CYS G 309 9.40 2.62 -47.75
C CYS G 309 9.03 1.20 -47.32
N SER G 310 9.25 0.22 -48.19
CA SER G 310 9.00 -1.18 -47.85
C SER G 310 10.16 -2.03 -48.34
N HIS G 311 10.39 -3.15 -47.63
CA HIS G 311 11.57 -3.97 -47.89
C HIS G 311 11.53 -4.63 -49.27
N ALA G 312 10.36 -4.87 -49.84
CA ALA G 312 10.30 -5.49 -51.16
C ALA G 312 10.74 -4.54 -52.27
N ALA G 313 10.76 -3.23 -52.01
CA ALA G 313 11.33 -2.26 -52.94
C ALA G 313 12.80 -1.98 -52.67
N VAL G 314 13.24 -2.07 -51.42
CA VAL G 314 14.67 -2.09 -51.13
C VAL G 314 15.30 -3.31 -51.79
N ASP G 315 14.58 -4.43 -51.82
CA ASP G 315 15.04 -5.67 -52.41
C ASP G 315 15.30 -5.52 -53.90
N ALA G 316 14.53 -4.69 -54.61
CA ALA G 316 14.72 -4.50 -56.04
C ALA G 316 16.15 -4.10 -56.39
N LEU G 317 16.83 -3.41 -55.49
CA LEU G 317 18.25 -3.10 -55.64
C LEU G 317 19.14 -4.07 -54.86
N CYS G 318 18.73 -4.44 -53.64
CA CYS G 318 19.61 -5.21 -52.77
C CYS G 318 19.79 -6.65 -53.26
N GLU G 319 18.92 -7.13 -54.16
CA GLU G 319 19.01 -8.50 -54.61
C GLU G 319 20.29 -8.76 -55.37
N LYS G 320 20.78 -7.76 -56.11
CA LYS G 320 22.06 -7.87 -56.79
C LYS G 320 23.04 -6.77 -56.41
N ALA G 321 22.71 -5.94 -55.41
CA ALA G 321 23.72 -5.06 -54.84
C ALA G 321 24.87 -5.83 -54.21
N LEU G 322 24.65 -7.09 -53.84
CA LEU G 322 25.71 -7.97 -53.37
C LEU G 322 26.32 -8.82 -54.48
N LYS G 323 25.73 -8.81 -55.68
CA LYS G 323 26.27 -9.57 -56.79
C LYS G 323 27.15 -8.71 -57.69
N TYR G 324 26.67 -7.51 -58.04
CA TYR G 324 27.46 -6.59 -58.85
C TYR G 324 28.76 -6.21 -58.13
N LEU G 325 28.69 -5.94 -56.83
CA LEU G 325 29.84 -5.61 -56.01
C LEU G 325 29.84 -6.51 -54.77
N PRO G 326 30.99 -6.70 -54.11
CA PRO G 326 31.08 -7.67 -53.00
C PRO G 326 29.99 -7.55 -51.94
N ILE G 327 29.69 -8.69 -51.31
CA ILE G 327 28.60 -8.78 -50.34
C ILE G 327 28.92 -7.96 -49.09
N ASP G 328 30.19 -7.92 -48.70
CA ASP G 328 30.61 -7.44 -47.39
C ASP G 328 30.31 -5.96 -47.15
N LYS G 329 29.66 -5.28 -48.10
CA LYS G 329 29.54 -3.84 -48.04
C LYS G 329 28.10 -3.32 -48.20
N CYS G 330 27.09 -4.11 -47.84
CA CYS G 330 25.72 -3.61 -47.76
C CYS G 330 24.97 -4.34 -46.65
N SER G 331 23.90 -3.71 -46.16
CA SER G 331 23.03 -4.31 -45.16
C SER G 331 21.76 -3.46 -45.00
N ARG G 332 20.70 -4.11 -44.54
CA ARG G 332 19.54 -3.42 -43.98
C ARG G 332 18.94 -4.29 -42.88
N ILE G 333 18.48 -3.65 -41.81
CA ILE G 333 18.06 -4.34 -40.60
C ILE G 333 16.56 -4.58 -40.65
N ILE G 334 16.14 -5.74 -40.16
CA ILE G 334 14.78 -6.22 -40.29
C ILE G 334 14.15 -6.25 -38.91
N PRO G 335 13.06 -5.53 -38.67
CA PRO G 335 12.38 -5.61 -37.37
C PRO G 335 11.32 -6.70 -37.35
N ALA G 336 10.99 -7.19 -36.16
CA ALA G 336 9.97 -8.23 -36.02
C ALA G 336 9.34 -8.19 -34.62
N VAL G 340 6.23 -8.31 -39.52
CA VAL G 340 6.45 -7.28 -40.54
C VAL G 340 7.18 -7.90 -41.73
N GLU G 341 6.68 -7.62 -42.93
CA GLU G 341 7.24 -8.18 -44.16
C GLU G 341 8.55 -7.46 -44.48
N CYS G 342 9.67 -8.12 -44.17
CA CYS G 342 10.99 -7.58 -44.45
C CYS G 342 11.88 -8.74 -44.89
N PHE G 343 12.84 -8.43 -45.76
CA PHE G 343 13.65 -9.45 -46.42
C PHE G 343 15.04 -9.52 -45.78
N ASP G 344 15.45 -10.72 -45.38
CA ASP G 344 16.67 -10.93 -44.61
C ASP G 344 17.86 -11.26 -45.48
N LYS G 345 17.89 -10.76 -46.72
CA LYS G 345 18.95 -11.14 -47.65
C LYS G 345 20.32 -10.66 -47.17
N PHE G 346 20.42 -9.41 -46.71
CA PHE G 346 21.71 -8.82 -46.37
C PHE G 346 22.16 -9.20 -44.97
N LYS G 347 23.20 -8.55 -44.48
CA LYS G 347 23.76 -8.82 -43.15
C LYS G 347 22.91 -8.05 -42.14
N VAL G 348 21.91 -8.74 -41.59
CA VAL G 348 20.91 -8.13 -40.72
C VAL G 348 21.44 -8.12 -39.31
N ASN G 349 20.89 -7.25 -38.45
CA ASN G 349 21.41 -6.99 -37.11
C ASN G 349 22.89 -6.59 -37.14
N SER G 350 23.26 -5.74 -38.12
CA SER G 350 24.64 -5.32 -38.29
C SER G 350 24.64 -3.83 -38.68
N THR G 351 24.89 -2.98 -37.67
CA THR G 351 25.01 -1.55 -37.94
C THR G 351 26.24 -1.25 -38.79
N LEU G 352 27.35 -1.93 -38.51
CA LEU G 352 28.60 -1.69 -39.22
C LEU G 352 28.53 -2.23 -40.64
N GLU G 353 28.56 -1.33 -41.62
CA GLU G 353 28.58 -1.70 -43.04
C GLU G 353 29.01 -0.48 -43.84
N GLN G 354 28.91 -0.58 -45.17
CA GLN G 354 29.29 0.52 -46.04
C GLN G 354 28.08 1.08 -46.79
N TYR G 355 27.39 0.23 -47.55
CA TYR G 355 26.21 0.65 -48.29
C TYR G 355 24.95 0.22 -47.57
N VAL G 356 24.64 0.89 -46.45
CA VAL G 356 23.51 0.50 -45.63
C VAL G 356 22.21 0.77 -46.38
N PHE G 357 21.55 -0.30 -46.81
CA PHE G 357 20.16 -0.15 -47.26
C PHE G 357 19.27 0.08 -46.05
N CYS G 358 18.07 0.58 -46.29
CA CYS G 358 17.25 0.99 -45.15
C CYS G 358 15.78 0.96 -45.52
N THR G 359 14.93 1.14 -44.52
CA THR G 359 13.49 1.35 -44.71
C THR G 359 13.09 2.51 -43.81
N VAL G 360 12.25 3.40 -44.32
CA VAL G 360 11.86 4.62 -43.64
C VAL G 360 11.34 4.32 -42.24
N ASN G 361 10.79 3.12 -42.06
CA ASN G 361 10.23 2.73 -40.78
C ASN G 361 11.26 2.63 -39.66
N ALA G 362 12.49 2.19 -39.94
CA ALA G 362 13.46 1.98 -38.87
C ALA G 362 14.91 1.91 -39.36
N LEU G 363 15.78 2.72 -38.76
CA LEU G 363 17.23 2.61 -38.88
C LEU G 363 17.88 3.50 -37.82
N PRO G 364 18.88 3.02 -37.10
CA PRO G 364 19.59 3.87 -36.13
C PRO G 364 20.60 4.76 -36.82
N GLU G 365 21.21 5.63 -36.02
CA GLU G 365 22.14 6.65 -36.51
C GLU G 365 23.54 6.40 -35.96
N THR G 366 24.49 6.13 -36.87
CA THR G 366 25.89 6.15 -36.45
C THR G 366 26.68 7.24 -37.18
N THR G 367 26.76 7.14 -38.51
CA THR G 367 27.43 8.10 -39.36
C THR G 367 27.32 7.70 -40.83
N ALA G 368 27.42 8.66 -41.74
CA ALA G 368 27.52 8.39 -43.17
C ALA G 368 27.92 9.68 -43.86
N ASP G 369 28.15 9.60 -45.19
CA ASP G 369 28.71 10.73 -45.91
C ASP G 369 27.98 11.04 -47.22
N ILE G 370 27.31 10.05 -47.82
CA ILE G 370 26.65 10.24 -49.11
C ILE G 370 25.24 9.68 -49.03
N VAL G 371 24.28 10.42 -49.58
CA VAL G 371 22.87 10.05 -49.56
C VAL G 371 22.47 9.61 -50.95
N VAL G 372 21.98 8.37 -51.07
CA VAL G 372 21.26 7.94 -52.26
C VAL G 372 19.98 7.21 -51.82
N PHE G 373 18.90 7.96 -51.68
CA PHE G 373 17.63 7.45 -51.17
C PHE G 373 16.59 7.35 -52.27
N ASP G 374 15.87 6.22 -52.28
CA ASP G 374 14.81 5.97 -53.26
C ASP G 374 13.54 6.69 -52.85
N GLU G 375 12.41 6.27 -53.42
CA GLU G 375 11.16 7.03 -53.42
C GLU G 375 10.87 7.74 -52.10
N ILE G 376 10.35 8.96 -52.22
CA ILE G 376 10.11 9.87 -51.10
C ILE G 376 8.63 10.22 -51.11
N SER G 377 7.80 9.28 -51.55
CA SER G 377 6.43 9.60 -51.99
C SER G 377 5.41 9.59 -50.86
N MET G 378 5.19 8.45 -50.22
CA MET G 378 4.00 8.27 -49.38
C MET G 378 4.30 8.58 -47.91
N ALA G 379 4.69 9.84 -47.68
CA ALA G 379 4.82 10.41 -46.34
C ALA G 379 5.07 11.91 -46.41
N THR G 380 4.80 12.63 -45.33
CA THR G 380 5.10 14.04 -45.25
C THR G 380 6.58 14.22 -44.93
N ASN G 381 6.98 15.44 -44.53
CA ASN G 381 8.39 15.75 -44.31
C ASN G 381 9.06 14.84 -43.29
N TYR G 382 8.29 13.96 -42.63
CA TYR G 382 8.87 12.96 -41.74
C TYR G 382 9.93 12.13 -42.44
N ASP G 383 9.65 11.66 -43.67
CA ASP G 383 10.59 10.81 -44.38
C ASP G 383 11.90 11.54 -44.64
N LEU G 384 11.81 12.77 -45.15
CA LEU G 384 13.01 13.54 -45.45
C LEU G 384 13.80 13.87 -44.20
N SER G 385 13.11 14.29 -43.13
CA SER G 385 13.79 14.69 -41.91
C SER G 385 14.42 13.54 -41.16
N VAL G 386 13.76 12.38 -41.07
CA VAL G 386 14.36 11.25 -40.36
C VAL G 386 15.63 10.80 -41.06
N VAL G 387 15.67 10.89 -42.39
CA VAL G 387 16.83 10.39 -43.11
C VAL G 387 17.94 11.42 -43.15
N ASN G 388 17.61 12.72 -43.13
CA ASN G 388 18.67 13.72 -43.00
C ASN G 388 19.17 13.86 -41.57
N ALA G 389 18.41 13.43 -40.57
CA ALA G 389 18.90 13.30 -39.21
C ALA G 389 19.71 12.02 -39.03
N ARG G 390 19.35 10.97 -39.77
CA ARG G 390 20.04 9.69 -39.76
C ARG G 390 21.53 9.85 -40.00
N LEU G 391 21.90 10.78 -40.89
CA LEU G 391 23.30 10.96 -41.26
C LEU G 391 23.54 12.42 -41.62
N ARG G 392 24.70 12.93 -41.23
CA ARG G 392 25.19 14.21 -41.72
C ARG G 392 26.08 13.95 -42.94
N ALA G 393 25.49 14.04 -44.12
CA ALA G 393 26.11 13.55 -45.34
C ALA G 393 26.65 14.71 -46.17
N LYS G 394 27.71 14.42 -46.91
CA LYS G 394 28.34 15.38 -47.81
C LYS G 394 27.68 15.42 -49.18
N HIS G 395 26.94 14.37 -49.56
CA HIS G 395 26.30 14.29 -50.86
C HIS G 395 24.91 13.69 -50.67
N TYR G 396 23.93 14.17 -51.45
CA TYR G 396 22.56 13.66 -51.36
C TYR G 396 22.05 13.29 -52.75
N VAL G 397 21.35 12.17 -52.82
CA VAL G 397 20.61 11.80 -54.02
C VAL G 397 19.21 11.36 -53.62
N TYR G 398 18.26 12.28 -53.73
CA TYR G 398 16.87 11.99 -53.35
C TYR G 398 16.11 11.44 -54.56
N ILE G 399 16.41 10.19 -54.90
CA ILE G 399 15.61 9.52 -55.91
C ILE G 399 14.16 9.48 -55.43
N GLY G 400 13.24 9.79 -56.34
CA GLY G 400 11.85 9.92 -55.96
C GLY G 400 11.00 10.47 -57.09
N ASP G 401 9.79 10.92 -56.74
CA ASP G 401 8.88 11.54 -57.69
C ASP G 401 7.68 12.06 -56.91
N PRO G 402 7.21 13.28 -57.16
CA PRO G 402 5.92 13.69 -56.61
C PRO G 402 4.78 12.83 -57.11
N ALA G 403 4.95 12.15 -58.24
CA ALA G 403 4.05 11.08 -58.66
C ALA G 403 4.88 9.81 -58.83
N GLN G 404 5.15 9.13 -57.71
CA GLN G 404 5.68 7.78 -57.72
C GLN G 404 4.72 6.86 -56.97
N LEU G 405 4.42 7.26 -55.74
CA LEU G 405 3.38 6.67 -54.91
C LEU G 405 2.77 7.80 -54.08
N PRO G 406 2.09 8.76 -54.71
CA PRO G 406 1.64 9.95 -53.98
C PRO G 406 0.79 9.62 -52.78
N ALA G 407 1.21 10.10 -51.61
CA ALA G 407 0.60 9.79 -50.32
C ALA G 407 -0.89 10.05 -50.34
N PRO G 408 -1.72 9.01 -50.21
CA PRO G 408 -3.17 9.23 -50.08
C PRO G 408 -3.46 10.09 -48.85
N ARG G 409 -4.26 11.12 -49.04
CA ARG G 409 -4.53 12.10 -47.99
C ARG G 409 -5.72 11.64 -47.14
N THR G 410 -5.55 10.44 -46.56
CA THR G 410 -6.56 9.75 -45.77
C THR G 410 -7.96 9.89 -46.37
N LEU G 411 -8.91 10.50 -45.67
CA LEU G 411 -10.26 10.69 -46.19
C LEU G 411 -10.28 11.99 -46.97
N LEU G 412 -10.06 11.88 -48.28
CA LEU G 412 -10.11 13.05 -49.15
C LEU G 412 -11.54 13.59 -49.23
N THR G 413 -11.66 14.91 -49.18
CA THR G 413 -12.97 15.55 -49.23
C THR G 413 -13.01 16.68 -50.24
N LYS G 414 -11.88 17.33 -50.48
CA LYS G 414 -11.82 18.52 -51.31
C LYS G 414 -10.72 18.40 -52.35
N GLY G 415 -11.05 17.78 -53.49
CA GLY G 415 -10.19 17.80 -54.67
C GLY G 415 -8.81 17.21 -54.52
N THR G 416 -8.03 17.31 -55.59
CA THR G 416 -6.64 16.86 -55.60
C THR G 416 -5.72 18.05 -55.88
N LEU G 417 -4.70 18.21 -55.03
CA LEU G 417 -3.79 19.34 -55.15
C LEU G 417 -2.80 19.09 -56.29
N GLU G 418 -2.06 20.14 -56.64
CA GLU G 418 -1.04 20.03 -57.67
C GLU G 418 0.03 19.03 -57.24
N PRO G 419 0.49 18.15 -58.14
CA PRO G 419 1.50 17.15 -57.73
C PRO G 419 2.79 17.76 -57.24
N GLU G 420 3.17 18.93 -57.75
CA GLU G 420 4.44 19.54 -57.40
C GLU G 420 4.55 19.76 -55.88
N TYR G 421 3.43 20.05 -55.23
CA TYR G 421 3.42 20.45 -53.83
C TYR G 421 3.57 19.24 -52.90
N PHE G 422 4.71 18.55 -53.00
CA PHE G 422 5.09 17.53 -52.04
C PHE G 422 5.84 18.12 -50.84
N ASN G 423 6.52 17.25 -50.10
CA ASN G 423 7.01 17.52 -48.75
C ASN G 423 7.86 18.79 -48.66
N SER G 424 9.06 18.75 -49.24
CA SER G 424 9.90 19.94 -49.30
C SER G 424 10.68 20.11 -50.60
N VAL G 425 10.82 19.07 -51.42
CA VAL G 425 11.75 19.11 -52.55
C VAL G 425 11.06 19.04 -53.91
N CYS G 426 9.81 18.60 -53.97
CA CYS G 426 9.18 18.41 -55.28
C CYS G 426 8.65 19.73 -55.85
N ARG G 427 8.25 20.64 -54.98
CA ARG G 427 7.92 21.97 -55.51
C ARG G 427 9.15 22.74 -55.93
N LEU G 428 10.23 22.53 -55.19
CA LEU G 428 11.56 23.03 -55.53
C LEU G 428 12.06 22.41 -56.84
N MET G 429 11.56 21.21 -57.14
CA MET G 429 12.12 20.30 -58.12
C MET G 429 12.06 20.83 -59.54
N LYS G 430 10.89 21.29 -60.01
CA LYS G 430 10.79 21.78 -61.36
C LYS G 430 10.53 23.28 -61.38
N THR G 431 10.84 23.95 -60.28
CA THR G 431 11.00 25.41 -60.26
C THR G 431 12.45 25.82 -60.34
N ILE G 432 13.36 24.92 -60.00
CA ILE G 432 14.81 25.14 -60.12
C ILE G 432 15.47 24.18 -61.10
N GLY G 433 14.76 23.14 -61.53
CA GLY G 433 15.26 22.23 -62.53
C GLY G 433 15.67 20.88 -61.96
N PRO G 434 15.64 19.85 -62.80
CA PRO G 434 16.09 18.52 -62.37
C PRO G 434 17.56 18.53 -62.02
N ASP G 435 17.89 17.81 -60.95
CA ASP G 435 19.24 17.82 -60.40
C ASP G 435 20.24 17.03 -61.23
N MET G 436 19.81 15.93 -61.86
CA MET G 436 20.63 15.18 -62.79
C MET G 436 20.00 15.11 -64.18
N PHE G 437 20.88 14.91 -65.15
CA PHE G 437 20.52 14.48 -66.51
C PHE G 437 20.52 12.95 -66.48
N LEU G 438 19.32 12.36 -66.55
CA LEU G 438 19.19 10.93 -66.34
C LEU G 438 17.85 10.45 -66.86
N GLY G 439 17.90 9.49 -67.78
CA GLY G 439 16.73 8.75 -68.22
C GLY G 439 17.14 7.37 -68.67
N THR G 440 16.53 6.33 -68.08
CA THR G 440 16.99 4.96 -68.29
C THR G 440 15.80 4.08 -68.65
N CYS G 441 15.42 4.12 -69.92
CA CYS G 441 14.26 3.37 -70.41
C CYS G 441 14.66 2.03 -71.00
N ARG G 442 15.42 1.25 -70.22
CA ARG G 442 15.88 -0.07 -70.66
C ARG G 442 14.95 -1.19 -70.22
N ARG G 443 13.89 -0.87 -69.48
CA ARG G 443 12.81 -1.84 -69.30
C ARG G 443 11.51 -1.29 -69.87
N CYS G 444 11.16 -0.05 -69.52
CA CYS G 444 9.90 0.52 -69.97
C CYS G 444 9.97 0.86 -71.46
N PRO G 445 8.94 0.53 -72.24
CA PRO G 445 8.98 0.83 -73.68
C PRO G 445 8.55 2.26 -73.99
N ALA G 446 8.47 2.59 -75.28
CA ALA G 446 8.07 3.92 -75.71
C ALA G 446 6.56 4.11 -75.75
N GLU G 447 5.79 3.01 -75.79
CA GLU G 447 4.35 3.13 -75.85
C GLU G 447 3.78 3.81 -74.62
N ILE G 448 4.40 3.61 -73.46
CA ILE G 448 4.00 4.32 -72.25
C ILE G 448 4.65 5.69 -72.18
N VAL G 449 5.94 5.75 -72.56
CA VAL G 449 6.72 6.96 -72.45
C VAL G 449 6.09 8.09 -73.24
N ASP G 450 5.61 7.80 -74.45
CA ASP G 450 4.93 8.80 -75.28
C ASP G 450 3.90 9.58 -74.49
N THR G 451 2.86 8.89 -74.01
CA THR G 451 1.78 9.56 -73.29
C THR G 451 2.26 10.15 -71.97
N VAL G 452 3.08 9.41 -71.21
CA VAL G 452 3.38 9.83 -69.85
C VAL G 452 4.26 11.07 -69.85
N SER G 453 5.23 11.13 -70.79
CA SER G 453 6.08 12.29 -70.95
C SER G 453 5.38 13.43 -71.66
N ALA G 454 4.43 13.15 -72.55
CA ALA G 454 3.61 14.23 -73.09
C ALA G 454 2.69 14.82 -72.04
N LEU G 455 2.41 14.08 -70.97
CA LEU G 455 1.57 14.63 -69.91
C LEU G 455 2.38 15.40 -68.87
N VAL G 456 3.28 14.74 -68.15
CA VAL G 456 3.90 15.45 -67.03
C VAL G 456 5.42 15.41 -67.02
N TYR G 457 6.02 14.32 -67.52
CA TYR G 457 7.47 14.21 -67.48
C TYR G 457 8.10 14.58 -68.81
N ASP G 458 8.10 15.87 -69.12
CA ASP G 458 8.43 16.37 -70.45
C ASP G 458 9.90 16.16 -70.79
N ASN G 459 10.14 15.51 -71.92
CA ASN G 459 11.43 15.48 -72.61
C ASN G 459 12.57 14.91 -71.75
N LYS G 460 12.27 14.20 -70.67
CA LYS G 460 13.33 13.65 -69.85
C LYS G 460 13.58 12.17 -70.14
N LEU G 461 12.51 11.40 -70.34
CA LEU G 461 12.64 9.99 -70.65
C LEU G 461 12.59 9.76 -72.15
N LYS G 462 13.33 8.75 -72.60
CA LYS G 462 13.50 8.50 -74.03
C LYS G 462 12.50 7.47 -74.54
N ALA G 463 12.22 7.55 -75.84
CA ALA G 463 11.43 6.53 -76.54
C ALA G 463 12.38 5.40 -76.98
N HIS G 464 12.87 4.67 -75.97
CA HIS G 464 14.00 3.79 -76.18
C HIS G 464 13.64 2.54 -76.99
N LYS G 465 12.54 1.88 -76.66
CA LYS G 465 12.16 0.63 -77.29
C LYS G 465 10.81 0.74 -78.00
N ASP G 466 10.75 0.15 -79.19
CA ASP G 466 9.57 0.21 -80.04
C ASP G 466 8.55 -0.83 -79.60
N LYS G 467 7.39 -0.86 -80.27
CA LYS G 467 6.31 -1.77 -79.93
C LYS G 467 5.87 -2.52 -81.17
N SER G 468 5.40 -3.75 -80.98
CA SER G 468 5.05 -4.62 -82.10
C SER G 468 3.54 -4.65 -82.34
N ALA G 469 2.87 -3.53 -82.07
CA ALA G 469 1.44 -3.34 -82.35
C ALA G 469 0.60 -4.43 -81.67
N GLN G 470 0.85 -4.59 -80.37
CA GLN G 470 0.01 -5.50 -79.59
C GLN G 470 -0.72 -4.75 -78.47
N CYS G 471 -0.37 -3.49 -78.22
CA CYS G 471 -1.02 -2.66 -77.20
C CYS G 471 -2.51 -2.61 -77.48
N PHE G 472 -3.30 -2.65 -76.42
CA PHE G 472 -4.72 -2.98 -76.51
C PHE G 472 -5.58 -1.73 -76.40
N LYS G 473 -6.50 -1.56 -77.34
CA LYS G 473 -7.55 -0.55 -77.27
C LYS G 473 -8.92 -1.16 -77.54
N MET G 474 -9.89 -0.74 -76.75
N MET G 474 -9.89 -0.74 -76.75
CA MET G 474 -11.28 -1.09 -77.00
CA MET G 474 -11.28 -1.09 -77.00
C MET G 474 -12.20 -0.05 -76.36
C MET G 474 -12.20 -0.05 -76.36
N PHE G 475 -12.90 0.71 -77.19
CA PHE G 475 -13.75 1.80 -76.70
C PHE G 475 -14.85 1.25 -75.79
N TYR G 476 -14.97 1.83 -74.60
CA TYR G 476 -15.88 1.33 -73.59
C TYR G 476 -16.19 2.45 -72.59
N LYS G 477 -17.45 2.56 -72.21
CA LYS G 477 -17.86 3.55 -71.22
C LYS G 477 -17.90 2.94 -69.83
N GLY G 478 -18.69 1.87 -69.66
CA GLY G 478 -18.69 1.13 -68.42
C GLY G 478 -19.77 1.54 -67.43
N VAL G 479 -20.09 0.63 -66.50
CA VAL G 479 -21.05 0.87 -65.44
C VAL G 479 -20.36 0.56 -64.12
N ILE G 480 -20.85 1.18 -63.05
CA ILE G 480 -20.19 1.10 -61.75
C ILE G 480 -21.16 0.53 -60.70
N THR G 481 -20.57 -0.05 -59.66
CA THR G 481 -21.32 -0.59 -58.52
C THR G 481 -20.39 -0.58 -57.33
N HIS G 482 -20.67 0.26 -56.35
CA HIS G 482 -19.77 0.51 -55.23
C HIS G 482 -20.30 -0.12 -53.95
N ASP G 483 -19.39 -0.30 -53.00
CA ASP G 483 -19.68 -0.82 -51.67
C ASP G 483 -19.34 0.25 -50.62
N VAL G 484 -19.40 -0.15 -49.35
CA VAL G 484 -19.12 0.79 -48.27
C VAL G 484 -17.67 1.25 -48.28
N SER G 485 -16.73 0.41 -48.72
CA SER G 485 -15.32 0.77 -48.73
C SER G 485 -14.59 0.44 -50.02
N SER G 486 -15.21 -0.29 -50.94
CA SER G 486 -14.60 -0.63 -52.23
C SER G 486 -15.71 -0.71 -53.28
N ALA G 487 -15.40 -1.33 -54.42
CA ALA G 487 -16.35 -1.49 -55.50
C ALA G 487 -15.94 -2.68 -56.35
N ILE G 488 -16.93 -3.37 -56.90
CA ILE G 488 -16.70 -4.52 -57.77
C ILE G 488 -17.30 -4.21 -59.14
N ASN G 489 -16.58 -4.59 -60.19
CA ASN G 489 -16.84 -4.12 -61.55
C ASN G 489 -17.49 -5.21 -62.39
N ARG G 490 -18.59 -4.88 -63.05
CA ARG G 490 -19.19 -5.84 -63.99
C ARG G 490 -18.71 -5.64 -65.45
N PRO G 491 -18.74 -4.40 -65.96
CA PRO G 491 -18.35 -4.23 -67.36
C PRO G 491 -16.89 -4.48 -67.72
N GLN G 492 -15.98 -3.61 -67.31
CA GLN G 492 -14.60 -3.81 -67.72
C GLN G 492 -14.02 -5.13 -67.22
N ILE G 493 -14.55 -5.70 -66.14
CA ILE G 493 -14.12 -7.02 -65.72
C ILE G 493 -14.56 -8.08 -66.72
N GLY G 494 -15.82 -8.03 -67.14
CA GLY G 494 -16.28 -8.98 -68.14
C GLY G 494 -15.56 -8.81 -69.47
N VAL G 495 -15.27 -7.56 -69.84
CA VAL G 495 -14.57 -7.30 -71.09
C VAL G 495 -13.14 -7.80 -71.00
N VAL G 496 -12.52 -7.69 -69.83
CA VAL G 496 -11.17 -8.21 -69.62
C VAL G 496 -11.18 -9.73 -69.71
N ARG G 497 -12.18 -10.37 -69.10
CA ARG G 497 -12.32 -11.81 -69.23
C ARG G 497 -12.39 -12.23 -70.70
N GLU G 498 -13.40 -11.72 -71.40
CA GLU G 498 -13.62 -12.10 -72.80
C GLU G 498 -12.51 -11.61 -73.72
N PHE G 499 -11.66 -10.69 -73.27
CA PHE G 499 -10.46 -10.34 -74.02
C PHE G 499 -9.36 -11.36 -73.82
N LEU G 500 -9.14 -11.80 -72.57
CA LEU G 500 -8.16 -12.84 -72.31
C LEU G 500 -8.56 -14.19 -72.89
N THR G 501 -9.84 -14.40 -73.17
CA THR G 501 -10.27 -15.61 -73.86
C THR G 501 -9.94 -15.60 -75.34
N ARG G 502 -9.48 -14.46 -75.89
CA ARG G 502 -9.15 -14.41 -77.31
C ARG G 502 -7.68 -14.72 -77.59
N ASN G 503 -6.77 -14.24 -76.77
CA ASN G 503 -5.35 -14.41 -76.99
C ASN G 503 -4.79 -15.55 -76.13
N PRO G 504 -4.02 -16.45 -76.75
CA PRO G 504 -3.49 -17.60 -75.99
C PRO G 504 -2.53 -17.20 -74.88
N ALA G 505 -1.49 -16.44 -75.21
CA ALA G 505 -0.44 -16.12 -74.26
C ALA G 505 -0.71 -14.81 -73.52
N TRP G 506 -1.87 -14.70 -72.89
CA TRP G 506 -2.17 -13.54 -72.06
C TRP G 506 -2.49 -13.91 -70.62
N ARG G 507 -2.55 -15.20 -70.29
CA ARG G 507 -2.77 -15.63 -68.90
C ARG G 507 -1.46 -15.78 -68.15
N LYS G 508 -0.60 -14.78 -68.28
CA LYS G 508 0.64 -14.71 -67.50
C LYS G 508 0.82 -13.27 -67.03
N ALA G 509 -0.28 -12.65 -66.59
CA ALA G 509 -0.26 -11.25 -66.20
C ALA G 509 -0.66 -11.08 -64.74
N VAL G 510 -0.79 -9.83 -64.30
CA VAL G 510 -1.17 -9.52 -62.93
C VAL G 510 -2.58 -8.92 -62.94
N PHE G 511 -3.22 -8.93 -61.78
CA PHE G 511 -4.62 -8.54 -61.67
C PHE G 511 -4.81 -7.45 -60.62
N ILE G 512 -4.01 -6.38 -60.69
CA ILE G 512 -4.06 -5.35 -59.66
C ILE G 512 -5.42 -4.68 -59.64
N SER G 513 -5.75 -4.10 -58.49
CA SER G 513 -7.09 -3.58 -58.23
C SER G 513 -7.00 -2.31 -57.39
N PRO G 514 -7.86 -1.32 -57.66
CA PRO G 514 -7.88 -0.14 -56.78
C PRO G 514 -8.14 -0.49 -55.33
N TYR G 515 -8.97 -1.49 -55.08
CA TYR G 515 -9.11 -2.10 -53.76
C TYR G 515 -9.15 -3.61 -53.95
N ASN G 516 -8.61 -4.33 -52.97
CA ASN G 516 -8.36 -5.77 -53.10
C ASN G 516 -9.63 -6.58 -53.36
N SER G 517 -10.80 -5.93 -53.24
CA SER G 517 -12.06 -6.61 -53.49
C SER G 517 -12.15 -7.18 -54.90
N GLN G 518 -11.57 -6.51 -55.89
CA GLN G 518 -11.69 -6.98 -57.27
C GLN G 518 -11.02 -8.34 -57.45
N ASN G 519 -9.76 -8.45 -57.05
CA ASN G 519 -9.08 -9.74 -57.15
C ASN G 519 -9.64 -10.75 -56.15
N ALA G 520 -10.16 -10.28 -55.02
CA ALA G 520 -10.78 -11.19 -54.06
C ALA G 520 -12.00 -11.87 -54.67
N VAL G 521 -12.82 -11.10 -55.40
CA VAL G 521 -13.99 -11.67 -56.07
C VAL G 521 -13.55 -12.55 -57.23
N ALA G 522 -12.54 -12.11 -57.99
CA ALA G 522 -12.09 -12.87 -59.15
C ALA G 522 -11.42 -14.19 -58.77
N SER G 523 -10.83 -14.28 -57.58
CA SER G 523 -10.14 -15.51 -57.18
C SER G 523 -11.11 -16.67 -56.99
N LYS G 524 -12.38 -16.37 -56.74
CA LYS G 524 -13.38 -17.40 -56.51
C LYS G 524 -13.71 -18.21 -57.75
N ILE G 525 -13.61 -17.63 -58.95
CA ILE G 525 -14.01 -18.32 -60.15
C ILE G 525 -12.88 -18.45 -61.18
N LEU G 526 -11.87 -17.58 -61.15
CA LEU G 526 -10.70 -17.85 -61.99
C LEU G 526 -9.45 -18.09 -61.15
N GLY G 527 -9.10 -17.14 -60.28
CA GLY G 527 -7.99 -17.35 -59.35
C GLY G 527 -6.68 -16.69 -59.71
N LEU G 528 -6.73 -15.50 -60.28
CA LEU G 528 -5.50 -14.77 -60.55
C LEU G 528 -4.91 -14.23 -59.25
N PRO G 529 -3.58 -14.06 -59.17
CA PRO G 529 -2.96 -13.71 -57.88
C PRO G 529 -3.39 -12.34 -57.37
N THR G 530 -3.33 -12.20 -56.05
CA THR G 530 -3.70 -10.96 -55.38
C THR G 530 -2.67 -9.86 -55.67
N GLN G 531 -3.18 -8.66 -55.94
CA GLN G 531 -2.33 -7.51 -56.20
C GLN G 531 -3.01 -6.26 -55.65
N THR G 532 -2.20 -5.35 -55.12
CA THR G 532 -2.70 -4.11 -54.52
C THR G 532 -2.04 -2.90 -55.16
N VAL G 533 -2.80 -1.82 -55.27
CA VAL G 533 -2.31 -0.58 -55.87
C VAL G 533 -1.52 0.20 -54.83
N ASP G 534 -1.45 -0.32 -53.60
CA ASP G 534 -0.72 0.35 -52.53
C ASP G 534 0.74 0.52 -52.89
N SER G 535 1.46 -0.60 -53.03
CA SER G 535 2.88 -0.56 -53.39
C SER G 535 3.26 -1.90 -54.01
N SER G 536 3.39 -1.92 -55.34
CA SER G 536 4.00 -3.05 -56.02
C SER G 536 5.51 -2.92 -55.88
N GLN G 537 6.01 -3.14 -54.66
CA GLN G 537 7.36 -2.78 -54.28
C GLN G 537 8.42 -3.50 -55.10
N GLY G 538 9.11 -2.77 -55.99
CA GLY G 538 10.20 -3.31 -56.75
C GLY G 538 9.86 -4.52 -57.59
N SER G 539 8.60 -4.67 -57.98
CA SER G 539 8.14 -5.83 -58.76
C SER G 539 7.41 -5.29 -59.99
N GLU G 540 8.14 -5.13 -61.09
CA GLU G 540 7.60 -4.64 -62.35
C GLU G 540 7.73 -5.73 -63.41
N TYR G 541 6.61 -6.03 -64.08
CA TYR G 541 6.57 -7.11 -65.06
C TYR G 541 5.89 -6.60 -66.33
N ASP G 542 6.13 -7.31 -67.43
CA ASP G 542 5.75 -6.83 -68.75
C ASP G 542 4.25 -6.91 -68.98
N TYR G 543 3.70 -8.12 -68.99
CA TYR G 543 2.29 -8.30 -69.31
C TYR G 543 1.45 -8.13 -68.05
N VAL G 544 0.34 -7.38 -68.18
CA VAL G 544 -0.38 -6.86 -67.03
C VAL G 544 -1.85 -6.72 -67.41
N ILE G 545 -2.73 -7.01 -66.46
CA ILE G 545 -4.15 -6.67 -66.55
C ILE G 545 -4.44 -5.62 -65.50
N PHE G 546 -4.76 -4.41 -65.93
CA PHE G 546 -5.09 -3.32 -65.02
C PHE G 546 -6.58 -3.07 -65.02
N THR G 547 -7.10 -2.69 -63.85
CA THR G 547 -8.53 -2.47 -63.66
C THR G 547 -8.73 -1.24 -62.80
N GLN G 548 -9.90 -0.62 -62.96
CA GLN G 548 -10.23 0.63 -62.28
C GLN G 548 -11.53 0.59 -61.48
N THR G 549 -12.53 -0.18 -61.92
CA THR G 549 -13.85 -0.23 -61.29
C THR G 549 -14.44 1.16 -61.15
N THR G 550 -14.30 1.76 -59.97
CA THR G 550 -14.78 3.11 -59.71
C THR G 550 -13.59 4.07 -59.70
N GLU G 551 -13.64 5.10 -60.54
CA GLU G 551 -12.56 6.08 -60.67
C GLU G 551 -13.18 7.48 -60.72
N THR G 552 -13.37 8.08 -59.54
CA THR G 552 -13.94 9.42 -59.47
C THR G 552 -12.92 10.47 -59.05
N ALA G 553 -12.26 10.26 -57.91
CA ALA G 553 -11.35 11.24 -57.36
C ALA G 553 -9.99 10.67 -56.99
N HIS G 554 -9.89 9.36 -56.77
CA HIS G 554 -8.60 8.77 -56.42
C HIS G 554 -7.84 8.22 -57.61
N SER G 555 -8.49 7.95 -58.73
CA SER G 555 -7.79 7.30 -59.84
C SER G 555 -7.67 8.16 -61.08
N CYS G 556 -8.78 8.60 -61.64
CA CYS G 556 -8.78 9.22 -62.97
C CYS G 556 -8.73 10.74 -62.84
N ASN G 557 -7.77 11.21 -62.05
CA ASN G 557 -7.62 12.66 -61.85
C ASN G 557 -6.29 13.20 -62.36
N VAL G 558 -5.20 12.68 -61.80
CA VAL G 558 -3.85 13.15 -62.08
C VAL G 558 -2.96 11.93 -62.07
N ASN G 559 -1.64 12.11 -62.13
CA ASN G 559 -0.72 10.98 -62.14
C ASN G 559 -0.61 10.32 -60.77
N ARG G 560 -1.75 9.91 -60.20
CA ARG G 560 -1.73 9.12 -58.97
C ARG G 560 -1.09 7.77 -59.21
N PHE G 561 -1.36 7.16 -60.37
CA PHE G 561 -0.77 5.88 -60.72
C PHE G 561 -0.31 5.87 -62.18
N ASN G 562 0.08 7.02 -62.73
CA ASN G 562 0.62 7.02 -64.09
C ASN G 562 1.93 6.24 -64.16
N VAL G 563 2.63 6.10 -63.03
CA VAL G 563 3.73 5.13 -62.93
C VAL G 563 3.22 3.70 -62.96
N ALA G 564 2.06 3.43 -62.36
CA ALA G 564 1.40 2.14 -62.53
C ALA G 564 0.84 1.95 -63.93
N ILE G 565 0.84 3.01 -64.74
CA ILE G 565 0.62 2.86 -66.17
C ILE G 565 1.92 2.52 -66.89
N THR G 566 3.07 2.77 -66.26
CA THR G 566 4.35 2.33 -66.80
C THR G 566 4.59 0.87 -66.43
N ARG G 567 3.60 0.02 -66.74
CA ARG G 567 3.65 -1.38 -66.34
C ARG G 567 4.69 -2.16 -67.12
N ALA G 568 4.70 -1.98 -68.44
CA ALA G 568 5.13 -3.01 -69.36
C ALA G 568 6.60 -2.89 -69.75
N LYS G 569 7.05 -3.85 -70.55
CA LYS G 569 8.32 -3.78 -71.24
C LYS G 569 8.19 -3.91 -72.75
N VAL G 570 7.36 -4.83 -73.25
CA VAL G 570 7.09 -4.94 -74.69
C VAL G 570 5.59 -5.07 -74.94
N GLY G 571 4.77 -4.84 -73.93
CA GLY G 571 3.33 -4.97 -74.12
C GLY G 571 2.48 -4.82 -72.88
N ILE G 572 1.35 -4.10 -73.00
CA ILE G 572 0.60 -3.64 -71.83
C ILE G 572 -0.89 -3.83 -72.04
N LEU G 573 -1.63 -3.80 -70.92
CA LEU G 573 -3.05 -3.52 -70.89
C LEU G 573 -3.29 -2.52 -69.76
N CYS G 574 -4.05 -1.46 -70.06
CA CYS G 574 -4.37 -0.43 -69.07
C CYS G 574 -5.81 0.01 -69.32
N ILE G 575 -6.73 -0.56 -68.54
CA ILE G 575 -8.15 -0.25 -68.72
C ILE G 575 -8.43 1.14 -68.18
N MET G 576 -9.13 1.94 -68.97
CA MET G 576 -9.53 3.28 -68.57
C MET G 576 -10.98 3.48 -68.98
N SER G 577 -11.84 3.76 -68.00
CA SER G 577 -13.29 3.84 -68.23
C SER G 577 -13.78 5.26 -68.39
N ASP G 578 -12.88 6.24 -68.47
CA ASP G 578 -13.23 7.63 -68.68
C ASP G 578 -12.62 8.11 -70.00
N ARG G 579 -12.91 9.37 -70.34
CA ARG G 579 -12.54 9.94 -71.63
C ARG G 579 -11.61 11.15 -71.47
N ASP G 580 -10.64 11.05 -70.57
CA ASP G 580 -9.68 12.13 -70.34
C ASP G 580 -8.26 11.70 -70.73
N LEU G 581 -7.78 10.57 -70.21
CA LEU G 581 -6.42 10.11 -70.51
C LEU G 581 -6.34 9.28 -71.79
N TYR G 582 -6.89 9.79 -72.90
CA TYR G 582 -6.76 9.15 -74.20
C TYR G 582 -6.55 10.17 -75.32
N ASP G 583 -6.49 11.46 -74.99
CA ASP G 583 -6.51 12.58 -75.95
C ASP G 583 -5.74 12.30 -77.23
N LYS G 584 -4.50 11.82 -77.10
CA LYS G 584 -3.70 11.46 -78.27
C LYS G 584 -3.11 10.07 -78.18
N LEU G 585 -3.55 9.25 -77.22
CA LEU G 585 -3.12 7.87 -77.15
C LEU G 585 -3.58 7.10 -78.38
N GLN G 586 -2.67 6.31 -78.96
CA GLN G 586 -2.91 5.65 -80.24
C GLN G 586 -2.81 4.14 -80.12
N PHE G 587 -3.45 3.56 -79.10
CA PHE G 587 -3.50 2.12 -78.98
C PHE G 587 -4.30 1.53 -80.14
N THR G 588 -3.95 0.31 -80.52
CA THR G 588 -4.53 -0.30 -81.72
C THR G 588 -6.04 -0.45 -81.59
N SER G 589 -6.77 0.16 -82.51
CA SER G 589 -8.23 0.21 -82.44
C SER G 589 -8.81 -1.11 -82.91
N LEU G 590 -9.44 -1.84 -82.00
CA LEU G 590 -10.16 -3.06 -82.31
C LEU G 590 -11.50 -3.07 -81.59
N GLU G 591 -12.50 -3.65 -82.25
CA GLU G 591 -13.88 -3.58 -81.78
C GLU G 591 -14.11 -4.55 -80.62
N ILE G 592 -15.19 -4.31 -79.88
CA ILE G 592 -15.58 -5.16 -78.77
C ILE G 592 -16.04 -6.50 -79.36
N PRO G 593 -15.86 -7.62 -78.65
CA PRO G 593 -16.32 -8.92 -79.14
C PRO G 593 -17.80 -9.18 -78.80
N ALA H 1 -23.31 11.06 -0.29
CA ALA H 1 -23.71 12.39 0.10
C ALA H 1 -23.61 13.36 -1.07
N VAL H 2 -23.08 12.87 -2.20
CA VAL H 2 -22.92 13.69 -3.39
C VAL H 2 -23.43 12.91 -4.60
N GLY H 3 -24.25 13.56 -5.43
CA GLY H 3 -24.80 12.92 -6.61
C GLY H 3 -25.67 13.86 -7.42
N ALA H 4 -26.49 13.30 -8.30
CA ALA H 4 -27.32 14.08 -9.21
C ALA H 4 -28.75 14.17 -8.69
N CYS H 5 -29.34 15.35 -8.84
CA CYS H 5 -30.71 15.56 -8.42
C CYS H 5 -31.68 14.94 -9.42
N VAL H 6 -32.85 14.52 -8.92
CA VAL H 6 -33.75 13.68 -9.69
C VAL H 6 -34.42 14.43 -10.85
N LEU H 7 -34.27 15.76 -10.92
CA LEU H 7 -34.88 16.53 -11.99
C LEU H 7 -33.87 17.14 -12.94
N CYS H 8 -32.92 17.94 -12.44
CA CYS H 8 -31.94 18.58 -13.30
C CYS H 8 -30.73 17.71 -13.60
N ASN H 9 -30.58 16.58 -12.89
CA ASN H 9 -29.40 15.72 -12.98
C ASN H 9 -28.11 16.47 -12.62
N SER H 10 -28.22 17.64 -12.00
CA SER H 10 -27.04 18.39 -11.59
C SER H 10 -26.54 17.88 -10.23
N GLN H 11 -25.26 18.15 -9.96
CA GLN H 11 -24.63 17.71 -8.73
C GLN H 11 -25.20 18.47 -7.54
N THR H 12 -25.48 17.74 -6.46
CA THR H 12 -26.07 18.33 -5.26
C THR H 12 -25.50 17.62 -4.04
N SER H 13 -25.87 18.13 -2.86
CA SER H 13 -25.46 17.53 -1.60
C SER H 13 -26.61 17.56 -0.60
N LEU H 14 -27.80 17.90 -1.07
CA LEU H 14 -28.96 18.09 -0.22
C LEU H 14 -29.92 16.92 -0.37
N ARG H 15 -30.33 16.35 0.76
CA ARG H 15 -31.33 15.29 0.80
C ARG H 15 -32.58 15.79 1.53
N CYS H 16 -33.74 15.62 0.90
CA CYS H 16 -34.98 15.94 1.58
C CYS H 16 -35.22 14.96 2.72
N GLY H 17 -35.68 15.50 3.86
CA GLY H 17 -35.83 14.68 5.05
C GLY H 17 -37.26 14.27 5.35
N ALA H 18 -38.22 14.87 4.65
CA ALA H 18 -39.63 14.57 4.86
C ALA H 18 -40.17 13.55 3.87
N CYS H 19 -39.36 13.11 2.91
CA CYS H 19 -39.73 12.03 2.01
C CYS H 19 -39.11 10.73 2.51
N ILE H 20 -39.91 9.67 2.51
CA ILE H 20 -39.48 8.39 3.10
C ILE H 20 -38.26 7.80 2.41
N ARG H 21 -38.05 8.11 1.13
CA ARG H 21 -36.93 7.53 0.39
C ARG H 21 -35.71 8.44 0.32
N ARG H 22 -35.78 9.64 0.89
CA ARG H 22 -34.66 10.58 0.95
C ARG H 22 -34.05 10.82 -0.43
N PRO H 23 -34.79 11.43 -1.37
CA PRO H 23 -34.24 11.64 -2.71
C PRO H 23 -33.19 12.74 -2.72
N PHE H 24 -32.42 12.77 -3.80
CA PHE H 24 -31.42 13.80 -4.02
C PHE H 24 -32.08 14.97 -4.74
N LEU H 25 -32.10 16.13 -4.09
CA LEU H 25 -32.81 17.31 -4.59
C LEU H 25 -31.84 18.43 -4.91
N CYS H 26 -32.08 19.09 -6.03
CA CYS H 26 -31.31 20.26 -6.44
C CYS H 26 -31.68 21.45 -5.57
N CYS H 27 -30.74 22.39 -5.44
CA CYS H 27 -30.92 23.50 -4.51
C CYS H 27 -32.17 24.31 -4.83
N LYS H 28 -32.32 24.72 -6.10
CA LYS H 28 -33.55 25.38 -6.52
C LYS H 28 -34.75 24.44 -6.38
N CYS H 29 -34.57 23.17 -6.79
CA CYS H 29 -35.61 22.18 -6.57
C CYS H 29 -35.91 22.01 -5.09
N CYS H 30 -34.88 22.06 -4.25
CA CYS H 30 -35.09 21.95 -2.81
C CYS H 30 -35.95 23.10 -2.30
N TYR H 31 -35.67 24.32 -2.74
CA TYR H 31 -36.48 25.47 -2.33
C TYR H 31 -37.92 25.33 -2.79
N ASP H 32 -38.11 24.95 -4.05
CA ASP H 32 -39.45 24.80 -4.59
C ASP H 32 -40.23 23.72 -3.86
N HIS H 33 -39.56 22.61 -3.54
CA HIS H 33 -40.22 21.50 -2.86
C HIS H 33 -40.49 21.81 -1.39
N VAL H 34 -39.68 22.66 -0.75
CA VAL H 34 -39.88 22.99 0.64
C VAL H 34 -40.87 24.14 0.83
N ILE H 35 -41.07 24.98 -0.18
CA ILE H 35 -41.97 26.12 -0.10
C ILE H 35 -43.41 25.71 -0.40
N SER H 36 -43.63 25.01 -1.51
CA SER H 36 -44.98 24.61 -1.93
C SER H 36 -45.47 23.33 -1.25
N THR H 37 -44.85 22.88 -0.16
CA THR H 37 -45.22 21.62 0.46
C THR H 37 -44.76 21.64 1.92
N SER H 38 -45.49 20.94 2.78
CA SER H 38 -45.12 20.83 4.18
C SER H 38 -44.04 19.77 4.36
N HIS H 39 -42.97 19.87 3.58
CA HIS H 39 -41.78 19.03 3.73
C HIS H 39 -40.65 19.96 4.17
N LYS H 40 -40.51 20.11 5.49
CA LYS H 40 -39.68 21.17 6.04
C LYS H 40 -38.43 20.62 6.71
N LEU H 41 -37.79 19.63 6.10
CA LEU H 41 -36.55 19.08 6.65
C LEU H 41 -35.61 18.79 5.49
N VAL H 42 -34.36 19.20 5.64
CA VAL H 42 -33.35 19.06 4.60
C VAL H 42 -32.07 18.51 5.23
N LEU H 43 -31.50 17.51 4.59
CA LEU H 43 -30.27 16.87 5.08
C LEU H 43 -29.12 17.17 4.12
N SER H 44 -27.95 17.45 4.72
CA SER H 44 -26.71 17.67 3.98
C SER H 44 -25.64 16.74 4.53
N VAL H 45 -24.38 17.00 4.21
CA VAL H 45 -23.26 16.27 4.79
C VAL H 45 -23.39 16.28 6.31
N ASN H 46 -23.98 17.35 6.85
CA ASN H 46 -24.45 17.42 8.22
C ASN H 46 -25.90 17.87 8.21
N PRO H 47 -26.69 17.44 9.20
CA PRO H 47 -28.11 17.80 9.20
C PRO H 47 -28.34 19.29 9.35
N TYR H 48 -29.40 19.77 8.71
CA TYR H 48 -29.75 21.19 8.76
C TYR H 48 -30.76 21.42 9.89
N VAL H 49 -30.27 21.21 11.12
CA VAL H 49 -31.06 21.40 12.33
C VAL H 49 -30.27 22.28 13.28
N CYS H 50 -30.99 23.00 14.15
CA CYS H 50 -30.34 23.89 15.11
C CYS H 50 -29.49 23.10 16.08
N ASN H 51 -28.23 23.49 16.22
CA ASN H 51 -27.29 22.78 17.08
C ASN H 51 -27.11 23.45 18.44
N ALA H 52 -27.91 24.46 18.75
CA ALA H 52 -27.84 25.13 20.04
C ALA H 52 -28.20 24.16 21.15
N PRO H 53 -27.37 24.03 22.19
CA PRO H 53 -27.68 23.10 23.27
C PRO H 53 -29.00 23.45 23.95
N GLY H 54 -29.81 22.43 24.21
CA GLY H 54 -31.12 22.62 24.81
C GLY H 54 -32.19 23.07 23.85
N CYS H 55 -31.85 23.35 22.59
CA CYS H 55 -32.81 23.80 21.61
C CYS H 55 -33.24 22.65 20.71
N ASP H 56 -34.45 22.77 20.15
CA ASP H 56 -34.97 21.73 19.27
C ASP H 56 -35.86 22.40 18.22
N VAL H 57 -35.26 22.70 17.07
CA VAL H 57 -36.00 23.17 15.89
C VAL H 57 -35.51 22.38 14.69
N THR H 58 -36.45 21.89 13.87
CA THR H 58 -36.13 21.06 12.73
C THR H 58 -36.58 21.68 11.41
N ASP H 59 -36.78 23.00 11.39
CA ASP H 59 -37.15 23.67 10.15
C ASP H 59 -35.91 23.91 9.29
N VAL H 60 -36.13 24.48 8.11
CA VAL H 60 -35.03 24.94 7.26
C VAL H 60 -35.18 26.44 7.03
N THR H 61 -36.42 26.91 6.84
CA THR H 61 -36.70 28.32 6.62
C THR H 61 -36.56 29.15 7.89
N GLN H 62 -36.18 28.54 9.01
CA GLN H 62 -36.13 29.20 10.30
C GLN H 62 -34.70 29.40 10.81
N LEU H 63 -33.74 28.64 10.29
CA LEU H 63 -32.38 28.61 10.82
C LEU H 63 -31.50 29.70 10.21
N TYR H 64 -30.49 30.09 10.96
CA TYR H 64 -29.49 31.07 10.55
C TYR H 64 -28.11 30.45 10.70
N LEU H 65 -27.24 30.70 9.73
CA LEU H 65 -25.88 30.18 9.80
C LEU H 65 -24.98 31.17 10.54
N GLY H 66 -24.26 30.67 11.54
CA GLY H 66 -23.37 31.51 12.32
C GLY H 66 -22.14 30.75 12.81
N GLY H 67 -20.97 31.34 12.61
CA GLY H 67 -19.74 30.67 12.97
C GLY H 67 -19.47 29.47 12.08
N MET H 68 -19.60 28.27 12.64
CA MET H 68 -19.48 27.03 11.89
C MET H 68 -20.73 26.16 11.98
N SER H 69 -21.54 26.32 13.02
CA SER H 69 -22.76 25.54 13.19
C SER H 69 -23.97 26.25 12.59
N TYR H 70 -25.17 25.74 12.87
CA TYR H 70 -26.41 26.35 12.44
C TYR H 70 -27.24 26.73 13.66
N TYR H 71 -27.85 27.92 13.61
CA TYR H 71 -28.56 28.45 14.75
C TYR H 71 -29.91 28.99 14.31
N CYS H 72 -30.76 29.25 15.29
CA CYS H 72 -32.13 29.71 15.09
C CYS H 72 -32.25 31.18 15.46
N LYS H 73 -33.47 31.71 15.41
CA LYS H 73 -33.70 33.10 15.81
C LYS H 73 -33.38 33.33 17.27
N SER H 74 -33.61 32.34 18.13
CA SER H 74 -33.36 32.49 19.56
C SER H 74 -31.90 32.34 19.93
N HIS H 75 -31.05 31.88 19.00
CA HIS H 75 -29.63 31.73 19.32
C HIS H 75 -28.72 32.20 18.18
N LYS H 76 -29.22 33.04 17.27
CA LYS H 76 -28.36 33.53 16.20
C LYS H 76 -27.31 34.47 16.78
N PRO H 77 -26.03 34.29 16.44
CA PRO H 77 -25.00 35.21 16.91
C PRO H 77 -25.11 36.55 16.20
N PRO H 78 -24.34 37.55 16.62
CA PRO H 78 -24.32 38.82 15.84
C PRO H 78 -23.89 38.62 14.40
N ILE H 79 -23.03 37.63 14.14
CA ILE H 79 -22.62 37.31 12.76
C ILE H 79 -23.52 36.16 12.33
N SER H 80 -24.65 36.51 11.71
CA SER H 80 -25.63 35.51 11.30
C SER H 80 -25.89 35.58 9.80
N PHE H 81 -26.45 34.51 9.25
CA PHE H 81 -26.72 34.40 7.82
C PHE H 81 -27.86 33.40 7.62
N PRO H 82 -28.98 33.81 7.04
CA PRO H 82 -30.10 32.87 6.84
C PRO H 82 -29.82 31.87 5.73
N LEU H 83 -30.08 30.60 6.04
CA LEU H 83 -29.87 29.54 5.06
C LEU H 83 -30.87 29.64 3.92
N CYS H 84 -32.14 29.84 4.24
CA CYS H 84 -33.21 29.89 3.26
C CYS H 84 -33.37 31.33 2.77
N ALA H 85 -32.75 31.64 1.64
CA ALA H 85 -32.81 32.99 1.08
C ALA H 85 -32.58 32.90 -0.42
N ASN H 86 -32.97 33.97 -1.12
CA ASN H 86 -32.80 34.11 -2.56
C ASN H 86 -33.51 33.01 -3.35
N GLY H 87 -34.47 32.34 -2.72
CA GLY H 87 -35.14 31.22 -3.38
C GLY H 87 -34.20 30.09 -3.74
N GLN H 88 -33.19 29.85 -2.90
CA GLN H 88 -32.19 28.85 -3.18
C GLN H 88 -31.46 28.44 -1.91
N VAL H 89 -31.54 27.15 -1.56
CA VAL H 89 -30.96 26.68 -0.30
C VAL H 89 -29.44 26.63 -0.41
N PHE H 90 -28.78 26.75 0.74
CA PHE H 90 -27.32 26.85 0.82
C PHE H 90 -26.73 25.44 0.81
N GLY H 91 -25.94 25.14 -0.22
CA GLY H 91 -25.31 23.84 -0.33
C GLY H 91 -24.22 23.86 -1.39
N LEU H 92 -23.59 22.70 -1.57
CA LEU H 92 -22.52 22.56 -2.54
C LEU H 92 -23.05 22.69 -3.96
N TYR H 93 -22.16 23.13 -4.86
CA TYR H 93 -22.48 23.36 -6.26
C TYR H 93 -23.67 24.29 -6.44
N LYS H 94 -23.76 25.33 -5.61
CA LYS H 94 -24.88 26.26 -5.67
C LYS H 94 -24.84 27.14 -6.92
N ASN H 95 -23.69 27.30 -7.56
CA ASN H 95 -23.56 28.14 -8.73
C ASN H 95 -23.68 27.38 -10.05
N THR H 96 -23.84 26.06 -10.01
CA THR H 96 -23.92 25.28 -11.25
C THR H 96 -25.26 24.53 -11.28
N CYS H 97 -26.34 25.23 -10.96
CA CYS H 97 -27.68 24.68 -11.05
C CYS H 97 -28.40 25.28 -12.24
N VAL H 98 -29.45 24.57 -12.70
CA VAL H 98 -30.23 25.04 -13.84
C VAL H 98 -31.70 25.11 -13.47
N GLY H 99 -32.10 24.38 -12.43
CA GLY H 99 -33.49 24.34 -12.02
C GLY H 99 -34.35 23.53 -12.98
N SER H 100 -35.63 23.47 -12.65
CA SER H 100 -36.60 22.74 -13.48
C SER H 100 -37.99 23.28 -13.17
N ASP H 101 -38.92 23.01 -14.07
CA ASP H 101 -40.31 23.44 -13.90
C ASP H 101 -41.24 22.29 -13.54
N ASN H 102 -40.77 21.05 -13.64
CA ASN H 102 -41.59 19.90 -13.27
C ASN H 102 -41.58 19.70 -11.76
N VAL H 103 -42.01 20.72 -11.03
CA VAL H 103 -42.00 20.65 -9.57
C VAL H 103 -43.38 20.34 -9.00
N THR H 104 -44.45 20.76 -9.68
CA THR H 104 -45.79 20.48 -9.19
C THR H 104 -46.09 18.98 -9.23
N ASP H 105 -45.76 18.31 -10.33
CA ASP H 105 -45.98 16.87 -10.41
C ASP H 105 -45.05 16.12 -9.47
N PHE H 106 -43.81 16.58 -9.31
CA PHE H 106 -42.92 15.97 -8.34
C PHE H 106 -43.46 16.14 -6.93
N ASN H 107 -44.00 17.32 -6.61
CA ASN H 107 -44.62 17.52 -5.31
C ASN H 107 -45.81 16.59 -5.12
N ALA H 108 -46.63 16.42 -6.16
CA ALA H 108 -47.78 15.53 -6.06
C ALA H 108 -47.33 14.10 -5.82
N ILE H 109 -46.29 13.66 -6.53
CA ILE H 109 -45.76 12.31 -6.30
C ILE H 109 -45.27 12.17 -4.87
N ALA H 110 -44.53 13.16 -4.38
CA ALA H 110 -44.02 13.10 -3.02
C ALA H 110 -45.15 13.18 -2.00
N THR H 111 -46.13 14.05 -2.23
CA THR H 111 -47.21 14.26 -1.26
C THR H 111 -48.29 13.20 -1.33
N CYS H 112 -48.35 12.43 -2.42
CA CYS H 112 -49.42 11.44 -2.59
C CYS H 112 -49.22 10.30 -1.59
N ASP H 113 -50.13 10.22 -0.62
CA ASP H 113 -50.12 9.14 0.36
C ASP H 113 -50.71 7.85 -0.18
N TRP H 114 -50.92 7.76 -1.50
CA TRP H 114 -51.37 6.54 -2.17
C TRP H 114 -52.73 6.09 -1.64
N THR H 115 -53.74 6.92 -1.93
CA THR H 115 -55.11 6.66 -1.49
C THR H 115 -56.06 6.31 -2.63
N ASN H 116 -56.11 7.13 -3.68
CA ASN H 116 -57.14 7.01 -4.70
C ASN H 116 -56.53 6.65 -6.05
N ALA H 117 -57.39 6.64 -7.07
CA ALA H 117 -56.96 6.24 -8.41
C ALA H 117 -55.96 7.22 -9.00
N GLY H 118 -56.16 8.51 -8.75
CA GLY H 118 -55.23 9.52 -9.28
C GLY H 118 -53.80 9.28 -8.84
N ASP H 119 -53.62 8.61 -7.70
CA ASP H 119 -52.28 8.22 -7.26
C ASP H 119 -51.57 7.42 -8.34
N TYR H 120 -52.21 6.34 -8.81
CA TYR H 120 -51.62 5.53 -9.87
C TYR H 120 -51.68 6.22 -11.23
N ILE H 121 -52.68 7.06 -11.47
CA ILE H 121 -52.73 7.82 -12.72
C ILE H 121 -51.46 8.66 -12.88
N LEU H 122 -51.12 9.42 -11.84
CA LEU H 122 -49.91 10.24 -11.90
C LEU H 122 -48.63 9.44 -11.68
N ALA H 123 -48.72 8.27 -11.05
CA ALA H 123 -47.57 7.38 -10.98
C ALA H 123 -47.18 6.90 -12.37
N ASN H 124 -48.17 6.58 -13.21
CA ASN H 124 -47.92 6.17 -14.58
C ASN H 124 -47.91 7.34 -15.56
N THR H 125 -48.12 8.56 -15.07
CA THR H 125 -48.09 9.77 -15.91
C THR H 125 -47.05 10.73 -15.35
N CYS H 126 -45.80 10.52 -15.76
CA CYS H 126 -44.68 11.39 -15.37
C CYS H 126 -43.44 11.03 -16.18
N THR H 127 -42.31 11.68 -15.90
CA THR H 127 -41.08 11.36 -16.60
C THR H 127 -40.37 10.20 -15.90
N GLU H 128 -39.34 9.65 -16.54
CA GLU H 128 -38.75 8.36 -16.20
C GLU H 128 -38.34 8.24 -14.73
N ARG H 129 -37.49 9.14 -14.26
CA ARG H 129 -37.04 9.04 -12.87
C ARG H 129 -38.18 9.22 -11.90
N LEU H 130 -39.21 9.99 -12.26
CA LEU H 130 -40.39 10.08 -11.41
C LEU H 130 -41.16 8.76 -11.39
N LYS H 131 -41.23 8.05 -12.53
CA LYS H 131 -41.81 6.70 -12.50
C LYS H 131 -41.03 5.81 -11.55
N LEU H 132 -39.70 5.84 -11.63
CA LEU H 132 -38.88 4.99 -10.77
C LEU H 132 -39.11 5.34 -9.30
N PHE H 133 -39.11 6.63 -8.98
CA PHE H 133 -39.29 7.07 -7.59
C PHE H 133 -40.67 6.70 -7.08
N ALA H 134 -41.70 6.86 -7.91
CA ALA H 134 -43.06 6.50 -7.51
C ALA H 134 -43.19 5.00 -7.25
N ALA H 135 -42.62 4.16 -8.13
CA ALA H 135 -42.68 2.73 -7.90
C ALA H 135 -41.93 2.34 -6.63
N GLU H 136 -40.75 2.94 -6.42
CA GLU H 136 -39.96 2.63 -5.23
C GLU H 136 -40.72 3.02 -3.96
N THR H 137 -41.32 4.21 -3.94
CA THR H 137 -42.02 4.64 -2.74
C THR H 137 -43.34 3.90 -2.55
N LEU H 138 -43.97 3.44 -3.65
CA LEU H 138 -45.16 2.61 -3.51
C LEU H 138 -44.83 1.28 -2.86
N LYS H 139 -43.76 0.61 -3.33
CA LYS H 139 -43.37 -0.62 -2.65
C LYS H 139 -42.93 -0.35 -1.23
N ALA H 140 -42.28 0.79 -0.98
CA ALA H 140 -41.87 1.13 0.38
C ALA H 140 -43.07 1.28 1.31
N THR H 141 -44.10 2.00 0.86
CA THR H 141 -45.26 2.20 1.74
C THR H 141 -46.02 0.90 1.94
N GLU H 142 -46.14 0.06 0.90
CA GLU H 142 -46.85 -1.20 1.09
C GLU H 142 -46.08 -2.14 2.02
N GLU H 143 -44.74 -2.15 1.92
CA GLU H 143 -43.99 -3.02 2.81
C GLU H 143 -44.00 -2.50 4.24
N THR H 144 -44.00 -1.17 4.43
CA THR H 144 -44.18 -0.62 5.78
C THR H 144 -45.54 -0.98 6.33
N PHE H 145 -46.58 -0.92 5.51
CA PHE H 145 -47.92 -1.28 5.95
C PHE H 145 -47.99 -2.73 6.38
N LYS H 146 -47.37 -3.63 5.61
CA LYS H 146 -47.44 -5.04 5.98
C LYS H 146 -46.51 -5.37 7.15
N LEU H 147 -45.42 -4.60 7.33
CA LEU H 147 -44.60 -4.82 8.51
C LEU H 147 -45.21 -4.21 9.75
N SER H 148 -46.21 -3.33 9.58
CA SER H 148 -46.95 -2.82 10.73
C SER H 148 -47.95 -3.88 11.20
N TYR H 149 -47.45 -5.07 11.48
CA TYR H 149 -48.25 -6.20 11.92
C TYR H 149 -47.52 -6.91 13.05
N GLY H 150 -48.27 -7.68 13.84
CA GLY H 150 -47.71 -8.33 15.00
C GLY H 150 -46.84 -9.54 14.71
N ILE H 151 -46.35 -10.18 15.75
CA ILE H 151 -45.53 -11.38 15.65
C ILE H 151 -46.36 -12.57 16.09
N ALA H 152 -46.35 -13.64 15.29
CA ALA H 152 -47.15 -14.83 15.56
C ALA H 152 -46.55 -15.57 16.75
N THR H 153 -47.10 -15.31 17.93
CA THR H 153 -46.67 -16.00 19.14
C THR H 153 -47.12 -17.46 19.11
N VAL H 154 -46.15 -18.37 19.01
CA VAL H 154 -46.42 -19.80 18.96
C VAL H 154 -45.57 -20.50 20.01
N ARG H 155 -46.22 -21.35 20.80
CA ARG H 155 -45.53 -22.16 21.81
C ARG H 155 -45.75 -23.65 21.68
N GLU H 156 -46.67 -24.11 20.84
CA GLU H 156 -46.92 -25.53 20.66
C GLU H 156 -47.61 -25.77 19.33
N VAL H 157 -47.61 -27.02 18.89
CA VAL H 157 -48.23 -27.43 17.64
C VAL H 157 -49.00 -28.73 17.86
N LEU H 158 -50.21 -28.79 17.30
CA LEU H 158 -51.01 -30.00 17.42
C LEU H 158 -50.48 -31.11 16.51
N SER H 159 -50.53 -30.89 15.21
CA SER H 159 -50.11 -31.89 14.23
C SER H 159 -50.06 -31.27 12.83
N ASP H 160 -49.81 -32.10 11.82
CA ASP H 160 -49.92 -31.63 10.45
C ASP H 160 -51.36 -31.21 10.15
N ARG H 161 -51.49 -30.15 9.34
CA ARG H 161 -52.79 -29.58 8.99
C ARG H 161 -53.54 -29.06 10.23
N GLU H 162 -52.78 -28.66 11.25
CA GLU H 162 -53.34 -28.11 12.47
C GLU H 162 -52.30 -27.21 13.12
N LEU H 163 -52.77 -26.18 13.81
CA LEU H 163 -51.88 -25.22 14.43
C LEU H 163 -52.67 -24.30 15.35
N HIS H 164 -52.08 -23.98 16.49
CA HIS H 164 -52.51 -22.87 17.34
C HIS H 164 -51.47 -21.78 17.24
N LEU H 165 -51.89 -20.59 16.80
CA LEU H 165 -50.97 -19.50 16.55
C LEU H 165 -51.70 -18.20 16.89
N SER H 166 -51.01 -17.32 17.63
CA SER H 166 -51.61 -16.10 18.12
C SER H 166 -50.83 -14.89 17.61
N TRP H 167 -51.59 -13.88 17.17
CA TRP H 167 -51.01 -12.61 16.75
C TRP H 167 -50.76 -11.75 17.97
N GLU H 168 -50.44 -10.46 17.77
CA GLU H 168 -50.19 -9.55 18.88
C GLU H 168 -51.49 -8.83 19.24
N VAL H 169 -51.44 -8.11 20.36
CA VAL H 169 -52.59 -7.37 20.86
C VAL H 169 -52.70 -6.07 20.06
N GLY H 170 -53.89 -5.79 19.55
CA GLY H 170 -54.12 -4.61 18.73
C GLY H 170 -53.76 -4.78 17.27
N LYS H 171 -53.39 -5.98 16.84
CA LYS H 171 -53.04 -6.26 15.47
C LYS H 171 -54.01 -7.26 14.86
N PRO H 172 -54.55 -6.99 13.67
CA PRO H 172 -55.54 -7.89 13.08
C PRO H 172 -54.92 -9.06 12.36
N ARG H 173 -55.75 -9.98 11.88
CA ARG H 173 -55.26 -11.15 11.15
C ARG H 173 -54.69 -10.72 9.80
N PRO H 174 -53.45 -11.08 9.49
CA PRO H 174 -52.85 -10.65 8.22
C PRO H 174 -53.49 -11.37 7.04
N PRO H 175 -53.24 -10.90 5.81
CA PRO H 175 -53.79 -11.58 4.62
C PRO H 175 -53.41 -13.06 4.55
N LEU H 176 -54.21 -13.83 3.83
CA LEU H 176 -54.26 -15.28 4.01
C LEU H 176 -53.18 -16.06 3.25
N ASN H 177 -53.19 -16.01 1.92
CA ASN H 177 -52.54 -17.04 1.13
C ASN H 177 -51.09 -16.66 0.82
N ARG H 178 -50.48 -17.41 -0.11
CA ARG H 178 -49.07 -17.31 -0.44
C ARG H 178 -48.74 -15.99 -1.14
N ASN H 179 -49.76 -15.24 -1.55
CA ASN H 179 -49.54 -13.91 -2.07
C ASN H 179 -48.87 -13.01 -1.02
N TYR H 180 -48.96 -13.38 0.25
CA TYR H 180 -48.34 -12.68 1.37
C TYR H 180 -47.60 -13.75 2.15
N VAL H 181 -46.33 -13.96 1.79
CA VAL H 181 -45.60 -15.14 2.24
C VAL H 181 -45.33 -15.08 3.73
N PHE H 182 -45.46 -16.23 4.40
CA PHE H 182 -45.18 -16.37 5.83
C PHE H 182 -43.84 -17.08 5.98
N THR H 183 -42.80 -16.30 6.31
CA THR H 183 -41.46 -16.82 6.55
C THR H 183 -40.94 -16.21 7.84
N GLY H 184 -40.83 -17.03 8.89
CA GLY H 184 -40.46 -16.55 10.20
C GLY H 184 -39.13 -17.11 10.68
N TYR H 185 -38.74 -16.66 11.88
CA TYR H 185 -37.48 -17.07 12.50
C TYR H 185 -37.60 -17.05 14.01
N ARG H 186 -37.43 -18.21 14.65
CA ARG H 186 -37.55 -18.34 16.09
C ARG H 186 -36.18 -18.16 16.74
N VAL H 187 -36.12 -18.18 18.07
CA VAL H 187 -34.88 -18.05 18.81
C VAL H 187 -34.78 -19.18 19.83
N THR H 188 -33.54 -19.62 20.08
CA THR H 188 -33.31 -20.65 21.08
C THR H 188 -32.75 -19.99 22.34
N LYS H 189 -31.56 -19.39 22.29
CA LYS H 189 -31.01 -18.72 23.46
C LYS H 189 -30.44 -17.34 23.16
N ASN H 190 -29.77 -17.17 22.02
CA ASN H 190 -28.99 -15.97 21.76
C ASN H 190 -29.22 -15.37 20.37
N SER H 191 -29.61 -16.20 19.39
CA SER H 191 -29.83 -15.70 18.04
C SER H 191 -31.10 -16.31 17.46
N LYS H 192 -31.32 -16.10 16.16
CA LYS H 192 -32.53 -16.58 15.49
C LYS H 192 -32.27 -17.94 14.87
N VAL H 193 -33.33 -18.75 14.80
CA VAL H 193 -33.25 -20.09 14.23
C VAL H 193 -34.33 -20.26 13.17
N GLN H 194 -34.11 -21.21 12.27
CA GLN H 194 -34.96 -21.40 11.11
C GLN H 194 -36.32 -21.99 11.50
N ILE H 195 -37.36 -21.55 10.79
CA ILE H 195 -38.71 -22.06 11.01
C ILE H 195 -39.20 -22.76 9.75
N GLY H 196 -39.32 -22.02 8.66
CA GLY H 196 -39.80 -22.59 7.41
C GLY H 196 -40.62 -21.62 6.58
N GLU H 197 -40.59 -21.80 5.26
CA GLU H 197 -41.38 -20.98 4.35
C GLU H 197 -42.77 -21.57 4.25
N TYR H 198 -43.77 -20.84 4.74
CA TYR H 198 -45.09 -21.39 4.95
C TYR H 198 -46.17 -20.41 4.51
N THR H 199 -47.42 -20.89 4.57
CA THR H 199 -48.61 -20.06 4.39
C THR H 199 -49.75 -20.77 5.11
N PHE H 200 -50.70 -19.97 5.61
CA PHE H 200 -51.76 -20.50 6.46
C PHE H 200 -53.04 -20.70 5.65
N GLU H 201 -53.86 -21.67 6.06
CA GLU H 201 -55.06 -22.01 5.32
C GLU H 201 -56.31 -21.31 5.85
N LYS H 202 -56.65 -21.54 7.12
CA LYS H 202 -57.81 -20.88 7.72
C LYS H 202 -57.62 -20.69 9.21
N GLY H 203 -58.71 -20.38 9.92
CA GLY H 203 -58.66 -20.22 11.36
C GLY H 203 -59.46 -21.28 12.10
N ALA H 208 -58.63 -24.48 13.08
CA ALA H 208 -57.98 -25.33 12.09
C ALA H 208 -57.03 -24.52 11.22
N VAL H 209 -55.77 -24.93 11.16
CA VAL H 209 -54.78 -24.27 10.31
C VAL H 209 -54.05 -25.32 9.48
N VAL H 210 -54.52 -25.55 8.25
CA VAL H 210 -53.83 -26.46 7.36
C VAL H 210 -52.61 -25.76 6.77
N TYR H 211 -51.60 -26.56 6.41
CA TYR H 211 -50.34 -26.05 5.88
C TYR H 211 -50.33 -26.23 4.37
N ARG H 212 -50.33 -25.12 3.64
CA ARG H 212 -50.15 -25.11 2.19
C ARG H 212 -48.70 -24.88 1.79
N GLY H 213 -47.75 -25.07 2.72
CA GLY H 213 -46.35 -24.84 2.46
C GLY H 213 -45.70 -26.04 1.79
N THR H 214 -44.37 -26.10 1.94
CA THR H 214 -43.57 -27.15 1.29
C THR H 214 -42.51 -27.74 2.20
N THR H 215 -42.72 -27.75 3.51
CA THR H 215 -41.79 -28.39 4.44
C THR H 215 -42.54 -28.70 5.74
N THR H 216 -41.84 -29.35 6.66
CA THR H 216 -42.39 -29.69 7.98
C THR H 216 -41.26 -29.67 8.99
N TYR H 217 -41.36 -28.80 9.99
CA TYR H 217 -40.34 -28.61 11.00
C TYR H 217 -40.90 -29.00 12.36
N LYS H 218 -40.00 -29.28 13.31
CA LYS H 218 -40.39 -29.56 14.68
C LYS H 218 -40.86 -28.27 15.34
N LEU H 219 -42.04 -27.80 14.95
CA LEU H 219 -42.53 -26.50 15.38
C LEU H 219 -43.19 -26.59 16.76
N ASN H 220 -42.80 -25.68 17.65
CA ASN H 220 -43.47 -25.53 18.94
C ASN H 220 -43.10 -24.23 19.64
N VAL H 221 -42.05 -24.28 20.48
CA VAL H 221 -41.78 -23.21 21.44
C VAL H 221 -41.09 -22.03 20.76
N GLY H 222 -41.44 -20.82 21.20
CA GLY H 222 -40.77 -19.61 20.81
C GLY H 222 -40.79 -19.31 19.32
N ASP H 223 -41.77 -19.85 18.61
CA ASP H 223 -41.83 -19.71 17.16
C ASP H 223 -42.40 -18.35 16.79
N TYR H 224 -41.76 -17.69 15.83
CA TYR H 224 -42.11 -16.35 15.39
C TYR H 224 -42.41 -16.39 13.89
N PHE H 225 -43.66 -16.65 13.52
CA PHE H 225 -44.07 -16.51 12.13
C PHE H 225 -44.31 -15.04 11.80
N VAL H 226 -43.70 -14.57 10.71
CA VAL H 226 -43.83 -13.18 10.29
C VAL H 226 -43.85 -13.12 8.77
N LEU H 227 -44.56 -12.12 8.25
CA LEU H 227 -44.49 -11.78 6.83
C LEU H 227 -43.27 -10.88 6.67
N THR H 228 -42.14 -11.49 6.34
CA THR H 228 -40.86 -10.80 6.36
C THR H 228 -40.86 -9.61 5.41
N SER H 229 -40.75 -8.41 5.99
CA SER H 229 -40.60 -7.19 5.21
C SER H 229 -39.12 -6.99 4.89
N HIS H 230 -38.83 -6.77 3.61
CA HIS H 230 -37.47 -6.66 3.13
C HIS H 230 -37.14 -5.22 2.77
N THR H 231 -35.92 -4.82 3.08
CA THR H 231 -35.44 -3.50 2.69
C THR H 231 -35.34 -3.41 1.17
N VAL H 232 -35.81 -2.30 0.60
CA VAL H 232 -35.85 -2.15 -0.86
C VAL H 232 -34.58 -1.42 -1.29
N MET H 233 -33.87 -2.00 -2.26
CA MET H 233 -32.71 -1.34 -2.82
C MET H 233 -33.13 -0.34 -3.89
N PRO H 234 -32.35 0.72 -4.09
CA PRO H 234 -32.70 1.71 -5.12
C PRO H 234 -32.51 1.15 -6.53
N LEU H 235 -33.29 1.70 -7.45
CA LEU H 235 -33.27 1.26 -8.84
C LEU H 235 -32.12 1.91 -9.59
N SER H 236 -31.68 1.27 -10.68
CA SER H 236 -30.61 1.81 -11.51
C SER H 236 -31.10 2.07 -12.93
N ALA H 237 -31.71 1.07 -13.55
CA ALA H 237 -32.14 1.17 -14.93
C ALA H 237 -33.60 1.61 -15.02
N PRO H 238 -34.00 2.20 -16.16
CA PRO H 238 -35.41 2.59 -16.32
C PRO H 238 -36.32 1.38 -16.50
N THR H 239 -37.63 1.63 -16.62
CA THR H 239 -38.58 0.54 -16.76
C THR H 239 -38.46 -0.17 -18.10
N LEU H 240 -38.17 0.58 -19.17
CA LEU H 240 -37.95 0.00 -20.48
C LEU H 240 -36.90 0.80 -21.23
N VAL H 241 -36.26 0.15 -22.19
CA VAL H 241 -35.28 0.78 -23.07
C VAL H 241 -35.93 1.03 -24.43
N PRO H 242 -35.89 2.25 -24.96
CA PRO H 242 -36.53 2.53 -26.26
C PRO H 242 -35.92 1.67 -27.36
N GLN H 243 -36.77 0.96 -28.09
CA GLN H 243 -36.32 0.03 -29.10
C GLN H 243 -36.06 0.73 -30.43
N GLU H 244 -35.24 0.08 -31.26
CA GLU H 244 -34.96 0.53 -32.61
C GLU H 244 -34.77 -0.70 -33.48
N HIS H 245 -35.53 -0.80 -34.56
CA HIS H 245 -35.53 -2.00 -35.39
C HIS H 245 -34.21 -2.11 -36.16
N TYR H 246 -33.45 -3.15 -35.86
CA TYR H 246 -32.15 -3.37 -36.50
C TYR H 246 -32.28 -3.74 -37.96
N VAL H 247 -31.18 -3.58 -38.70
CA VAL H 247 -31.05 -4.10 -40.04
C VAL H 247 -30.16 -5.33 -40.08
N ARG H 248 -29.07 -5.32 -39.30
CA ARG H 248 -28.20 -6.48 -39.14
C ARG H 248 -28.72 -7.34 -37.99
N ILE H 249 -28.67 -8.65 -38.18
CA ILE H 249 -28.96 -9.59 -37.08
C ILE H 249 -27.61 -9.89 -36.41
N THR H 250 -27.25 -9.03 -35.47
CA THR H 250 -25.96 -9.15 -34.81
C THR H 250 -26.01 -10.23 -33.74
N GLY H 251 -25.14 -11.22 -33.86
CA GLY H 251 -25.07 -12.30 -32.90
C GLY H 251 -26.10 -13.38 -33.14
N LEU H 252 -27.29 -12.99 -33.59
CA LEU H 252 -28.36 -13.95 -33.85
C LEU H 252 -28.06 -14.74 -35.13
N TYR H 253 -28.22 -16.05 -35.03
CA TYR H 253 -27.87 -16.97 -36.12
C TYR H 253 -29.04 -17.88 -36.47
N PRO H 254 -29.86 -17.50 -37.44
CA PRO H 254 -30.84 -18.44 -37.99
C PRO H 254 -30.15 -19.65 -38.60
N THR H 255 -30.44 -20.84 -38.09
CA THR H 255 -29.71 -22.03 -38.50
C THR H 255 -30.05 -22.40 -39.94
N LEU H 256 -29.18 -23.23 -40.53
CA LEU H 256 -29.38 -23.67 -41.90
C LEU H 256 -30.68 -24.45 -42.05
N ASN H 257 -30.97 -25.34 -41.11
CA ASN H 257 -32.22 -26.08 -41.09
C ASN H 257 -33.27 -25.33 -40.28
N ILE H 258 -34.48 -25.87 -40.29
CA ILE H 258 -35.60 -25.28 -39.55
C ILE H 258 -35.93 -26.22 -38.41
N SER H 259 -35.66 -25.79 -37.18
CA SER H 259 -36.02 -26.54 -35.98
C SER H 259 -37.52 -26.34 -35.78
N ASP H 260 -38.32 -27.14 -36.49
CA ASP H 260 -39.76 -26.92 -36.57
C ASP H 260 -40.46 -27.45 -35.32
N GLU H 261 -40.25 -26.73 -34.22
CA GLU H 261 -41.04 -26.96 -33.02
C GLU H 261 -42.47 -26.51 -33.30
N PHE H 262 -42.63 -25.23 -33.67
CA PHE H 262 -43.90 -24.67 -34.11
C PHE H 262 -43.72 -24.03 -35.48
N SER H 263 -44.82 -23.92 -36.21
CA SER H 263 -44.80 -23.42 -37.58
C SER H 263 -44.53 -21.92 -37.64
N SER H 264 -45.36 -21.12 -36.96
CA SER H 264 -45.25 -19.66 -36.99
C SER H 264 -44.09 -19.13 -36.15
N ASN H 265 -43.32 -20.03 -35.53
CA ASN H 265 -42.16 -19.60 -34.77
C ASN H 265 -41.10 -18.98 -35.68
N VAL H 266 -41.08 -19.35 -36.96
CA VAL H 266 -40.19 -18.69 -37.91
C VAL H 266 -40.51 -17.20 -38.00
N ALA H 267 -41.80 -16.87 -38.12
CA ALA H 267 -42.20 -15.46 -38.11
C ALA H 267 -41.90 -14.82 -36.76
N ASN H 268 -42.12 -15.57 -35.68
CA ASN H 268 -41.71 -15.16 -34.34
C ASN H 268 -40.30 -14.58 -34.39
N TYR H 269 -39.34 -15.40 -34.80
CA TYR H 269 -37.95 -14.97 -34.89
C TYR H 269 -37.82 -13.80 -35.86
N GLN H 270 -38.53 -13.87 -36.98
CA GLN H 270 -38.45 -12.88 -38.05
C GLN H 270 -38.68 -11.47 -37.53
N LYS H 271 -39.63 -11.29 -36.60
CA LYS H 271 -39.82 -9.92 -36.13
C LYS H 271 -39.33 -9.69 -34.70
N VAL H 272 -38.87 -10.74 -34.00
CA VAL H 272 -38.28 -10.46 -32.69
C VAL H 272 -36.77 -10.29 -32.81
N GLY H 273 -36.20 -10.56 -33.98
CA GLY H 273 -34.76 -10.43 -34.12
C GLY H 273 -34.22 -9.03 -34.37
N MET H 274 -35.08 -8.02 -34.53
CA MET H 274 -34.60 -6.71 -34.94
C MET H 274 -34.88 -5.61 -33.94
N GLN H 275 -35.93 -5.73 -33.14
CA GLN H 275 -36.32 -4.68 -32.19
C GLN H 275 -35.81 -5.03 -30.80
N LYS H 276 -35.48 -3.98 -30.02
CA LYS H 276 -34.78 -4.16 -28.76
C LYS H 276 -35.60 -4.90 -27.72
N TYR H 277 -36.91 -5.03 -27.92
CA TYR H 277 -37.73 -5.86 -27.06
C TYR H 277 -38.92 -6.37 -27.87
N SER H 278 -39.68 -7.29 -27.28
CA SER H 278 -40.93 -7.76 -27.84
C SER H 278 -41.81 -8.24 -26.70
N THR H 279 -42.91 -8.91 -27.01
CA THR H 279 -43.77 -9.45 -25.96
C THR H 279 -44.58 -10.60 -26.53
N LEU H 280 -44.75 -11.65 -25.73
CA LEU H 280 -45.55 -12.80 -26.12
C LEU H 280 -46.98 -12.59 -25.65
N GLN H 281 -47.80 -11.98 -26.50
CA GLN H 281 -49.20 -11.69 -26.18
C GLN H 281 -49.96 -13.01 -26.30
N GLY H 282 -50.04 -13.74 -25.20
CA GLY H 282 -50.60 -15.07 -25.21
C GLY H 282 -51.84 -15.22 -24.36
N PRO H 283 -52.96 -15.52 -25.01
CA PRO H 283 -54.12 -16.06 -24.28
C PRO H 283 -53.77 -17.39 -23.65
N PRO H 284 -54.50 -17.81 -22.60
CA PRO H 284 -54.11 -19.04 -21.90
C PRO H 284 -54.13 -20.26 -22.80
N GLY H 285 -53.05 -21.03 -22.76
CA GLY H 285 -52.92 -22.23 -23.57
C GLY H 285 -52.98 -21.97 -25.06
N THR H 286 -52.28 -20.92 -25.52
CA THR H 286 -52.31 -20.50 -26.92
C THR H 286 -50.89 -20.24 -27.41
N GLY H 287 -49.99 -21.16 -27.12
CA GLY H 287 -48.59 -20.96 -27.45
C GLY H 287 -47.82 -20.10 -26.47
N LYS H 288 -48.38 -19.87 -25.29
CA LYS H 288 -47.73 -19.07 -24.26
C LYS H 288 -46.58 -19.80 -23.58
N SER H 289 -46.24 -21.01 -24.03
CA SER H 289 -45.32 -21.86 -23.29
C SER H 289 -44.03 -22.18 -24.02
N HIS H 290 -44.11 -22.71 -25.26
CA HIS H 290 -42.95 -23.33 -25.87
C HIS H 290 -42.49 -22.66 -27.17
N PHE H 291 -43.01 -21.46 -27.47
CA PHE H 291 -42.43 -20.69 -28.55
C PHE H 291 -41.00 -20.32 -28.24
N ALA H 292 -40.73 -19.98 -26.97
CA ALA H 292 -39.35 -19.78 -26.53
C ALA H 292 -38.55 -21.09 -26.60
N ILE H 293 -39.21 -22.22 -26.38
CA ILE H 293 -38.52 -23.51 -26.51
C ILE H 293 -38.06 -23.72 -27.94
N GLY H 294 -38.92 -23.39 -28.91
CA GLY H 294 -38.50 -23.45 -30.31
C GLY H 294 -37.39 -22.45 -30.63
N LEU H 295 -37.50 -21.24 -30.08
CA LEU H 295 -36.44 -20.25 -30.23
C LEU H 295 -35.13 -20.75 -29.64
N ALA H 296 -35.18 -21.63 -28.65
CA ALA H 296 -33.97 -22.13 -28.01
C ALA H 296 -33.07 -22.85 -29.01
N LEU H 297 -33.65 -23.65 -29.90
CA LEU H 297 -32.86 -24.38 -30.89
C LEU H 297 -32.80 -23.70 -32.25
N TYR H 298 -33.74 -22.82 -32.60
CA TYR H 298 -33.58 -22.09 -33.84
C TYR H 298 -32.49 -21.03 -33.71
N TYR H 299 -32.36 -20.45 -32.52
CA TYR H 299 -31.28 -19.52 -32.20
C TYR H 299 -30.41 -20.14 -31.12
N PRO H 300 -29.69 -21.24 -31.42
CA PRO H 300 -28.98 -21.96 -30.35
C PRO H 300 -27.71 -21.27 -29.91
N SER H 301 -27.13 -20.44 -30.79
CA SER H 301 -25.90 -19.72 -30.49
C SER H 301 -26.17 -18.33 -29.93
N ALA H 302 -27.34 -18.13 -29.33
CA ALA H 302 -27.72 -16.86 -28.73
C ALA H 302 -27.97 -17.07 -27.24
N ARG H 303 -27.38 -16.20 -26.42
CA ARG H 303 -27.56 -16.27 -24.97
C ARG H 303 -29.00 -15.90 -24.65
N ILE H 304 -29.75 -16.88 -24.14
CA ILE H 304 -31.19 -16.72 -23.94
C ILE H 304 -31.49 -16.85 -22.45
N VAL H 305 -32.24 -15.87 -21.92
CA VAL H 305 -32.62 -15.82 -20.52
C VAL H 305 -34.12 -16.03 -20.39
N TYR H 306 -34.51 -16.76 -19.34
CA TYR H 306 -35.90 -17.01 -19.01
C TYR H 306 -36.16 -16.56 -17.57
N THR H 307 -37.32 -15.93 -17.36
CA THR H 307 -37.67 -15.47 -16.03
C THR H 307 -39.18 -15.30 -15.94
N ALA H 308 -39.67 -15.18 -14.70
CA ALA H 308 -41.07 -14.95 -14.41
C ALA H 308 -41.15 -13.95 -13.26
N CYS H 309 -42.34 -13.81 -12.68
CA CYS H 309 -42.53 -12.85 -11.59
C CYS H 309 -42.66 -13.52 -10.22
N SER H 310 -43.11 -14.77 -10.16
CA SER H 310 -43.29 -15.46 -8.89
C SER H 310 -42.72 -16.86 -8.98
N HIS H 311 -42.31 -17.40 -7.82
CA HIS H 311 -41.75 -18.73 -7.74
C HIS H 311 -42.82 -19.79 -8.00
N ALA H 312 -44.10 -19.40 -7.90
CA ALA H 312 -45.18 -20.36 -8.14
C ALA H 312 -45.34 -20.67 -9.63
N ALA H 313 -45.27 -19.64 -10.47
CA ALA H 313 -45.49 -19.81 -11.91
C ALA H 313 -44.21 -20.20 -12.66
N VAL H 314 -43.64 -21.36 -12.34
CA VAL H 314 -42.43 -21.82 -12.99
C VAL H 314 -42.71 -23.11 -13.75
N ASP H 315 -43.98 -23.45 -13.90
CA ASP H 315 -44.35 -24.73 -14.48
C ASP H 315 -43.81 -24.89 -15.90
N ALA H 316 -44.32 -24.06 -16.83
CA ALA H 316 -43.81 -24.06 -18.20
C ALA H 316 -42.41 -23.49 -18.28
N LEU H 317 -41.99 -22.75 -17.26
CA LEU H 317 -40.61 -22.25 -17.19
C LEU H 317 -39.63 -23.41 -17.13
N CYS H 318 -39.99 -24.47 -16.40
CA CYS H 318 -39.05 -25.54 -16.09
C CYS H 318 -39.36 -26.87 -16.76
N GLU H 319 -40.58 -27.08 -17.28
CA GLU H 319 -40.89 -28.45 -17.73
C GLU H 319 -40.31 -28.76 -19.11
N LYS H 320 -40.74 -28.04 -20.15
CA LYS H 320 -40.34 -28.38 -21.50
C LYS H 320 -38.86 -28.11 -21.74
N ALA H 321 -38.25 -27.22 -20.97
CA ALA H 321 -36.83 -26.94 -21.09
C ALA H 321 -36.00 -28.20 -20.92
N LEU H 322 -36.24 -28.93 -19.83
CA LEU H 322 -35.57 -30.21 -19.66
C LEU H 322 -36.22 -31.31 -20.50
N LYS H 323 -37.52 -31.20 -20.79
CA LYS H 323 -38.21 -32.24 -21.55
C LYS H 323 -37.64 -32.42 -22.95
N TYR H 324 -37.39 -31.32 -23.66
CA TYR H 324 -36.95 -31.40 -25.06
C TYR H 324 -35.60 -30.73 -25.33
N LEU H 325 -35.25 -29.67 -24.60
CA LEU H 325 -33.94 -29.12 -24.94
C LEU H 325 -32.83 -29.98 -24.34
N PRO H 326 -31.61 -29.91 -24.89
CA PRO H 326 -30.51 -30.74 -24.37
C PRO H 326 -30.22 -30.48 -22.90
N ILE H 327 -29.71 -31.52 -22.22
CA ILE H 327 -29.61 -31.48 -20.76
C ILE H 327 -28.63 -30.39 -20.32
N ASP H 328 -27.46 -30.32 -20.96
CA ASP H 328 -26.41 -29.43 -20.48
C ASP H 328 -26.74 -27.97 -20.77
N LYS H 329 -27.49 -27.70 -21.83
CA LYS H 329 -27.75 -26.32 -22.25
C LYS H 329 -28.59 -25.55 -21.23
N CYS H 330 -29.29 -26.24 -20.33
CA CYS H 330 -30.10 -25.59 -19.33
C CYS H 330 -29.29 -25.29 -18.07
N SER H 331 -29.82 -24.40 -17.24
CA SER H 331 -29.14 -23.99 -16.02
C SER H 331 -30.19 -23.52 -15.00
N ARG H 332 -29.89 -23.73 -13.72
CA ARG H 332 -30.84 -23.46 -12.66
C ARG H 332 -30.31 -22.39 -11.71
N ILE H 333 -31.20 -21.51 -11.27
CA ILE H 333 -30.87 -20.48 -10.29
C ILE H 333 -31.97 -20.50 -9.23
N ILE H 334 -31.61 -20.90 -8.02
CA ILE H 334 -32.57 -20.96 -6.91
C ILE H 334 -31.89 -20.54 -5.61
N PRO H 335 -32.45 -19.59 -4.87
CA PRO H 335 -31.86 -19.21 -3.58
C PRO H 335 -31.95 -20.34 -2.57
N ALA H 336 -30.97 -20.41 -1.68
CA ALA H 336 -30.94 -21.43 -0.64
C ALA H 336 -30.11 -20.98 0.54
N VAL H 340 -38.05 -20.20 -2.17
CA VAL H 340 -37.14 -21.22 -1.66
C VAL H 340 -37.43 -22.56 -2.32
N GLU H 341 -38.55 -23.17 -1.94
CA GLU H 341 -38.94 -24.47 -2.50
C GLU H 341 -39.47 -24.27 -3.91
N CYS H 342 -38.77 -24.82 -4.89
CA CYS H 342 -39.13 -24.67 -6.29
C CYS H 342 -38.45 -25.77 -7.09
N PHE H 343 -38.57 -25.70 -8.41
CA PHE H 343 -38.02 -26.71 -9.30
C PHE H 343 -36.51 -26.50 -9.40
N ASP H 344 -35.75 -27.50 -8.95
CA ASP H 344 -34.30 -27.53 -9.06
C ASP H 344 -33.83 -28.50 -10.14
N LYS H 345 -34.57 -28.58 -11.25
CA LYS H 345 -34.33 -29.61 -12.25
C LYS H 345 -33.01 -29.43 -12.99
N PHE H 346 -32.58 -28.19 -13.25
CA PHE H 346 -31.30 -27.95 -13.92
C PHE H 346 -30.19 -27.79 -12.89
N LYS H 347 -29.02 -27.32 -13.33
CA LYS H 347 -27.83 -27.26 -12.50
C LYS H 347 -27.71 -25.89 -11.84
N VAL H 348 -27.62 -25.88 -10.52
CA VAL H 348 -27.30 -24.67 -9.78
C VAL H 348 -25.79 -24.50 -9.71
N ASN H 349 -25.35 -23.25 -9.49
CA ASN H 349 -23.93 -22.90 -9.42
C ASN H 349 -23.28 -23.22 -10.77
N SER H 350 -23.69 -22.47 -11.80
CA SER H 350 -23.09 -22.57 -13.12
C SER H 350 -23.23 -21.24 -13.86
N THR H 351 -22.12 -20.52 -14.03
CA THR H 351 -22.19 -19.19 -14.62
C THR H 351 -22.26 -19.23 -16.14
N LEU H 352 -21.56 -20.17 -16.77
CA LEU H 352 -21.52 -20.25 -18.22
C LEU H 352 -22.63 -21.19 -18.71
N GLU H 353 -23.60 -20.63 -19.40
CA GLU H 353 -24.70 -21.39 -20.00
C GLU H 353 -25.48 -20.44 -20.92
N GLN H 354 -26.28 -21.03 -21.80
CA GLN H 354 -27.06 -20.27 -22.77
C GLN H 354 -28.55 -20.25 -22.47
N TYR H 355 -29.01 -20.97 -21.45
CA TYR H 355 -30.43 -21.04 -21.11
C TYR H 355 -30.56 -21.09 -19.59
N VAL H 356 -30.74 -19.92 -18.98
CA VAL H 356 -30.91 -19.79 -17.53
C VAL H 356 -32.40 -19.60 -17.24
N PHE H 357 -32.89 -20.36 -16.26
CA PHE H 357 -34.30 -20.36 -15.92
C PHE H 357 -34.44 -20.01 -14.43
N CYS H 358 -35.16 -18.93 -14.14
CA CYS H 358 -35.29 -18.47 -12.76
C CYS H 358 -36.42 -17.46 -12.61
N THR H 359 -36.50 -16.82 -11.46
CA THR H 359 -37.34 -15.67 -11.21
C THR H 359 -36.48 -14.44 -10.96
N VAL H 360 -37.12 -13.28 -10.85
CA VAL H 360 -36.40 -12.02 -10.72
C VAL H 360 -35.89 -11.81 -9.30
N ASN H 361 -36.09 -12.81 -8.44
CA ASN H 361 -35.70 -12.66 -7.04
C ASN H 361 -34.19 -12.50 -6.90
N ALA H 362 -33.43 -13.36 -7.57
CA ALA H 362 -31.98 -13.39 -7.43
C ALA H 362 -31.33 -14.12 -8.59
N LEU H 363 -30.39 -13.46 -9.27
CA LEU H 363 -29.75 -14.03 -10.45
C LEU H 363 -28.24 -13.81 -10.37
N PRO H 364 -27.44 -14.63 -11.07
CA PRO H 364 -26.05 -14.34 -11.13
C PRO H 364 -25.54 -13.33 -12.15
N GLU H 365 -25.27 -12.14 -11.62
CA GLU H 365 -25.19 -10.90 -12.42
C GLU H 365 -24.36 -11.11 -13.69
N THR H 366 -25.03 -10.95 -14.82
CA THR H 366 -24.43 -11.08 -16.13
C THR H 366 -25.33 -10.38 -17.14
N THR H 367 -24.80 -10.18 -18.35
CA THR H 367 -25.53 -9.57 -19.45
C THR H 367 -25.69 -10.58 -20.58
N ALA H 368 -26.73 -10.38 -21.39
CA ALA H 368 -27.08 -11.31 -22.45
C ALA H 368 -27.50 -10.55 -23.72
N ASP H 369 -28.14 -11.24 -24.65
CA ASP H 369 -28.65 -10.60 -25.85
C ASP H 369 -30.09 -11.03 -26.15
N ILE H 370 -30.54 -12.13 -25.55
CA ILE H 370 -31.93 -12.57 -25.63
C ILE H 370 -32.42 -12.92 -24.24
N VAL H 371 -33.61 -12.41 -23.88
CA VAL H 371 -34.27 -12.73 -22.62
C VAL H 371 -35.73 -13.04 -22.93
N VAL H 372 -36.35 -13.82 -22.05
CA VAL H 372 -37.80 -13.99 -22.03
C VAL H 372 -38.28 -13.70 -20.62
N PHE H 373 -39.45 -13.08 -20.51
CA PHE H 373 -39.97 -12.60 -19.23
C PHE H 373 -41.46 -12.90 -19.18
N ASP H 374 -41.89 -13.63 -18.16
CA ASP H 374 -43.27 -14.09 -18.10
C ASP H 374 -44.09 -13.25 -17.11
N GLU H 375 -45.41 -13.39 -17.23
CA GLU H 375 -46.37 -12.82 -16.29
C GLU H 375 -46.30 -11.30 -16.22
N ILE H 376 -46.54 -10.61 -17.33
CA ILE H 376 -46.55 -9.16 -17.36
C ILE H 376 -47.75 -8.55 -16.65
N SER H 377 -48.84 -9.30 -16.45
CA SER H 377 -50.05 -8.72 -15.89
C SER H 377 -49.85 -8.26 -14.45
N MET H 378 -49.19 -9.08 -13.63
CA MET H 378 -48.91 -8.75 -12.25
C MET H 378 -47.50 -8.22 -12.07
N ALA H 379 -46.98 -7.53 -13.08
CA ALA H 379 -45.64 -6.96 -13.06
C ALA H 379 -45.71 -5.45 -13.03
N THR H 380 -44.99 -4.85 -12.08
CA THR H 380 -44.93 -3.41 -11.94
C THR H 380 -43.66 -2.88 -12.61
N ASN H 381 -43.59 -1.55 -12.72
CA ASN H 381 -42.42 -0.92 -13.32
C ASN H 381 -41.16 -1.18 -12.52
N TYR H 382 -41.28 -1.46 -11.22
CA TYR H 382 -40.11 -1.82 -10.41
C TYR H 382 -39.50 -3.12 -10.91
N ASP H 383 -40.33 -4.12 -11.19
CA ASP H 383 -39.82 -5.39 -11.70
C ASP H 383 -39.23 -5.25 -13.10
N LEU H 384 -39.85 -4.43 -13.96
CA LEU H 384 -39.28 -4.18 -15.27
C LEU H 384 -37.92 -3.50 -15.15
N SER H 385 -37.81 -2.52 -14.25
CA SER H 385 -36.52 -1.86 -14.04
C SER H 385 -35.47 -2.81 -13.50
N VAL H 386 -35.83 -3.68 -12.56
CA VAL H 386 -34.83 -4.58 -11.99
C VAL H 386 -34.40 -5.63 -13.00
N VAL H 387 -35.32 -6.11 -13.85
CA VAL H 387 -34.90 -7.07 -14.87
C VAL H 387 -34.08 -6.39 -15.96
N ASN H 388 -34.36 -5.11 -16.25
CA ASN H 388 -33.54 -4.37 -17.20
C ASN H 388 -32.18 -4.02 -16.63
N ALA H 389 -32.05 -3.93 -15.30
CA ALA H 389 -30.78 -3.59 -14.67
C ALA H 389 -29.91 -4.83 -14.51
N ARG H 390 -30.48 -5.90 -13.96
CA ARG H 390 -29.72 -7.15 -13.79
C ARG H 390 -29.32 -7.72 -15.15
N LEU H 391 -30.24 -7.70 -16.11
CA LEU H 391 -29.98 -8.19 -17.46
C LEU H 391 -30.06 -7.04 -18.44
N ARG H 392 -28.96 -6.79 -19.15
CA ARG H 392 -28.90 -5.79 -20.21
C ARG H 392 -28.69 -6.52 -21.53
N ALA H 393 -29.78 -6.77 -22.24
CA ALA H 393 -29.77 -7.62 -23.43
C ALA H 393 -30.03 -6.78 -24.67
N LYS H 394 -30.06 -7.46 -25.82
CA LYS H 394 -30.32 -6.84 -27.11
C LYS H 394 -31.78 -6.94 -27.53
N HIS H 395 -32.42 -8.08 -27.29
CA HIS H 395 -33.85 -8.25 -27.51
C HIS H 395 -34.41 -9.12 -26.40
N TYR H 396 -35.67 -8.90 -26.05
CA TYR H 396 -36.34 -9.75 -25.09
C TYR H 396 -37.85 -9.67 -25.30
N VAL H 397 -38.57 -10.64 -24.72
CA VAL H 397 -40.02 -10.73 -24.87
C VAL H 397 -40.63 -10.77 -23.47
N TYR H 398 -41.72 -10.02 -23.28
CA TYR H 398 -42.48 -10.07 -22.04
C TYR H 398 -43.71 -10.93 -22.27
N ILE H 399 -43.62 -12.20 -21.85
CA ILE H 399 -44.76 -13.11 -21.93
C ILE H 399 -45.84 -12.65 -20.96
N GLY H 400 -47.07 -12.59 -21.46
CA GLY H 400 -48.20 -12.15 -20.65
C GLY H 400 -49.23 -11.42 -21.48
N ASP H 401 -50.44 -11.27 -20.94
CA ASP H 401 -51.55 -10.66 -21.67
C ASP H 401 -52.30 -9.71 -20.75
N PRO H 402 -52.81 -8.60 -21.29
CA PRO H 402 -53.66 -7.72 -20.48
C PRO H 402 -54.93 -8.40 -19.97
N ALA H 403 -55.40 -9.44 -20.67
CA ALA H 403 -56.59 -10.15 -20.24
C ALA H 403 -56.24 -11.13 -19.11
N GLN H 404 -55.64 -10.62 -18.04
CA GLN H 404 -55.26 -11.41 -16.88
C GLN H 404 -55.43 -10.59 -15.62
N LEU H 405 -54.81 -11.01 -14.52
CA LEU H 405 -55.07 -10.42 -13.21
C LEU H 405 -54.02 -9.37 -12.86
N PRO H 406 -54.39 -8.34 -12.11
CA PRO H 406 -53.40 -7.36 -11.65
C PRO H 406 -52.54 -7.90 -10.50
N ALA H 407 -51.48 -7.18 -10.17
CA ALA H 407 -50.66 -7.49 -9.01
C ALA H 407 -51.46 -7.24 -7.74
N PRO H 408 -51.06 -7.86 -6.61
CA PRO H 408 -51.83 -7.68 -5.37
C PRO H 408 -51.74 -6.26 -4.85
N ARG H 409 -52.35 -5.32 -5.58
CA ARG H 409 -52.35 -3.91 -5.20
C ARG H 409 -53.50 -3.62 -4.23
N THR H 410 -53.37 -4.16 -3.02
CA THR H 410 -54.36 -3.98 -1.97
C THR H 410 -54.38 -2.52 -1.50
N LEU H 411 -53.39 -1.75 -1.93
CA LEU H 411 -53.31 -0.34 -1.57
C LEU H 411 -54.51 0.44 -2.07
N LEU H 412 -54.94 0.21 -3.31
CA LEU H 412 -56.08 0.90 -3.88
C LEU H 412 -57.37 0.23 -3.42
N THR H 413 -58.33 1.05 -3.01
CA THR H 413 -59.63 0.56 -2.54
C THR H 413 -60.81 1.09 -3.31
N LYS H 414 -60.74 2.31 -3.85
CA LYS H 414 -61.87 2.92 -4.52
C LYS H 414 -62.01 2.43 -5.96
N GLY H 415 -61.01 2.68 -6.78
CA GLY H 415 -61.11 2.33 -8.19
C GLY H 415 -60.21 1.16 -8.55
N THR H 416 -60.74 0.26 -9.37
CA THR H 416 -59.96 -0.87 -9.84
C THR H 416 -58.86 -0.41 -10.80
N LEU H 417 -57.77 -1.15 -10.82
CA LEU H 417 -56.62 -0.86 -11.67
C LEU H 417 -56.80 -1.61 -12.98
N GLU H 418 -57.05 -0.88 -14.06
CA GLU H 418 -57.43 -1.41 -15.35
C GLU H 418 -56.19 -1.77 -16.18
N PRO H 419 -56.36 -2.38 -17.37
CA PRO H 419 -55.19 -2.71 -18.20
C PRO H 419 -54.25 -1.54 -18.49
N GLU H 420 -54.80 -0.33 -18.63
CA GLU H 420 -53.97 0.83 -18.95
C GLU H 420 -53.06 1.20 -17.79
N TYR H 421 -53.31 0.64 -16.61
CA TYR H 421 -52.57 1.01 -15.41
C TYR H 421 -51.75 -0.12 -14.80
N PHE H 422 -51.55 -1.23 -15.51
CA PHE H 422 -50.71 -2.31 -15.01
C PHE H 422 -49.28 -1.83 -14.82
N ASN H 423 -48.65 -1.44 -15.92
CA ASN H 423 -47.30 -0.89 -15.90
C ASN H 423 -47.08 -0.12 -17.19
N SER H 424 -45.86 0.43 -17.33
CA SER H 424 -45.55 1.21 -18.52
C SER H 424 -45.61 0.39 -19.80
N VAL H 425 -45.06 -0.83 -19.78
CA VAL H 425 -45.08 -1.66 -21.00
C VAL H 425 -46.48 -2.15 -21.31
N CYS H 426 -47.27 -2.51 -20.29
CA CYS H 426 -48.59 -3.08 -20.50
C CYS H 426 -49.56 -2.09 -21.15
N ARG H 427 -49.32 -0.79 -21.03
CA ARG H 427 -50.01 0.20 -21.85
C ARG H 427 -49.21 0.61 -23.08
N LEU H 428 -47.89 0.38 -23.07
CA LEU H 428 -47.09 0.62 -24.27
C LEU H 428 -47.59 -0.23 -25.42
N MET H 429 -47.90 -1.50 -25.16
CA MET H 429 -48.51 -2.34 -26.19
C MET H 429 -50.01 -2.09 -26.31
N LYS H 430 -50.60 -1.28 -25.43
CA LYS H 430 -52.02 -0.96 -25.54
C LYS H 430 -52.26 0.23 -26.45
N THR H 431 -51.40 1.24 -26.38
CA THR H 431 -51.56 2.44 -27.20
C THR H 431 -51.13 2.21 -28.64
N ILE H 432 -49.86 1.82 -28.85
CA ILE H 432 -49.35 1.64 -30.20
C ILE H 432 -49.61 0.26 -30.77
N GLY H 433 -50.07 -0.68 -29.96
CA GLY H 433 -50.34 -2.02 -30.40
C GLY H 433 -49.31 -3.01 -29.90
N PRO H 434 -49.70 -4.27 -29.75
CA PRO H 434 -48.78 -5.28 -29.23
C PRO H 434 -47.68 -5.60 -30.24
N ASP H 435 -46.52 -5.99 -29.70
CA ASP H 435 -45.42 -6.45 -30.54
C ASP H 435 -45.82 -7.72 -31.29
N MET H 436 -46.58 -8.59 -30.63
CA MET H 436 -47.05 -9.84 -31.20
C MET H 436 -48.52 -10.05 -30.87
N PHE H 437 -49.21 -10.79 -31.75
CA PHE H 437 -50.61 -11.14 -31.53
C PHE H 437 -50.85 -12.53 -32.10
N LEU H 438 -51.11 -13.50 -31.23
CA LEU H 438 -51.39 -14.87 -31.64
C LEU H 438 -52.90 -15.07 -31.76
N GLY H 439 -53.29 -16.10 -32.50
CA GLY H 439 -54.69 -16.45 -32.63
C GLY H 439 -54.92 -17.95 -32.69
N THR H 440 -54.01 -18.72 -32.11
CA THR H 440 -54.03 -20.18 -32.18
C THR H 440 -54.11 -20.75 -30.76
N CYS H 441 -55.31 -21.18 -30.37
CA CYS H 441 -55.49 -21.87 -29.10
C CYS H 441 -55.05 -23.32 -29.23
N ARG H 442 -54.15 -23.76 -28.35
CA ARG H 442 -53.57 -25.10 -28.47
C ARG H 442 -54.63 -26.18 -28.28
N ARG H 443 -55.37 -26.12 -27.17
CA ARG H 443 -56.36 -27.14 -26.85
C ARG H 443 -57.50 -26.51 -26.06
N CYS H 444 -58.53 -26.05 -26.76
CA CYS H 444 -59.66 -25.40 -26.10
C CYS H 444 -60.84 -25.23 -27.05
N PRO H 445 -62.04 -25.63 -26.64
CA PRO H 445 -63.25 -25.28 -27.41
C PRO H 445 -63.43 -23.78 -27.56
N ALA H 446 -64.41 -23.36 -28.35
CA ALA H 446 -64.57 -21.98 -28.74
C ALA H 446 -65.37 -21.15 -27.72
N GLU H 447 -65.63 -21.66 -26.51
CA GLU H 447 -66.33 -20.84 -25.52
C GLU H 447 -65.49 -19.63 -25.12
N ILE H 448 -64.22 -19.86 -24.73
CA ILE H 448 -63.33 -18.76 -24.41
C ILE H 448 -63.10 -17.90 -25.64
N VAL H 449 -63.09 -18.50 -26.83
CA VAL H 449 -62.96 -17.78 -28.09
C VAL H 449 -64.05 -16.72 -28.14
N ASP H 450 -65.31 -17.16 -28.13
CA ASP H 450 -66.43 -16.23 -28.21
C ASP H 450 -66.39 -15.20 -27.10
N THR H 451 -66.27 -15.64 -25.85
CA THR H 451 -66.33 -14.75 -24.71
C THR H 451 -65.26 -13.67 -24.76
N VAL H 452 -63.99 -14.07 -24.70
CA VAL H 452 -62.91 -13.08 -24.57
C VAL H 452 -62.60 -12.41 -25.90
N SER H 453 -63.06 -12.97 -27.03
CA SER H 453 -62.96 -12.27 -28.30
C SER H 453 -64.01 -11.18 -28.44
N ALA H 454 -65.22 -11.38 -27.91
CA ALA H 454 -66.18 -10.30 -27.86
C ALA H 454 -65.78 -9.26 -26.82
N LEU H 455 -65.09 -9.70 -25.76
CA LEU H 455 -64.72 -8.74 -24.71
C LEU H 455 -63.46 -7.95 -25.05
N VAL H 456 -62.31 -8.60 -25.16
CA VAL H 456 -61.05 -7.90 -25.31
C VAL H 456 -60.17 -8.44 -26.43
N TYR H 457 -60.33 -9.69 -26.88
CA TYR H 457 -59.45 -10.22 -27.90
C TYR H 457 -59.76 -9.69 -29.30
N ASP H 458 -60.89 -9.00 -29.49
CA ASP H 458 -61.27 -8.40 -30.76
C ASP H 458 -61.44 -9.43 -31.87
N ASN H 459 -61.63 -10.69 -31.50
CA ASN H 459 -61.93 -11.80 -32.42
C ASN H 459 -60.87 -11.94 -33.50
N LYS H 460 -59.61 -11.93 -33.08
CA LYS H 460 -58.52 -12.35 -33.95
C LYS H 460 -58.24 -13.84 -33.86
N LEU H 461 -58.75 -14.50 -32.83
CA LEU H 461 -58.72 -15.95 -32.70
C LEU H 461 -60.15 -16.48 -32.76
N LYS H 462 -60.34 -17.60 -33.46
CA LYS H 462 -61.66 -18.15 -33.71
C LYS H 462 -61.68 -19.62 -33.35
N ALA H 463 -62.78 -20.28 -33.69
CA ALA H 463 -63.05 -21.65 -33.28
C ALA H 463 -62.03 -22.64 -33.84
N HIS H 464 -61.22 -23.23 -32.96
CA HIS H 464 -60.33 -24.32 -33.34
C HIS H 464 -60.94 -25.67 -32.95
N LYS H 465 -61.46 -25.77 -31.73
CA LYS H 465 -62.19 -26.94 -31.28
C LYS H 465 -63.67 -26.62 -31.23
N ASP H 466 -64.51 -27.64 -31.47
CA ASP H 466 -65.94 -27.43 -31.60
C ASP H 466 -66.56 -27.05 -30.26
N LYS H 467 -67.71 -26.36 -30.34
CA LYS H 467 -68.48 -25.94 -29.19
C LYS H 467 -69.69 -26.86 -29.04
N SER H 468 -69.58 -27.83 -28.13
CA SER H 468 -70.67 -28.74 -27.83
C SER H 468 -71.64 -28.20 -26.79
N ALA H 469 -71.32 -27.05 -26.18
CA ALA H 469 -72.20 -26.38 -25.22
C ALA H 469 -72.55 -27.29 -24.05
N GLN H 470 -71.54 -27.96 -23.50
CA GLN H 470 -71.69 -28.74 -22.28
C GLN H 470 -71.48 -27.86 -21.04
N CYS H 471 -70.76 -26.75 -21.19
CA CYS H 471 -70.58 -25.79 -20.11
C CYS H 471 -71.93 -25.24 -19.64
N PHE H 472 -72.01 -24.90 -18.37
CA PHE H 472 -73.27 -24.52 -17.76
C PHE H 472 -73.15 -23.19 -17.04
N LYS H 473 -74.16 -22.35 -17.22
CA LYS H 473 -74.31 -21.10 -16.49
C LYS H 473 -75.77 -20.97 -16.10
N MET H 474 -76.02 -20.61 -14.85
N MET H 474 -76.03 -20.61 -14.85
CA MET H 474 -77.37 -20.64 -14.32
CA MET H 474 -77.38 -20.66 -14.31
C MET H 474 -77.87 -19.24 -13.96
C MET H 474 -77.85 -19.25 -13.94
N PHE H 475 -79.05 -19.17 -13.37
CA PHE H 475 -79.71 -17.91 -13.03
C PHE H 475 -79.52 -17.53 -11.56
N TYR H 476 -78.72 -18.31 -10.83
CA TYR H 476 -78.54 -18.09 -9.39
C TYR H 476 -77.74 -16.81 -9.16
N LYS H 477 -78.06 -16.11 -8.07
CA LYS H 477 -77.46 -14.81 -7.77
C LYS H 477 -76.53 -14.87 -6.56
N GLY H 478 -77.01 -15.32 -5.42
CA GLY H 478 -76.19 -15.44 -4.24
C GLY H 478 -76.36 -14.26 -3.29
N VAL H 479 -75.89 -14.45 -2.06
CA VAL H 479 -76.00 -13.46 -0.99
C VAL H 479 -74.64 -13.35 -0.31
N ILE H 480 -74.22 -12.11 -0.01
CA ILE H 480 -72.88 -11.82 0.48
C ILE H 480 -72.96 -11.33 1.92
N THR H 481 -72.01 -11.74 2.75
CA THR H 481 -71.93 -11.32 4.15
C THR H 481 -70.48 -11.20 4.58
N HIS H 482 -70.12 -10.06 5.17
CA HIS H 482 -68.77 -9.83 5.65
C HIS H 482 -68.64 -10.18 7.13
N ASP H 483 -67.54 -10.86 7.47
CA ASP H 483 -67.19 -11.09 8.86
C ASP H 483 -65.86 -10.43 9.22
N VAL H 484 -64.82 -10.78 8.48
CA VAL H 484 -63.45 -10.35 8.72
C VAL H 484 -62.89 -9.98 7.35
N SER H 485 -61.58 -9.72 7.26
CA SER H 485 -60.94 -9.40 5.97
C SER H 485 -61.17 -10.50 4.91
N SER H 486 -61.75 -11.64 5.31
CA SER H 486 -62.29 -12.61 4.38
C SER H 486 -63.77 -12.81 4.73
N ALA H 487 -64.56 -13.16 3.72
CA ALA H 487 -66.01 -13.25 3.91
C ALA H 487 -66.44 -14.69 3.63
N ILE H 488 -67.74 -14.93 3.75
CA ILE H 488 -68.30 -16.26 3.60
C ILE H 488 -69.58 -16.14 2.76
N ASN H 489 -70.15 -17.28 2.38
CA ASN H 489 -71.34 -17.28 1.53
C ASN H 489 -72.28 -18.43 1.89
N ARG H 490 -73.39 -18.11 2.58
CA ARG H 490 -74.42 -19.14 2.80
C ARG H 490 -74.94 -19.68 1.47
N PRO H 491 -75.23 -18.84 0.44
CA PRO H 491 -75.50 -19.41 -0.88
C PRO H 491 -74.21 -19.80 -1.58
N GLN H 492 -73.30 -20.38 -0.83
CA GLN H 492 -72.27 -21.29 -1.31
C GLN H 492 -72.21 -22.55 -0.46
N ILE H 493 -72.37 -22.42 0.86
CA ILE H 493 -72.43 -23.59 1.73
C ILE H 493 -73.62 -24.47 1.34
N GLY H 494 -74.72 -23.84 0.95
CA GLY H 494 -75.84 -24.62 0.43
C GLY H 494 -75.77 -24.83 -1.07
N VAL H 495 -75.13 -23.89 -1.77
CA VAL H 495 -75.15 -23.89 -3.23
C VAL H 495 -74.23 -24.96 -3.82
N VAL H 496 -73.12 -25.31 -3.16
CA VAL H 496 -72.29 -26.41 -3.65
C VAL H 496 -73.12 -27.69 -3.71
N ARG H 497 -73.84 -27.99 -2.65
CA ARG H 497 -74.73 -29.17 -2.64
C ARG H 497 -75.83 -29.02 -3.68
N GLU H 498 -76.46 -27.85 -3.73
CA GLU H 498 -77.57 -27.65 -4.66
C GLU H 498 -77.14 -27.76 -6.12
N PHE H 499 -75.87 -27.49 -6.41
CA PHE H 499 -75.35 -27.58 -7.76
C PHE H 499 -74.71 -28.92 -8.08
N LEU H 500 -74.35 -29.70 -7.05
CA LEU H 500 -73.97 -31.09 -7.28
C LEU H 500 -75.13 -32.04 -7.07
N THR H 501 -76.34 -31.53 -6.90
CA THR H 501 -77.55 -32.32 -6.70
C THR H 501 -77.63 -33.53 -7.64
N ARG H 502 -77.63 -33.29 -8.95
CA ARG H 502 -77.69 -34.40 -9.91
C ARG H 502 -76.67 -34.31 -11.04
N ASN H 503 -76.10 -33.14 -11.33
CA ASN H 503 -75.13 -33.04 -12.41
C ASN H 503 -73.88 -33.84 -12.03
N PRO H 504 -73.49 -34.83 -12.85
CA PRO H 504 -72.39 -35.72 -12.44
C PRO H 504 -71.03 -35.31 -13.00
N ALA H 505 -70.97 -34.20 -13.72
CA ALA H 505 -69.76 -33.88 -14.48
C ALA H 505 -68.80 -32.98 -13.73
N TRP H 506 -69.28 -32.10 -12.85
CA TRP H 506 -68.42 -31.13 -12.18
C TRP H 506 -68.07 -31.56 -10.76
N ARG H 507 -68.03 -32.86 -10.48
CA ARG H 507 -67.59 -33.32 -9.16
C ARG H 507 -66.07 -33.26 -9.03
N LYS H 508 -65.35 -33.25 -10.15
CA LYS H 508 -63.90 -33.24 -10.11
C LYS H 508 -63.46 -31.93 -10.76
N ALA H 509 -64.09 -30.84 -10.36
CA ALA H 509 -63.76 -29.51 -10.87
C ALA H 509 -62.88 -28.78 -9.87
N VAL H 510 -62.36 -27.63 -10.30
CA VAL H 510 -61.44 -26.84 -9.49
C VAL H 510 -62.14 -25.55 -9.06
N PHE H 511 -61.80 -25.09 -7.87
CA PHE H 511 -62.53 -24.05 -7.15
C PHE H 511 -61.75 -22.72 -7.20
N ILE H 512 -62.16 -21.83 -8.12
CA ILE H 512 -61.64 -20.47 -8.10
C ILE H 512 -62.01 -19.82 -6.78
N SER H 513 -61.11 -19.01 -6.24
CA SER H 513 -61.18 -18.57 -4.84
C SER H 513 -61.10 -17.06 -4.70
N PRO H 514 -62.16 -16.34 -5.08
CA PRO H 514 -62.21 -14.90 -4.71
C PRO H 514 -62.09 -14.69 -3.22
N TYR H 515 -62.61 -15.61 -2.41
CA TYR H 515 -62.39 -15.62 -0.97
C TYR H 515 -61.77 -16.96 -0.61
N ASN H 516 -60.53 -16.93 -0.12
CA ASN H 516 -59.83 -18.17 0.23
C ASN H 516 -60.43 -18.85 1.45
N SER H 517 -60.96 -18.06 2.40
CA SER H 517 -61.62 -18.66 3.56
C SER H 517 -62.87 -19.43 3.16
N GLN H 518 -63.61 -18.92 2.17
CA GLN H 518 -64.76 -19.66 1.66
C GLN H 518 -64.34 -20.99 1.04
N ASN H 519 -63.23 -20.99 0.30
CA ASN H 519 -62.71 -22.25 -0.25
C ASN H 519 -62.27 -23.20 0.85
N ALA H 520 -61.69 -22.67 1.92
CA ALA H 520 -61.33 -23.50 3.06
C ALA H 520 -62.55 -24.14 3.70
N VAL H 521 -63.62 -23.36 3.86
CA VAL H 521 -64.86 -23.89 4.41
C VAL H 521 -65.46 -24.94 3.46
N ALA H 522 -65.40 -24.69 2.15
CA ALA H 522 -65.90 -25.67 1.19
C ALA H 522 -65.12 -26.97 1.27
N SER H 523 -63.80 -26.88 1.42
CA SER H 523 -62.98 -28.07 1.62
C SER H 523 -63.30 -28.78 2.94
N LYS H 524 -63.60 -28.03 3.99
CA LYS H 524 -63.94 -28.64 5.28
C LYS H 524 -65.28 -29.36 5.22
N ILE H 525 -66.25 -28.79 4.49
CA ILE H 525 -67.61 -29.33 4.45
C ILE H 525 -67.77 -30.40 3.39
N LEU H 526 -67.59 -30.04 2.13
CA LEU H 526 -67.73 -30.98 1.02
C LEU H 526 -66.39 -31.44 0.47
N GLY H 527 -65.52 -30.51 0.09
CA GLY H 527 -64.18 -30.85 -0.32
C GLY H 527 -63.89 -30.64 -1.79
N LEU H 528 -63.26 -29.52 -2.12
CA LEU H 528 -62.77 -29.22 -3.45
C LEU H 528 -61.35 -28.68 -3.32
N PRO H 529 -60.50 -28.92 -4.31
CA PRO H 529 -59.14 -28.36 -4.27
C PRO H 529 -59.18 -26.83 -4.27
N THR H 530 -58.28 -26.23 -3.52
CA THR H 530 -58.17 -24.78 -3.45
C THR H 530 -57.36 -24.28 -4.64
N GLN H 531 -57.91 -23.32 -5.38
CA GLN H 531 -57.26 -22.76 -6.56
C GLN H 531 -57.11 -21.26 -6.35
N THR H 532 -55.86 -20.80 -6.28
CA THR H 532 -55.58 -19.38 -6.16
C THR H 532 -56.05 -18.66 -7.42
N VAL H 533 -56.23 -17.35 -7.31
CA VAL H 533 -56.72 -16.54 -8.42
C VAL H 533 -55.58 -15.92 -9.21
N ASP H 534 -54.69 -15.19 -8.53
CA ASP H 534 -53.63 -14.45 -9.21
C ASP H 534 -52.53 -15.37 -9.73
N SER H 535 -51.86 -16.07 -8.82
CA SER H 535 -50.72 -16.91 -9.21
C SER H 535 -51.13 -18.35 -9.46
N SER H 536 -52.13 -18.55 -10.31
CA SER H 536 -52.55 -19.91 -10.64
C SER H 536 -52.86 -20.05 -12.13
N GLN H 537 -52.00 -19.50 -12.98
CA GLN H 537 -52.12 -19.69 -14.42
C GLN H 537 -51.22 -20.82 -14.88
N GLY H 538 -51.79 -21.75 -15.64
CA GLY H 538 -51.11 -22.95 -16.05
C GLY H 538 -51.31 -24.13 -15.13
N SER H 539 -51.77 -23.90 -13.90
CA SER H 539 -52.08 -24.98 -12.98
C SER H 539 -53.52 -25.48 -13.12
N GLU H 540 -54.30 -24.86 -14.00
CA GLU H 540 -55.68 -25.29 -14.21
C GLU H 540 -55.72 -26.69 -14.83
N TYR H 541 -56.72 -27.46 -14.43
CA TYR H 541 -56.95 -28.82 -14.92
C TYR H 541 -57.87 -28.75 -16.13
N ASP H 542 -58.31 -29.90 -16.62
CA ASP H 542 -59.22 -29.96 -17.76
C ASP H 542 -60.65 -29.57 -17.40
N TYR H 543 -61.00 -29.49 -16.12
CA TYR H 543 -62.38 -29.36 -15.68
C TYR H 543 -62.41 -28.51 -14.42
N VAL H 544 -63.19 -27.42 -14.46
CA VAL H 544 -63.17 -26.40 -13.40
C VAL H 544 -64.58 -25.87 -13.21
N ILE H 545 -64.91 -25.51 -11.97
CA ILE H 545 -66.14 -24.76 -11.66
C ILE H 545 -65.78 -23.31 -11.35
N PHE H 546 -66.45 -22.38 -12.03
CA PHE H 546 -66.46 -20.99 -11.62
C PHE H 546 -67.65 -20.80 -10.68
N THR H 547 -67.36 -20.50 -9.41
CA THR H 547 -68.38 -20.39 -8.40
C THR H 547 -68.74 -18.92 -8.18
N GLN H 548 -69.85 -18.69 -7.46
CA GLN H 548 -70.35 -17.33 -7.26
C GLN H 548 -69.42 -16.53 -6.36
N THR H 549 -69.37 -16.91 -5.09
CA THR H 549 -68.33 -16.52 -4.14
C THR H 549 -68.28 -15.03 -3.84
N THR H 550 -69.02 -14.21 -4.59
CA THR H 550 -68.95 -12.75 -4.46
C THR H 550 -69.96 -12.06 -5.36
N GLU H 551 -70.32 -10.84 -4.98
CA GLU H 551 -71.14 -9.97 -5.82
C GLU H 551 -70.55 -8.56 -5.89
N THR H 552 -69.68 -8.21 -4.94
CA THR H 552 -69.20 -6.85 -4.83
C THR H 552 -68.12 -6.58 -5.88
N ALA H 553 -67.45 -5.43 -5.72
CA ALA H 553 -66.42 -5.01 -6.65
C ALA H 553 -65.08 -5.64 -6.31
N HIS H 554 -65.11 -6.74 -5.54
CA HIS H 554 -63.88 -7.44 -5.18
C HIS H 554 -63.15 -7.96 -6.41
N SER H 555 -63.87 -8.59 -7.34
CA SER H 555 -63.20 -9.30 -8.43
C SER H 555 -63.81 -9.05 -9.80
N CYS H 556 -65.09 -8.70 -9.85
CA CYS H 556 -65.85 -8.76 -11.10
C CYS H 556 -66.08 -7.37 -11.67
N ASN H 557 -65.09 -6.86 -12.41
CA ASN H 557 -65.42 -5.79 -13.35
C ASN H 557 -65.17 -6.23 -14.78
N VAL H 558 -63.90 -6.48 -15.13
CA VAL H 558 -63.58 -7.16 -16.39
C VAL H 558 -62.51 -8.21 -16.15
N ASN H 559 -61.37 -7.79 -15.61
CA ASN H 559 -60.12 -8.55 -15.74
C ASN H 559 -59.79 -9.32 -14.46
N ARG H 560 -60.64 -10.28 -14.13
CA ARG H 560 -60.20 -11.36 -13.26
C ARG H 560 -60.72 -12.69 -13.78
N PHE H 561 -61.81 -12.66 -14.55
CA PHE H 561 -62.40 -13.86 -15.10
C PHE H 561 -61.98 -14.13 -16.55
N ASN H 562 -61.18 -13.25 -17.15
CA ASN H 562 -60.73 -13.48 -18.51
C ASN H 562 -59.88 -14.74 -18.61
N VAL H 563 -59.13 -15.05 -17.56
CA VAL H 563 -58.42 -16.33 -17.49
C VAL H 563 -59.24 -17.40 -16.78
N ALA H 564 -60.13 -17.02 -15.85
CA ALA H 564 -60.96 -17.98 -15.15
C ALA H 564 -61.92 -18.71 -16.09
N ILE H 565 -62.34 -18.07 -17.18
CA ILE H 565 -63.15 -18.74 -18.19
C ILE H 565 -62.35 -19.79 -18.95
N THR H 566 -61.02 -19.74 -18.90
CA THR H 566 -60.16 -20.69 -19.59
C THR H 566 -59.59 -21.76 -18.68
N ARG H 567 -59.95 -21.77 -17.38
CA ARG H 567 -59.41 -22.78 -16.48
C ARG H 567 -59.81 -24.18 -16.92
N ALA H 568 -61.11 -24.40 -17.12
CA ALA H 568 -61.61 -25.65 -17.68
C ALA H 568 -61.55 -25.58 -19.19
N LYS H 569 -61.54 -26.75 -19.83
CA LYS H 569 -61.44 -26.81 -21.28
C LYS H 569 -62.79 -27.03 -21.96
N VAL H 570 -63.49 -28.11 -21.59
CA VAL H 570 -64.78 -28.40 -22.20
C VAL H 570 -65.89 -28.01 -21.25
N GLY H 571 -65.83 -28.50 -20.01
CA GLY H 571 -66.86 -28.22 -19.03
C GLY H 571 -66.57 -27.03 -18.14
N ILE H 572 -66.68 -25.82 -18.69
CA ILE H 572 -66.44 -24.60 -17.92
C ILE H 572 -67.74 -24.08 -17.33
N LEU H 573 -68.04 -24.50 -16.11
CA LEU H 573 -69.22 -24.00 -15.40
C LEU H 573 -68.94 -22.61 -14.88
N CYS H 574 -69.33 -21.58 -15.65
CA CYS H 574 -69.16 -20.19 -15.26
C CYS H 574 -70.55 -19.60 -15.07
N ILE H 575 -71.12 -19.79 -13.87
CA ILE H 575 -72.45 -19.27 -13.58
C ILE H 575 -72.39 -17.75 -13.48
N MET H 576 -73.46 -17.09 -13.90
CA MET H 576 -73.53 -15.65 -13.75
C MET H 576 -73.69 -15.33 -12.27
N SER H 577 -72.74 -14.59 -11.70
CA SER H 577 -72.72 -14.36 -10.27
C SER H 577 -73.32 -13.01 -9.91
N ASP H 578 -72.88 -11.96 -10.60
CA ASP H 578 -73.19 -10.58 -10.27
C ASP H 578 -73.24 -9.77 -11.56
N ARG H 579 -73.01 -8.47 -11.49
CA ARG H 579 -73.18 -7.62 -12.67
C ARG H 579 -72.10 -7.97 -13.69
N ASP H 580 -72.23 -9.16 -14.24
CA ASP H 580 -71.25 -9.75 -15.15
C ASP H 580 -71.63 -9.42 -16.58
N LEU H 581 -71.12 -10.11 -17.60
CA LEU H 581 -71.36 -9.79 -19.00
C LEU H 581 -72.50 -10.65 -19.54
N TYR H 582 -73.53 -10.83 -18.71
CA TYR H 582 -74.68 -11.70 -18.96
C TYR H 582 -75.17 -11.67 -20.40
N ASP H 583 -75.68 -10.52 -20.86
CA ASP H 583 -76.36 -10.45 -22.15
C ASP H 583 -75.34 -10.13 -23.24
N LYS H 584 -74.46 -11.10 -23.47
CA LYS H 584 -73.44 -10.96 -24.50
C LYS H 584 -73.32 -12.19 -25.39
N LEU H 585 -73.69 -13.36 -24.90
CA LEU H 585 -73.41 -14.61 -25.62
C LEU H 585 -74.49 -15.66 -25.43
N GLN H 586 -74.16 -16.90 -25.80
CA GLN H 586 -75.05 -18.05 -25.67
C GLN H 586 -74.42 -19.03 -24.68
N PHE H 587 -75.20 -19.45 -23.68
CA PHE H 587 -74.72 -20.37 -22.66
C PHE H 587 -75.84 -21.30 -22.27
N THR H 588 -75.51 -22.57 -22.11
CA THR H 588 -76.49 -23.57 -21.67
C THR H 588 -76.77 -23.43 -20.19
N SER H 589 -77.97 -23.84 -19.80
CA SER H 589 -78.43 -23.64 -18.42
C SER H 589 -79.28 -24.81 -17.99
N LEU H 590 -79.17 -25.18 -16.71
CA LEU H 590 -80.06 -26.14 -16.07
C LEU H 590 -80.56 -25.53 -14.78
N GLU H 591 -81.87 -25.59 -14.56
CA GLU H 591 -82.50 -24.97 -13.40
C GLU H 591 -82.52 -25.94 -12.23
N ILE H 592 -82.06 -25.47 -11.08
CA ILE H 592 -82.07 -26.29 -9.87
C ILE H 592 -83.51 -26.52 -9.43
N PRO H 593 -83.84 -27.68 -8.87
CA PRO H 593 -85.20 -27.99 -8.39
C PRO H 593 -85.62 -27.09 -7.24
N ASN I 1 28.78 -14.37 60.33
CA ASN I 1 27.52 -14.35 60.93
C ASN I 1 26.66 -13.60 60.02
N ASN I 2 25.15 -14.03 59.84
CA ASN I 2 24.00 -13.29 59.43
C ASN I 2 23.27 -13.74 60.65
N GLU I 3 22.69 -12.84 61.42
CA GLU I 3 22.07 -13.17 62.68
C GLU I 3 20.60 -12.90 62.64
N LEU I 4 19.87 -13.19 63.70
CA LEU I 4 18.41 -13.08 63.70
C LEU I 4 17.78 -12.10 64.69
N SER I 5 18.03 -10.82 64.63
CA SER I 5 17.42 -9.69 65.34
C SER I 5 18.03 -9.45 66.72
N PRO I 6 19.33 -8.92 66.69
CA PRO I 6 20.00 -8.62 67.98
C PRO I 6 19.22 -7.70 68.91
N VAL I 7 18.89 -6.52 68.43
CA VAL I 7 18.11 -5.64 69.23
C VAL I 7 16.73 -6.26 69.22
N ALA I 8 16.19 -6.51 70.40
CA ALA I 8 14.92 -7.17 70.47
C ALA I 8 13.73 -6.26 70.35
N LEU I 9 12.65 -6.61 71.02
CA LEU I 9 11.42 -5.84 70.92
C LEU I 9 10.74 -5.80 72.29
N ARG I 10 9.61 -5.10 72.44
CA ARG I 10 8.92 -4.96 73.75
C ARG I 10 7.38 -5.05 73.90
N GLN I 11 6.85 -5.84 74.84
CA GLN I 11 5.36 -5.89 75.18
C GLN I 11 4.31 -6.94 74.73
N MET I 12 3.32 -7.22 75.59
CA MET I 12 2.30 -8.22 75.33
C MET I 12 0.98 -8.03 76.15
N SER I 13 -0.12 -7.53 75.54
CA SER I 13 -1.39 -7.24 76.26
C SER I 13 -2.68 -7.14 75.46
N CYS I 14 -3.88 -7.32 76.05
CA CYS I 14 -5.27 -7.13 75.42
C CYS I 14 -6.49 -8.10 75.24
N ALA I 15 -6.64 -9.00 74.25
CA ALA I 15 -7.91 -9.86 74.07
C ALA I 15 -8.06 -10.95 72.97
N ALA I 16 -9.16 -11.74 73.01
CA ALA I 16 -9.44 -12.83 71.99
C ALA I 16 -10.81 -13.57 72.00
N GLY I 17 -11.20 -14.29 70.93
CA GLY I 17 -12.41 -15.09 70.85
C GLY I 17 -12.34 -16.21 69.85
N THR I 18 -13.49 -16.75 69.48
CA THR I 18 -13.53 -17.83 68.50
C THR I 18 -14.50 -17.58 67.35
N THR I 19 -15.52 -16.72 67.52
CA THR I 19 -16.49 -16.42 66.46
C THR I 19 -16.70 -14.91 66.43
N GLN I 20 -15.89 -14.22 65.64
CA GLN I 20 -16.01 -12.79 65.41
C GLN I 20 -15.99 -11.99 66.71
N THR I 21 -17.17 -11.66 67.22
CA THR I 21 -17.32 -10.81 68.40
C THR I 21 -17.18 -11.57 69.71
N ALA I 22 -16.57 -12.76 69.69
CA ALA I 22 -16.40 -13.53 70.91
C ALA I 22 -15.31 -12.98 71.82
N CYS I 23 -14.55 -11.99 71.37
CA CYS I 23 -13.48 -11.38 72.17
C CYS I 23 -14.10 -10.49 73.22
N THR I 24 -14.12 -10.94 74.48
CA THR I 24 -14.85 -10.20 75.50
C THR I 24 -13.95 -9.24 76.29
N ASP I 25 -13.00 -9.75 77.07
CA ASP I 25 -12.16 -8.85 77.84
C ASP I 25 -10.67 -8.99 77.53
N ASP I 26 -10.10 -10.16 77.81
CA ASP I 26 -8.69 -10.43 77.55
C ASP I 26 -8.41 -11.92 77.67
N ASN I 27 -8.05 -12.57 76.56
CA ASN I 27 -7.74 -13.99 76.56
C ASN I 27 -6.54 -14.25 75.64
N ALA I 28 -5.51 -13.41 75.76
CA ALA I 28 -4.33 -13.59 74.92
C ALA I 28 -3.10 -12.87 75.48
N LEU I 29 -1.96 -13.51 75.40
CA LEU I 29 -0.77 -12.82 75.73
C LEU I 29 -0.43 -12.45 74.27
N ALA I 30 -1.11 -11.45 73.72
CA ALA I 30 -0.78 -11.02 72.38
C ALA I 30 0.56 -10.35 72.44
N TYR I 31 1.60 -10.99 71.96
CA TYR I 31 2.97 -10.47 71.98
C TYR I 31 3.57 -9.48 71.00
N TYR I 32 4.54 -8.65 71.44
CA TYR I 32 5.38 -7.69 70.65
C TYR I 32 5.21 -6.58 69.64
N ASN I 33 6.29 -5.85 69.44
CA ASN I 33 6.36 -4.74 68.49
C ASN I 33 5.48 -3.56 68.41
N THR I 34 6.08 -2.40 68.64
CA THR I 34 5.37 -1.15 68.49
C THR I 34 6.22 -0.52 67.42
N THR I 35 5.90 -0.70 66.15
CA THR I 35 6.74 -0.20 65.03
C THR I 35 6.85 1.31 64.95
N LYS I 36 7.63 1.83 64.01
CA LYS I 36 7.80 3.28 64.06
C LYS I 36 6.59 4.03 63.51
N GLY I 37 5.83 3.40 62.61
CA GLY I 37 4.59 3.98 62.14
C GLY I 37 3.38 3.71 63.00
N GLY I 38 3.49 2.83 63.99
CA GLY I 38 2.37 2.52 64.86
C GLY I 38 2.49 1.12 65.43
N ARG I 39 1.61 0.83 66.39
CA ARG I 39 1.60 -0.47 67.05
C ARG I 39 1.15 -1.56 66.09
N PHE I 40 2.00 -2.56 65.87
CA PHE I 40 1.71 -3.66 64.95
C PHE I 40 2.19 -4.94 65.66
N VAL I 41 1.24 -5.74 66.11
CA VAL I 41 1.53 -6.91 66.93
C VAL I 41 2.06 -8.02 66.04
N LEU I 42 2.86 -8.92 66.64
CA LEU I 42 3.46 -10.03 65.89
C LEU I 42 2.95 -11.37 66.38
N ALA I 43 3.08 -11.69 67.66
CA ALA I 43 2.85 -13.04 68.17
C ALA I 43 1.71 -13.06 69.17
N LEU I 44 1.01 -14.19 69.21
CA LEU I 44 -0.12 -14.39 70.14
C LEU I 44 0.09 -15.67 70.94
N LEU I 45 -0.11 -15.57 72.25
CA LEU I 45 -0.01 -16.71 73.16
C LEU I 45 -1.31 -16.83 73.92
N SER I 46 -1.69 -18.07 74.25
CA SER I 46 -3.04 -18.33 74.77
C SER I 46 -2.95 -19.36 75.90
N ASP I 47 -3.20 -18.90 77.13
CA ASP I 47 -3.35 -19.82 78.25
C ASP I 47 -4.53 -20.75 78.06
N LEU I 48 -5.44 -20.42 77.15
CA LEU I 48 -6.57 -21.27 76.81
C LEU I 48 -6.12 -22.37 75.87
N GLN I 49 -7.08 -23.10 75.28
CA GLN I 49 -6.73 -24.24 74.44
C GLN I 49 -7.24 -24.16 73.00
N ASP I 50 -8.18 -23.27 72.68
CA ASP I 50 -8.71 -23.21 71.33
C ASP I 50 -9.29 -21.83 71.08
N LEU I 51 -8.65 -21.07 70.19
CA LEU I 51 -9.17 -19.78 69.76
C LEU I 51 -8.86 -19.60 68.29
N LYS I 52 -9.81 -18.97 67.59
CA LYS I 52 -9.58 -18.63 66.20
C LYS I 52 -9.60 -17.12 65.96
N TRP I 53 -9.79 -16.30 66.99
CA TRP I 53 -10.08 -14.90 66.74
C TRP I 53 -9.54 -14.05 67.88
N ALA I 54 -9.34 -12.78 67.61
CA ALA I 54 -8.86 -11.83 68.61
C ALA I 54 -9.24 -10.42 68.18
N ARG I 55 -9.03 -9.44 69.06
CA ARG I 55 -9.31 -8.04 68.74
C ARG I 55 -8.36 -7.11 69.48
N PHE I 56 -7.31 -6.66 68.80
CA PHE I 56 -6.33 -5.80 69.45
C PHE I 56 -6.74 -4.32 69.30
N PRO I 57 -6.89 -3.59 70.40
CA PRO I 57 -7.20 -2.15 70.29
C PRO I 57 -5.95 -1.31 70.09
N LYS I 58 -6.06 -0.21 69.34
CA LYS I 58 -4.91 0.62 69.05
C LYS I 58 -5.36 2.03 68.71
N SER I 59 -4.50 3.00 69.03
CA SER I 59 -4.62 4.41 68.66
C SER I 59 -6.04 4.96 68.76
N ASP I 60 -6.79 4.86 67.66
CA ASP I 60 -8.12 5.49 67.61
C ASP I 60 -9.15 4.75 68.44
N GLY I 61 -8.93 3.47 68.72
CA GLY I 61 -9.91 2.69 69.44
C GLY I 61 -11.02 2.19 68.54
N THR I 62 -11.61 3.10 67.77
CA THR I 62 -12.58 2.70 66.75
C THR I 62 -11.96 1.77 65.73
N GLY I 63 -10.68 1.96 65.41
CA GLY I 63 -10.00 1.01 64.55
C GLY I 63 -9.31 -0.06 65.36
N THR I 64 -9.97 -1.21 65.51
CA THR I 64 -9.42 -2.37 66.20
C THR I 64 -9.85 -3.61 65.42
N ILE I 65 -8.88 -4.31 64.87
CA ILE I 65 -9.13 -5.25 63.77
C ILE I 65 -9.49 -6.63 64.32
N TYR I 66 -10.46 -7.28 63.71
CA TYR I 66 -10.82 -8.66 64.04
C TYR I 66 -9.89 -9.58 63.26
N THR I 67 -8.79 -9.96 63.89
CA THR I 67 -7.72 -10.71 63.24
C THR I 67 -8.10 -12.17 63.03
N GLU I 68 -7.74 -12.72 61.88
CA GLU I 68 -7.89 -14.16 61.60
C GLU I 68 -6.63 -14.89 62.01
N LEU I 69 -6.76 -15.89 62.89
CA LEU I 69 -5.61 -16.64 63.36
C LEU I 69 -5.37 -17.90 62.54
N GLU I 70 -4.49 -18.77 63.01
CA GLU I 70 -4.12 -19.98 62.27
C GLU I 70 -4.11 -21.15 63.26
N PRO I 71 -4.09 -22.38 62.76
CA PRO I 71 -4.06 -23.55 63.66
C PRO I 71 -2.87 -23.49 64.61
N PRO I 72 -3.08 -23.85 65.88
CA PRO I 72 -2.07 -23.58 66.91
C PRO I 72 -1.02 -24.67 67.01
N CYS I 73 -0.01 -24.36 67.81
CA CYS I 73 1.00 -25.30 68.31
C CYS I 73 1.03 -25.22 69.83
N ARG I 74 1.59 -26.25 70.47
CA ARG I 74 1.53 -26.37 71.93
C ARG I 74 2.93 -26.64 72.49
N PHE I 75 3.22 -26.06 73.65
CA PHE I 75 4.45 -26.37 74.37
C PHE I 75 4.30 -26.02 75.84
N VAL I 76 5.21 -26.57 76.65
CA VAL I 76 5.21 -26.32 78.08
C VAL I 76 6.42 -25.44 78.39
N THR I 77 6.30 -24.63 79.44
CA THR I 77 7.28 -23.59 79.73
C THR I 77 8.00 -23.85 81.05
N ASP I 78 9.28 -23.46 81.10
CA ASP I 78 10.08 -23.54 82.32
C ASP I 78 9.98 -22.25 83.13
N THR I 79 8.76 -21.91 83.54
CA THR I 79 8.55 -20.75 84.38
C THR I 79 8.84 -21.11 85.84
N PRO I 80 9.14 -20.11 86.68
CA PRO I 80 9.23 -20.38 88.13
C PRO I 80 7.92 -20.88 88.71
N LYS I 81 6.82 -20.63 88.01
CA LYS I 81 5.51 -21.12 88.46
C LYS I 81 5.46 -22.64 88.48
N GLY I 82 6.04 -23.27 87.46
CA GLY I 82 6.05 -24.71 87.37
C GLY I 82 5.29 -25.17 86.14
N PRO I 83 4.26 -25.98 86.34
CA PRO I 83 3.47 -26.45 85.20
C PRO I 83 2.63 -25.31 84.64
N LYS I 84 2.97 -24.86 83.44
CA LYS I 84 2.24 -23.80 82.75
C LYS I 84 2.21 -24.14 81.26
N VAL I 85 1.00 -24.18 80.70
CA VAL I 85 0.78 -24.60 79.32
C VAL I 85 0.02 -23.50 78.59
N LYS I 86 0.51 -23.12 77.42
CA LYS I 86 -0.24 -22.32 76.46
C LYS I 86 -0.25 -23.02 75.10
N TYR I 87 -1.03 -22.44 74.21
CA TYR I 87 -1.17 -22.90 72.82
C TYR I 87 -0.78 -21.74 71.93
N LEU I 88 0.32 -21.90 71.18
CA LEU I 88 0.91 -20.81 70.43
C LEU I 88 0.11 -20.51 69.17
N TYR I 89 0.03 -19.22 68.84
CA TYR I 89 -0.57 -18.77 67.58
C TYR I 89 0.28 -17.66 66.98
N PHE I 90 0.21 -17.53 65.66
CA PHE I 90 0.69 -16.36 64.95
C PHE I 90 -0.44 -15.77 64.13
N ILE I 91 -0.43 -14.44 63.99
CA ILE I 91 -1.36 -13.76 63.09
C ILE I 91 -1.12 -14.30 61.68
N LYS I 92 -2.20 -14.58 60.96
CA LYS I 92 -2.07 -15.20 59.65
C LYS I 92 -1.34 -14.29 58.68
N GLY I 93 -0.58 -14.91 57.78
CA GLY I 93 0.22 -14.18 56.82
C GLY I 93 1.55 -13.68 57.35
N LEU I 94 1.89 -13.98 58.60
CA LEU I 94 3.16 -13.55 59.16
C LEU I 94 4.31 -14.27 58.47
N ASN I 95 5.23 -13.50 57.88
CA ASN I 95 6.31 -14.09 57.11
C ASN I 95 7.32 -14.78 58.03
N ASN I 96 8.22 -15.55 57.43
CA ASN I 96 9.12 -16.41 58.18
C ASN I 96 10.05 -15.63 59.10
N LEU I 97 10.54 -14.48 58.63
CA LEU I 97 11.50 -13.71 59.41
C LEU I 97 10.90 -13.22 60.72
N ASN I 98 9.63 -12.79 60.70
CA ASN I 98 9.00 -12.30 61.92
C ASN I 98 8.79 -13.42 62.94
N ARG I 99 8.33 -14.59 62.48
CA ARG I 99 8.19 -15.71 63.39
C ARG I 99 9.54 -16.12 63.96
N GLY I 100 10.59 -16.12 63.14
CA GLY I 100 11.92 -16.40 63.65
C GLY I 100 12.34 -15.38 64.71
N MET I 101 12.03 -14.11 64.47
CA MET I 101 12.35 -13.06 65.42
C MET I 101 11.69 -13.32 66.77
N VAL I 102 10.38 -13.53 66.77
CA VAL I 102 9.67 -13.67 68.04
C VAL I 102 10.05 -14.98 68.73
N LEU I 103 10.24 -16.06 67.96
CA LEU I 103 10.63 -17.33 68.57
C LEU I 103 12.02 -17.23 69.18
N GLY I 104 12.97 -16.62 68.47
CA GLY I 104 14.30 -16.47 69.02
C GLY I 104 14.32 -15.62 70.27
N SER I 105 13.61 -14.49 70.24
CA SER I 105 13.59 -13.62 71.41
C SER I 105 12.94 -14.31 72.61
N LEU I 106 11.81 -14.97 72.39
CA LEU I 106 11.10 -15.67 73.46
C LEU I 106 11.95 -16.79 74.04
N ALA I 107 12.66 -17.53 73.19
CA ALA I 107 13.45 -18.66 73.65
C ALA I 107 14.76 -18.23 74.31
N ALA I 108 15.37 -17.14 73.86
CA ALA I 108 16.69 -16.74 74.33
C ALA I 108 16.65 -15.74 75.49
N THR I 109 15.57 -14.99 75.64
CA THR I 109 15.44 -14.06 76.75
C THR I 109 14.71 -14.65 77.95
N VAL I 110 13.65 -15.44 77.71
CA VAL I 110 12.92 -16.11 78.76
C VAL I 110 13.04 -17.61 78.53
N ARG I 111 13.02 -18.37 79.63
CA ARG I 111 13.22 -19.81 79.57
C ARG I 111 11.90 -20.50 79.22
N LEU I 112 11.98 -21.49 78.34
CA LEU I 112 10.85 -22.32 77.94
C LEU I 112 11.27 -23.78 78.02
N GLN I 113 10.31 -24.67 77.77
CA GLN I 113 10.63 -26.08 77.55
C GLN I 113 10.05 -26.53 76.22
ZN ZN J . 1.45 -12.14 41.71
ZN ZN K . -5.48 6.03 32.51
PG GTP L . 30.94 -18.79 62.46
O1G GTP L . 31.23 -19.78 63.55
O2G GTP L . 29.45 -18.54 62.38
O3G GTP L . 31.87 -17.60 62.54
O3B GTP L . 31.38 -19.51 61.04
PB GTP L . 31.41 -19.02 59.48
O1B GTP L . 32.50 -17.99 59.43
O2B GTP L . 30.09 -18.72 58.82
O3A GTP L . 31.80 -20.31 58.64
PA GTP L . 33.01 -21.23 59.06
O1A GTP L . 34.16 -20.36 59.42
O2A GTP L . 32.54 -22.24 60.06
O5' GTP L . 33.17 -21.94 57.64
C5' GTP L . 34.35 -21.94 56.88
C4' GTP L . 34.42 -20.61 56.15
O4' GTP L . 35.77 -20.38 55.80
C3' GTP L . 33.61 -20.58 54.89
O3' GTP L . 32.64 -19.56 55.04
C2' GTP L . 34.54 -20.13 53.81
O2' GTP L . 34.19 -18.81 53.43
C1' GTP L . 35.92 -20.15 54.41
N9 GTP L . 36.80 -21.26 54.02
C8 GTP L . 38.09 -21.25 54.33
N7 GTP L . 38.71 -22.35 53.88
C5 GTP L . 37.79 -23.09 53.28
C6 GTP L . 37.77 -24.37 52.60
O6 GTP L . 38.78 -25.05 52.47
N1 GTP L . 36.64 -24.81 52.12
C2 GTP L . 35.51 -24.15 52.20
N2 GTP L . 34.42 -24.72 51.66
N3 GTP L . 35.44 -22.97 52.81
C4 GTP L . 36.52 -22.39 53.37
ZN ZN M . -4.60 26.41 -29.56
ZN ZN N . 5.08 33.15 -30.30
ZN ZN O . -11.84 29.70 -7.06
ZN ZN P . -39.85 15.99 0.70
ZN ZN Q . -32.14 20.29 -9.60
ZN ZN R . -31.90 27.16 18.58
C2 6GS S . 33.80 -9.55 61.05
N3 6GS S . 33.08 -8.69 61.75
C4 6GS S . 31.78 -8.85 62.00
C5 6GS S . 31.18 -10.02 61.46
F 6GS S . 36.22 -12.35 60.30
C2' 6GS S . 34.91 -12.67 60.52
C2M 6GS S . 34.64 -12.68 61.95
C1' 6GS S . 33.98 -11.67 59.73
N1 6GS S . 33.23 -10.69 60.54
O2 6GS S . 34.92 -9.35 60.88
O4 6GS S . 31.00 -7.95 62.74
C6 6GS S . 31.96 -10.89 60.74
O4' 6GS S . 33.09 -12.40 59.09
C3' 6GS S . 34.62 -14.05 59.93
O3' 6GS S . 35.76 -14.49 59.15
C4' 6GS S . 33.40 -13.97 59.36
C5' 6GS S . 32.31 -14.57 60.16
O5' 6GS S . 31.16 -14.39 59.41
PA 6GS S . 29.87 -15.31 59.61
O1A 6GS S . 30.15 -16.54 60.62
O3A 6GS S . 29.33 -15.81 58.23
#